data_8FO2
#
_entry.id   8FO2
#
_cell.length_a   1.00
_cell.length_b   1.00
_cell.length_c   1.00
_cell.angle_alpha   90.00
_cell.angle_beta   90.00
_cell.angle_gamma   90.00
#
_symmetry.space_group_name_H-M   'P 1'
#
loop_
_entity.id
_entity.type
_entity.pdbx_description
1 polymer 'Ras-related protein Rab-7L1'
2 polymer 'Leucine-rich repeat serine/threonine-protein kinase 2'
3 non-polymer 'MAGNESIUM ION'
4 non-polymer 'PHOSPHOAMINOPHOSPHONIC ACID-GUANYLATE ESTER'
5 non-polymer "GUANOSINE-5'-DIPHOSPHATE"
6 non-polymer "ADENOSINE-5'-TRIPHOSPHATE"
#
loop_
_entity_poly.entity_id
_entity_poly.type
_entity_poly.pdbx_seq_one_letter_code
_entity_poly.pdbx_strand_id
1 'polypeptide(L)'
;MGSRDHLFKVLVVGDAAVGKTSLVQRYSQDSFSKHYKSTVGVDFALKVLQWSDYEIVRLQLWDIAGLERFAAMTRLYYRD
ASACVIMFDVTNATTFSNSQRWKQDLDSKLTLPNGEPVPCLLLANKCDLSPWAVSRDQIDRFSKENGFTGWTETSVKENK
NINEAMRVLIEKMMRNS
;
B
2 'polypeptide(L)'
;MASGSCQGCEEDEETLKKLIVRLNNVQEGKQIETLVQILEDLLVFTYSEHASKLFQGKNIHVPLLIVLDSYMRVASVQQV
GWSLLCKLIEVCPGTMQSLMGPQDVGNDWEVLGVHQLILKMLTVHNASVNLSVIGLKTLDLLLTSGKITLLILDEESDIF
MLIFDAMHSFPANDEVQKLGCKALHVLFERVSEEQLTEFVENKDYMILLSALTNFKDEEEIVLHVLHCLHSLAIPCNNVE
VLMSGNVRCYNIVVEAMKAFPMSERIQEVSCCLLHRLTLGNFFNILVLNEVHEFVVKAVQQYPENAALQISALSCLALLT
ETIFLNQDLEEKNENQENDDEGEEDKLFWLEACYKALTWHRKNKHVQEAACWALNNLLMYQNSLHEKIGDEDGHFPAHRE
VMLSMLMHSSSKEVFQASANALSTLLEQNVNFRKILLSKGIHLNVLELMQKHIHSPEVAESGCKMLNHLFEGSNTSLDIM
AAVVPKILTVMKRHETSLPVQLEALRAILHFIVPGMPEESREDTEFHHKLNMVKKQCFKNDIHKLVLAALNRFIGNPGIQ
KCGLKVISSIVHFPDALEMLSLEGAMDSVLHTLQMYPDDQEIQCLGLSLIGYLITKKNVFIGTGHLLAKILVSSLYRFKD
VAEIQTKGFQTILAILKLSASFSKLLVHHSFDLVIFHQMSSNIMEQKDQQFLNLCCKCFAKVAMDDYLKNVMLERACDQN
NSIMVECLLLLGADANQAKEGSSLICQVCEKESSPKLVELLLNSGSREQDVRKALTISIGKGDSQIISLLLRRLALDVAN
NSICLGGFCIGKVEPSWLGPLFPDKTSNLRKQTNIASTLARMVIRYQMKSAVEEGTASGSDGNFSEDVLSKFDEWTFIPD
SSMDSVFAQSDDLDSEGSEGSFLVKKKSNSISVGEFYRDAVLQRCSPNLQRHSNSLGPIFDHEDLLKRKRKILSSDDSLR
SSKLQSHMRHSDSISSLASEREYITSLDLSANELRDIDALSQKCCISVHLEHLEKLELHQNALTSFPQQLCETLKSLTHL
DLHSNKFTSFPSYLLKMSCIANLDVSRNDIGPSVVLDPTVKCPTLKQFNLSYNQLSFVPENLTDVVEKLEQLILEGNKIS
GICSPLRLKELKILNLSKNHISSLSENFLEACPKVESFSARMNFLAAMPFLPPSMTILKLSQNKFSCIPEAILNLPHLRS
LDMSSNDIQYLPGPAHWKSLNLRELLFSHNQISILDLSEKAYLWSRVEKLHLSHNKLKEIPPEIGCLENLTSLDVSYNLE
LRSFPNEMGKLSKIWDLPLDELHLNFDFKHIGCKAKDIIRFLQQRLKKAVPYNRMKLMIVGNTGSGKTTLLQQLMKTKKS
DLGMQSATVGIDVKDWPIQIRDKRKRDLVLNVWDFAGREEFYSTHPHFMTQRALYLAVYDLSKGQAEVDAMKPWLFNIKA
RASSSPVILVGTHLDVSDEKQRKACMSKITKELLNKRGFPAIRDYHFVNATEESDALAKLRKTIINESLNFKIRDQLVVG
QLIPDCYVELEKIILSERKNVPIEFPVIDRKRLLQLVRENQLQLDENELPHAVHFLNESGVLLHFQDPALQLSDLYFVEP
KWLCKIMAQILTVKVEGCPKHPKGIISRRDVEKFLSKKRKFPKNYMTQYFKLLEKFQIALPIGEEYLLVPSSLSDHRPVI
ELPHCENSEIIIRLYEMPYFPMGFWSRLINRLLEISPYMLSGRERALRPNRMYWRQGIYLNWSPEAYCLVGSEVLDNHPE
SFLKITVPSCRKGCILLGQVVDHIDSLMEEWFPGLLEIDICGEGETLLKKWALYSFNDGEEHQKILLDDLMKKAEEGDLL
VNPDQPRLTIPISQIAPDLILADLPRNIMLNNDELEFEQAPEFLLGDGSFGSVYRAAYEGEEVAVKIFNKHTSLRLLRQE
LVVLCHLHHPSLISLLAAGIRPRMLVMELASKGSLDRLLQQDKASLTRTLQHRIALHVADGLRYLHSAMIIYRDLKPHNV
LLFTLYPNAAIIAKIADYGIAQYCCRMGIKTSEGTPGFRAPEVARGNVIYNQQADVYSFGLLLYDILTTGGRIVEGLKFP
NEFDELEIQGKLPDPVKEYGCAPWPMVEKLIKQCLKENPQERPTSAQVFDILNSAELVCLTRRILLPKNVIVECMVATHH
NSRNASIWLGCGHTDRGQLSFLDLNTEGYTSEEVADSRILCLALVHLPVEKESWIVSGTQSGTLLVINTEDGKKRHTLEK
MTDSVTCLYCNSFSKQSKQKNFLLVGTADGKLAIFEDKTVKLKGAAPLKILNIGNVSTPLMCLSESTNSTERNVMWGGCG
TKIFSFSNDFTIQKLIETRTSQLFSYAAFSDSNIITVVVDTALYIAKQNSPVVEVWDKKTEKLCGLIDCVHFLREVTVKE
NKESKHKMSYSGRVKTLCLQKNTALWIGTGGGHILLLDLSTRRLIRVIYNFCNSVRVMMTAQLGSLKNVMLVLGYNRKNT
EGTQKQKEIQSCLTVWDINLPHEVQNLEKHIEVRKELAEKMRRTSVE
;
E
#
loop_
_chem_comp.id
_chem_comp.type
_chem_comp.name
_chem_comp.formula
ATP non-polymer ADENOSINE-5'-TRIPHOSPHATE 'C10 H16 N5 O13 P3'
GDP RNA linking GUANOSINE-5'-DIPHOSPHATE 'C10 H15 N5 O11 P2'
GNP non-polymer 'PHOSPHOAMINOPHOSPHONIC ACID-GUANYLATE ESTER' 'C10 H17 N6 O13 P3'
MG non-polymer 'MAGNESIUM ION' 'Mg 2'
#
# COMPACT_ATOMS: atom_id res chain seq x y z
N ASP A 5 63.63 -0.87 -31.95
CA ASP A 5 64.55 -0.47 -30.90
C ASP A 5 65.62 -1.53 -30.68
N HIS A 6 66.79 -1.10 -30.21
CA HIS A 6 67.91 -2.01 -29.98
C HIS A 6 68.75 -1.50 -28.83
N LEU A 7 69.55 -2.40 -28.26
CA LEU A 7 70.47 -2.08 -27.18
C LEU A 7 71.87 -2.56 -27.57
N PHE A 8 72.87 -1.82 -27.08
CA PHE A 8 74.26 -2.13 -27.42
C PHE A 8 75.14 -1.77 -26.24
N LYS A 9 76.34 -2.35 -26.24
CA LYS A 9 77.32 -2.16 -25.18
C LYS A 9 78.62 -1.65 -25.80
N VAL A 10 79.18 -0.59 -25.23
CA VAL A 10 80.42 0.00 -25.70
C VAL A 10 81.39 0.05 -24.52
N LEU A 11 82.61 -0.44 -24.74
CA LEU A 11 83.64 -0.48 -23.71
C LEU A 11 84.69 0.59 -23.99
N VAL A 12 84.86 1.51 -23.04
CA VAL A 12 85.84 2.58 -23.13
C VAL A 12 87.10 2.14 -22.38
N VAL A 13 88.23 2.08 -23.09
CA VAL A 13 89.49 1.67 -22.49
C VAL A 13 90.54 2.73 -22.80
N GLY A 14 91.59 2.74 -21.98
CA GLY A 14 92.66 3.69 -22.16
C GLY A 14 93.63 3.63 -21.00
N ASP A 15 94.56 4.59 -20.98
CA ASP A 15 95.56 4.67 -19.94
C ASP A 15 94.97 5.24 -18.66
N ALA A 16 95.78 5.27 -17.60
CA ALA A 16 95.34 5.80 -16.32
C ALA A 16 95.41 7.32 -16.31
N ALA A 17 94.54 7.92 -15.50
CA ALA A 17 94.49 9.38 -15.27
C ALA A 17 94.30 10.18 -16.56
N VAL A 18 93.61 9.62 -17.55
CA VAL A 18 93.38 10.31 -18.80
C VAL A 18 91.98 10.94 -18.83
N GLY A 19 91.29 10.82 -17.69
CA GLY A 19 89.91 11.33 -17.65
C GLY A 19 88.97 10.48 -18.46
N LYS A 20 88.98 9.18 -18.22
CA LYS A 20 88.01 8.29 -18.92
C LYS A 20 86.59 8.67 -18.52
N THR A 21 86.35 8.86 -17.22
CA THR A 21 84.96 9.13 -16.82
C THR A 21 84.59 10.49 -17.36
N SER A 22 85.57 11.38 -17.48
CA SER A 22 85.13 12.70 -17.90
C SER A 22 84.30 12.63 -19.18
N LEU A 23 84.77 11.87 -20.17
CA LEU A 23 84.05 11.77 -21.43
C LEU A 23 82.69 11.09 -21.24
N VAL A 24 82.65 10.02 -20.45
CA VAL A 24 81.39 9.30 -20.29
C VAL A 24 80.38 10.12 -19.48
N GLN A 25 80.86 10.92 -18.51
CA GLN A 25 79.97 11.85 -17.83
C GLN A 25 79.48 12.93 -18.79
N ARG A 26 80.35 13.43 -19.66
CA ARG A 26 79.96 14.49 -20.59
C ARG A 26 78.91 14.00 -21.57
N TYR A 27 79.06 12.78 -22.10
CA TYR A 27 78.14 12.30 -23.12
C TYR A 27 76.79 11.89 -22.54
N SER A 28 76.76 11.39 -21.30
CA SER A 28 75.52 10.90 -20.71
C SER A 28 75.01 11.74 -19.55
N GLN A 29 75.85 11.97 -18.53
CA GLN A 29 75.45 12.77 -17.38
C GLN A 29 75.60 14.27 -17.60
N ASP A 30 76.08 14.69 -18.77
CA ASP A 30 76.29 16.10 -19.12
C ASP A 30 77.20 16.79 -18.10
N SER A 31 78.25 16.08 -17.68
CA SER A 31 79.24 16.59 -16.73
C SER A 31 80.60 16.60 -17.40
N PHE A 32 81.18 17.77 -17.54
CA PHE A 32 82.47 17.95 -18.20
C PHE A 32 83.45 18.60 -17.22
N SER A 33 84.74 18.52 -17.58
CA SER A 33 85.84 19.05 -16.80
C SER A 33 85.85 18.40 -15.42
N LYS A 34 85.57 19.18 -14.37
CA LYS A 34 85.46 18.72 -13.00
C LYS A 34 86.81 18.24 -12.46
N HIS A 35 86.81 17.73 -11.24
CA HIS A 35 88.05 17.28 -10.61
C HIS A 35 88.55 16.00 -11.27
N TYR A 36 89.86 15.81 -11.23
CA TYR A 36 90.50 14.61 -11.77
C TYR A 36 90.64 13.58 -10.66
N LYS A 37 90.00 12.42 -10.85
CA LYS A 37 89.96 11.36 -9.85
C LYS A 37 90.40 10.05 -10.48
N SER A 38 90.66 9.06 -9.62
CA SER A 38 91.09 7.74 -10.06
C SER A 38 89.91 6.79 -10.03
N THR A 39 89.74 6.03 -11.10
CA THR A 39 88.63 5.09 -11.24
C THR A 39 89.08 3.74 -10.70
N VAL A 40 88.53 3.35 -9.53
CA VAL A 40 88.95 2.11 -8.89
C VAL A 40 88.48 0.90 -9.70
N GLY A 41 87.20 0.89 -10.09
CA GLY A 41 86.62 -0.24 -10.77
C GLY A 41 85.79 0.17 -11.97
N VAL A 42 85.17 -0.83 -12.59
CA VAL A 42 84.35 -0.60 -13.78
C VAL A 42 83.08 0.12 -13.39
N ASP A 43 82.75 1.19 -14.11
CA ASP A 43 81.56 1.98 -13.89
C ASP A 43 80.74 2.02 -15.18
N PHE A 44 79.45 2.31 -15.02
CA PHE A 44 78.45 2.15 -16.07
C PHE A 44 77.75 3.46 -16.33
N ALA A 45 77.30 3.64 -17.58
CA ALA A 45 76.43 4.76 -17.92
C ALA A 45 75.46 4.34 -19.01
N LEU A 46 74.31 5.02 -19.06
CA LEU A 46 73.28 4.76 -20.05
C LEU A 46 73.13 5.97 -20.97
N LYS A 47 72.96 5.69 -22.26
CA LYS A 47 72.69 6.71 -23.26
C LYS A 47 71.50 6.28 -24.10
N VAL A 48 70.62 7.22 -24.44
CA VAL A 48 69.48 6.97 -25.30
C VAL A 48 69.59 7.90 -26.50
N LEU A 49 69.55 7.34 -27.70
CA LEU A 49 69.65 8.12 -28.93
C LEU A 49 68.45 7.85 -29.82
N GLN A 50 67.83 8.92 -30.30
CA GLN A 50 66.73 8.84 -31.26
C GLN A 50 67.30 8.93 -32.68
N TRP A 51 67.98 7.86 -33.08
CA TRP A 51 68.68 7.85 -34.36
C TRP A 51 67.72 7.95 -35.54
N SER A 52 66.57 7.28 -35.45
CA SER A 52 65.60 7.29 -36.53
C SER A 52 64.19 7.24 -35.94
N ASP A 53 63.22 7.61 -36.78
CA ASP A 53 61.82 7.54 -36.38
C ASP A 53 61.42 6.10 -36.07
N TYR A 54 60.75 5.90 -34.94
CA TYR A 54 60.36 4.60 -34.40
C TYR A 54 61.55 3.67 -34.17
N GLU A 55 62.77 4.20 -34.15
CA GLU A 55 63.99 3.43 -33.93
C GLU A 55 64.83 4.17 -32.90
N ILE A 56 64.71 3.77 -31.64
CA ILE A 56 65.43 4.38 -30.53
C ILE A 56 66.44 3.38 -30.01
N VAL A 57 67.69 3.80 -29.86
CA VAL A 57 68.78 2.89 -29.50
C VAL A 57 69.27 3.24 -28.10
N ARG A 58 69.63 2.21 -27.35
CA ARG A 58 70.18 2.35 -26.01
C ARG A 58 71.63 1.88 -25.99
N LEU A 59 72.47 2.60 -25.27
CA LEU A 59 73.90 2.30 -25.20
C LEU A 59 74.33 2.20 -23.76
N GLN A 60 75.07 1.14 -23.45
CA GLN A 60 75.64 0.91 -22.12
C GLN A 60 77.14 1.15 -22.23
N LEU A 61 77.61 2.24 -21.63
CA LEU A 61 79.02 2.59 -21.65
C LEU A 61 79.69 2.03 -20.41
N TRP A 62 80.69 1.18 -20.61
CA TRP A 62 81.47 0.57 -19.53
C TRP A 62 82.86 1.19 -19.56
N ASP A 63 83.21 1.99 -18.56
CA ASP A 63 84.53 2.63 -18.56
C ASP A 63 85.53 1.79 -17.74
N ILE A 64 86.27 0.94 -18.45
CA ILE A 64 87.19 0.01 -17.81
C ILE A 64 88.32 0.77 -17.14
N ALA A 65 88.61 0.42 -15.88
CA ALA A 65 89.70 1.04 -15.15
C ALA A 65 91.04 0.53 -15.66
N GLY A 66 91.90 1.45 -16.09
CA GLY A 66 93.19 1.12 -16.67
C GLY A 66 94.34 1.05 -15.68
N LEU A 67 94.05 1.14 -14.37
CA LEU A 67 95.13 1.07 -13.38
C LEU A 67 95.82 -0.30 -13.40
N GLU A 68 95.04 -1.37 -13.53
CA GLU A 68 95.59 -2.73 -13.53
C GLU A 68 95.82 -3.19 -14.97
N ARG A 69 96.63 -2.41 -15.69
CA ARG A 69 96.99 -2.76 -17.07
C ARG A 69 97.77 -4.06 -17.13
N PHE A 70 98.72 -4.25 -16.20
CA PHE A 70 99.51 -5.47 -16.17
C PHE A 70 98.64 -6.69 -15.85
N ALA A 71 97.58 -6.50 -15.07
CA ALA A 71 96.65 -7.57 -14.77
C ALA A 71 95.95 -8.06 -16.03
N ALA A 72 95.64 -9.35 -16.06
CA ALA A 72 95.01 -9.98 -17.23
C ALA A 72 93.68 -9.33 -17.54
N MET A 73 93.57 -8.73 -18.71
CA MET A 73 92.33 -8.12 -19.15
C MET A 73 91.31 -9.19 -19.50
N THR A 74 90.47 -9.55 -18.53
CA THR A 74 89.54 -10.67 -18.67
C THR A 74 88.59 -10.45 -19.84
N ARG A 75 88.38 -11.51 -20.62
CA ARG A 75 87.45 -11.47 -21.75
C ARG A 75 85.99 -11.31 -21.33
N LEU A 76 85.67 -11.47 -20.04
CA LEU A 76 84.29 -11.30 -19.58
C LEU A 76 83.78 -9.89 -19.83
N TYR A 77 84.64 -8.88 -19.65
CA TYR A 77 84.25 -7.52 -19.98
C TYR A 77 83.90 -7.38 -21.46
N TYR A 78 84.77 -7.89 -22.33
CA TYR A 78 84.49 -7.88 -23.76
C TYR A 78 83.44 -8.90 -24.17
N ARG A 79 83.08 -9.84 -23.29
CA ARG A 79 82.05 -10.82 -23.60
C ARG A 79 80.71 -10.13 -23.82
N ASP A 80 80.04 -10.50 -24.91
CA ASP A 80 78.75 -9.97 -25.36
C ASP A 80 78.80 -8.48 -25.74
N ALA A 81 79.99 -7.88 -25.68
CA ALA A 81 80.13 -6.48 -26.06
C ALA A 81 79.94 -6.30 -27.56
N SER A 82 79.38 -5.16 -27.94
CA SER A 82 79.14 -4.87 -29.34
C SER A 82 80.06 -3.79 -29.91
N ALA A 83 80.70 -2.99 -29.07
CA ALA A 83 81.58 -1.95 -29.55
C ALA A 83 82.61 -1.59 -28.48
N CYS A 84 83.66 -0.91 -28.91
CA CYS A 84 84.73 -0.50 -28.01
C CYS A 84 85.39 0.74 -28.57
N VAL A 85 86.14 1.42 -27.70
CA VAL A 85 86.86 2.63 -28.08
C VAL A 85 88.07 2.76 -27.17
N ILE A 86 89.15 3.28 -27.72
CA ILE A 86 90.40 3.52 -27.01
C ILE A 86 90.64 5.01 -26.96
N MET A 87 90.77 5.57 -25.76
CA MET A 87 90.95 7.00 -25.57
C MET A 87 92.21 7.21 -24.75
N PHE A 88 93.15 8.00 -25.28
CA PHE A 88 94.43 8.23 -24.66
C PHE A 88 94.72 9.71 -24.61
N ASP A 89 95.40 10.14 -23.54
CA ASP A 89 95.80 11.53 -23.42
C ASP A 89 96.98 11.82 -24.34
N VAL A 90 97.03 13.06 -24.84
CA VAL A 90 97.98 13.44 -25.88
C VAL A 90 99.25 14.07 -25.31
N THR A 91 99.47 13.96 -24.00
CA THR A 91 100.64 14.54 -23.37
C THR A 91 101.71 13.51 -23.03
N ASN A 92 101.53 12.26 -23.45
CA ASN A 92 102.48 11.19 -23.14
C ASN A 92 102.51 10.18 -24.27
N ALA A 93 103.72 9.83 -24.71
CA ALA A 93 103.89 8.71 -25.63
C ALA A 93 103.71 7.37 -24.94
N THR A 94 103.88 7.33 -23.61
CA THR A 94 103.56 6.12 -22.86
C THR A 94 102.08 5.78 -22.98
N THR A 95 101.21 6.79 -22.99
CA THR A 95 99.79 6.55 -23.25
C THR A 95 99.57 6.01 -24.65
N PHE A 96 100.38 6.45 -25.61
CA PHE A 96 100.27 5.94 -26.98
C PHE A 96 100.67 4.46 -27.04
N SER A 97 101.75 4.09 -26.37
CA SER A 97 102.15 2.69 -26.29
C SER A 97 101.09 1.86 -25.56
N ASN A 98 100.48 2.43 -24.51
CA ASN A 98 99.41 1.75 -23.81
C ASN A 98 98.21 1.54 -24.73
N SER A 99 97.89 2.52 -25.57
CA SER A 99 96.79 2.36 -26.53
C SER A 99 97.10 1.26 -27.52
N GLN A 100 98.35 1.18 -27.98
CA GLN A 100 98.75 0.04 -28.82
C GLN A 100 98.55 -1.28 -28.09
N ARG A 101 98.88 -1.31 -26.79
CA ARG A 101 98.67 -2.53 -25.99
C ARG A 101 97.19 -2.88 -25.90
N TRP A 102 96.33 -1.88 -25.70
CA TRP A 102 94.89 -2.14 -25.66
C TRP A 102 94.40 -2.66 -27.01
N LYS A 103 94.89 -2.09 -28.11
CA LYS A 103 94.50 -2.57 -29.43
C LYS A 103 94.90 -4.03 -29.63
N GLN A 104 96.14 -4.37 -29.24
CA GLN A 104 96.58 -5.76 -29.36
C GLN A 104 95.74 -6.69 -28.49
N ASP A 105 95.45 -6.26 -27.25
CA ASP A 105 94.68 -7.09 -26.33
C ASP A 105 93.26 -7.33 -26.85
N LEU A 106 92.61 -6.28 -27.37
CA LEU A 106 91.25 -6.45 -27.88
C LEU A 106 91.25 -7.29 -29.16
N ASP A 107 92.24 -7.09 -30.03
CA ASP A 107 92.33 -7.93 -31.23
C ASP A 107 92.53 -9.39 -30.86
N SER A 108 93.26 -9.65 -29.77
CA SER A 108 93.48 -11.03 -29.33
C SER A 108 92.25 -11.63 -28.67
N LYS A 109 91.51 -10.84 -27.88
CA LYS A 109 90.47 -11.37 -27.00
C LYS A 109 89.12 -10.68 -27.24
N LEU A 110 88.71 -10.54 -28.49
CA LEU A 110 87.36 -10.09 -28.80
C LEU A 110 86.87 -10.80 -30.06
N THR A 111 85.59 -11.16 -30.06
CA THR A 111 85.00 -11.89 -31.18
C THR A 111 83.65 -11.27 -31.52
N LEU A 112 83.24 -11.46 -32.77
CA LEU A 112 81.98 -10.98 -33.29
C LEU A 112 81.23 -12.12 -33.97
N PRO A 113 79.89 -12.04 -34.04
CA PRO A 113 79.14 -13.09 -34.74
C PRO A 113 79.55 -13.28 -36.19
N ASN A 114 79.87 -12.18 -36.89
CA ASN A 114 80.39 -12.29 -38.25
C ASN A 114 81.89 -12.62 -38.27
N GLY A 115 82.58 -12.46 -37.15
CA GLY A 115 84.00 -12.72 -37.06
C GLY A 115 84.89 -11.54 -37.36
N GLU A 116 84.35 -10.50 -38.01
CA GLU A 116 85.15 -9.32 -38.30
C GLU A 116 85.41 -8.54 -37.01
N PRO A 117 86.54 -7.83 -36.93
CA PRO A 117 86.81 -7.00 -35.75
C PRO A 117 85.74 -5.93 -35.56
N VAL A 118 85.38 -5.68 -34.31
CA VAL A 118 84.38 -4.67 -33.99
C VAL A 118 84.99 -3.30 -34.27
N PRO A 119 84.18 -2.27 -34.57
CA PRO A 119 84.76 -0.95 -34.85
C PRO A 119 85.51 -0.38 -33.66
N CYS A 120 86.60 0.31 -33.95
CA CYS A 120 87.42 0.96 -32.94
C CYS A 120 87.71 2.38 -33.41
N LEU A 121 87.80 3.30 -32.46
CA LEU A 121 88.07 4.69 -32.80
C LEU A 121 89.17 5.24 -31.90
N LEU A 122 90.07 6.00 -32.48
CA LEU A 122 91.18 6.61 -31.77
C LEU A 122 90.75 8.00 -31.32
N LEU A 123 90.61 8.18 -30.00
CA LEU A 123 90.19 9.45 -29.43
C LEU A 123 91.42 10.17 -28.91
N ALA A 124 91.67 11.36 -29.45
CA ALA A 124 92.80 12.18 -28.96
C ALA A 124 92.29 13.05 -27.82
N ASN A 125 92.37 12.63 -26.56
CA ASN A 125 91.68 13.44 -25.51
C ASN A 125 92.18 14.88 -25.28
N LYS A 126 91.39 15.71 -24.58
CA LYS A 126 91.73 17.11 -24.17
C LYS A 126 92.73 17.90 -25.02
N CYS A 127 92.76 17.78 -26.35
CA CYS A 127 93.57 18.57 -27.28
C CYS A 127 93.66 20.03 -26.88
N ASP A 128 92.74 20.52 -26.04
CA ASP A 128 92.82 21.91 -25.58
C ASP A 128 93.84 22.07 -24.46
N LEU A 129 95.06 21.59 -24.69
CA LEU A 129 96.13 21.67 -23.71
C LEU A 129 97.46 21.64 -24.46
N SER A 130 98.36 22.55 -24.09
CA SER A 130 99.67 22.63 -24.72
C SER A 130 100.57 21.50 -24.21
N PRO A 131 101.63 21.14 -24.95
CA PRO A 131 102.06 21.58 -26.29
C PRO A 131 101.70 20.59 -27.39
N TRP A 132 101.60 19.30 -27.05
CA TRP A 132 101.28 18.25 -28.03
C TRP A 132 99.76 18.17 -28.16
N ALA A 133 99.23 19.03 -29.01
CA ALA A 133 97.78 19.18 -29.15
C ALA A 133 97.27 18.76 -30.53
N VAL A 134 97.85 19.29 -31.61
CA VAL A 134 97.31 19.08 -32.94
C VAL A 134 98.29 18.28 -33.78
N SER A 135 99.03 17.37 -33.15
CA SER A 135 99.99 16.53 -33.85
C SER A 135 99.28 15.38 -34.59
N ARG A 136 98.43 15.75 -35.53
CA ARG A 136 97.67 14.77 -36.29
C ARG A 136 98.53 14.04 -37.31
N ASP A 137 99.62 14.65 -37.77
CA ASP A 137 100.52 14.00 -38.72
C ASP A 137 101.16 12.76 -38.11
N GLN A 138 101.62 12.87 -36.86
CA GLN A 138 102.18 11.70 -36.18
C GLN A 138 101.09 10.67 -35.88
N ILE A 139 99.89 11.12 -35.53
CA ILE A 139 98.80 10.20 -35.21
C ILE A 139 98.35 9.44 -36.44
N ASP A 140 98.48 10.02 -37.64
CA ASP A 140 98.02 9.38 -38.86
C ASP A 140 98.75 8.08 -39.15
N ARG A 141 100.01 7.97 -38.71
CA ARG A 141 100.78 6.74 -38.91
C ARG A 141 100.09 5.55 -38.26
N PHE A 142 99.73 5.66 -36.99
CA PHE A 142 98.97 4.61 -36.33
C PHE A 142 97.53 4.56 -36.81
N SER A 143 96.99 5.70 -37.26
CA SER A 143 95.62 5.71 -37.76
C SER A 143 95.46 4.81 -38.98
N LYS A 144 96.41 4.85 -39.90
CA LYS A 144 96.36 3.99 -41.07
C LYS A 144 97.02 2.63 -40.84
N GLU A 145 97.98 2.54 -39.93
CA GLU A 145 98.64 1.25 -39.69
C GLU A 145 97.74 0.30 -38.91
N ASN A 146 97.07 0.80 -37.87
CA ASN A 146 96.25 -0.07 -37.02
C ASN A 146 94.95 -0.49 -37.69
N GLY A 147 94.57 0.13 -38.79
CA GLY A 147 93.31 -0.19 -39.45
C GLY A 147 92.09 0.15 -38.61
N PHE A 148 92.16 1.23 -37.85
CA PHE A 148 91.04 1.64 -37.02
C PHE A 148 89.89 2.17 -37.88
N THR A 149 88.67 2.00 -37.37
CA THR A 149 87.49 2.49 -38.07
C THR A 149 87.49 4.02 -38.18
N GLY A 150 87.95 4.70 -37.13
CA GLY A 150 88.03 6.14 -37.17
C GLY A 150 89.06 6.68 -36.20
N TRP A 151 89.37 7.96 -36.36
CA TRP A 151 90.24 8.68 -35.46
C TRP A 151 89.78 10.13 -35.42
N THR A 152 89.73 10.70 -34.21
CA THR A 152 89.18 12.04 -34.06
C THR A 152 89.71 12.69 -32.78
N GLU A 153 90.12 13.95 -32.91
CA GLU A 153 90.57 14.72 -31.77
C GLU A 153 89.39 15.09 -30.87
N THR A 154 89.67 15.32 -29.59
CA THR A 154 88.60 15.62 -28.66
C THR A 154 89.15 16.38 -27.45
N SER A 155 88.25 17.02 -26.72
CA SER A 155 88.58 17.71 -25.48
C SER A 155 87.42 17.51 -24.51
N VAL A 156 87.68 16.75 -23.43
CA VAL A 156 86.62 16.39 -22.50
C VAL A 156 86.04 17.62 -21.81
N LYS A 157 86.90 18.53 -21.38
CA LYS A 157 86.43 19.73 -20.66
C LYS A 157 85.59 20.62 -21.56
N GLU A 158 86.01 20.82 -22.80
CA GLU A 158 85.32 21.71 -23.73
C GLU A 158 84.21 21.02 -24.51
N ASN A 159 84.23 19.68 -24.58
CA ASN A 159 83.26 18.89 -25.35
C ASN A 159 83.21 19.35 -26.81
N LYS A 160 84.38 19.66 -27.36
CA LYS A 160 84.45 20.24 -28.69
C LYS A 160 84.03 19.25 -29.78
N ASN A 161 84.39 17.98 -29.64
CA ASN A 161 84.10 17.01 -30.70
C ASN A 161 83.66 15.66 -30.16
N ILE A 162 83.17 15.59 -28.92
CA ILE A 162 82.68 14.31 -28.39
C ILE A 162 81.44 13.84 -29.15
N ASN A 163 80.50 14.75 -29.42
CA ASN A 163 79.21 14.37 -29.96
C ASN A 163 79.32 13.87 -31.39
N GLU A 164 80.03 14.62 -32.24
CA GLU A 164 80.17 14.22 -33.64
C GLU A 164 80.94 12.91 -33.78
N ALA A 165 82.02 12.76 -33.00
CA ALA A 165 82.79 11.52 -33.04
C ALA A 165 81.96 10.33 -32.58
N MET A 166 81.20 10.51 -31.49
CA MET A 166 80.35 9.43 -31.01
C MET A 166 79.27 9.08 -32.02
N ARG A 167 78.68 10.09 -32.66
CA ARG A 167 77.67 9.84 -33.69
C ARG A 167 78.26 9.08 -34.87
N VAL A 168 79.46 9.46 -35.30
CA VAL A 168 80.12 8.75 -36.39
C VAL A 168 80.40 7.31 -36.01
N LEU A 169 80.90 7.09 -34.79
CA LEU A 169 81.22 5.74 -34.34
C LEU A 169 79.97 4.88 -34.25
N ILE A 170 78.88 5.43 -33.71
CA ILE A 170 77.66 4.63 -33.56
C ILE A 170 77.02 4.37 -34.92
N GLU A 171 77.12 5.33 -35.85
CA GLU A 171 76.62 5.10 -37.20
C GLU A 171 77.41 4.00 -37.90
N LYS A 172 78.73 3.99 -37.70
CA LYS A 172 79.55 2.89 -38.21
C LYS A 172 79.16 1.56 -37.57
N MET A 173 78.83 1.58 -36.29
CA MET A 173 78.50 0.34 -35.59
C MET A 173 77.18 -0.23 -36.10
N MET A 174 76.14 0.61 -36.24
CA MET A 174 74.91 0.12 -36.86
C MET A 174 75.08 -0.17 -38.35
N ARG A 175 76.11 0.38 -38.99
CA ARG A 175 76.37 0.06 -40.39
C ARG A 175 76.74 -1.40 -40.60
N ASN A 176 77.23 -2.08 -39.57
CA ASN A 176 77.55 -3.50 -39.67
C ASN A 176 76.33 -4.36 -39.35
N ASP B 12 131.10 -50.22 -11.79
CA ASP B 12 129.88 -49.44 -11.88
C ASP B 12 128.68 -50.31 -12.26
N GLU B 13 128.22 -50.15 -13.50
CA GLU B 13 127.07 -50.91 -13.98
C GLU B 13 127.35 -52.40 -14.07
N GLU B 14 128.62 -52.79 -14.23
CA GLU B 14 128.97 -54.21 -14.26
C GLU B 14 128.65 -54.89 -12.93
N THR B 15 128.96 -54.22 -11.82
CA THR B 15 128.62 -54.78 -10.51
C THR B 15 127.12 -54.86 -10.33
N LEU B 16 126.37 -53.84 -10.79
CA LEU B 16 124.92 -53.89 -10.67
C LEU B 16 124.36 -55.05 -11.48
N LYS B 17 124.93 -55.28 -12.67
CA LYS B 17 124.50 -56.40 -13.50
C LYS B 17 124.77 -57.73 -12.80
N LYS B 18 125.93 -57.85 -12.14
CA LYS B 18 126.24 -59.06 -11.40
C LYS B 18 125.27 -59.27 -10.24
N LEU B 19 124.92 -58.18 -9.53
CA LEU B 19 124.01 -58.28 -8.41
C LEU B 19 122.61 -58.71 -8.86
N ILE B 20 122.11 -58.09 -9.94
CA ILE B 20 120.78 -58.45 -10.41
C ILE B 20 120.77 -59.86 -11.00
N VAL B 21 121.88 -60.29 -11.61
CA VAL B 21 121.98 -61.66 -12.09
C VAL B 21 121.95 -62.64 -10.93
N ARG B 22 122.68 -62.35 -9.86
CA ARG B 22 122.66 -63.20 -8.67
C ARG B 22 121.30 -63.20 -8.00
N LEU B 23 120.56 -62.10 -8.11
CA LEU B 23 119.22 -62.02 -7.54
C LEU B 23 118.25 -63.01 -8.17
N ASN B 24 118.52 -63.46 -9.40
CA ASN B 24 117.66 -64.41 -10.09
C ASN B 24 117.91 -65.85 -9.66
N ASN B 25 119.01 -66.14 -8.95
CA ASN B 25 119.30 -67.50 -8.56
C ASN B 25 118.31 -68.03 -7.53
N VAL B 26 118.03 -67.23 -6.48
CA VAL B 26 117.14 -67.57 -5.38
C VAL B 26 117.63 -68.89 -4.79
N GLN B 27 118.89 -68.91 -4.37
CA GLN B 27 119.52 -70.10 -3.81
C GLN B 27 119.45 -70.14 -2.30
N GLU B 28 120.03 -69.13 -1.64
CA GLU B 28 120.07 -69.05 -0.19
C GLU B 28 119.38 -67.76 0.25
N GLY B 29 118.44 -67.88 1.18
CA GLY B 29 117.71 -66.71 1.65
C GLY B 29 118.60 -65.67 2.30
N LYS B 30 119.55 -66.12 3.13
CA LYS B 30 120.45 -65.19 3.80
C LYS B 30 121.35 -64.46 2.82
N GLN B 31 121.94 -65.19 1.86
CA GLN B 31 122.80 -64.57 0.87
C GLN B 31 122.05 -63.58 -0.01
N ILE B 32 120.84 -63.95 -0.44
CA ILE B 32 120.02 -63.03 -1.23
C ILE B 32 119.63 -61.80 -0.39
N GLU B 33 119.38 -62.00 0.90
CA GLU B 33 119.06 -60.88 1.78
C GLU B 33 120.24 -59.91 1.88
N THR B 34 121.45 -60.44 2.07
CA THR B 34 122.63 -59.59 2.14
C THR B 34 122.88 -58.87 0.82
N LEU B 35 122.70 -59.58 -0.30
CA LEU B 35 122.87 -58.95 -1.61
C LEU B 35 121.86 -57.84 -1.83
N VAL B 36 120.61 -58.06 -1.42
CA VAL B 36 119.57 -57.03 -1.56
C VAL B 36 119.88 -55.84 -0.67
N GLN B 37 120.37 -56.08 0.55
CA GLN B 37 120.76 -54.99 1.43
C GLN B 37 121.90 -54.17 0.84
N ILE B 38 122.90 -54.84 0.28
CA ILE B 38 124.03 -54.15 -0.34
C ILE B 38 123.56 -53.34 -1.55
N LEU B 39 122.67 -53.92 -2.36
CA LEU B 39 122.15 -53.21 -3.53
C LEU B 39 121.33 -51.99 -3.11
N GLU B 40 120.53 -52.13 -2.06
CA GLU B 40 119.76 -50.99 -1.55
C GLU B 40 120.69 -49.89 -1.02
N ASP B 41 121.75 -50.28 -0.31
CA ASP B 41 122.69 -49.30 0.21
C ASP B 41 123.41 -48.56 -0.92
N LEU B 42 123.81 -49.29 -1.97
CA LEU B 42 124.50 -48.67 -3.08
C LEU B 42 123.57 -47.81 -3.93
N LEU B 43 122.31 -48.23 -4.06
CA LEU B 43 121.38 -47.52 -4.95
C LEU B 43 121.00 -46.14 -4.42
N VAL B 44 120.96 -45.97 -3.09
CA VAL B 44 120.57 -44.70 -2.51
C VAL B 44 121.77 -43.76 -2.54
N PHE B 45 121.89 -42.99 -3.62
CA PHE B 45 122.99 -42.06 -3.79
C PHE B 45 122.60 -41.04 -4.84
N THR B 46 123.32 -39.91 -4.85
CA THR B 46 123.09 -38.84 -5.81
C THR B 46 124.21 -38.76 -6.84
N TYR B 47 125.00 -39.83 -6.99
CA TYR B 47 126.11 -39.83 -7.94
C TYR B 47 125.62 -39.71 -9.36
N SER B 48 124.64 -40.54 -9.75
CA SER B 48 124.10 -40.55 -11.10
C SER B 48 122.80 -41.35 -11.08
N GLU B 49 122.21 -41.52 -12.26
CA GLU B 49 120.99 -42.30 -12.44
C GLU B 49 121.27 -43.72 -12.92
N HIS B 50 122.40 -44.30 -12.51
CA HIS B 50 122.76 -45.66 -12.93
C HIS B 50 121.71 -46.68 -12.50
N ALA B 51 121.25 -46.60 -11.24
CA ALA B 51 120.15 -47.45 -10.77
C ALA B 51 118.90 -47.27 -11.62
N SER B 52 118.63 -46.06 -12.10
CA SER B 52 117.58 -45.80 -13.08
C SER B 52 118.11 -45.92 -14.52
N LYS B 53 118.64 -47.10 -14.84
CA LYS B 53 119.25 -47.36 -16.14
C LYS B 53 118.23 -47.61 -17.26
N LEU B 54 116.96 -47.25 -17.04
CA LEU B 54 115.84 -47.33 -17.99
C LEU B 54 115.41 -48.77 -18.28
N PHE B 55 116.07 -49.77 -17.72
CA PHE B 55 115.63 -51.15 -17.89
C PHE B 55 114.31 -51.40 -17.19
N GLN B 56 114.21 -50.97 -15.92
CA GLN B 56 112.99 -51.11 -15.10
C GLN B 56 112.49 -52.54 -15.05
N GLY B 57 113.42 -53.50 -15.10
CA GLY B 57 113.09 -54.91 -15.10
C GLY B 57 112.41 -55.37 -13.83
N LYS B 58 111.25 -56.02 -13.97
CA LYS B 58 110.58 -56.60 -12.81
C LYS B 58 111.38 -57.71 -12.18
N ASN B 59 112.29 -58.34 -12.94
CA ASN B 59 113.14 -59.41 -12.41
C ASN B 59 114.00 -58.94 -11.24
N ILE B 60 114.21 -57.63 -11.10
CA ILE B 60 114.94 -57.11 -9.96
C ILE B 60 114.10 -57.24 -8.68
N HIS B 61 112.79 -57.00 -8.78
CA HIS B 61 111.96 -56.92 -7.58
C HIS B 61 110.81 -57.93 -7.52
N VAL B 62 110.31 -58.41 -8.66
CA VAL B 62 109.23 -59.41 -8.62
C VAL B 62 109.65 -60.71 -7.95
N PRO B 63 110.81 -61.31 -8.24
CA PRO B 63 111.24 -62.47 -7.43
C PRO B 63 111.42 -62.16 -5.96
N LEU B 64 111.86 -60.95 -5.61
CA LEU B 64 112.02 -60.59 -4.21
C LEU B 64 110.67 -60.60 -3.48
N LEU B 65 109.66 -60.00 -4.08
CA LEU B 65 108.33 -60.00 -3.44
C LEU B 65 107.72 -61.40 -3.47
N ILE B 66 108.00 -62.20 -4.49
CA ILE B 66 107.53 -63.58 -4.51
C ILE B 66 108.13 -64.38 -3.36
N VAL B 67 109.44 -64.22 -3.13
CA VAL B 67 110.09 -64.90 -2.01
C VAL B 67 109.53 -64.40 -0.68
N LEU B 68 109.32 -63.09 -0.56
CA LEU B 68 108.78 -62.53 0.68
C LEU B 68 107.38 -63.07 0.97
N ASP B 69 106.53 -63.15 -0.05
CA ASP B 69 105.17 -63.64 0.14
C ASP B 69 105.16 -65.13 0.45
N SER B 70 105.90 -65.92 -0.34
CA SER B 70 105.93 -67.36 -0.12
C SER B 70 106.62 -67.72 1.19
N TYR B 71 107.82 -67.18 1.43
CA TYR B 71 108.54 -67.41 2.68
C TYR B 71 108.26 -66.22 3.61
N MET B 72 107.07 -66.24 4.19
CA MET B 72 106.63 -65.13 5.05
C MET B 72 107.46 -65.02 6.32
N ARG B 73 108.04 -66.13 6.79
CA ARG B 73 108.85 -66.10 8.00
C ARG B 73 110.17 -65.36 7.80
N VAL B 74 110.59 -65.15 6.55
CA VAL B 74 111.85 -64.45 6.27
C VAL B 74 111.60 -62.96 6.49
N ALA B 75 111.99 -62.46 7.66
CA ALA B 75 111.78 -61.04 7.99
C ALA B 75 112.74 -60.13 7.26
N SER B 76 113.90 -60.63 6.86
CA SER B 76 114.92 -59.82 6.20
C SER B 76 114.41 -59.25 4.87
N VAL B 77 113.88 -60.13 4.00
CA VAL B 77 113.35 -59.70 2.71
C VAL B 77 112.13 -58.79 2.89
N GLN B 78 111.37 -58.96 3.96
CA GLN B 78 110.24 -58.07 4.22
C GLN B 78 110.76 -56.69 4.64
N GLN B 79 111.80 -56.67 5.44
CA GLN B 79 112.32 -55.43 5.99
C GLN B 79 113.02 -54.60 4.93
N VAL B 80 113.84 -55.23 4.08
CA VAL B 80 114.62 -54.46 3.11
C VAL B 80 114.04 -54.41 1.69
N GLY B 81 113.26 -55.40 1.27
CA GLY B 81 112.66 -55.36 -0.06
C GLY B 81 111.70 -54.19 -0.25
N TRP B 82 110.87 -53.92 0.75
CA TRP B 82 110.00 -52.74 0.72
C TRP B 82 110.80 -51.44 0.66
N SER B 83 111.88 -51.34 1.45
CA SER B 83 112.73 -50.15 1.36
C SER B 83 113.38 -50.03 -0.01
N LEU B 84 113.80 -51.16 -0.59
CA LEU B 84 114.42 -51.15 -1.90
C LEU B 84 113.45 -50.69 -2.97
N LEU B 85 112.21 -51.19 -2.94
CA LEU B 85 111.23 -50.77 -3.94
C LEU B 85 110.81 -49.32 -3.72
N CYS B 86 110.74 -48.87 -2.47
CA CYS B 86 110.46 -47.46 -2.20
C CYS B 86 111.54 -46.56 -2.77
N LYS B 87 112.82 -46.94 -2.56
CA LYS B 87 113.92 -46.16 -3.12
C LYS B 87 113.90 -46.19 -4.64
N LEU B 88 113.59 -47.34 -5.23
CA LEU B 88 113.52 -47.45 -6.68
C LEU B 88 112.42 -46.55 -7.25
N ILE B 89 111.24 -46.54 -6.63
CA ILE B 89 110.16 -45.68 -7.08
C ILE B 89 110.55 -44.20 -6.92
N GLU B 90 111.17 -43.87 -5.78
CA GLU B 90 111.62 -42.49 -5.57
C GLU B 90 112.73 -42.08 -6.52
N VAL B 91 113.45 -43.04 -7.10
CA VAL B 91 114.53 -42.76 -8.03
C VAL B 91 114.08 -42.89 -9.48
N CYS B 92 113.52 -44.04 -9.83
CA CYS B 92 113.07 -44.28 -11.20
C CYS B 92 111.82 -43.46 -11.49
N PRO B 93 111.83 -42.62 -12.53
CA PRO B 93 110.62 -41.81 -12.80
C PRO B 93 109.47 -42.63 -13.33
N GLY B 94 109.74 -43.62 -14.18
CA GLY B 94 108.69 -44.43 -14.77
C GLY B 94 108.33 -45.68 -14.00
N THR B 95 108.76 -45.79 -12.74
CA THR B 95 108.44 -46.96 -11.93
C THR B 95 106.93 -47.14 -11.78
N MET B 96 106.22 -46.04 -11.52
CA MET B 96 104.76 -46.09 -11.49
C MET B 96 104.19 -46.50 -12.84
N GLN B 97 104.78 -46.02 -13.93
CA GLN B 97 104.39 -46.48 -15.26
C GLN B 97 104.66 -47.98 -15.44
N SER B 98 105.70 -48.50 -14.79
CA SER B 98 105.95 -49.93 -14.83
C SER B 98 105.02 -50.72 -13.91
N LEU B 99 104.39 -50.05 -12.94
CA LEU B 99 103.48 -50.73 -12.04
C LEU B 99 102.21 -51.18 -12.75
N MET B 100 101.63 -50.29 -13.56
CA MET B 100 100.40 -50.57 -14.29
C MET B 100 100.62 -50.21 -15.75
N GLY B 101 100.26 -51.12 -16.65
CA GLY B 101 100.40 -50.89 -18.07
C GLY B 101 101.84 -50.83 -18.55
N GLY B 113 98.04 -58.43 -8.57
CA GLY B 113 99.26 -57.72 -8.95
C GLY B 113 100.09 -57.28 -7.76
N VAL B 114 100.80 -56.17 -7.92
CA VAL B 114 101.62 -55.63 -6.84
C VAL B 114 100.77 -55.20 -5.65
N HIS B 115 99.55 -54.72 -5.91
CA HIS B 115 98.62 -54.40 -4.83
C HIS B 115 98.26 -55.64 -4.02
N GLN B 116 98.01 -56.76 -4.71
CA GLN B 116 97.74 -58.01 -4.00
C GLN B 116 98.92 -58.43 -3.15
N LEU B 117 100.14 -58.29 -3.68
CA LEU B 117 101.34 -58.66 -2.93
C LEU B 117 101.50 -57.80 -1.68
N ILE B 118 101.31 -56.47 -1.81
CA ILE B 118 101.51 -55.60 -0.66
C ILE B 118 100.39 -55.80 0.37
N LEU B 119 99.17 -56.08 -0.07
CA LEU B 119 98.10 -56.33 0.89
C LEU B 119 98.27 -57.66 1.59
N LYS B 120 98.80 -58.68 0.90
CA LYS B 120 99.11 -59.92 1.58
C LYS B 120 100.26 -59.71 2.57
N MET B 121 101.22 -58.84 2.21
CA MET B 121 102.31 -58.53 3.11
C MET B 121 101.78 -57.87 4.37
N LEU B 122 100.82 -56.96 4.21
CA LEU B 122 100.27 -56.27 5.37
C LEU B 122 99.39 -57.22 6.17
N THR B 123 98.82 -58.23 5.51
CA THR B 123 97.84 -59.09 6.14
C THR B 123 98.51 -60.14 7.02
N VAL B 124 99.35 -60.98 6.41
CA VAL B 124 99.76 -62.23 7.06
C VAL B 124 100.70 -61.96 8.24
N HIS B 125 101.76 -61.16 8.01
CA HIS B 125 102.82 -61.08 9.01
C HIS B 125 103.34 -59.66 9.25
N ASN B 126 102.57 -58.63 8.92
CA ASN B 126 102.97 -57.26 9.25
C ASN B 126 102.39 -56.79 10.57
N ALA B 127 102.60 -57.57 11.63
CA ALA B 127 102.17 -57.17 12.96
C ALA B 127 103.23 -56.41 13.72
N SER B 128 104.46 -56.36 13.21
CA SER B 128 105.55 -55.64 13.84
C SER B 128 105.51 -54.19 13.38
N VAL B 129 105.99 -53.29 14.27
CA VAL B 129 105.96 -51.86 13.96
C VAL B 129 106.86 -51.54 12.78
N ASN B 130 108.08 -52.10 12.76
CA ASN B 130 109.02 -51.82 11.69
C ASN B 130 108.51 -52.35 10.35
N LEU B 131 107.92 -53.54 10.34
CA LEU B 131 107.41 -54.09 9.10
C LEU B 131 106.17 -53.34 8.64
N SER B 132 105.39 -52.81 9.58
CA SER B 132 104.15 -52.12 9.21
C SER B 132 104.44 -50.74 8.63
N VAL B 133 105.37 -50.00 9.22
CA VAL B 133 105.57 -48.60 8.80
C VAL B 133 106.06 -48.53 7.36
N ILE B 134 106.98 -49.43 6.97
CA ILE B 134 107.48 -49.42 5.60
C ILE B 134 106.38 -49.80 4.61
N GLY B 135 105.54 -50.78 4.97
CA GLY B 135 104.44 -51.16 4.11
C GLY B 135 103.44 -50.04 3.91
N LEU B 136 103.06 -49.35 4.99
CA LEU B 136 102.15 -48.22 4.87
C LEU B 136 102.76 -47.08 4.09
N LYS B 137 104.06 -46.81 4.27
CA LYS B 137 104.72 -45.77 3.48
C LYS B 137 104.73 -46.10 1.99
N THR B 138 105.05 -47.36 1.65
CA THR B 138 105.02 -47.79 0.26
C THR B 138 103.62 -47.70 -0.32
N LEU B 139 102.61 -48.09 0.46
CA LEU B 139 101.23 -47.96 0.01
C LEU B 139 100.85 -46.50 -0.22
N ASP B 140 101.27 -45.61 0.69
CA ASP B 140 100.97 -44.19 0.56
C ASP B 140 101.60 -43.60 -0.69
N LEU B 141 102.87 -43.93 -0.96
CA LEU B 141 103.52 -43.39 -2.15
C LEU B 141 102.96 -44.01 -3.43
N LEU B 142 102.53 -45.28 -3.37
CA LEU B 142 101.94 -45.91 -4.54
C LEU B 142 100.59 -45.31 -4.88
N LEU B 143 99.80 -44.95 -3.86
CA LEU B 143 98.47 -44.39 -4.09
C LEU B 143 98.51 -42.97 -4.64
N THR B 144 99.67 -42.33 -4.70
CA THR B 144 99.80 -41.01 -5.31
C THR B 144 99.86 -41.08 -6.83
N SER B 145 99.95 -42.28 -7.40
CA SER B 145 100.04 -42.44 -8.85
C SER B 145 98.67 -42.35 -9.51
N GLY B 146 97.67 -43.02 -8.94
CA GLY B 146 96.35 -43.07 -9.51
C GLY B 146 96.13 -44.31 -10.38
N LYS B 147 94.86 -44.61 -10.62
CA LYS B 147 94.34 -45.74 -11.40
C LYS B 147 94.64 -47.09 -10.75
N ILE B 148 95.31 -47.11 -9.59
CA ILE B 148 95.56 -48.35 -8.86
C ILE B 148 94.66 -48.48 -7.63
N THR B 149 94.00 -47.38 -7.23
CA THR B 149 93.08 -47.44 -6.08
C THR B 149 91.93 -48.38 -6.34
N LEU B 150 91.46 -48.45 -7.59
CA LEU B 150 90.40 -49.39 -7.95
C LEU B 150 90.83 -50.83 -7.72
N LEU B 151 92.08 -51.16 -8.08
CA LEU B 151 92.64 -52.47 -7.79
C LEU B 151 92.77 -52.71 -6.28
N ILE B 152 93.16 -51.68 -5.53
CA ILE B 152 93.31 -51.83 -4.08
C ILE B 152 91.95 -52.07 -3.41
N LEU B 153 90.90 -51.43 -3.92
CA LEU B 153 89.58 -51.56 -3.31
C LEU B 153 88.84 -52.81 -3.76
N ASP B 154 89.35 -53.52 -4.78
CA ASP B 154 88.71 -54.73 -5.28
C ASP B 154 89.50 -55.99 -4.93
N GLU B 155 90.32 -55.93 -3.89
CA GLU B 155 91.16 -57.05 -3.50
C GLU B 155 90.40 -57.96 -2.55
N GLU B 156 91.10 -58.94 -1.98
CA GLU B 156 90.51 -59.91 -1.07
C GLU B 156 91.08 -59.81 0.34
N SER B 157 92.01 -58.88 0.59
CA SER B 157 92.67 -58.78 1.88
C SER B 157 92.00 -57.83 2.86
N ASP B 158 90.87 -57.22 2.47
CA ASP B 158 90.11 -56.29 3.32
C ASP B 158 90.98 -55.12 3.77
N ILE B 159 91.35 -54.30 2.78
CA ILE B 159 92.28 -53.18 2.99
C ILE B 159 91.77 -52.23 4.08
N PHE B 160 90.46 -51.95 4.09
CA PHE B 160 89.90 -51.12 5.15
C PHE B 160 90.06 -51.80 6.51
N MET B 161 89.78 -53.10 6.58
CA MET B 161 89.99 -53.82 7.84
C MET B 161 91.46 -53.86 8.22
N LEU B 162 92.34 -53.98 7.22
CA LEU B 162 93.78 -53.97 7.48
C LEU B 162 94.22 -52.66 8.12
N ILE B 163 93.84 -51.53 7.51
CA ILE B 163 94.28 -50.24 8.05
C ILE B 163 93.61 -49.97 9.39
N PHE B 164 92.36 -50.41 9.59
CA PHE B 164 91.72 -50.24 10.89
C PHE B 164 92.44 -51.04 11.96
N ASP B 165 92.86 -52.27 11.64
CA ASP B 165 93.64 -53.07 12.58
C ASP B 165 95.03 -52.49 12.81
N ALA B 166 95.56 -51.73 11.83
CA ALA B 166 96.87 -51.12 12.00
C ALA B 166 96.90 -50.16 13.17
N MET B 167 95.86 -49.34 13.32
CA MET B 167 95.76 -48.46 14.48
C MET B 167 95.04 -49.17 15.62
N ALA B 172 100.03 -48.28 17.24
CA ALA B 172 99.73 -46.90 17.70
C ALA B 172 101.02 -46.06 17.82
N ASN B 173 101.64 -45.70 16.67
CA ASN B 173 102.91 -44.90 16.65
C ASN B 173 102.69 -43.68 15.73
N ASP B 174 103.41 -42.56 15.93
CA ASP B 174 103.12 -41.33 15.16
C ASP B 174 103.31 -41.52 13.65
N GLU B 175 104.40 -42.15 13.24
CA GLU B 175 104.63 -42.27 11.78
C GLU B 175 103.50 -43.14 11.22
N VAL B 176 103.14 -44.19 11.94
CA VAL B 176 102.04 -45.08 11.50
C VAL B 176 100.85 -44.16 11.26
N GLN B 177 100.50 -43.33 12.22
CA GLN B 177 99.26 -42.51 12.09
C GLN B 177 99.36 -41.54 10.92
N LYS B 178 100.44 -40.77 10.83
CA LYS B 178 100.55 -39.74 9.77
C LYS B 178 100.50 -40.46 8.42
N LEU B 179 100.74 -41.77 8.42
CA LEU B 179 100.70 -42.56 7.16
C LEU B 179 99.40 -43.34 7.14
N GLY B 180 98.78 -43.54 8.30
CA GLY B 180 97.45 -44.17 8.28
C GLY B 180 96.57 -43.20 7.56
N CYS B 181 96.73 -41.92 7.89
CA CYS B 181 96.02 -40.86 7.13
C CYS B 181 97.02 -40.44 6.05
N LYS B 182 96.63 -39.75 4.98
CA LYS B 182 97.50 -39.48 3.79
C LYS B 182 97.27 -40.74 3.00
N ALA B 183 96.59 -41.67 3.64
CA ALA B 183 96.16 -42.92 3.03
C ALA B 183 94.78 -42.87 3.65
N LEU B 184 93.84 -43.69 3.20
CA LEU B 184 92.44 -43.54 3.69
C LEU B 184 91.92 -42.28 3.00
N HIS B 185 92.60 -41.15 3.19
CA HIS B 185 92.19 -39.94 2.44
C HIS B 185 91.81 -40.33 1.02
N VAL B 186 92.56 -41.22 0.34
CA VAL B 186 92.07 -41.52 -1.00
C VAL B 186 91.07 -42.66 -0.99
N LEU B 187 91.15 -43.54 0.02
CA LEU B 187 90.23 -44.67 0.07
C LEU B 187 88.80 -44.24 0.34
N PHE B 188 88.59 -43.02 0.83
CA PHE B 188 87.24 -42.57 1.07
C PHE B 188 86.59 -41.99 -0.17
N GLU B 189 87.31 -41.93 -1.30
CA GLU B 189 86.75 -41.31 -2.50
C GLU B 189 85.58 -42.09 -3.09
N ARG B 190 85.58 -43.41 -2.89
CA ARG B 190 84.54 -44.22 -3.58
C ARG B 190 84.30 -45.50 -2.79
N VAL B 191 84.42 -45.42 -1.47
CA VAL B 191 84.11 -46.62 -0.64
C VAL B 191 82.65 -46.97 -0.88
N SER B 192 81.76 -45.96 -0.97
CA SER B 192 80.28 -46.10 -1.15
C SER B 192 79.65 -45.22 -0.09
N GLU B 193 78.53 -44.57 -0.39
CA GLU B 193 77.85 -43.80 0.68
C GLU B 193 77.48 -44.83 1.74
N GLU B 194 77.05 -46.00 1.29
CA GLU B 194 76.73 -47.08 2.24
C GLU B 194 78.01 -47.49 2.97
N GLN B 195 79.12 -47.56 2.24
CA GLN B 195 80.35 -48.05 2.91
C GLN B 195 80.69 -47.07 4.04
N LEU B 196 80.53 -45.78 3.75
CA LEU B 196 80.79 -44.76 4.78
C LEU B 196 79.80 -45.02 5.91
N THR B 197 78.56 -45.37 5.56
CA THR B 197 77.53 -45.56 6.61
C THR B 197 77.96 -46.73 7.51
N GLU B 198 78.45 -47.81 6.90
CA GLU B 198 78.95 -48.94 7.72
C GLU B 198 80.11 -48.39 8.54
N PHE B 199 80.96 -47.58 7.90
CA PHE B 199 82.15 -47.04 8.58
C PHE B 199 81.74 -46.17 9.77
N VAL B 200 80.67 -45.40 9.63
CA VAL B 200 80.32 -44.43 10.71
C VAL B 200 80.11 -45.18 12.02
N GLU B 201 79.59 -46.41 11.95
CA GLU B 201 79.28 -47.16 13.19
C GLU B 201 80.55 -47.40 14.02
N ASN B 202 81.64 -47.81 13.38
CA ASN B 202 82.84 -48.18 14.19
C ASN B 202 84.10 -47.43 13.76
N LYS B 203 84.20 -47.06 12.49
CA LYS B 203 85.47 -46.45 11.99
C LYS B 203 85.78 -45.11 12.65
N ASP B 204 84.78 -44.30 12.95
CA ASP B 204 85.08 -42.93 13.44
C ASP B 204 86.00 -43.03 14.64
N TYR B 205 85.72 -43.96 15.55
CA TYR B 205 86.53 -44.03 16.79
C TYR B 205 87.99 -44.36 16.46
N MET B 206 88.21 -45.24 15.48
CA MET B 206 89.60 -45.70 15.19
C MET B 206 90.39 -44.55 14.61
N ILE B 207 89.74 -43.43 14.34
CA ILE B 207 90.48 -42.24 13.86
C ILE B 207 90.25 -41.08 14.81
N LEU B 208 89.03 -40.56 14.86
CA LEU B 208 88.78 -39.32 15.63
C LEU B 208 89.25 -39.53 17.06
N LEU B 209 88.80 -40.62 17.66
CA LEU B 209 89.26 -40.90 19.02
C LEU B 209 90.73 -41.30 18.95
N SER B 210 91.06 -42.11 17.95
CA SER B 210 92.43 -42.66 17.93
C SER B 210 93.50 -41.61 17.73
N ALA B 211 93.27 -40.62 16.89
CA ALA B 211 94.42 -39.74 16.60
C ALA B 211 94.21 -38.26 16.90
N LEU B 212 93.00 -37.73 16.77
CA LEU B 212 92.91 -36.25 16.92
C LEU B 212 93.43 -35.91 18.31
N THR B 213 92.99 -36.67 19.30
CA THR B 213 93.55 -36.47 20.66
C THR B 213 95.01 -36.87 20.70
N ASN B 214 95.35 -38.03 20.13
CA ASN B 214 96.72 -38.58 20.27
C ASN B 214 97.79 -37.70 19.62
N PHE B 215 97.52 -37.16 18.44
CA PHE B 215 98.56 -36.39 17.71
C PHE B 215 98.16 -34.92 17.68
N LYS B 216 97.39 -34.48 18.68
CA LYS B 216 97.01 -33.05 18.76
C LYS B 216 98.18 -32.15 18.34
N ASP B 217 99.42 -32.64 18.41
CA ASP B 217 100.56 -31.83 17.96
C ASP B 217 101.21 -32.43 16.72
N GLU B 218 100.41 -32.56 15.66
CA GLU B 218 100.90 -33.06 14.38
C GLU B 218 100.03 -32.44 13.28
N GLU B 219 100.54 -31.37 12.66
CA GLU B 219 99.75 -30.56 11.73
C GLU B 219 99.28 -31.39 10.54
N GLU B 220 100.19 -32.17 9.95
CA GLU B 220 99.82 -32.98 8.79
C GLU B 220 98.80 -34.04 9.17
N ILE B 221 98.96 -34.66 10.35
CA ILE B 221 98.01 -35.65 10.82
C ILE B 221 96.64 -35.02 11.04
N VAL B 222 96.62 -33.80 11.61
CA VAL B 222 95.35 -33.10 11.80
C VAL B 222 94.70 -32.79 10.46
N LEU B 223 95.50 -32.38 9.47
CA LEU B 223 94.97 -32.12 8.13
C LEU B 223 94.33 -33.37 7.55
N HIS B 224 95.04 -34.49 7.62
CA HIS B 224 94.54 -35.74 7.05
C HIS B 224 93.28 -36.22 7.76
N VAL B 225 93.27 -36.14 9.10
CA VAL B 225 92.10 -36.55 9.88
C VAL B 225 90.90 -35.67 9.54
N LEU B 226 91.11 -34.35 9.47
CA LEU B 226 90.02 -33.44 9.18
C LEU B 226 89.45 -33.69 7.79
N HIS B 227 90.30 -33.92 6.80
CA HIS B 227 89.74 -34.12 5.48
C HIS B 227 89.15 -35.52 5.33
N CYS B 228 89.62 -36.50 6.10
CA CYS B 228 88.95 -37.79 6.15
C CYS B 228 87.55 -37.66 6.76
N LEU B 229 87.42 -36.80 7.78
CA LEU B 229 86.11 -36.48 8.31
C LEU B 229 85.23 -35.83 7.26
N HIS B 230 85.80 -34.91 6.49
CA HIS B 230 85.11 -34.32 5.34
C HIS B 230 84.60 -35.39 4.38
N SER B 231 85.48 -36.31 3.99
CA SER B 231 85.12 -37.35 3.05
C SER B 231 84.03 -38.27 3.59
N LEU B 232 84.08 -38.61 4.87
CA LEU B 232 83.04 -39.47 5.44
C LEU B 232 81.75 -38.72 5.71
N ALA B 233 81.79 -37.39 5.76
CA ALA B 233 80.60 -36.59 6.03
C ALA B 233 79.67 -36.44 4.82
N ILE B 234 79.96 -37.11 3.70
CA ILE B 234 79.11 -36.96 2.51
C ILE B 234 77.67 -37.39 2.73
N PRO B 235 77.38 -38.59 3.27
CA PRO B 235 75.97 -38.99 3.44
C PRO B 235 75.23 -38.07 4.40
N CYS B 236 73.95 -37.86 4.10
CA CYS B 236 73.13 -36.96 4.91
C CYS B 236 72.70 -37.59 6.23
N ASN B 237 72.49 -38.90 6.26
CA ASN B 237 72.02 -39.55 7.47
C ASN B 237 73.05 -39.52 8.60
N ASN B 238 74.34 -39.42 8.25
CA ASN B 238 75.40 -39.51 9.25
C ASN B 238 75.61 -38.25 10.06
N VAL B 239 74.91 -37.15 9.73
CA VAL B 239 75.08 -35.92 10.49
C VAL B 239 74.62 -36.11 11.92
N GLU B 240 73.53 -36.86 12.13
CA GLU B 240 73.06 -37.14 13.48
C GLU B 240 74.12 -37.95 14.21
N VAL B 241 74.75 -38.90 13.51
CA VAL B 241 75.81 -39.67 14.15
C VAL B 241 76.98 -38.74 14.47
N LEU B 242 77.32 -37.84 13.54
CA LEU B 242 78.41 -36.90 13.81
C LEU B 242 78.05 -35.92 14.92
N MET B 243 76.77 -35.57 15.05
CA MET B 243 76.30 -34.70 16.12
C MET B 243 75.72 -35.48 17.30
N SER B 244 76.23 -36.68 17.57
CA SER B 244 75.71 -37.45 18.70
C SER B 244 75.96 -36.74 20.02
N GLY B 245 77.17 -36.21 20.21
CA GLY B 245 77.46 -35.45 21.42
C GLY B 245 78.21 -34.17 21.10
N ASN B 246 77.97 -33.60 19.92
CA ASN B 246 78.66 -32.40 19.43
C ASN B 246 80.17 -32.58 19.40
N VAL B 247 80.63 -33.82 19.18
CA VAL B 247 82.06 -34.10 19.14
C VAL B 247 82.72 -33.49 17.91
N ARG B 248 82.04 -33.56 16.75
CA ARG B 248 82.62 -33.03 15.53
C ARG B 248 82.81 -31.53 15.63
N CYS B 249 81.80 -30.82 16.13
CA CYS B 249 81.84 -29.36 16.21
C CYS B 249 82.94 -28.93 17.17
N TYR B 250 83.05 -29.62 18.31
CA TYR B 250 83.99 -29.22 19.34
C TYR B 250 85.41 -29.46 18.83
N ASN B 251 85.67 -30.65 18.27
CA ASN B 251 87.02 -30.97 17.85
C ASN B 251 87.47 -30.04 16.74
N ILE B 252 86.60 -29.76 15.76
CA ILE B 252 87.01 -28.88 14.66
C ILE B 252 87.24 -27.46 15.16
N VAL B 253 86.39 -26.98 16.10
CA VAL B 253 86.56 -25.65 16.64
C VAL B 253 87.87 -25.54 17.41
N VAL B 254 88.18 -26.56 18.22
CA VAL B 254 89.43 -26.57 18.98
C VAL B 254 90.63 -26.60 18.05
N GLU B 255 90.56 -27.42 16.99
CA GLU B 255 91.66 -27.50 16.03
C GLU B 255 91.87 -26.16 15.34
N ALA B 256 90.79 -25.51 14.91
CA ALA B 256 90.91 -24.20 14.27
C ALA B 256 91.48 -23.16 15.23
N MET B 257 91.05 -23.19 16.49
CA MET B 257 91.50 -22.20 17.46
C MET B 257 92.98 -22.36 17.80
N LYS B 258 93.39 -23.59 18.12
CA LYS B 258 94.72 -23.82 18.69
C LYS B 258 95.74 -24.37 17.70
N ALA B 259 95.39 -25.45 16.99
CA ALA B 259 96.35 -26.13 16.13
C ALA B 259 96.86 -25.25 15.00
N PHE B 260 95.98 -24.44 14.41
CA PHE B 260 96.32 -23.66 13.22
C PHE B 260 95.86 -22.21 13.33
N PRO B 261 96.58 -21.39 14.10
CA PRO B 261 96.32 -19.94 14.03
C PRO B 261 96.66 -19.34 12.66
N MET B 262 97.67 -19.86 11.96
CA MET B 262 98.12 -19.28 10.70
C MET B 262 98.42 -20.35 9.67
N SER B 263 97.54 -21.34 9.53
CA SER B 263 97.69 -22.38 8.51
C SER B 263 96.47 -22.33 7.59
N GLU B 264 96.73 -22.18 6.29
CA GLU B 264 95.64 -22.02 5.32
C GLU B 264 94.90 -23.33 5.09
N ARG B 265 95.63 -24.44 4.93
CA ARG B 265 95.02 -25.71 4.59
C ARG B 265 94.09 -26.20 5.70
N ILE B 266 94.53 -26.11 6.96
CA ILE B 266 93.72 -26.56 8.08
C ILE B 266 92.41 -25.77 8.13
N GLN B 267 92.52 -24.45 8.03
CA GLN B 267 91.34 -23.59 8.10
C GLN B 267 90.40 -23.86 6.94
N GLU B 268 90.95 -24.08 5.74
CA GLU B 268 90.11 -24.37 4.58
C GLU B 268 89.35 -25.68 4.76
N VAL B 269 90.03 -26.73 5.25
CA VAL B 269 89.38 -28.01 5.44
C VAL B 269 88.30 -27.90 6.52
N SER B 270 88.63 -27.28 7.66
CA SER B 270 87.64 -27.09 8.73
C SER B 270 86.46 -26.28 8.24
N CYS B 271 86.71 -25.28 7.40
CA CYS B 271 85.65 -24.48 6.83
C CYS B 271 84.75 -25.31 5.93
N CYS B 272 85.33 -26.21 5.15
CA CYS B 272 84.51 -27.05 4.28
C CYS B 272 83.67 -28.01 5.13
N LEU B 273 84.22 -28.51 6.24
CA LEU B 273 83.41 -29.25 7.19
C LEU B 273 82.25 -28.40 7.71
N LEU B 274 82.53 -27.14 8.06
CA LEU B 274 81.48 -26.25 8.53
C LEU B 274 80.38 -26.09 7.48
N HIS B 275 80.78 -25.91 6.21
CA HIS B 275 79.80 -25.72 5.14
C HIS B 275 78.96 -26.98 4.94
N ARG B 276 79.57 -28.16 4.96
CA ARG B 276 78.82 -29.38 4.75
C ARG B 276 78.05 -29.84 5.98
N LEU B 277 78.28 -29.25 7.14
CA LEU B 277 77.59 -29.64 8.37
C LEU B 277 76.57 -28.59 8.81
N THR B 278 75.86 -28.01 7.85
CA THR B 278 74.77 -27.07 8.12
C THR B 278 73.47 -27.67 7.62
N LEU B 279 72.49 -27.77 8.50
CA LEU B 279 71.23 -28.44 8.18
C LEU B 279 70.14 -27.93 9.12
N GLY B 280 69.02 -28.67 9.18
CA GLY B 280 67.93 -28.34 10.08
C GLY B 280 68.29 -28.33 11.56
N ASN B 281 69.40 -28.98 11.94
CA ASN B 281 69.90 -28.93 13.31
C ASN B 281 70.91 -27.80 13.53
N PHE B 282 70.78 -26.70 12.79
CA PHE B 282 71.72 -25.59 12.90
C PHE B 282 71.65 -24.86 14.25
N PHE B 283 70.64 -25.12 15.07
CA PHE B 283 70.47 -24.42 16.35
C PHE B 283 71.43 -24.98 17.41
N ASN B 284 72.72 -24.88 17.09
CA ASN B 284 73.81 -25.17 18.02
C ASN B 284 74.34 -23.87 18.65
N ILE B 285 73.46 -23.19 19.40
CA ILE B 285 73.55 -21.74 19.66
C ILE B 285 74.95 -21.34 20.11
N LEU B 286 75.40 -21.85 21.26
CA LEU B 286 76.74 -21.50 21.74
C LEU B 286 77.81 -21.89 20.71
N VAL B 287 77.77 -23.14 20.23
CA VAL B 287 78.66 -23.58 19.16
C VAL B 287 78.46 -22.74 17.89
N LEU B 288 77.21 -22.40 17.56
CA LEU B 288 76.92 -21.42 16.51
C LEU B 288 77.80 -20.17 16.63
N ASN B 289 77.70 -19.48 17.76
CA ASN B 289 78.50 -18.28 18.01
C ASN B 289 79.98 -18.55 17.81
N GLU B 290 80.48 -19.62 18.45
CA GLU B 290 81.87 -20.04 18.29
C GLU B 290 82.28 -20.15 16.83
N VAL B 291 81.60 -21.02 16.07
CA VAL B 291 81.98 -21.29 14.69
C VAL B 291 81.87 -20.02 13.87
N HIS B 292 80.87 -19.18 14.17
CA HIS B 292 80.70 -17.90 13.49
C HIS B 292 81.99 -17.09 13.60
N GLU B 293 82.45 -16.93 14.86
CA GLU B 293 83.71 -16.23 15.12
C GLU B 293 84.86 -16.83 14.33
N PHE B 294 84.99 -18.16 14.38
CA PHE B 294 86.07 -18.83 13.66
C PHE B 294 86.00 -18.52 12.16
N VAL B 295 84.79 -18.58 11.60
CA VAL B 295 84.59 -18.27 10.18
C VAL B 295 85.10 -16.87 9.88
N VAL B 296 84.73 -15.90 10.73
CA VAL B 296 85.20 -14.53 10.54
C VAL B 296 86.73 -14.52 10.51
N LYS B 297 87.35 -15.17 11.50
CA LYS B 297 88.81 -15.24 11.57
C LYS B 297 89.39 -15.74 10.25
N ALA B 298 88.80 -16.84 9.75
CA ALA B 298 89.23 -17.46 8.50
C ALA B 298 89.18 -16.47 7.34
N VAL B 299 88.03 -15.83 7.13
CA VAL B 299 87.88 -14.95 5.97
C VAL B 299 88.71 -13.68 6.14
N GLN B 300 89.09 -13.35 7.36
CA GLN B 300 89.94 -12.20 7.63
C GLN B 300 91.42 -12.52 7.53
N GLN B 301 91.80 -13.80 7.54
CA GLN B 301 93.21 -14.14 7.52
C GLN B 301 93.70 -14.82 6.25
N TYR B 302 92.83 -15.18 5.30
CA TYR B 302 93.27 -15.71 4.01
C TYR B 302 92.26 -15.41 2.91
N PRO B 303 92.29 -14.19 2.38
CA PRO B 303 91.29 -13.79 1.38
C PRO B 303 91.75 -13.98 -0.06
N GLU B 304 92.72 -14.84 -0.34
CA GLU B 304 93.28 -14.88 -1.70
C GLU B 304 92.80 -16.00 -2.62
N ASN B 305 92.13 -17.04 -2.13
CA ASN B 305 91.61 -18.05 -3.04
C ASN B 305 90.28 -18.61 -2.55
N ALA B 306 89.62 -19.36 -3.45
CA ALA B 306 88.39 -20.10 -3.16
C ALA B 306 88.53 -21.05 -1.97
N ALA B 307 89.77 -21.26 -1.54
CA ALA B 307 90.15 -22.10 -0.41
C ALA B 307 89.23 -21.94 0.80
N LEU B 308 88.95 -20.69 1.17
CA LEU B 308 88.03 -20.43 2.26
C LEU B 308 86.79 -19.65 1.87
N GLN B 309 86.88 -18.71 0.91
CA GLN B 309 85.80 -17.75 0.68
C GLN B 309 84.44 -18.39 0.43
N ILE B 310 84.34 -19.34 -0.51
CA ILE B 310 83.01 -19.80 -0.91
C ILE B 310 82.33 -20.56 0.22
N SER B 311 83.07 -21.48 0.86
CA SER B 311 82.47 -22.32 1.88
C SER B 311 82.06 -21.46 3.06
N ALA B 312 82.95 -20.54 3.48
CA ALA B 312 82.67 -19.76 4.65
C ALA B 312 81.50 -18.84 4.39
N LEU B 313 81.45 -18.22 3.21
CA LEU B 313 80.37 -17.26 2.97
C LEU B 313 79.02 -17.97 2.96
N SER B 314 78.91 -19.14 2.31
CA SER B 314 77.61 -19.82 2.32
C SER B 314 77.24 -20.25 3.75
N CYS B 315 78.24 -20.78 4.48
CA CYS B 315 77.99 -21.29 5.82
C CYS B 315 77.58 -20.12 6.69
N LEU B 316 78.29 -19.01 6.53
CA LEU B 316 78.12 -17.81 7.33
C LEU B 316 76.74 -17.25 7.09
N ALA B 317 76.30 -17.21 5.83
CA ALA B 317 74.99 -16.68 5.49
C ALA B 317 73.90 -17.44 6.22
N LEU B 318 73.94 -18.78 6.17
CA LEU B 318 72.87 -19.48 6.87
C LEU B 318 72.99 -19.25 8.37
N LEU B 319 74.21 -19.39 8.90
CA LEU B 319 74.36 -19.28 10.34
C LEU B 319 74.08 -17.87 10.84
N THR B 320 74.28 -16.85 9.99
CA THR B 320 73.98 -15.48 10.43
C THR B 320 72.49 -15.29 10.52
N GLU B 321 71.75 -15.86 9.55
CA GLU B 321 70.30 -15.81 9.66
C GLU B 321 69.88 -16.41 11.00
N THR B 322 70.38 -17.61 11.31
CA THR B 322 69.95 -18.26 12.55
C THR B 322 70.39 -17.48 13.80
N ILE B 323 71.62 -16.94 13.78
CA ILE B 323 72.20 -16.27 14.96
C ILE B 323 71.51 -14.94 15.27
N PHE B 324 71.21 -14.14 14.25
CA PHE B 324 70.72 -12.78 14.49
C PHE B 324 69.36 -12.75 15.18
N LEU B 325 68.47 -13.67 14.82
CA LEU B 325 67.18 -13.83 15.50
C LEU B 325 67.31 -13.91 17.03
N GLU B 344 80.70 -3.48 13.53
CA GLU B 344 81.05 -4.67 14.32
C GLU B 344 81.22 -5.88 13.41
N ASP B 345 80.54 -6.98 13.77
CA ASP B 345 80.58 -8.19 12.96
C ASP B 345 80.01 -7.96 11.56
N LYS B 346 78.90 -7.21 11.48
CA LYS B 346 78.29 -6.92 10.19
C LYS B 346 79.21 -6.11 9.29
N LEU B 347 79.91 -5.11 9.84
CA LEU B 347 80.85 -4.33 9.05
C LEU B 347 81.99 -5.19 8.52
N PHE B 348 82.50 -6.09 9.36
CA PHE B 348 83.55 -7.01 8.93
C PHE B 348 83.05 -7.93 7.82
N TRP B 349 81.81 -8.40 7.95
CA TRP B 349 81.20 -9.23 6.91
C TRP B 349 81.06 -8.47 5.60
N LEU B 350 80.65 -7.20 5.68
CA LEU B 350 80.55 -6.37 4.47
C LEU B 350 81.90 -6.23 3.80
N GLU B 351 82.94 -5.96 4.59
CA GLU B 351 84.28 -5.80 4.02
C GLU B 351 84.77 -7.10 3.40
N ALA B 352 84.57 -8.22 4.10
CA ALA B 352 85.01 -9.51 3.59
C ALA B 352 84.27 -9.84 2.29
N CYS B 353 82.97 -9.57 2.23
CA CYS B 353 82.21 -9.80 1.02
C CYS B 353 82.71 -8.91 -0.12
N TYR B 354 83.05 -7.66 0.18
CA TYR B 354 83.52 -6.75 -0.86
C TYR B 354 84.84 -7.23 -1.45
N LYS B 355 85.80 -7.62 -0.60
CA LYS B 355 87.03 -8.21 -1.14
C LYS B 355 86.77 -9.54 -1.85
N ALA B 356 85.77 -10.31 -1.39
CA ALA B 356 85.44 -11.56 -2.06
C ALA B 356 84.99 -11.31 -3.50
N LEU B 357 84.11 -10.32 -3.69
CA LEU B 357 83.74 -9.95 -5.06
C LEU B 357 84.93 -9.37 -5.82
N THR B 358 85.75 -8.56 -5.17
CA THR B 358 86.82 -7.85 -5.85
C THR B 358 87.88 -8.80 -6.39
N TRP B 359 88.29 -9.78 -5.58
CA TRP B 359 89.47 -10.57 -5.92
C TRP B 359 89.16 -11.86 -6.67
N HIS B 360 87.88 -12.21 -6.85
CA HIS B 360 87.51 -13.46 -7.51
C HIS B 360 86.38 -13.23 -8.50
N ARG B 361 86.53 -12.20 -9.35
CA ARG B 361 85.49 -11.91 -10.33
C ARG B 361 85.31 -13.01 -11.36
N LYS B 362 86.35 -13.83 -11.59
CA LYS B 362 86.30 -14.82 -12.66
C LYS B 362 85.54 -16.08 -12.28
N ASN B 363 85.30 -16.33 -10.99
CA ASN B 363 84.66 -17.55 -10.53
C ASN B 363 83.19 -17.26 -10.21
N LYS B 364 82.28 -18.00 -10.87
CA LYS B 364 80.85 -17.83 -10.64
C LYS B 364 80.48 -18.16 -9.20
N HIS B 365 81.00 -19.27 -8.68
CA HIS B 365 80.59 -19.77 -7.37
C HIS B 365 80.94 -18.80 -6.25
N VAL B 366 82.14 -18.22 -6.31
CA VAL B 366 82.58 -17.30 -5.26
C VAL B 366 81.66 -16.09 -5.19
N GLN B 367 81.38 -15.49 -6.35
CA GLN B 367 80.50 -14.33 -6.40
C GLN B 367 79.10 -14.68 -5.95
N GLU B 368 78.59 -15.83 -6.37
CA GLU B 368 77.25 -16.26 -5.96
C GLU B 368 77.16 -16.38 -4.45
N ALA B 369 78.11 -17.10 -3.84
CA ALA B 369 78.09 -17.28 -2.40
C ALA B 369 78.23 -15.96 -1.67
N ALA B 370 79.11 -15.08 -2.17
CA ALA B 370 79.37 -13.81 -1.50
C ALA B 370 78.14 -12.90 -1.54
N CYS B 371 77.53 -12.75 -2.73
CA CYS B 371 76.34 -11.92 -2.82
C CYS B 371 75.17 -12.52 -2.06
N TRP B 372 75.07 -13.85 -2.01
CA TRP B 372 74.05 -14.49 -1.20
C TRP B 372 74.25 -14.18 0.28
N ALA B 373 75.51 -14.22 0.73
CA ALA B 373 75.82 -13.87 2.11
C ALA B 373 75.48 -12.43 2.40
N LEU B 374 75.79 -11.53 1.46
CA LEU B 374 75.45 -10.12 1.64
C LEU B 374 73.94 -9.94 1.74
N ASN B 375 73.18 -10.63 0.89
CA ASN B 375 71.73 -10.56 0.95
C ASN B 375 71.20 -11.04 2.30
N ASN B 376 71.67 -12.21 2.74
CA ASN B 376 71.16 -12.78 3.99
C ASN B 376 71.55 -11.94 5.19
N LEU B 377 72.71 -11.29 5.15
CA LEU B 377 73.10 -10.37 6.22
C LEU B 377 72.22 -9.13 6.21
N LEU B 378 72.06 -8.50 5.04
CA LEU B 378 71.27 -7.27 4.95
C LEU B 378 69.80 -7.51 5.28
N MET B 379 69.31 -8.74 5.10
CA MET B 379 67.92 -9.04 5.40
C MET B 379 67.63 -8.88 6.90
N TYR B 380 68.52 -9.37 7.74
CA TYR B 380 68.31 -9.32 9.18
C TYR B 380 68.92 -8.10 9.86
N GLN B 381 69.70 -7.29 9.14
CA GLN B 381 70.34 -6.11 9.72
C GLN B 381 70.23 -4.97 8.71
N ASN B 382 69.31 -4.04 8.96
CA ASN B 382 69.06 -2.93 8.06
C ASN B 382 69.74 -1.63 8.49
N SER B 383 70.36 -1.62 9.67
CA SER B 383 70.99 -0.40 10.20
C SER B 383 72.15 0.05 9.32
N LEU B 384 72.78 -0.87 8.60
CA LEU B 384 73.95 -0.55 7.77
C LEU B 384 73.56 -0.11 6.36
N HIS B 385 72.30 0.26 6.14
CA HIS B 385 71.88 0.71 4.81
C HIS B 385 72.67 1.93 4.36
N GLU B 386 72.91 2.88 5.27
CA GLU B 386 73.74 4.02 4.95
C GLU B 386 75.23 3.70 4.98
N LYS B 387 75.62 2.60 5.61
CA LYS B 387 77.02 2.20 5.67
C LYS B 387 77.54 1.66 4.35
N ILE B 388 76.67 1.44 3.37
CA ILE B 388 77.06 0.95 2.05
C ILE B 388 76.71 2.02 1.03
N GLY B 389 77.51 2.12 -0.02
CA GLY B 389 77.25 3.05 -1.10
C GLY B 389 78.53 3.44 -1.81
N ASP B 390 78.38 4.41 -2.73
CA ASP B 390 79.48 4.94 -3.51
C ASP B 390 80.34 5.93 -2.73
N GLU B 391 79.89 6.40 -1.57
CA GLU B 391 80.62 7.41 -0.83
C GLU B 391 81.83 6.79 -0.13
N ASP B 392 82.80 7.66 0.20
CA ASP B 392 84.01 7.20 0.88
C ASP B 392 83.67 6.68 2.27
N GLY B 393 84.35 5.60 2.67
CA GLY B 393 84.05 4.92 3.90
C GLY B 393 82.97 3.87 3.78
N HIS B 394 82.33 3.75 2.63
CA HIS B 394 81.30 2.76 2.36
C HIS B 394 81.71 1.93 1.15
N PHE B 395 81.63 0.61 1.28
CA PHE B 395 82.01 -0.28 0.20
C PHE B 395 81.07 -0.11 -0.99
N PRO B 396 81.59 0.21 -2.18
CA PRO B 396 80.75 0.28 -3.39
C PRO B 396 80.37 -1.09 -3.94
N ALA B 397 79.58 -1.84 -3.17
CA ALA B 397 79.22 -3.20 -3.56
C ALA B 397 78.12 -3.25 -4.61
N HIS B 398 77.50 -2.11 -4.92
CA HIS B 398 76.44 -2.08 -5.91
C HIS B 398 77.01 -2.34 -7.29
N ARG B 399 77.97 -1.50 -7.73
CA ARG B 399 78.50 -1.66 -9.08
C ARG B 399 79.12 -3.04 -9.24
N GLU B 400 79.67 -3.58 -8.14
CA GLU B 400 80.32 -4.88 -8.23
C GLU B 400 79.28 -5.95 -8.46
N VAL B 401 78.11 -5.82 -7.79
CA VAL B 401 77.08 -6.83 -7.94
C VAL B 401 76.57 -6.79 -9.37
N MET B 402 76.42 -5.56 -9.90
CA MET B 402 75.89 -5.42 -11.25
C MET B 402 76.88 -6.04 -12.23
N LEU B 403 78.18 -5.84 -11.95
CA LEU B 403 79.17 -6.32 -12.88
C LEU B 403 79.13 -7.84 -12.86
N SER B 404 78.83 -8.41 -11.69
CA SER B 404 78.82 -9.86 -11.55
C SER B 404 77.70 -10.40 -12.42
N MET B 405 76.56 -9.69 -12.37
CA MET B 405 75.37 -10.13 -13.07
C MET B 405 75.67 -10.16 -14.56
N LEU B 406 76.26 -9.07 -15.05
CA LEU B 406 76.52 -8.98 -16.48
C LEU B 406 77.55 -10.01 -16.92
N MET B 407 78.61 -10.18 -16.15
CA MET B 407 79.69 -11.06 -16.58
C MET B 407 79.37 -12.54 -16.38
N HIS B 408 78.22 -12.88 -15.79
CA HIS B 408 77.88 -14.29 -15.64
C HIS B 408 76.38 -14.50 -15.92
N SER B 409 75.96 -14.12 -17.12
CA SER B 409 74.58 -14.26 -17.51
C SER B 409 74.17 -15.72 -17.71
N SER B 410 75.14 -16.60 -18.00
CA SER B 410 74.84 -17.98 -18.34
C SER B 410 74.35 -18.81 -17.16
N SER B 411 74.56 -18.34 -15.93
CA SER B 411 74.19 -19.10 -14.74
C SER B 411 72.98 -18.45 -14.09
N LYS B 412 71.97 -19.26 -13.79
CA LYS B 412 70.78 -18.73 -13.12
C LYS B 412 71.02 -18.49 -11.64
N GLU B 413 71.92 -19.24 -11.01
CA GLU B 413 72.13 -19.11 -9.56
C GLU B 413 72.72 -17.75 -9.20
N VAL B 414 73.73 -17.31 -9.95
CA VAL B 414 74.35 -16.02 -9.66
C VAL B 414 73.34 -14.89 -9.85
N PHE B 415 72.52 -14.97 -10.91
CA PHE B 415 71.48 -13.99 -11.13
C PHE B 415 70.49 -13.97 -9.98
N GLN B 416 70.02 -15.15 -9.57
CA GLN B 416 69.07 -15.24 -8.47
C GLN B 416 69.61 -14.58 -7.21
N ALA B 417 70.81 -14.98 -6.79
CA ALA B 417 71.35 -14.48 -5.54
C ALA B 417 71.65 -12.98 -5.60
N SER B 418 72.32 -12.54 -6.66
CA SER B 418 72.68 -11.12 -6.78
C SER B 418 71.44 -10.25 -6.95
N ALA B 419 70.44 -10.73 -7.70
CA ALA B 419 69.21 -9.98 -7.87
C ALA B 419 68.49 -9.82 -6.55
N ASN B 420 68.38 -10.91 -5.78
CA ASN B 420 67.77 -10.80 -4.45
C ASN B 420 68.54 -9.83 -3.57
N ALA B 421 69.88 -9.88 -3.64
CA ALA B 421 70.71 -9.01 -2.83
C ALA B 421 70.46 -7.54 -3.13
N LEU B 422 70.56 -7.16 -4.42
CA LEU B 422 70.39 -5.75 -4.74
C LEU B 422 68.93 -5.31 -4.63
N SER B 423 67.98 -6.25 -4.75
CA SER B 423 66.58 -5.90 -4.50
C SER B 423 66.36 -5.56 -3.04
N THR B 424 66.91 -6.37 -2.13
CA THR B 424 66.84 -6.06 -0.71
C THR B 424 67.55 -4.76 -0.39
N LEU B 425 68.69 -4.51 -1.03
CA LEU B 425 69.41 -3.26 -0.85
C LEU B 425 68.57 -2.07 -1.29
N LEU B 426 67.91 -2.18 -2.45
CA LEU B 426 67.08 -1.10 -2.95
C LEU B 426 65.88 -0.87 -2.03
N GLU B 427 65.29 -1.94 -1.52
CA GLU B 427 64.18 -1.81 -0.58
C GLU B 427 64.63 -1.15 0.73
N GLN B 428 65.87 -1.41 1.14
CA GLN B 428 66.36 -0.84 2.40
C GLN B 428 66.57 0.66 2.31
N ASN B 429 67.25 1.11 1.25
CA ASN B 429 67.61 2.51 1.08
C ASN B 429 66.97 3.06 -0.17
N VAL B 430 66.20 4.15 -0.02
CA VAL B 430 65.47 4.72 -1.14
C VAL B 430 66.38 5.53 -2.06
N ASN B 431 67.54 5.97 -1.58
CA ASN B 431 68.42 6.83 -2.38
C ASN B 431 68.94 6.09 -3.60
N PHE B 432 69.22 4.79 -3.48
CA PHE B 432 69.74 4.02 -4.61
C PHE B 432 68.74 3.91 -5.76
N ARG B 433 67.46 4.17 -5.51
CA ARG B 433 66.48 4.20 -6.58
C ARG B 433 66.82 5.32 -7.56
N LYS B 434 66.55 5.07 -8.84
CA LYS B 434 66.77 5.97 -9.98
C LYS B 434 68.25 6.19 -10.29
N ILE B 435 69.17 5.62 -9.51
CA ILE B 435 70.59 5.65 -9.81
C ILE B 435 71.00 4.45 -10.65
N LEU B 436 70.62 3.25 -10.21
CA LEU B 436 70.77 2.09 -11.06
C LEU B 436 69.90 2.21 -12.30
N LEU B 437 68.71 2.83 -12.17
CA LEU B 437 67.87 3.07 -13.33
C LEU B 437 68.60 3.91 -14.37
N SER B 438 69.30 4.95 -13.92
CA SER B 438 70.14 5.74 -14.81
C SER B 438 71.40 5.00 -15.23
N LYS B 439 71.74 3.89 -14.56
CA LYS B 439 72.93 3.13 -14.90
C LYS B 439 72.68 1.99 -15.87
N GLY B 440 71.43 1.73 -16.26
CA GLY B 440 71.14 0.68 -17.22
C GLY B 440 70.82 -0.67 -16.63
N ILE B 441 69.84 -0.73 -15.74
CA ILE B 441 69.52 -2.00 -15.08
C ILE B 441 68.24 -2.60 -15.65
N HIS B 442 67.28 -1.74 -16.05
CA HIS B 442 65.95 -2.20 -16.40
C HIS B 442 65.94 -3.02 -17.69
N LEU B 443 66.32 -2.39 -18.81
CA LEU B 443 66.35 -3.09 -20.09
C LEU B 443 67.35 -4.24 -20.06
N ASN B 444 68.40 -4.11 -19.25
CA ASN B 444 69.42 -5.14 -19.15
C ASN B 444 68.86 -6.40 -18.52
N VAL B 445 68.16 -6.28 -17.40
CA VAL B 445 67.54 -7.46 -16.81
C VAL B 445 66.39 -7.96 -17.65
N LEU B 446 65.71 -7.07 -18.38
CA LEU B 446 64.68 -7.53 -19.31
C LEU B 446 65.27 -8.45 -20.37
N GLU B 447 66.40 -8.05 -20.95
CA GLU B 447 67.11 -8.92 -21.88
C GLU B 447 67.58 -10.20 -21.21
N LEU B 448 67.97 -10.13 -19.94
CA LEU B 448 68.41 -11.34 -19.24
C LEU B 448 67.26 -12.34 -19.03
N MET B 449 66.09 -11.87 -18.57
CA MET B 449 64.94 -12.77 -18.50
C MET B 449 64.51 -13.24 -19.88
N GLN B 450 64.77 -12.44 -20.92
CA GLN B 450 64.55 -12.95 -22.28
C GLN B 450 65.48 -14.11 -22.58
N LYS B 451 66.72 -14.02 -22.11
CA LYS B 451 67.69 -15.09 -22.33
C LYS B 451 67.41 -16.30 -21.46
N HIS B 452 67.04 -16.08 -20.20
CA HIS B 452 66.77 -17.15 -19.24
C HIS B 452 65.29 -17.16 -18.92
N ILE B 453 64.57 -18.13 -19.50
CA ILE B 453 63.12 -18.21 -19.38
C ILE B 453 62.64 -19.56 -18.85
N HIS B 454 63.43 -20.62 -18.99
CA HIS B 454 63.00 -21.98 -18.66
C HIS B 454 62.81 -22.22 -17.16
N SER B 455 63.25 -21.29 -16.31
CA SER B 455 63.10 -21.48 -14.88
C SER B 455 62.12 -20.45 -14.29
N PRO B 456 61.35 -20.83 -13.27
CA PRO B 456 60.43 -19.85 -12.65
C PRO B 456 61.09 -18.99 -11.59
N GLU B 457 62.11 -19.51 -10.92
CA GLU B 457 62.78 -18.76 -9.86
C GLU B 457 63.44 -17.50 -10.39
N VAL B 458 64.09 -17.59 -11.55
CA VAL B 458 64.73 -16.43 -12.15
C VAL B 458 63.69 -15.36 -12.49
N ALA B 459 62.54 -15.78 -13.05
CA ALA B 459 61.49 -14.83 -13.39
C ALA B 459 60.91 -14.17 -12.15
N GLU B 460 60.71 -14.96 -11.09
CA GLU B 460 60.17 -14.40 -9.85
C GLU B 460 61.13 -13.39 -9.24
N SER B 461 62.43 -13.71 -9.21
CA SER B 461 63.41 -12.79 -8.66
C SER B 461 63.48 -11.52 -9.49
N GLY B 462 63.43 -11.64 -10.82
CA GLY B 462 63.43 -10.47 -11.67
C GLY B 462 62.22 -9.58 -11.45
N CYS B 463 61.04 -10.19 -11.35
CA CYS B 463 59.82 -9.40 -11.12
C CYS B 463 59.86 -8.72 -9.76
N LYS B 464 60.34 -9.42 -8.73
CA LYS B 464 60.47 -8.80 -7.41
C LYS B 464 61.44 -7.63 -7.45
N MET B 465 62.56 -7.80 -8.15
CA MET B 465 63.54 -6.72 -8.24
C MET B 465 62.98 -5.52 -8.99
N LEU B 466 62.23 -5.76 -10.07
CA LEU B 466 61.57 -4.65 -10.76
C LEU B 466 60.56 -3.95 -9.86
N ASN B 467 59.80 -4.73 -9.08
CA ASN B 467 58.83 -4.15 -8.17
C ASN B 467 59.50 -3.24 -7.16
N HIS B 468 60.59 -3.70 -6.54
CA HIS B 468 61.25 -2.89 -5.52
C HIS B 468 62.11 -1.79 -6.11
N LEU B 469 62.45 -1.87 -7.40
CA LEU B 469 63.21 -0.81 -8.06
C LEU B 469 62.30 0.33 -8.50
N PHE B 470 61.19 0.02 -9.14
CA PHE B 470 60.35 1.04 -9.76
C PHE B 470 59.33 1.65 -8.80
N GLU B 471 59.29 1.21 -7.55
CA GLU B 471 58.37 1.78 -6.58
C GLU B 471 58.74 3.23 -6.27
N GLY B 472 57.71 4.06 -6.13
CA GLY B 472 57.93 5.46 -5.81
C GLY B 472 58.53 6.29 -6.92
N SER B 473 58.40 5.85 -8.17
CA SER B 473 58.97 6.57 -9.30
C SER B 473 57.97 6.62 -10.43
N ASN B 474 58.13 7.62 -11.30
CA ASN B 474 57.28 7.81 -12.47
C ASN B 474 58.15 7.67 -13.73
N THR B 475 57.67 6.87 -14.68
CA THR B 475 58.39 6.59 -15.91
C THR B 475 57.70 7.28 -17.09
N SER B 476 58.33 7.18 -18.26
CA SER B 476 57.82 7.76 -19.49
C SER B 476 57.15 6.69 -20.35
N LEU B 477 56.61 7.12 -21.49
CA LEU B 477 55.95 6.19 -22.41
C LEU B 477 56.95 5.19 -23.00
N ASP B 478 58.17 5.66 -23.31
CA ASP B 478 59.20 4.77 -23.85
C ASP B 478 59.54 3.67 -22.85
N ILE B 479 59.69 4.03 -21.58
CA ILE B 479 59.95 3.02 -20.55
C ILE B 479 58.78 2.06 -20.44
N MET B 480 57.55 2.56 -20.58
CA MET B 480 56.37 1.70 -20.56
C MET B 480 56.42 0.68 -21.69
N ALA B 481 56.72 1.13 -22.90
CA ALA B 481 56.82 0.23 -24.04
C ALA B 481 57.99 -0.74 -23.91
N ALA B 482 59.06 -0.34 -23.22
CA ALA B 482 60.20 -1.21 -23.05
C ALA B 482 60.06 -2.19 -21.89
N VAL B 483 59.13 -1.95 -20.97
CA VAL B 483 58.97 -2.76 -19.77
C VAL B 483 57.75 -3.67 -19.85
N VAL B 484 56.56 -3.10 -20.13
CA VAL B 484 55.32 -3.87 -20.00
C VAL B 484 55.25 -5.09 -20.92
N PRO B 485 55.55 -5.00 -22.23
CA PRO B 485 55.45 -6.23 -23.05
C PRO B 485 56.34 -7.37 -22.61
N LYS B 486 57.59 -7.07 -22.22
CA LYS B 486 58.52 -8.12 -21.83
C LYS B 486 58.05 -8.82 -20.56
N ILE B 487 57.63 -8.05 -19.56
CA ILE B 487 57.15 -8.66 -18.31
C ILE B 487 55.83 -9.40 -18.55
N LEU B 488 54.99 -8.90 -19.46
CA LEU B 488 53.77 -9.62 -19.79
C LEU B 488 54.07 -10.96 -20.43
N THR B 489 55.04 -11.00 -21.35
CA THR B 489 55.44 -12.26 -21.98
C THR B 489 56.04 -13.22 -20.95
N VAL B 490 56.85 -12.69 -20.03
CA VAL B 490 57.43 -13.53 -18.98
C VAL B 490 56.33 -14.12 -18.10
N MET B 491 55.35 -13.30 -17.70
CA MET B 491 54.25 -13.78 -16.88
C MET B 491 53.42 -14.82 -17.62
N LYS B 492 53.22 -14.63 -18.93
CA LYS B 492 52.52 -15.64 -19.73
C LYS B 492 53.30 -16.94 -19.80
N ARG B 493 54.63 -16.85 -19.95
CA ARG B 493 55.45 -18.06 -20.06
C ARG B 493 55.47 -18.86 -18.75
N HIS B 494 55.37 -18.18 -17.61
CA HIS B 494 55.24 -18.84 -16.31
C HIS B 494 53.92 -18.42 -15.68
N GLU B 495 52.85 -19.12 -16.06
CA GLU B 495 51.51 -18.78 -15.58
C GLU B 495 51.12 -19.58 -14.34
N THR B 496 51.67 -20.78 -14.18
CA THR B 496 51.25 -21.64 -13.08
C THR B 496 51.86 -21.21 -11.75
N SER B 497 53.12 -20.76 -11.77
CA SER B 497 53.82 -20.43 -10.53
C SER B 497 53.20 -19.20 -9.87
N LEU B 498 52.65 -19.40 -8.67
CA LEU B 498 52.02 -18.31 -7.93
C LEU B 498 52.96 -17.15 -7.60
N PRO B 499 54.16 -17.35 -7.04
CA PRO B 499 55.00 -16.19 -6.70
C PRO B 499 55.35 -15.30 -7.89
N VAL B 500 55.60 -15.91 -9.06
CA VAL B 500 55.90 -15.13 -10.26
C VAL B 500 54.72 -14.26 -10.63
N GLN B 501 53.51 -14.81 -10.58
CA GLN B 501 52.31 -14.04 -10.89
C GLN B 501 52.12 -12.90 -9.89
N LEU B 502 52.33 -13.17 -8.60
CA LEU B 502 52.17 -12.14 -7.58
C LEU B 502 53.15 -10.99 -7.82
N GLU B 503 54.43 -11.31 -8.00
CA GLU B 503 55.43 -10.27 -8.21
C GLU B 503 55.18 -9.49 -9.48
N ALA B 504 54.81 -10.19 -10.57
CA ALA B 504 54.53 -9.51 -11.82
C ALA B 504 53.34 -8.57 -11.70
N LEU B 505 52.27 -9.01 -11.02
CA LEU B 505 51.11 -8.15 -10.84
C LEU B 505 51.46 -6.92 -10.00
N ARG B 506 52.26 -7.12 -8.94
CA ARG B 506 52.67 -5.98 -8.13
C ARG B 506 53.50 -4.99 -8.94
N ALA B 507 54.42 -5.49 -9.77
CA ALA B 507 55.23 -4.62 -10.60
C ALA B 507 54.37 -3.83 -11.59
N ILE B 508 53.46 -4.53 -12.28
CA ILE B 508 52.59 -3.87 -13.25
C ILE B 508 51.72 -2.82 -12.54
N LEU B 509 51.27 -3.13 -11.32
CA LEU B 509 50.46 -2.17 -10.56
C LEU B 509 51.25 -0.91 -10.25
N HIS B 510 52.49 -1.08 -9.76
CA HIS B 510 53.30 0.09 -9.42
C HIS B 510 53.77 0.83 -10.66
N PHE B 511 53.75 0.20 -11.83
CA PHE B 511 54.35 0.78 -13.01
C PHE B 511 53.34 1.32 -14.02
N ILE B 512 52.06 0.96 -13.92
CA ILE B 512 51.10 1.33 -14.95
C ILE B 512 50.68 2.79 -14.81
N VAL B 513 50.52 3.29 -13.59
CA VAL B 513 50.06 4.66 -13.36
C VAL B 513 50.48 5.13 -11.98
N GLU B 525 49.60 15.94 -28.17
CA GLU B 525 50.97 15.48 -28.29
C GLU B 525 51.22 14.25 -27.43
N PHE B 526 51.26 14.45 -26.12
CA PHE B 526 51.46 13.33 -25.19
C PHE B 526 50.30 12.34 -25.26
N HIS B 527 49.08 12.84 -25.37
CA HIS B 527 47.90 11.96 -25.45
C HIS B 527 47.94 11.08 -26.69
N HIS B 528 48.36 11.63 -27.83
CA HIS B 528 48.48 10.86 -29.05
C HIS B 528 49.51 9.73 -28.91
N LYS B 529 50.65 10.03 -28.28
CA LYS B 529 51.65 8.97 -28.08
C LYS B 529 51.14 7.94 -27.09
N LEU B 530 50.49 8.38 -26.01
CA LEU B 530 50.02 7.47 -24.98
C LEU B 530 48.94 6.53 -25.50
N ASN B 531 48.14 6.98 -26.48
CA ASN B 531 47.10 6.13 -27.04
C ASN B 531 47.71 4.91 -27.73
N MET B 532 48.82 5.10 -28.43
CA MET B 532 49.51 4.00 -29.09
C MET B 532 49.99 2.97 -28.08
N VAL B 533 50.56 3.43 -26.96
CA VAL B 533 51.04 2.52 -25.93
C VAL B 533 49.87 1.79 -25.29
N LYS B 534 48.76 2.48 -25.04
CA LYS B 534 47.58 1.85 -24.46
C LYS B 534 47.05 0.75 -25.38
N LYS B 535 46.98 1.04 -26.68
CA LYS B 535 46.52 0.04 -27.64
C LYS B 535 47.48 -1.13 -27.72
N GLN B 536 48.79 -0.87 -27.72
CA GLN B 536 49.75 -1.96 -27.80
C GLN B 536 49.67 -2.84 -26.56
N CYS B 537 49.49 -2.21 -25.39
CA CYS B 537 49.35 -2.96 -24.14
C CYS B 537 48.13 -3.86 -24.19
N PHE B 538 47.00 -3.35 -24.68
CA PHE B 538 45.82 -4.20 -24.84
C PHE B 538 46.06 -5.29 -25.87
N LYS B 539 46.81 -4.99 -26.92
CA LYS B 539 47.17 -5.96 -27.94
C LYS B 539 48.08 -7.06 -27.40
N ASN B 540 48.77 -6.81 -26.29
CA ASN B 540 49.61 -7.82 -25.67
C ASN B 540 48.84 -8.80 -24.78
N ASP B 541 47.51 -8.72 -24.78
CA ASP B 541 46.64 -9.64 -24.03
C ASP B 541 46.94 -9.60 -22.53
N ILE B 542 47.19 -8.40 -22.00
CA ILE B 542 47.42 -8.24 -20.56
C ILE B 542 46.16 -8.62 -19.78
N HIS B 543 44.99 -8.18 -20.27
CA HIS B 543 43.74 -8.45 -19.57
C HIS B 543 43.45 -9.95 -19.50
N LYS B 544 43.66 -10.67 -20.61
CA LYS B 544 43.41 -12.11 -20.60
C LYS B 544 44.28 -12.81 -19.57
N LEU B 545 45.57 -12.49 -19.54
CA LEU B 545 46.49 -13.10 -18.59
C LEU B 545 46.12 -12.78 -17.15
N VAL B 546 45.83 -11.51 -16.86
CA VAL B 546 45.55 -11.14 -15.47
C VAL B 546 44.22 -11.74 -15.00
N LEU B 547 43.19 -11.75 -15.86
CA LEU B 547 41.93 -12.39 -15.48
C LEU B 547 42.10 -13.89 -15.29
N ALA B 548 42.87 -14.55 -16.16
CA ALA B 548 43.12 -15.97 -15.98
C ALA B 548 43.84 -16.24 -14.67
N ALA B 549 44.82 -15.42 -14.32
CA ALA B 549 45.54 -15.61 -13.07
C ALA B 549 44.63 -15.41 -11.86
N LEU B 550 43.81 -14.35 -11.87
CA LEU B 550 42.99 -14.07 -10.70
C LEU B 550 41.82 -15.03 -10.58
N ASN B 551 41.36 -15.61 -11.70
CA ASN B 551 40.22 -16.52 -11.67
C ASN B 551 40.63 -17.95 -11.38
N ARG B 552 41.75 -18.41 -11.95
CA ARG B 552 42.16 -19.79 -11.75
C ARG B 552 42.54 -20.07 -10.29
N PHE B 553 43.40 -19.23 -9.72
CA PHE B 553 43.92 -19.45 -8.37
C PHE B 553 43.29 -18.41 -7.45
N ILE B 554 42.39 -18.86 -6.57
CA ILE B 554 41.67 -17.96 -5.69
C ILE B 554 42.26 -17.88 -4.29
N GLY B 555 43.25 -18.71 -3.96
CA GLY B 555 43.92 -18.62 -2.68
C GLY B 555 44.92 -17.49 -2.64
N ASN B 556 45.58 -17.34 -1.47
CA ASN B 556 46.56 -16.29 -1.25
C ASN B 556 45.99 -14.90 -1.51
N PRO B 557 45.16 -14.36 -0.61
CA PRO B 557 44.32 -13.18 -0.91
C PRO B 557 45.06 -12.01 -1.55
N GLY B 558 46.34 -11.81 -1.22
CA GLY B 558 47.05 -10.65 -1.71
C GLY B 558 47.01 -10.56 -3.22
N ILE B 559 47.22 -11.70 -3.91
CA ILE B 559 47.20 -11.67 -5.37
C ILE B 559 45.85 -11.16 -5.86
N GLN B 560 44.76 -11.60 -5.21
CA GLN B 560 43.42 -11.16 -5.54
C GLN B 560 43.32 -9.64 -5.45
N LYS B 561 43.77 -9.08 -4.32
CA LYS B 561 43.80 -7.63 -4.16
C LYS B 561 44.56 -6.95 -5.31
N CYS B 562 45.78 -7.42 -5.56
CA CYS B 562 46.59 -6.89 -6.66
C CYS B 562 45.82 -6.96 -7.98
N GLY B 563 45.22 -8.12 -8.27
CA GLY B 563 44.43 -8.28 -9.48
C GLY B 563 43.33 -7.25 -9.61
N LEU B 564 42.56 -7.06 -8.55
CA LEU B 564 41.50 -6.06 -8.54
C LEU B 564 42.08 -4.67 -8.84
N LYS B 565 43.16 -4.31 -8.16
CA LYS B 565 43.84 -3.04 -8.43
C LYS B 565 44.18 -2.89 -9.92
N VAL B 566 44.81 -3.92 -10.47
CA VAL B 566 45.19 -3.91 -11.89
C VAL B 566 43.96 -3.70 -12.77
N ILE B 567 42.90 -4.48 -12.53
CA ILE B 567 41.73 -4.39 -13.41
C ILE B 567 41.09 -3.02 -13.25
N SER B 568 41.20 -2.41 -12.07
CA SER B 568 40.73 -1.05 -11.87
C SER B 568 41.47 -0.12 -12.81
N SER B 569 42.81 -0.21 -12.81
CA SER B 569 43.58 0.62 -13.73
C SER B 569 43.33 0.26 -15.19
N ILE B 570 42.78 -0.93 -15.45
CA ILE B 570 42.41 -1.29 -16.83
C ILE B 570 41.17 -0.52 -17.26
N VAL B 571 40.16 -0.41 -16.38
CA VAL B 571 38.85 0.04 -16.83
C VAL B 571 38.87 1.51 -17.23
N HIS B 572 39.79 2.25 -16.71
CA HIS B 572 39.87 3.59 -17.34
C HIS B 572 40.65 3.48 -18.68
N PHE B 573 40.46 2.43 -19.49
CA PHE B 573 41.09 2.39 -20.86
C PHE B 573 40.03 2.54 -21.99
N PRO B 574 40.24 3.32 -23.09
CA PRO B 574 39.14 3.54 -24.05
C PRO B 574 38.67 2.28 -24.74
N ASP B 575 39.56 1.34 -25.02
CA ASP B 575 39.24 0.10 -25.71
C ASP B 575 39.03 -1.04 -24.71
N ALA B 576 38.88 -0.72 -23.42
CA ALA B 576 38.89 -1.75 -22.39
C ALA B 576 37.50 -2.26 -22.00
N LEU B 577 36.49 -1.39 -22.01
CA LEU B 577 35.18 -1.76 -21.47
C LEU B 577 34.57 -2.95 -22.20
N GLU B 578 34.57 -2.92 -23.53
CA GLU B 578 34.05 -4.04 -24.31
C GLU B 578 34.97 -5.26 -24.25
N MET B 579 36.29 -5.04 -24.22
CA MET B 579 37.22 -6.16 -24.15
C MET B 579 37.02 -6.93 -22.84
N LEU B 580 36.87 -6.20 -21.73
CA LEU B 580 36.60 -6.84 -20.45
C LEU B 580 35.23 -7.50 -20.45
N SER B 581 34.25 -6.87 -21.12
CA SER B 581 32.91 -7.44 -21.16
C SER B 581 32.89 -8.77 -21.89
N LEU B 582 33.73 -8.92 -22.90
CA LEU B 582 33.83 -10.21 -23.61
C LEU B 582 34.36 -11.31 -22.67
N GLU B 583 35.38 -11.00 -21.87
CA GLU B 583 36.01 -12.01 -21.04
C GLU B 583 35.16 -12.42 -19.83
N GLY B 584 34.13 -11.64 -19.49
CA GLY B 584 33.32 -11.95 -18.33
C GLY B 584 33.99 -11.65 -17.00
N ALA B 585 34.55 -10.45 -16.87
CA ALA B 585 35.24 -10.06 -15.65
C ALA B 585 34.32 -10.01 -14.45
N MET B 586 33.03 -9.70 -14.69
CA MET B 586 32.07 -9.58 -13.60
C MET B 586 31.97 -10.88 -12.80
N ASP B 587 31.87 -12.01 -13.49
CA ASP B 587 31.65 -13.28 -12.81
C ASP B 587 32.81 -13.59 -11.87
N SER B 588 34.04 -13.34 -12.34
CA SER B 588 35.23 -13.54 -11.50
C SER B 588 35.23 -12.59 -10.32
N VAL B 589 34.88 -11.32 -10.55
CA VAL B 589 34.90 -10.35 -9.45
C VAL B 589 33.88 -10.75 -8.39
N LEU B 590 32.66 -11.07 -8.83
CA LEU B 590 31.61 -11.43 -7.88
C LEU B 590 31.99 -12.70 -7.14
N HIS B 591 32.71 -13.62 -7.81
CA HIS B 591 33.14 -14.82 -7.10
C HIS B 591 34.12 -14.45 -6.01
N THR B 592 35.02 -13.50 -6.30
CA THR B 592 36.01 -13.10 -5.30
C THR B 592 35.29 -12.49 -4.09
N LEU B 593 34.28 -11.64 -4.36
CA LEU B 593 33.53 -11.01 -3.28
C LEU B 593 32.82 -12.04 -2.42
N GLN B 594 32.22 -13.06 -3.05
CA GLN B 594 31.61 -14.15 -2.27
C GLN B 594 32.65 -14.89 -1.45
N MET B 595 33.83 -15.13 -2.04
CA MET B 595 34.88 -15.89 -1.36
C MET B 595 35.62 -15.09 -0.31
N TYR B 596 35.51 -13.76 -0.30
CA TYR B 596 36.19 -12.93 0.68
C TYR B 596 35.23 -11.89 1.26
N PRO B 597 34.26 -12.33 2.07
CA PRO B 597 33.30 -11.37 2.65
C PRO B 597 33.89 -10.54 3.77
N ASP B 598 34.70 -11.17 4.62
CA ASP B 598 35.14 -10.53 5.86
C ASP B 598 36.13 -9.40 5.63
N ASP B 599 36.88 -9.46 4.54
CA ASP B 599 37.91 -8.44 4.32
C ASP B 599 37.26 -7.11 3.92
N GLN B 600 38.00 -6.02 4.15
CA GLN B 600 37.54 -4.69 3.76
C GLN B 600 38.07 -4.26 2.40
N GLU B 601 39.40 -4.37 2.19
CA GLU B 601 40.01 -3.84 0.97
C GLU B 601 39.49 -4.54 -0.28
N ILE B 602 39.37 -5.86 -0.24
CA ILE B 602 38.84 -6.61 -1.39
C ILE B 602 37.41 -6.17 -1.69
N GLN B 603 36.59 -6.05 -0.64
CA GLN B 603 35.21 -5.61 -0.84
C GLN B 603 35.18 -4.18 -1.34
N CYS B 604 36.05 -3.33 -0.80
CA CYS B 604 36.06 -1.91 -1.15
C CYS B 604 36.36 -1.74 -2.63
N LEU B 605 37.43 -2.38 -3.11
CA LEU B 605 37.77 -2.27 -4.52
C LEU B 605 36.71 -2.95 -5.39
N GLY B 606 36.20 -4.10 -4.95
CA GLY B 606 35.27 -4.85 -5.76
C GLY B 606 33.97 -4.11 -6.02
N LEU B 607 33.42 -3.49 -4.98
CA LEU B 607 32.16 -2.76 -5.16
C LEU B 607 32.33 -1.60 -6.14
N SER B 608 33.47 -0.92 -6.08
CA SER B 608 33.74 0.15 -7.04
C SER B 608 33.89 -0.41 -8.44
N LEU B 609 34.50 -1.59 -8.58
CA LEU B 609 34.71 -2.16 -9.91
C LEU B 609 33.41 -2.69 -10.52
N ILE B 610 32.47 -3.12 -9.68
CA ILE B 610 31.21 -3.66 -10.19
C ILE B 610 30.45 -2.58 -10.96
N GLY B 611 30.39 -1.36 -10.40
CA GLY B 611 29.70 -0.29 -11.08
C GLY B 611 30.35 0.08 -12.40
N TYR B 612 31.69 0.12 -12.41
CA TYR B 612 32.42 0.49 -13.61
C TYR B 612 32.24 -0.54 -14.72
N LEU B 613 32.14 -1.82 -14.37
CA LEU B 613 32.01 -2.85 -15.39
C LEU B 613 30.64 -2.88 -16.05
N ILE B 614 29.61 -2.35 -15.36
CA ILE B 614 28.19 -2.53 -15.71
C ILE B 614 27.93 -2.33 -17.21
N THR B 615 27.30 -3.33 -17.83
CA THR B 615 26.87 -3.27 -19.21
C THR B 615 25.47 -3.85 -19.29
N LYS B 616 24.75 -3.48 -20.36
CA LYS B 616 23.37 -3.92 -20.53
C LYS B 616 23.24 -5.42 -20.74
N LYS B 617 24.33 -6.11 -21.09
CA LYS B 617 24.27 -7.55 -21.34
C LYS B 617 23.93 -8.34 -20.07
N ASN B 618 24.50 -7.94 -18.93
CA ASN B 618 24.41 -8.71 -17.70
C ASN B 618 23.41 -8.14 -16.70
N VAL B 619 22.57 -7.19 -17.10
CA VAL B 619 21.59 -6.65 -16.16
C VAL B 619 20.46 -7.64 -15.92
N PHE B 620 20.20 -8.55 -16.85
CA PHE B 620 19.06 -9.45 -16.77
C PHE B 620 19.26 -10.47 -15.65
N ILE B 621 18.24 -11.33 -15.48
CA ILE B 621 18.28 -12.36 -14.45
C ILE B 621 19.38 -13.37 -14.76
N GLY B 622 19.84 -14.04 -13.69
CA GLY B 622 20.96 -14.96 -13.76
C GLY B 622 22.27 -14.34 -13.35
N THR B 623 22.43 -13.05 -13.58
CA THR B 623 23.57 -12.26 -13.13
C THR B 623 23.17 -11.06 -12.30
N GLY B 624 22.06 -10.41 -12.65
CA GLY B 624 21.56 -9.31 -11.83
C GLY B 624 21.07 -9.76 -10.46
N HIS B 625 20.41 -10.92 -10.40
CA HIS B 625 19.94 -11.43 -9.12
C HIS B 625 21.10 -11.72 -8.17
N LEU B 626 22.15 -12.36 -8.69
CA LEU B 626 23.33 -12.62 -7.88
C LEU B 626 24.01 -11.32 -7.49
N LEU B 627 24.08 -10.35 -8.41
CA LEU B 627 24.70 -9.07 -8.09
C LEU B 627 23.93 -8.37 -6.98
N ALA B 628 22.60 -8.44 -7.02
CA ALA B 628 21.78 -7.83 -5.97
C ALA B 628 22.04 -8.49 -4.63
N LYS B 629 22.13 -9.83 -4.61
CA LYS B 629 22.41 -10.53 -3.37
C LYS B 629 23.77 -10.15 -2.81
N ILE B 630 24.78 -10.05 -3.67
CA ILE B 630 26.12 -9.70 -3.22
C ILE B 630 26.14 -8.27 -2.71
N LEU B 631 25.51 -7.35 -3.44
CA LEU B 631 25.54 -5.94 -3.08
C LEU B 631 24.89 -5.72 -1.72
N VAL B 632 23.73 -6.36 -1.49
CA VAL B 632 23.09 -6.26 -0.18
C VAL B 632 23.95 -6.89 0.91
N SER B 633 24.55 -8.06 0.64
CA SER B 633 25.41 -8.69 1.64
C SER B 633 26.60 -7.80 1.99
N SER B 634 27.22 -7.20 0.97
CA SER B 634 28.36 -6.32 1.17
C SER B 634 27.98 -5.09 1.98
N LEU B 635 26.88 -4.43 1.59
CA LEU B 635 26.45 -3.23 2.32
C LEU B 635 26.10 -3.57 3.77
N TYR B 636 25.43 -4.71 3.99
CA TYR B 636 25.03 -5.09 5.34
C TYR B 636 26.24 -5.47 6.18
N ARG B 637 27.29 -6.03 5.56
CA ARG B 637 28.47 -6.45 6.30
C ARG B 637 29.17 -5.28 6.97
N PHE B 638 29.31 -4.15 6.27
CA PHE B 638 29.91 -2.94 6.82
C PHE B 638 28.93 -1.78 6.62
N LYS B 639 28.01 -1.63 7.57
CA LYS B 639 27.03 -0.54 7.49
C LYS B 639 27.63 0.80 7.94
N ASP B 640 28.53 0.78 8.91
CA ASP B 640 29.05 2.02 9.47
C ASP B 640 30.13 2.65 8.60
N VAL B 641 30.93 1.86 7.89
CA VAL B 641 32.06 2.37 7.11
C VAL B 641 31.51 3.22 5.98
N ALA B 642 31.80 4.53 6.02
CA ALA B 642 31.25 5.46 5.04
C ALA B 642 31.74 5.17 3.63
N GLU B 643 33.03 4.86 3.47
CA GLU B 643 33.59 4.65 2.14
C GLU B 643 32.93 3.47 1.42
N ILE B 644 32.75 2.35 2.13
CA ILE B 644 32.17 1.16 1.52
C ILE B 644 30.72 1.43 1.10
N GLN B 645 29.94 2.05 1.99
CA GLN B 645 28.55 2.33 1.66
C GLN B 645 28.46 3.30 0.50
N THR B 646 29.34 4.32 0.48
CA THR B 646 29.29 5.30 -0.61
C THR B 646 29.59 4.63 -1.94
N LYS B 647 30.61 3.76 -1.98
CA LYS B 647 30.93 3.07 -3.23
C LYS B 647 29.79 2.16 -3.65
N GLY B 648 29.19 1.45 -2.69
CA GLY B 648 28.11 0.55 -3.02
C GLY B 648 26.91 1.29 -3.59
N PHE B 649 26.56 2.43 -2.96
CA PHE B 649 25.43 3.21 -3.45
C PHE B 649 25.72 3.79 -4.83
N GLN B 650 26.96 4.21 -5.08
CA GLN B 650 27.32 4.69 -6.42
C GLN B 650 27.13 3.60 -7.47
N THR B 651 27.59 2.37 -7.16
CA THR B 651 27.38 1.25 -8.07
C THR B 651 25.89 0.95 -8.26
N ILE B 652 25.12 0.97 -7.17
CA ILE B 652 23.68 0.73 -7.25
C ILE B 652 23.00 1.77 -8.12
N LEU B 653 23.37 3.05 -7.94
CA LEU B 653 22.83 4.12 -8.77
C LEU B 653 23.16 3.91 -10.24
N ALA B 654 24.39 3.46 -10.53
CA ALA B 654 24.76 3.17 -11.91
C ALA B 654 23.93 2.03 -12.48
N ILE B 655 23.69 0.99 -11.68
CA ILE B 655 22.85 -0.13 -12.13
C ILE B 655 21.41 0.34 -12.39
N LEU B 656 20.86 1.17 -11.48
CA LEU B 656 19.51 1.67 -11.66
C LEU B 656 19.40 2.53 -12.90
N LYS B 657 20.41 3.38 -13.14
CA LYS B 657 20.41 4.23 -14.33
C LYS B 657 20.47 3.39 -15.59
N LEU B 658 21.29 2.33 -15.58
CA LEU B 658 21.42 1.47 -16.75
C LEU B 658 20.11 0.75 -17.06
N SER B 659 19.49 0.14 -16.05
CA SER B 659 18.26 -0.61 -16.23
C SER B 659 17.31 -0.32 -15.07
N ALA B 660 16.05 -0.05 -15.39
CA ALA B 660 15.01 0.09 -14.37
C ALA B 660 14.44 -1.26 -13.94
N SER B 661 14.77 -2.35 -14.62
CA SER B 661 14.33 -3.68 -14.23
C SER B 661 14.92 -4.13 -12.90
N PHE B 662 15.97 -3.47 -12.42
CA PHE B 662 16.55 -3.78 -11.13
C PHE B 662 15.61 -3.33 -10.00
N SER B 663 16.03 -3.63 -8.77
CA SER B 663 15.34 -3.32 -7.52
C SER B 663 14.08 -4.17 -7.31
N LYS B 664 13.71 -4.97 -8.30
CA LYS B 664 12.62 -5.93 -8.10
C LYS B 664 13.02 -7.01 -7.11
N LEU B 665 14.25 -7.52 -7.20
CA LEU B 665 14.74 -8.50 -6.24
C LEU B 665 15.52 -7.88 -5.10
N LEU B 666 16.08 -6.67 -5.30
CA LEU B 666 16.79 -5.99 -4.21
C LEU B 666 15.88 -5.76 -3.02
N VAL B 667 14.70 -5.17 -3.26
CA VAL B 667 13.70 -5.01 -2.20
C VAL B 667 13.30 -6.37 -1.64
N HIS B 668 13.20 -7.38 -2.51
CA HIS B 668 12.98 -8.75 -2.04
C HIS B 668 14.14 -9.23 -1.17
N HIS B 669 15.37 -8.90 -1.56
CA HIS B 669 16.55 -9.38 -0.82
C HIS B 669 16.99 -8.39 0.25
N SER B 670 16.03 -7.96 1.07
CA SER B 670 16.27 -7.23 2.33
C SER B 670 17.14 -5.99 2.15
N PHE B 671 17.02 -5.30 1.01
CA PHE B 671 17.77 -4.08 0.81
C PHE B 671 17.26 -2.91 1.65
N ASP B 672 16.01 -2.98 2.12
CA ASP B 672 15.45 -1.91 2.93
C ASP B 672 16.23 -1.67 4.20
N LEU B 673 16.79 -2.75 4.77
CA LEU B 673 17.58 -2.66 6.00
C LEU B 673 18.78 -1.75 5.80
N VAL B 674 19.27 -1.69 4.55
CA VAL B 674 20.43 -0.86 4.26
C VAL B 674 20.03 0.61 4.34
N ILE B 675 18.94 1.00 3.64
CA ILE B 675 18.58 2.40 3.55
C ILE B 675 18.16 2.96 4.91
N PHE B 676 17.29 2.22 5.62
CA PHE B 676 16.70 2.73 6.86
C PHE B 676 17.76 3.01 7.92
N HIS B 677 18.72 2.10 8.07
CA HIS B 677 19.80 2.35 9.02
C HIS B 677 20.65 3.55 8.60
N GLN B 678 20.96 3.65 7.30
CA GLN B 678 21.80 4.76 6.85
C GLN B 678 21.11 6.09 7.05
N MET B 679 19.83 6.15 6.71
CA MET B 679 19.07 7.38 6.90
C MET B 679 19.05 7.74 8.37
N SER B 680 18.86 6.74 9.22
CA SER B 680 18.91 7.01 10.65
C SER B 680 20.32 7.44 11.06
N SER B 681 21.33 6.69 10.63
CA SER B 681 22.69 6.96 11.07
C SER B 681 23.21 8.31 10.57
N ASN B 682 23.06 8.58 9.26
CA ASN B 682 23.63 9.78 8.66
C ASN B 682 23.08 11.04 9.31
N ILE B 683 21.78 11.05 9.61
CA ILE B 683 21.17 12.19 10.26
C ILE B 683 21.67 12.30 11.70
N MET B 684 21.69 11.18 12.43
CA MET B 684 22.17 11.23 13.81
C MET B 684 23.67 11.50 13.88
N GLU B 685 24.43 10.94 12.96
CA GLU B 685 25.87 11.15 12.92
C GLU B 685 26.18 12.37 12.05
N GLN B 686 27.45 12.53 11.69
CA GLN B 686 27.88 13.62 10.83
C GLN B 686 27.11 13.63 9.52
N LYS B 687 26.95 14.81 8.94
CA LYS B 687 26.17 15.00 7.73
C LYS B 687 27.07 14.97 6.51
N ASP B 688 26.70 14.15 5.52
CA ASP B 688 27.37 14.09 4.23
C ASP B 688 26.31 14.30 3.15
N GLN B 689 26.27 15.52 2.61
CA GLN B 689 25.25 15.88 1.63
C GLN B 689 25.33 15.03 0.37
N GLN B 690 26.54 14.78 -0.13
CA GLN B 690 26.71 13.95 -1.31
C GLN B 690 26.20 12.53 -1.08
N PHE B 691 26.61 11.90 0.03
CA PHE B 691 26.19 10.54 0.35
C PHE B 691 24.69 10.47 0.56
N LEU B 692 24.14 11.44 1.29
CA LEU B 692 22.70 11.48 1.56
C LEU B 692 21.91 11.65 0.28
N ASN B 693 22.33 12.57 -0.60
CA ASN B 693 21.59 12.78 -1.83
C ASN B 693 21.73 11.59 -2.77
N LEU B 694 22.89 10.93 -2.78
CA LEU B 694 23.05 9.73 -3.60
C LEU B 694 22.08 8.64 -3.16
N CYS B 695 21.98 8.42 -1.85
CA CYS B 695 21.02 7.44 -1.32
C CYS B 695 19.59 7.87 -1.61
N CYS B 696 19.27 9.15 -1.45
CA CYS B 696 17.93 9.64 -1.75
C CYS B 696 17.58 9.44 -3.23
N LYS B 697 18.53 9.68 -4.13
CA LYS B 697 18.31 9.44 -5.55
C LYS B 697 18.06 7.96 -5.82
N CYS B 698 18.82 7.07 -5.18
CA CYS B 698 18.55 5.65 -5.34
C CYS B 698 17.17 5.28 -4.81
N PHE B 699 16.79 5.80 -3.63
CA PHE B 699 15.47 5.52 -3.10
C PHE B 699 14.39 6.08 -4.02
N ALA B 700 14.69 7.20 -4.71
CA ALA B 700 13.74 7.77 -5.66
C ALA B 700 13.52 6.83 -6.82
N LYS B 701 14.61 6.21 -7.31
CA LYS B 701 14.48 5.23 -8.38
C LYS B 701 13.73 3.99 -7.89
N VAL B 702 13.84 3.67 -6.60
CA VAL B 702 13.11 2.56 -6.00
C VAL B 702 11.63 2.92 -5.81
N ALA B 703 11.31 4.20 -5.67
CA ALA B 703 9.95 4.65 -5.40
C ALA B 703 8.94 4.25 -6.46
N MET B 704 9.37 4.05 -7.71
CA MET B 704 8.45 3.57 -8.73
C MET B 704 8.04 2.12 -8.43
N ASP B 705 7.07 1.63 -9.23
CA ASP B 705 6.52 0.28 -9.08
C ASP B 705 5.94 0.08 -7.66
N ASP B 706 4.85 0.82 -7.41
CA ASP B 706 4.24 0.97 -6.09
C ASP B 706 4.02 -0.35 -5.33
N TYR B 707 3.98 -1.49 -6.01
CA TYR B 707 3.96 -2.77 -5.30
C TYR B 707 5.21 -2.91 -4.43
N LEU B 708 6.34 -2.39 -4.92
CA LEU B 708 7.56 -2.37 -4.11
C LEU B 708 7.37 -1.47 -2.91
N LYS B 709 6.71 -0.32 -3.11
CA LYS B 709 6.46 0.58 -1.98
C LYS B 709 5.61 -0.10 -0.92
N ASN B 710 4.56 -0.82 -1.33
CA ASN B 710 3.71 -1.53 -0.38
C ASN B 710 4.48 -2.58 0.41
N VAL B 711 5.35 -3.34 -0.27
CA VAL B 711 6.19 -4.30 0.43
C VAL B 711 7.15 -3.57 1.38
N MET B 712 7.67 -2.42 0.94
CA MET B 712 8.57 -1.63 1.78
C MET B 712 7.85 -1.18 3.03
N LEU B 713 6.62 -0.69 2.89
CA LEU B 713 5.86 -0.23 4.04
C LEU B 713 5.60 -1.36 5.02
N GLU B 714 5.22 -2.53 4.50
CA GLU B 714 4.98 -3.68 5.39
C GLU B 714 6.23 -4.04 6.19
N ARG B 715 7.39 -4.05 5.53
CA ARG B 715 8.63 -4.37 6.25
C ARG B 715 9.12 -3.22 7.12
N ALA B 716 8.89 -1.98 6.72
CA ALA B 716 9.28 -0.83 7.54
C ALA B 716 8.41 -0.75 8.79
N CYS B 717 7.13 -1.08 8.67
CA CYS B 717 6.23 -1.02 9.82
C CYS B 717 6.46 -2.20 10.75
N ASP B 718 6.95 -3.34 10.24
CA ASP B 718 7.21 -4.46 11.13
C ASP B 718 8.27 -4.11 12.16
N GLN B 719 9.33 -3.43 11.73
CA GLN B 719 10.38 -2.93 12.62
C GLN B 719 10.03 -1.54 13.14
N ASN B 720 10.52 -1.22 14.33
CA ASN B 720 10.26 0.10 14.90
C ASN B 720 11.07 1.12 14.10
N ASN B 721 10.40 1.78 13.16
CA ASN B 721 11.06 2.67 12.19
C ASN B 721 10.27 3.96 12.04
N SER B 722 9.97 4.62 13.17
CA SER B 722 9.08 5.78 13.20
C SER B 722 9.50 6.88 12.23
N ILE B 723 10.80 7.08 12.03
CA ILE B 723 11.28 8.14 11.15
C ILE B 723 10.89 7.87 9.69
N MET B 724 11.02 6.63 9.23
CA MET B 724 10.82 6.34 7.81
C MET B 724 9.36 6.28 7.40
N VAL B 725 8.47 5.82 8.30
CA VAL B 725 7.07 5.62 7.92
C VAL B 725 6.41 6.94 7.53
N GLU B 726 6.79 8.04 8.19
CA GLU B 726 6.27 9.35 7.80
C GLU B 726 6.74 9.74 6.40
N CYS B 727 8.00 9.46 6.07
CA CYS B 727 8.49 9.78 4.73
C CYS B 727 7.73 8.97 3.69
N LEU B 728 7.52 7.69 4.00
CA LEU B 728 6.85 6.80 3.05
C LEU B 728 5.42 7.24 2.84
N LEU B 729 4.73 7.65 3.92
CA LEU B 729 3.36 8.11 3.78
C LEU B 729 3.31 9.39 2.95
N LEU B 730 4.27 10.30 3.17
CA LEU B 730 4.30 11.55 2.41
C LEU B 730 4.48 11.30 0.92
N LEU B 731 5.31 10.31 0.58
CA LEU B 731 5.43 9.93 -0.83
C LEU B 731 4.11 9.40 -1.38
N GLY B 732 3.41 8.60 -0.58
CA GLY B 732 2.19 7.95 -1.00
C GLY B 732 1.98 6.70 -0.17
N ALA B 733 1.74 5.57 -0.84
CA ALA B 733 1.69 4.24 -0.20
C ALA B 733 0.63 4.20 0.91
N ASP B 734 -0.63 4.28 0.47
CA ASP B 734 -1.81 4.28 1.33
C ASP B 734 -1.73 3.23 2.43
N ALA B 735 -2.26 3.58 3.60
CA ALA B 735 -2.09 2.79 4.82
C ALA B 735 -3.13 1.69 4.98
N ASN B 736 -3.73 1.21 3.90
CA ASN B 736 -4.69 0.12 3.94
C ASN B 736 -4.29 -0.99 2.96
N GLN B 737 -3.02 -1.40 3.05
CA GLN B 737 -2.44 -2.41 2.18
C GLN B 737 -2.52 -3.81 2.75
N ALA B 738 -3.57 -4.11 3.52
CA ALA B 738 -3.68 -5.39 4.21
C ALA B 738 -3.77 -6.55 3.21
N LYS B 739 -3.17 -7.68 3.60
CA LYS B 739 -3.30 -8.92 2.86
C LYS B 739 -4.50 -9.75 3.32
N GLU B 740 -5.43 -9.13 4.08
CA GLU B 740 -6.68 -9.72 4.57
C GLU B 740 -6.45 -10.73 5.69
N GLY B 741 -5.19 -11.07 5.96
CA GLY B 741 -4.89 -11.81 7.17
C GLY B 741 -4.99 -10.95 8.41
N SER B 742 -4.52 -9.71 8.32
CA SER B 742 -4.61 -8.69 9.36
C SER B 742 -4.16 -7.38 8.76
N SER B 743 -4.77 -6.29 9.24
CA SER B 743 -4.43 -4.98 8.71
C SER B 743 -3.06 -4.53 9.18
N LEU B 744 -2.53 -3.51 8.49
CA LEU B 744 -1.28 -2.90 8.90
C LEU B 744 -1.37 -2.36 10.32
N ILE B 745 -2.44 -1.62 10.62
CA ILE B 745 -2.64 -1.10 11.98
C ILE B 745 -2.76 -2.23 12.98
N CYS B 746 -3.42 -3.33 12.57
CA CYS B 746 -3.57 -4.49 13.45
C CYS B 746 -2.22 -5.11 13.81
N GLN B 747 -1.40 -5.40 12.80
CA GLN B 747 -0.15 -6.09 13.08
C GLN B 747 0.87 -5.16 13.72
N VAL B 748 0.87 -3.88 13.37
CA VAL B 748 1.76 -2.93 14.03
C VAL B 748 1.39 -2.81 15.51
N CYS B 749 0.09 -2.73 15.80
CA CYS B 749 -0.37 -2.72 17.19
C CYS B 749 -0.04 -4.02 17.91
N GLU B 750 0.04 -5.14 17.19
CA GLU B 750 0.36 -6.41 17.84
C GLU B 750 1.80 -6.45 18.33
N LYS B 751 2.74 -6.01 17.49
CA LYS B 751 4.17 -6.22 17.77
C LYS B 751 4.77 -5.08 18.59
N GLU B 752 4.10 -4.72 19.69
CA GLU B 752 4.61 -3.80 20.73
C GLU B 752 5.25 -2.54 20.15
N SER B 753 4.62 -1.96 19.13
CA SER B 753 5.20 -0.84 18.41
C SER B 753 5.08 0.45 19.20
N SER B 754 5.85 1.44 18.78
CA SER B 754 5.85 2.75 19.42
C SER B 754 4.56 3.49 19.13
N PRO B 755 4.12 4.37 20.04
CA PRO B 755 2.89 5.14 19.82
C PRO B 755 2.91 6.01 18.57
N LYS B 756 4.08 6.55 18.19
CA LYS B 756 4.14 7.41 17.01
C LYS B 756 3.80 6.66 15.74
N LEU B 757 4.07 5.35 15.71
CA LEU B 757 3.74 4.54 14.54
C LEU B 757 2.23 4.49 14.34
N VAL B 758 1.50 4.14 15.40
CA VAL B 758 0.06 4.03 15.25
C VAL B 758 -0.54 5.42 15.09
N GLU B 759 0.14 6.46 15.59
CA GLU B 759 -0.38 7.82 15.43
C GLU B 759 -0.37 8.21 13.97
N LEU B 760 0.75 7.94 13.28
CA LEU B 760 0.82 8.25 11.84
C LEU B 760 -0.11 7.35 11.05
N LEU B 761 -0.27 6.10 11.45
CA LEU B 761 -1.20 5.21 10.76
C LEU B 761 -2.63 5.73 10.87
N LEU B 762 -3.04 6.15 12.08
CA LEU B 762 -4.39 6.65 12.30
C LEU B 762 -4.64 7.96 11.55
N ASN B 763 -3.66 8.87 11.56
CA ASN B 763 -3.83 10.13 10.86
C ASN B 763 -3.99 9.91 9.36
N SER B 764 -3.23 8.97 8.80
CA SER B 764 -3.41 8.63 7.39
C SER B 764 -4.63 7.72 7.22
N GLY B 765 -4.96 7.45 5.96
CA GLY B 765 -6.14 6.67 5.60
C GLY B 765 -6.18 5.28 6.20
N SER B 766 -7.05 5.06 7.18
CA SER B 766 -7.22 3.77 7.82
C SER B 766 -8.70 3.48 8.01
N ARG B 767 -9.16 2.36 7.44
CA ARG B 767 -10.57 2.01 7.51
C ARG B 767 -10.99 1.75 8.96
N GLU B 768 -12.24 2.11 9.26
CA GLU B 768 -12.72 2.08 10.65
C GLU B 768 -12.76 0.67 11.23
N GLN B 769 -13.18 -0.31 10.42
CA GLN B 769 -13.31 -1.68 10.92
C GLN B 769 -11.97 -2.23 11.39
N ASP B 770 -10.90 -1.99 10.62
CA ASP B 770 -9.57 -2.41 11.02
C ASP B 770 -9.17 -1.72 12.32
N VAL B 771 -9.54 -0.46 12.47
CA VAL B 771 -9.25 0.27 13.71
C VAL B 771 -9.94 -0.41 14.89
N ARG B 772 -11.21 -0.78 14.73
CA ARG B 772 -11.92 -1.46 15.82
C ARG B 772 -11.29 -2.81 16.15
N LYS B 773 -10.82 -3.52 15.12
CA LYS B 773 -10.08 -4.76 15.37
C LYS B 773 -8.81 -4.48 16.16
N ALA B 774 -8.12 -3.39 15.81
CA ALA B 774 -6.92 -3.01 16.54
C ALA B 774 -7.26 -2.68 17.99
N LEU B 775 -8.42 -2.04 18.19
CA LEU B 775 -8.84 -1.66 19.54
C LEU B 775 -9.06 -2.90 20.40
N THR B 776 -9.75 -3.89 19.85
CA THR B 776 -9.97 -5.13 20.60
C THR B 776 -8.66 -5.86 20.88
N ILE B 777 -7.76 -5.91 19.89
CA ILE B 777 -6.48 -6.58 20.10
C ILE B 777 -5.68 -5.85 21.17
N SER B 778 -5.63 -4.51 21.10
CA SER B 778 -4.88 -3.76 22.08
C SER B 778 -5.51 -3.85 23.46
N ILE B 779 -6.81 -4.12 23.53
CA ILE B 779 -7.44 -4.32 24.83
C ILE B 779 -6.97 -5.63 25.42
N GLY B 780 -6.85 -6.66 24.57
CA GLY B 780 -6.40 -7.96 25.06
C GLY B 780 -5.02 -7.90 25.70
N LYS B 781 -4.09 -7.18 25.07
CA LYS B 781 -2.78 -6.88 25.64
C LYS B 781 -2.80 -5.46 26.21
N GLY B 782 -3.26 -5.33 27.46
CA GLY B 782 -3.49 -4.03 28.07
C GLY B 782 -2.33 -3.05 28.08
N ASP B 783 -2.45 -2.00 27.27
CA ASP B 783 -1.44 -0.96 27.12
C ASP B 783 -2.17 0.36 26.96
N SER B 784 -2.05 1.25 27.95
CA SER B 784 -2.86 2.46 27.99
C SER B 784 -2.58 3.39 26.82
N GLN B 785 -1.32 3.55 26.43
CA GLN B 785 -0.95 4.58 25.46
C GLN B 785 -1.58 4.30 24.09
N ILE B 786 -1.52 3.04 23.64
CA ILE B 786 -2.02 2.71 22.30
C ILE B 786 -3.54 2.81 22.28
N ILE B 787 -4.22 2.27 23.30
CA ILE B 787 -5.68 2.32 23.30
C ILE B 787 -6.17 3.76 23.40
N SER B 788 -5.47 4.59 24.18
CA SER B 788 -5.82 6.00 24.25
C SER B 788 -5.67 6.69 22.91
N LEU B 789 -4.58 6.38 22.19
CA LEU B 789 -4.40 6.96 20.88
C LEU B 789 -5.41 6.43 19.88
N LEU B 790 -5.92 5.21 20.12
CA LEU B 790 -6.93 4.65 19.23
C LEU B 790 -8.26 5.36 19.46
N LEU B 791 -8.63 5.55 20.73
CA LEU B 791 -9.88 6.22 21.03
C LEU B 791 -9.84 7.67 20.59
N ARG B 792 -8.64 8.26 20.46
CA ARG B 792 -8.56 9.64 20.02
C ARG B 792 -9.09 9.81 18.60
N ARG B 793 -9.11 8.72 17.82
CA ARG B 793 -9.64 8.74 16.47
C ARG B 793 -11.01 8.08 16.37
N LEU B 794 -11.30 7.10 17.24
CA LEU B 794 -12.60 6.43 17.14
C LEU B 794 -13.73 7.30 17.67
N ALA B 795 -13.54 7.96 18.82
CA ALA B 795 -14.67 8.66 19.44
C ALA B 795 -14.14 9.93 20.12
N LEU B 796 -14.19 11.04 19.38
CA LEU B 796 -13.99 12.38 19.92
C LEU B 796 -14.40 13.38 18.85
N ASP B 797 -15.11 14.41 19.26
CA ASP B 797 -15.56 15.45 18.34
C ASP B 797 -14.65 16.67 18.40
N ALA B 799 -14.20 19.87 18.29
CA ALA B 799 -15.25 20.53 17.52
C ALA B 799 -16.50 20.70 18.35
N ASN B 800 -17.25 19.61 18.51
CA ASN B 800 -18.47 19.61 19.31
C ASN B 800 -18.21 19.09 20.73
N ASN B 801 -16.93 19.08 21.15
CA ASN B 801 -16.42 18.70 22.47
C ASN B 801 -17.21 17.57 23.12
N SER B 802 -17.25 16.40 22.46
CA SER B 802 -18.11 15.32 22.88
C SER B 802 -17.44 13.98 22.62
N ILE B 803 -17.61 13.04 23.54
CA ILE B 803 -17.19 11.67 23.29
C ILE B 803 -18.39 10.92 22.71
N CYS B 804 -18.11 9.83 21.98
CA CYS B 804 -19.14 8.94 21.48
C CYS B 804 -18.70 7.49 21.62
N LEU B 805 -18.10 7.16 22.78
CA LEU B 805 -17.52 5.83 22.98
C LEU B 805 -18.62 4.80 23.17
N GLY B 806 -19.15 4.27 22.07
CA GLY B 806 -20.35 3.46 22.13
C GLY B 806 -20.19 2.00 21.78
N GLY B 807 -20.51 1.65 20.53
CA GLY B 807 -20.69 0.28 20.09
C GLY B 807 -19.56 -0.71 20.34
N PHE B 808 -18.38 -0.20 20.69
CA PHE B 808 -17.23 -1.07 20.94
C PHE B 808 -17.49 -1.95 22.16
N CYS B 809 -17.08 -3.21 22.06
CA CYS B 809 -17.28 -4.17 23.15
C CYS B 809 -16.01 -4.31 24.00
N ILE B 810 -15.63 -3.21 24.64
CA ILE B 810 -14.49 -3.23 25.56
C ILE B 810 -14.95 -3.77 26.91
N GLY B 811 -14.18 -4.71 27.46
CA GLY B 811 -14.60 -5.43 28.64
C GLY B 811 -14.65 -4.61 29.91
N LYS B 812 -13.92 -3.49 29.96
CA LYS B 812 -13.88 -2.66 31.15
C LYS B 812 -13.43 -1.26 30.75
N VAL B 813 -13.33 -0.37 31.74
CA VAL B 813 -12.84 0.98 31.54
C VAL B 813 -11.90 1.34 32.68
N GLU B 814 -10.85 2.10 32.36
CA GLU B 814 -9.85 2.52 33.32
C GLU B 814 -9.53 3.99 33.09
N PRO B 815 -9.19 4.74 34.15
CA PRO B 815 -8.91 6.17 33.98
C PRO B 815 -7.75 6.46 33.04
N SER B 816 -6.72 5.62 33.03
CA SER B 816 -5.55 5.87 32.18
C SER B 816 -5.91 5.82 30.70
N TRP B 817 -6.93 5.03 30.35
CA TRP B 817 -7.30 4.84 28.95
C TRP B 817 -7.79 6.15 28.33
N LEU B 818 -8.63 6.89 29.04
CA LEU B 818 -9.24 8.10 28.52
C LEU B 818 -8.59 9.38 29.04
N GLY B 819 -7.34 9.29 29.48
CA GLY B 819 -6.59 10.43 29.94
C GLY B 819 -6.41 11.52 28.90
N PRO B 820 -5.63 11.24 27.86
CA PRO B 820 -5.42 12.23 26.80
C PRO B 820 -6.69 12.60 26.03
N LEU B 821 -7.76 11.81 26.14
CA LEU B 821 -9.01 12.15 25.45
C LEU B 821 -9.54 13.49 25.92
N PHE B 822 -9.45 13.78 27.22
CA PHE B 822 -9.84 15.08 27.73
C PHE B 822 -8.86 16.15 27.24
N PRO B 823 -9.32 17.39 27.09
CA PRO B 823 -8.45 18.42 26.47
C PRO B 823 -7.11 18.63 27.16
N ASP B 824 -7.11 18.86 28.47
CA ASP B 824 -5.91 19.13 29.26
C ASP B 824 -5.06 20.25 28.65
N LYS B 825 -5.66 21.44 28.67
CA LYS B 825 -5.11 22.65 28.05
C LYS B 825 -3.91 23.24 28.79
N THR B 826 -3.33 22.50 29.75
CA THR B 826 -2.15 22.97 30.49
C THR B 826 -1.04 23.42 29.54
N SER B 827 -0.76 22.62 28.51
CA SER B 827 0.25 22.97 27.52
C SER B 827 -0.13 22.37 26.19
N ASN B 828 0.37 22.99 25.12
CA ASN B 828 0.21 22.49 23.76
C ASN B 828 1.53 21.88 23.31
N LEU B 829 1.51 20.57 23.04
CA LEU B 829 2.73 19.85 22.69
C LEU B 829 3.28 20.34 21.35
N ARG B 830 4.60 20.54 21.31
CA ARG B 830 5.29 21.00 20.11
C ARG B 830 6.20 19.90 19.58
N LYS B 831 6.04 19.58 18.29
CA LYS B 831 6.85 18.58 17.60
C LYS B 831 7.48 19.24 16.37
N GLN B 832 8.68 19.78 16.56
CA GLN B 832 9.39 20.51 15.50
C GLN B 832 10.26 19.61 14.63
N THR B 833 10.25 18.29 14.86
CA THR B 833 11.08 17.39 14.08
C THR B 833 10.60 17.36 12.63
N ASN B 834 11.37 18.01 11.75
CA ASN B 834 11.10 18.03 10.32
C ASN B 834 11.98 17.05 9.56
N ILE B 835 12.66 16.14 10.26
CA ILE B 835 13.59 15.20 9.62
C ILE B 835 12.87 14.36 8.58
N ALA B 836 11.73 13.77 8.95
CA ALA B 836 10.98 12.95 8.01
C ALA B 836 10.44 13.81 6.86
N SER B 837 9.92 15.00 7.19
CA SER B 837 9.34 15.84 6.15
C SER B 837 10.41 16.24 5.15
N THR B 838 11.60 16.62 5.65
CA THR B 838 12.67 17.03 4.74
C THR B 838 13.07 15.85 3.86
N LEU B 839 13.24 14.66 4.46
CA LEU B 839 13.71 13.52 3.69
C LEU B 839 12.74 13.21 2.56
N ALA B 840 11.43 13.25 2.86
CA ALA B 840 10.42 13.07 1.84
C ALA B 840 10.50 14.18 0.79
N ARG B 841 10.77 15.42 1.22
CA ARG B 841 10.83 16.53 0.29
C ARG B 841 11.95 16.37 -0.72
N MET B 842 13.13 15.93 -0.26
CA MET B 842 14.21 15.68 -1.21
C MET B 842 13.91 14.48 -2.10
N VAL B 843 13.31 13.42 -1.54
CA VAL B 843 13.01 12.24 -2.34
C VAL B 843 12.02 12.58 -3.46
N ILE B 844 10.96 13.31 -3.13
CA ILE B 844 10.00 13.72 -4.16
C ILE B 844 10.62 14.74 -5.11
N ARG B 845 11.53 15.59 -4.63
CA ARG B 845 12.21 16.55 -5.50
C ARG B 845 13.03 15.83 -6.56
N TYR B 846 13.80 14.82 -6.15
CA TYR B 846 14.57 14.03 -7.11
C TYR B 846 13.67 13.21 -8.02
N GLN B 847 12.56 12.70 -7.48
CA GLN B 847 11.63 11.91 -8.30
C GLN B 847 11.01 12.78 -9.39
N MET B 848 10.57 13.99 -9.04
CA MET B 848 9.92 14.85 -10.01
C MET B 848 10.93 15.40 -11.01
N LYS B 849 12.09 15.86 -10.53
CA LYS B 849 13.09 16.43 -11.42
C LYS B 849 13.62 15.40 -12.41
N SER B 850 13.85 14.17 -11.95
CA SER B 850 14.35 13.12 -12.83
C SER B 850 13.33 12.79 -13.93
N ALA B 851 12.05 12.73 -13.57
CA ALA B 851 10.99 12.44 -14.53
C ALA B 851 10.75 13.63 -15.46
N GLU B 982 -12.89 24.68 27.76
CA GLU B 982 -13.57 23.73 26.90
C GLU B 982 -13.56 22.33 27.49
N TYR B 983 -14.05 22.20 28.71
CA TYR B 983 -14.15 20.89 29.34
C TYR B 983 -15.19 20.05 28.62
N ILE B 984 -14.83 18.80 28.29
CA ILE B 984 -15.65 17.98 27.40
C ILE B 984 -16.87 17.47 28.17
N THR B 985 -18.06 17.65 27.58
CA THR B 985 -19.31 17.27 28.25
C THR B 985 -20.19 16.44 27.30
N SER B 986 -19.86 15.17 27.09
CA SER B 986 -20.85 14.24 26.55
C SER B 986 -20.58 12.77 26.86
N LEU B 987 -19.93 12.46 27.99
CA LEU B 987 -19.38 11.11 28.17
C LEU B 987 -20.47 10.05 28.07
N ASP B 988 -20.42 9.28 26.99
CA ASP B 988 -21.47 8.35 26.59
C ASP B 988 -20.83 6.97 26.45
N LEU B 989 -21.09 6.10 27.43
CA LEU B 989 -20.47 4.79 27.53
C LEU B 989 -21.59 3.77 27.74
N SER B 990 -22.18 3.30 26.64
CA SER B 990 -23.41 2.51 26.73
C SER B 990 -23.24 1.07 26.26
N ALA B 991 -22.82 0.85 25.02
CA ALA B 991 -22.80 -0.51 24.50
C ALA B 991 -21.66 -1.34 25.04
N ASN B 992 -20.61 -0.70 25.56
CA ASN B 992 -19.49 -1.42 26.15
C ASN B 992 -19.93 -2.21 27.37
N GLU B 993 -19.77 -3.53 27.32
CA GLU B 993 -20.11 -4.38 28.45
C GLU B 993 -19.28 -3.98 29.67
N LEU B 994 -19.96 -3.73 30.78
CA LEU B 994 -19.32 -3.20 31.99
C LEU B 994 -19.90 -3.91 33.20
N ARG B 995 -19.08 -4.70 33.88
CA ARG B 995 -19.50 -5.36 35.10
C ARG B 995 -19.36 -4.49 36.35
N ASP B 996 -18.57 -3.41 36.28
CA ASP B 996 -18.39 -2.49 37.39
C ASP B 996 -17.65 -1.26 36.89
N ILE B 997 -17.87 -0.13 37.57
CA ILE B 997 -17.23 1.13 37.23
C ILE B 997 -16.32 1.59 38.37
N ASP B 998 -15.96 0.68 39.27
CA ASP B 998 -15.15 1.03 40.43
C ASP B 998 -13.78 1.59 40.07
N ALA B 999 -13.28 1.29 38.86
CA ALA B 999 -11.98 1.78 38.44
C ALA B 999 -11.96 3.30 38.38
N LEU B 1000 -13.01 3.90 37.82
CA LEU B 1000 -13.08 5.36 37.73
C LEU B 1000 -13.36 6.02 39.07
N SER B 1001 -13.83 5.26 40.07
CA SER B 1001 -14.23 5.85 41.35
C SER B 1001 -13.03 6.44 42.08
N GLN B 1002 -11.91 5.72 42.12
CA GLN B 1002 -10.75 6.15 42.87
C GLN B 1002 -10.12 7.39 42.23
N LYS B 1003 -9.49 8.20 43.08
CA LYS B 1003 -8.85 9.44 42.62
C LYS B 1003 -7.73 9.12 41.63
N CYS B 1004 -7.72 9.86 40.52
CA CYS B 1004 -6.73 9.67 39.47
C CYS B 1004 -6.61 10.96 38.68
N CYS B 1005 -5.93 10.90 37.54
CA CYS B 1005 -5.74 12.07 36.70
C CYS B 1005 -7.07 12.59 36.16
N ILE B 1006 -8.03 11.70 35.91
CA ILE B 1006 -9.33 12.11 35.40
C ILE B 1006 -10.21 12.73 36.49
N SER B 1007 -9.96 12.37 37.75
CA SER B 1007 -10.79 12.83 38.86
C SER B 1007 -10.77 14.36 38.99
N VAL B 1008 -9.60 14.97 38.80
CA VAL B 1008 -9.46 16.41 39.01
C VAL B 1008 -10.32 17.21 38.06
N HIS B 1009 -10.60 16.68 36.86
CA HIS B 1009 -11.55 17.30 35.93
C HIS B 1009 -12.56 16.25 35.45
N LEU B 1010 -13.55 16.01 36.30
CA LEU B 1010 -14.83 15.43 35.90
C LEU B 1010 -16.03 16.19 36.44
N GLU B 1011 -15.83 17.09 37.41
CA GLU B 1011 -16.93 17.84 38.01
C GLU B 1011 -17.67 18.74 37.02
N HIS B 1012 -17.16 18.86 35.78
CA HIS B 1012 -17.84 19.59 34.73
C HIS B 1012 -18.47 18.67 33.69
N LEU B 1013 -18.65 17.37 34.00
CA LEU B 1013 -18.97 16.38 32.98
C LEU B 1013 -20.34 16.63 32.35
N GLU B 1014 -21.34 16.99 33.17
CA GLU B 1014 -22.64 17.52 32.77
C GLU B 1014 -23.60 16.49 32.15
N LYS B 1015 -23.12 15.27 31.88
CA LYS B 1015 -24.00 14.17 31.49
C LYS B 1015 -23.20 12.88 31.48
N LEU B 1016 -23.91 11.76 31.56
CA LEU B 1016 -23.28 10.46 31.72
C LEU B 1016 -24.28 9.37 31.37
N GLU B 1017 -23.85 8.42 30.53
CA GLU B 1017 -24.71 7.34 30.06
C GLU B 1017 -24.05 6.00 30.37
N LEU B 1018 -24.80 5.09 31.01
CA LEU B 1018 -24.33 3.75 31.28
C LEU B 1018 -25.37 2.69 30.91
N HIS B 1019 -26.31 3.01 30.02
CA HIS B 1019 -27.39 2.08 29.75
C HIS B 1019 -26.91 0.92 28.88
N GLN B 1020 -27.68 -0.18 28.93
CA GLN B 1020 -27.41 -1.42 28.19
C GLN B 1020 -26.05 -2.01 28.56
N ASN B 1021 -25.92 -2.39 29.83
CA ASN B 1021 -24.72 -3.06 30.33
C ASN B 1021 -25.14 -4.05 31.42
N ALA B 1022 -24.17 -4.81 31.91
CA ALA B 1022 -24.36 -5.69 33.06
C ALA B 1022 -24.00 -5.00 34.38
N LEU B 1023 -24.11 -3.68 34.42
CA LEU B 1023 -23.64 -2.89 35.56
C LEU B 1023 -24.44 -3.19 36.82
N THR B 1024 -23.74 -3.21 37.95
CA THR B 1024 -24.37 -3.24 39.27
C THR B 1024 -23.61 -2.29 40.19
N SER B 1025 -24.32 -1.78 41.20
CA SER B 1025 -23.72 -1.06 42.34
C SER B 1025 -22.91 0.15 41.87
N PHE B 1026 -23.62 1.14 41.36
CA PHE B 1026 -23.07 2.46 41.07
C PHE B 1026 -22.23 2.96 42.25
N PRO B 1027 -20.93 3.17 42.07
CA PRO B 1027 -20.04 3.40 43.21
C PRO B 1027 -20.39 4.64 44.01
N GLN B 1028 -20.16 4.56 45.32
CA GLN B 1028 -20.59 5.59 46.26
C GLN B 1028 -19.83 6.89 46.06
N GLN B 1029 -18.50 6.83 46.03
CA GLN B 1029 -17.71 8.05 45.92
C GLN B 1029 -17.80 8.71 44.55
N LEU B 1030 -18.24 7.99 43.52
CA LEU B 1030 -18.33 8.59 42.20
C LEU B 1030 -19.36 9.71 42.16
N CYS B 1031 -20.52 9.50 42.79
CA CYS B 1031 -21.58 10.52 42.74
C CYS B 1031 -21.26 11.72 43.61
N GLU B 1032 -20.43 11.57 44.64
CA GLU B 1032 -20.02 12.72 45.44
C GLU B 1032 -18.88 13.50 44.81
N THR B 1033 -18.36 13.02 43.68
CA THR B 1033 -17.34 13.74 42.91
C THR B 1033 -17.96 14.55 41.78
N LEU B 1034 -18.81 13.92 40.98
CA LEU B 1034 -19.48 14.62 39.88
C LEU B 1034 -20.47 15.63 40.43
N LYS B 1035 -20.47 16.84 39.89
CA LYS B 1035 -21.32 17.90 40.42
C LYS B 1035 -21.93 18.76 39.32
N SER B 1036 -22.11 18.22 38.11
CA SER B 1036 -22.77 18.99 37.08
C SER B 1036 -23.71 18.17 36.20
N LEU B 1037 -23.96 16.90 36.50
CA LEU B 1037 -24.70 16.02 35.60
C LEU B 1037 -26.18 16.35 35.64
N THR B 1038 -26.65 17.05 34.61
CA THR B 1038 -28.07 17.35 34.46
C THR B 1038 -28.79 16.31 33.62
N HIS B 1039 -28.11 15.23 33.21
CA HIS B 1039 -28.74 14.17 32.44
C HIS B 1039 -27.91 12.91 32.70
N LEU B 1040 -28.42 12.05 33.58
CA LEU B 1040 -27.73 10.82 33.98
C LEU B 1040 -28.70 9.65 33.81
N ASP B 1041 -28.59 8.95 32.69
CA ASP B 1041 -29.51 7.87 32.36
C ASP B 1041 -28.75 6.56 32.27
N LEU B 1042 -29.08 5.62 33.15
CA LEU B 1042 -28.51 4.28 33.13
C LEU B 1042 -29.65 3.28 33.32
N HIS B 1043 -29.78 2.33 32.39
CA HIS B 1043 -30.81 1.31 32.51
C HIS B 1043 -30.31 0.03 31.87
N SER B 1044 -31.20 -0.95 31.76
CA SER B 1044 -30.90 -2.29 31.25
C SER B 1044 -29.78 -2.98 31.99
N ASN B 1045 -29.54 -2.61 33.25
CA ASN B 1045 -28.48 -3.19 34.05
C ASN B 1045 -29.08 -4.09 35.13
N LYS B 1046 -28.21 -4.72 35.91
CA LYS B 1046 -28.64 -5.69 36.92
C LYS B 1046 -28.63 -5.08 38.33
N PHE B 1047 -29.40 -4.02 38.53
CA PHE B 1047 -29.62 -3.57 39.90
C PHE B 1047 -30.53 -4.53 40.65
N THR B 1048 -30.55 -4.35 41.97
CA THR B 1048 -31.43 -5.10 42.86
C THR B 1048 -32.28 -4.19 43.75
N SER B 1049 -31.85 -2.95 43.98
CA SER B 1049 -32.59 -1.98 44.78
C SER B 1049 -32.10 -0.60 44.38
N PHE B 1050 -32.98 0.38 44.47
CA PHE B 1050 -32.61 1.75 44.16
C PHE B 1050 -31.54 2.22 45.15
N PRO B 1051 -30.41 2.76 44.66
CA PRO B 1051 -29.29 3.06 45.56
C PRO B 1051 -29.60 4.06 46.66
N SER B 1052 -30.64 4.88 46.50
CA SER B 1052 -31.10 5.86 47.48
C SER B 1052 -30.06 6.91 47.84
N TYR B 1053 -28.94 6.97 47.11
CA TYR B 1053 -27.98 8.06 47.29
C TYR B 1053 -27.56 8.69 45.97
N LEU B 1054 -28.19 8.31 44.85
CA LEU B 1054 -27.96 9.03 43.59
C LEU B 1054 -28.48 10.45 43.68
N LEU B 1055 -29.52 10.68 44.49
CA LEU B 1055 -30.16 12.00 44.59
C LEU B 1055 -29.24 13.04 45.23
N LYS B 1056 -28.21 12.61 45.96
CA LYS B 1056 -27.37 13.57 46.66
C LYS B 1056 -26.53 14.44 45.74
N MET B 1057 -26.45 14.13 44.45
CA MET B 1057 -25.76 15.00 43.52
C MET B 1057 -26.53 16.31 43.37
N SER B 1058 -25.80 17.42 43.31
CA SER B 1058 -26.40 18.74 43.48
C SER B 1058 -27.40 19.08 42.38
N CYS B 1059 -26.91 19.28 41.16
CA CYS B 1059 -27.76 19.66 40.02
C CYS B 1059 -27.99 18.44 39.13
N ILE B 1060 -28.89 17.56 39.59
CA ILE B 1060 -29.25 16.35 38.86
C ILE B 1060 -30.66 16.50 38.30
N ALA B 1061 -30.85 16.08 37.06
CA ALA B 1061 -32.16 16.04 36.43
C ALA B 1061 -32.17 14.93 35.40
N ASN B 1062 -33.39 14.46 35.08
CA ASN B 1062 -33.61 13.41 34.08
C ASN B 1062 -32.96 12.10 34.49
N LEU B 1063 -32.91 11.83 35.80
CA LEU B 1063 -32.45 10.53 36.28
C LEU B 1063 -33.36 9.44 35.74
N ASP B 1064 -32.77 8.38 35.19
CA ASP B 1064 -33.54 7.45 34.38
C ASP B 1064 -32.97 6.04 34.57
N VAL B 1065 -33.59 5.28 35.45
CA VAL B 1065 -33.31 3.84 35.60
C VAL B 1065 -34.59 3.10 35.20
N SER B 1066 -34.63 2.62 33.96
CA SER B 1066 -35.88 2.25 33.33
C SER B 1066 -35.98 0.80 32.85
N ARG B 1067 -34.93 0.00 32.99
CA ARG B 1067 -35.03 -1.40 32.55
C ARG B 1067 -34.35 -2.37 33.50
N ASN B 1068 -33.92 -1.93 34.68
CA ASN B 1068 -33.22 -2.81 35.61
C ASN B 1068 -34.21 -3.65 36.40
N ASP B 1069 -33.75 -4.29 37.47
CA ASP B 1069 -34.62 -5.02 38.37
C ASP B 1069 -34.61 -4.31 39.72
N ILE B 1070 -35.46 -3.30 39.85
CA ILE B 1070 -35.56 -2.53 41.10
C ILE B 1070 -36.66 -3.17 41.94
N GLY B 1071 -36.25 -3.91 42.97
CA GLY B 1071 -37.17 -4.63 43.84
C GLY B 1071 -38.16 -3.73 44.55
N PRO B 1072 -39.13 -4.35 45.24
CA PRO B 1072 -40.15 -3.56 45.95
C PRO B 1072 -39.54 -2.70 47.04
N SER B 1073 -40.37 -1.81 47.59
CA SER B 1073 -39.98 -0.86 48.64
C SER B 1073 -38.83 0.02 48.15
N VAL B 1074 -39.18 0.87 47.18
CA VAL B 1074 -38.24 1.76 46.52
C VAL B 1074 -38.17 3.09 47.27
N VAL B 1075 -38.66 3.08 48.53
CA VAL B 1075 -38.68 4.26 49.37
C VAL B 1075 -37.30 4.92 49.44
N LEU B 1076 -37.28 6.25 49.38
CA LEU B 1076 -36.06 7.03 49.44
C LEU B 1076 -35.78 7.47 50.87
N ASP B 1077 -34.52 7.78 51.12
CA ASP B 1077 -34.11 8.25 52.44
C ASP B 1077 -34.65 9.64 52.69
N PRO B 1078 -35.40 9.87 53.78
CA PRO B 1078 -35.96 11.21 54.02
C PRO B 1078 -34.95 12.27 54.43
N THR B 1079 -33.66 11.95 54.44
CA THR B 1079 -32.63 12.88 54.87
C THR B 1079 -31.98 13.64 53.72
N VAL B 1080 -32.50 13.51 52.50
CA VAL B 1080 -31.93 14.18 51.34
C VAL B 1080 -32.98 15.09 50.71
N LYS B 1081 -32.59 16.32 50.40
CA LYS B 1081 -33.45 17.29 49.74
C LYS B 1081 -32.77 17.70 48.45
N CYS B 1082 -33.30 17.24 47.32
CA CYS B 1082 -32.75 17.55 46.00
C CYS B 1082 -33.85 18.08 45.08
N PRO B 1083 -34.16 19.36 45.16
CA PRO B 1083 -35.28 19.92 44.39
C PRO B 1083 -34.94 20.20 42.93
N THR B 1084 -33.84 19.65 42.43
CA THR B 1084 -33.42 19.93 41.06
C THR B 1084 -33.97 18.91 40.06
N LEU B 1085 -34.34 17.72 40.51
CA LEU B 1085 -34.82 16.66 39.62
C LEU B 1085 -36.03 17.10 38.82
N LYS B 1086 -36.05 16.71 37.54
CA LYS B 1086 -37.17 17.01 36.66
C LYS B 1086 -37.93 15.76 36.23
N GLN B 1087 -37.25 14.77 35.67
CA GLN B 1087 -37.86 13.50 35.30
C GLN B 1087 -37.23 12.39 36.12
N PHE B 1088 -38.06 11.58 36.76
CA PHE B 1088 -37.60 10.46 37.58
C PHE B 1088 -38.29 9.21 37.04
N ASN B 1089 -37.70 8.59 36.03
CA ASN B 1089 -38.30 7.42 35.40
C ASN B 1089 -38.00 6.18 36.24
N LEU B 1090 -39.00 5.29 36.34
CA LEU B 1090 -38.86 4.07 37.11
C LEU B 1090 -39.55 2.90 36.42
N SER B 1091 -39.58 2.91 35.09
CA SER B 1091 -40.43 2.00 34.34
C SER B 1091 -39.92 0.56 34.41
N TYR B 1092 -40.86 -0.38 34.39
CA TYR B 1092 -40.65 -1.77 33.99
C TYR B 1092 -39.76 -2.58 34.90
N ASN B 1093 -39.37 -2.08 36.07
CA ASN B 1093 -38.31 -2.83 36.73
C ASN B 1093 -38.82 -4.03 37.52
N GLN B 1094 -39.35 -3.80 38.73
CA GLN B 1094 -40.00 -4.84 39.50
C GLN B 1094 -41.12 -4.32 40.40
N LEU B 1095 -41.45 -3.03 40.35
CA LEU B 1095 -42.13 -2.35 41.45
C LEU B 1095 -43.47 -2.99 41.78
N SER B 1096 -43.76 -3.09 43.07
CA SER B 1096 -45.07 -3.48 43.56
C SER B 1096 -45.74 -2.38 44.38
N PHE B 1097 -45.14 -1.18 44.43
CA PHE B 1097 -45.72 -0.06 45.15
C PHE B 1097 -45.30 1.24 44.48
N VAL B 1098 -46.11 2.27 44.69
CA VAL B 1098 -45.70 3.64 44.35
C VAL B 1098 -44.57 4.06 45.29
N PRO B 1099 -43.57 4.80 44.84
CA PRO B 1099 -42.52 5.27 45.76
C PRO B 1099 -43.10 6.07 46.92
N GLU B 1100 -42.53 5.85 48.11
CA GLU B 1100 -43.18 6.31 49.34
C GLU B 1100 -43.00 7.80 49.56
N ASN B 1101 -41.75 8.27 49.65
CA ASN B 1101 -41.45 9.60 50.17
C ASN B 1101 -41.27 10.65 49.08
N LEU B 1102 -42.01 10.53 47.97
CA LEU B 1102 -41.83 11.47 46.86
C LEU B 1102 -42.27 12.88 47.19
N THR B 1103 -43.01 13.09 48.28
CA THR B 1103 -43.52 14.42 48.60
C THR B 1103 -42.42 15.37 49.06
N ASP B 1104 -41.48 14.88 49.88
CA ASP B 1104 -40.53 15.75 50.54
C ASP B 1104 -39.09 15.54 50.10
N VAL B 1105 -38.85 14.84 48.98
CA VAL B 1105 -37.48 14.57 48.56
C VAL B 1105 -37.23 15.07 47.14
N VAL B 1106 -38.25 15.03 46.30
CA VAL B 1106 -38.08 15.36 44.89
C VAL B 1106 -39.11 16.45 44.61
N GLU B 1107 -39.29 17.33 45.59
CA GLU B 1107 -40.42 18.27 45.69
C GLU B 1107 -40.71 19.06 44.41
N LYS B 1108 -39.77 19.17 43.48
CA LYS B 1108 -39.95 19.95 42.27
C LYS B 1108 -39.97 19.06 41.01
N LEU B 1109 -40.40 17.81 41.16
CA LEU B 1109 -40.51 16.91 40.02
C LEU B 1109 -41.55 17.43 39.01
N GLU B 1110 -41.34 17.06 37.74
CA GLU B 1110 -42.32 17.36 36.70
C GLU B 1110 -42.93 16.10 36.09
N GLN B 1111 -42.12 15.19 35.55
CA GLN B 1111 -42.61 13.96 34.94
C GLN B 1111 -42.19 12.76 35.78
N LEU B 1112 -43.17 12.03 36.30
CA LEU B 1112 -42.94 10.77 37.00
C LEU B 1112 -43.59 9.64 36.21
N ILE B 1113 -42.80 8.64 35.84
CA ILE B 1113 -43.27 7.54 35.01
C ILE B 1113 -43.06 6.24 35.79
N LEU B 1114 -44.12 5.42 35.86
CA LEU B 1114 -44.09 4.16 36.58
C LEU B 1114 -44.69 3.03 35.76
N GLU B 1115 -44.68 3.15 34.44
CA GLU B 1115 -45.33 2.16 33.60
C GLU B 1115 -44.55 0.84 33.59
N GLY B 1116 -45.26 -0.22 33.18
CA GLY B 1116 -44.65 -1.52 33.01
C GLY B 1116 -44.53 -2.37 34.26
N ASN B 1117 -44.51 -1.76 35.44
CA ASN B 1117 -44.25 -2.48 36.67
C ASN B 1117 -45.50 -3.22 37.14
N LYS B 1118 -45.50 -3.67 38.39
CA LYS B 1118 -46.60 -4.46 38.93
C LYS B 1118 -47.15 -3.84 40.20
N ILE B 1119 -47.40 -2.53 40.17
CA ILE B 1119 -47.95 -1.80 41.31
C ILE B 1119 -49.32 -2.35 41.67
N SER B 1120 -49.42 -2.97 42.84
CA SER B 1120 -50.64 -3.68 43.24
C SER B 1120 -51.51 -2.84 44.18
N GLY B 1121 -50.94 -2.37 45.30
CA GLY B 1121 -51.74 -1.69 46.29
C GLY B 1121 -52.28 -0.37 45.81
N ILE B 1122 -53.34 0.09 46.50
CA ILE B 1122 -53.93 1.38 46.22
C ILE B 1122 -52.90 2.48 46.47
N CYS B 1123 -52.83 3.43 45.54
CA CYS B 1123 -51.80 4.46 45.58
C CYS B 1123 -51.99 5.40 46.76
N SER B 1124 -50.87 5.94 47.25
CA SER B 1124 -50.86 6.92 48.30
C SER B 1124 -51.43 8.24 47.77
N PRO B 1125 -51.89 9.14 48.66
CA PRO B 1125 -52.38 10.46 48.20
C PRO B 1125 -51.46 11.21 47.25
N LEU B 1126 -50.15 10.99 47.31
CA LEU B 1126 -49.17 11.50 46.33
C LEU B 1126 -49.23 13.03 46.25
N ARG B 1127 -48.76 13.66 47.33
CA ARG B 1127 -48.96 15.08 47.54
C ARG B 1127 -47.86 15.94 46.91
N LEU B 1128 -47.23 15.45 45.84
CA LEU B 1128 -46.34 16.28 45.04
C LEU B 1128 -47.12 17.44 44.42
N LYS B 1129 -46.40 18.52 44.12
CA LYS B 1129 -47.06 19.78 43.82
C LYS B 1129 -46.97 20.21 42.36
N GLU B 1130 -46.06 19.65 41.57
CA GLU B 1130 -45.94 20.04 40.17
C GLU B 1130 -45.77 18.82 39.26
N LEU B 1131 -46.54 17.77 39.51
CA LEU B 1131 -46.58 16.64 38.60
C LEU B 1131 -47.20 17.09 37.28
N LYS B 1132 -46.41 17.08 36.20
CA LYS B 1132 -46.94 17.45 34.89
C LYS B 1132 -47.32 16.26 34.03
N ILE B 1133 -46.58 15.15 34.11
CA ILE B 1133 -46.87 13.93 33.36
C ILE B 1133 -46.84 12.78 34.34
N LEU B 1134 -48.03 12.28 34.71
CA LEU B 1134 -48.16 11.07 35.50
C LEU B 1134 -48.61 9.93 34.59
N ASN B 1135 -48.06 8.75 34.80
CA ASN B 1135 -48.27 7.65 33.85
C ASN B 1135 -48.19 6.33 34.63
N LEU B 1136 -49.35 5.72 34.88
CA LEU B 1136 -49.43 4.47 35.63
C LEU B 1136 -49.99 3.36 34.76
N SER B 1137 -49.57 3.30 33.50
CA SER B 1137 -50.01 2.27 32.59
C SER B 1137 -49.31 0.95 32.89
N LYS B 1138 -49.94 -0.15 32.46
CA LYS B 1138 -49.40 -1.51 32.59
C LYS B 1138 -49.13 -1.87 34.06
N ASN B 1139 -50.20 -1.87 34.85
CA ASN B 1139 -50.10 -2.29 36.25
C ASN B 1139 -51.30 -3.15 36.61
N HIS B 1140 -51.18 -3.87 37.73
CA HIS B 1140 -52.30 -4.57 38.35
C HIS B 1140 -52.80 -3.71 39.50
N ILE B 1141 -53.53 -2.65 39.17
CA ILE B 1141 -54.03 -1.69 40.14
C ILE B 1141 -55.53 -1.88 40.29
N SER B 1142 -55.99 -2.00 41.55
CA SER B 1142 -57.39 -2.30 41.80
C SER B 1142 -58.27 -1.07 41.58
N SER B 1143 -58.03 -0.01 42.34
CA SER B 1143 -58.83 1.21 42.22
C SER B 1143 -58.08 2.36 42.87
N LEU B 1144 -58.26 3.55 42.31
CA LEU B 1144 -57.57 4.74 42.78
C LEU B 1144 -58.28 5.32 44.00
N SER B 1145 -57.49 5.69 45.00
CA SER B 1145 -58.05 6.31 46.20
C SER B 1145 -58.60 7.70 45.87
N GLU B 1146 -59.57 8.14 46.67
CA GLU B 1146 -60.24 9.41 46.40
C GLU B 1146 -59.30 10.60 46.52
N ASN B 1147 -58.33 10.54 47.44
CA ASN B 1147 -57.38 11.61 47.65
C ASN B 1147 -56.13 11.48 46.80
N PHE B 1148 -56.20 10.74 45.69
CA PHE B 1148 -55.01 10.52 44.86
C PHE B 1148 -54.64 11.78 44.09
N LEU B 1149 -55.61 12.47 43.50
CA LEU B 1149 -55.36 13.66 42.71
C LEU B 1149 -56.10 14.87 43.26
N GLU B 1150 -56.08 15.03 44.58
CA GLU B 1150 -56.63 16.22 45.22
C GLU B 1150 -55.57 17.24 45.60
N ALA B 1151 -54.30 16.98 45.29
CA ALA B 1151 -53.22 17.89 45.66
C ALA B 1151 -52.17 18.03 44.57
N CYS B 1152 -52.56 17.82 43.31
CA CYS B 1152 -51.66 17.95 42.16
C CYS B 1152 -52.30 18.87 41.14
N PRO B 1153 -52.20 20.19 41.33
CA PRO B 1153 -52.97 21.14 40.52
C PRO B 1153 -52.42 21.41 39.13
N LYS B 1154 -51.46 20.62 38.63
CA LYS B 1154 -50.92 20.86 37.29
C LYS B 1154 -50.80 19.59 36.45
N VAL B 1155 -51.39 18.48 36.89
CA VAL B 1155 -51.34 17.24 36.10
C VAL B 1155 -52.04 17.45 34.77
N GLU B 1156 -51.38 17.00 33.70
CA GLU B 1156 -51.87 17.23 32.35
C GLU B 1156 -52.11 15.95 31.56
N SER B 1157 -51.26 14.94 31.72
CA SER B 1157 -51.27 13.78 30.85
C SER B 1157 -51.37 12.48 31.64
N PHE B 1158 -52.28 12.43 32.60
CA PHE B 1158 -52.59 11.19 33.28
C PHE B 1158 -53.08 10.16 32.27
N SER B 1159 -52.54 8.95 32.35
CA SER B 1159 -52.90 7.91 31.38
C SER B 1159 -52.67 6.54 32.00
N ALA B 1160 -53.75 5.83 32.29
CA ALA B 1160 -53.66 4.49 32.86
C ALA B 1160 -54.13 3.52 31.79
N ARG B 1161 -53.18 2.84 31.14
CA ARG B 1161 -53.47 1.92 30.06
C ARG B 1161 -53.37 0.48 30.56
N MET B 1162 -54.23 -0.38 30.03
CA MET B 1162 -54.27 -1.83 30.31
C MET B 1162 -54.13 -2.15 31.79
N ASN B 1163 -54.96 -1.47 32.59
CA ASN B 1163 -55.01 -1.68 34.03
C ASN B 1163 -56.44 -1.97 34.45
N PHE B 1164 -56.59 -2.76 35.51
CA PHE B 1164 -57.90 -3.17 36.01
C PHE B 1164 -58.56 -2.00 36.76
N LEU B 1165 -58.99 -1.00 35.98
CA LEU B 1165 -59.54 0.23 36.52
C LEU B 1165 -61.03 0.31 36.23
N ALA B 1166 -61.79 0.79 37.22
CA ALA B 1166 -63.25 0.84 37.13
C ALA B 1166 -63.82 2.24 37.34
N ALA B 1167 -63.25 3.03 38.24
CA ALA B 1167 -63.76 4.37 38.52
C ALA B 1167 -62.65 5.40 38.39
N MET B 1168 -62.92 6.66 38.76
CA MET B 1168 -61.88 7.68 38.65
C MET B 1168 -62.15 8.83 39.62
N PRO B 1169 -61.23 9.08 40.56
CA PRO B 1169 -61.42 10.02 41.70
C PRO B 1169 -61.08 11.50 41.52
N PHE B 1170 -62.04 12.27 40.98
CA PHE B 1170 -62.00 13.73 41.00
C PHE B 1170 -60.75 14.26 40.28
N LEU B 1171 -60.75 14.07 38.97
CA LEU B 1171 -59.69 14.61 38.13
C LEU B 1171 -59.56 16.12 38.34
N PRO B 1172 -58.36 16.63 38.57
CA PRO B 1172 -58.18 18.07 38.70
C PRO B 1172 -58.52 18.77 37.40
N PRO B 1173 -58.99 20.02 37.46
CA PRO B 1173 -59.44 20.71 36.25
C PRO B 1173 -58.34 21.07 35.25
N SER B 1174 -57.10 20.68 35.51
CA SER B 1174 -55.98 21.06 34.66
C SER B 1174 -55.56 19.99 33.67
N MET B 1175 -56.25 18.84 33.64
CA MET B 1175 -55.95 17.82 32.63
C MET B 1175 -56.14 18.36 31.22
N THR B 1176 -55.25 17.93 30.33
CA THR B 1176 -55.37 18.20 28.90
C THR B 1176 -55.61 16.94 28.10
N ILE B 1177 -54.80 15.90 28.29
CA ILE B 1177 -54.90 14.68 27.52
C ILE B 1177 -54.96 13.49 28.47
N LEU B 1178 -55.85 12.54 28.17
CA LEU B 1178 -55.95 11.29 28.91
C LEU B 1178 -55.97 10.12 27.94
N LYS B 1179 -55.40 9.00 28.38
CA LYS B 1179 -55.44 7.74 27.65
C LYS B 1179 -55.91 6.66 28.61
N LEU B 1180 -56.98 5.95 28.25
CA LEU B 1180 -57.57 4.98 29.14
C LEU B 1180 -57.96 3.71 28.40
N SER B 1181 -57.09 3.23 27.52
CA SER B 1181 -57.42 2.03 26.76
C SER B 1181 -57.24 0.77 27.61
N GLN B 1182 -57.88 -0.31 27.17
CA GLN B 1182 -57.88 -1.63 27.81
C GLN B 1182 -58.20 -1.56 29.31
N ASN B 1183 -59.38 -1.02 29.62
CA ASN B 1183 -59.83 -0.97 31.00
C ASN B 1183 -61.28 -1.43 31.10
N LYS B 1184 -61.62 -1.99 32.26
CA LYS B 1184 -62.96 -2.47 32.54
C LYS B 1184 -63.81 -1.30 33.04
N PHE B 1185 -64.32 -0.53 32.09
CA PHE B 1185 -65.21 0.59 32.38
C PHE B 1185 -66.61 0.22 31.90
N SER B 1186 -67.50 -0.07 32.86
CA SER B 1186 -68.90 -0.33 32.51
C SER B 1186 -69.54 0.90 31.89
N CYS B 1187 -69.22 2.08 32.39
CA CYS B 1187 -69.70 3.32 31.80
C CYS B 1187 -68.67 4.42 32.03
N ILE B 1188 -68.75 5.46 31.20
CA ILE B 1188 -67.87 6.62 31.37
C ILE B 1188 -68.18 7.31 32.69
N PRO B 1189 -67.19 7.56 33.54
CA PRO B 1189 -67.46 8.19 34.84
C PRO B 1189 -67.92 9.63 34.67
N GLU B 1190 -68.75 10.08 35.62
CA GLU B 1190 -69.26 11.44 35.58
C GLU B 1190 -68.17 12.48 35.82
N ALA B 1191 -67.16 12.14 36.64
CA ALA B 1191 -66.10 13.11 36.95
C ALA B 1191 -65.31 13.53 35.72
N ILE B 1192 -65.10 12.62 34.76
CA ILE B 1192 -64.39 13.00 33.54
C ILE B 1192 -65.22 13.92 32.67
N LEU B 1193 -66.55 13.92 32.85
CA LEU B 1193 -67.39 14.88 32.16
C LEU B 1193 -67.21 16.29 32.68
N ASN B 1194 -66.57 16.45 33.84
CA ASN B 1194 -66.46 17.75 34.50
C ASN B 1194 -65.19 18.51 34.11
N LEU B 1195 -64.34 17.91 33.27
CA LEU B 1195 -63.10 18.57 32.88
C LEU B 1195 -63.37 19.71 31.91
N PRO B 1196 -62.94 20.93 32.21
CA PRO B 1196 -63.24 22.06 31.31
C PRO B 1196 -62.28 22.23 30.15
N HIS B 1197 -61.09 21.64 30.20
CA HIS B 1197 -60.09 21.82 29.15
C HIS B 1197 -59.56 20.48 28.65
N LEU B 1198 -60.42 19.47 28.60
CA LEU B 1198 -60.01 18.15 28.11
C LEU B 1198 -59.80 18.22 26.61
N ARG B 1199 -58.59 17.87 26.16
CA ARG B 1199 -58.20 18.01 24.76
C ARG B 1199 -58.15 16.69 24.01
N SER B 1200 -57.63 15.63 24.63
CA SER B 1200 -57.57 14.32 24.00
C SER B 1200 -58.00 13.26 25.00
N LEU B 1201 -58.71 12.25 24.50
CA LEU B 1201 -59.27 11.20 25.34
C LEU B 1201 -59.33 9.91 24.53
N ASP B 1202 -58.88 8.82 25.14
CA ASP B 1202 -58.77 7.52 24.48
C ASP B 1202 -59.40 6.46 25.37
N MET B 1203 -60.31 5.67 24.81
CA MET B 1203 -61.00 4.64 25.58
C MET B 1203 -61.10 3.34 24.80
N SER B 1204 -60.03 2.99 24.09
CA SER B 1204 -60.06 1.82 23.21
C SER B 1204 -60.24 0.53 24.02
N SER B 1205 -60.98 -0.41 23.43
CA SER B 1205 -61.16 -1.78 23.95
C SER B 1205 -61.67 -1.79 25.40
N ASN B 1206 -62.72 -1.01 25.64
CA ASN B 1206 -63.40 -1.01 26.92
C ASN B 1206 -64.80 -1.56 26.77
N ASP B 1207 -65.34 -2.08 27.88
CA ASP B 1207 -66.71 -2.58 27.91
C ASP B 1207 -67.71 -1.46 28.12
N ILE B 1208 -67.62 -0.42 27.28
CA ILE B 1208 -68.53 0.72 27.38
C ILE B 1208 -69.92 0.32 26.89
N GLN B 1209 -70.94 1.04 27.38
CA GLN B 1209 -72.31 0.77 26.98
C GLN B 1209 -72.96 1.95 26.28
N TYR B 1210 -72.93 3.14 26.88
CA TYR B 1210 -73.63 4.30 26.35
C TYR B 1210 -72.66 5.46 26.19
N LEU B 1211 -72.74 6.15 25.05
CA LEU B 1211 -71.95 7.34 24.81
C LEU B 1211 -72.76 8.57 25.18
N PRO B 1212 -72.32 9.36 26.16
CA PRO B 1212 -73.06 10.57 26.52
C PRO B 1212 -73.10 11.56 25.37
N GLY B 1213 -74.17 12.35 25.33
CA GLY B 1213 -74.36 13.32 24.28
C GLY B 1213 -73.35 14.45 24.34
N PRO B 1214 -73.25 15.21 23.25
CA PRO B 1214 -72.26 16.31 23.18
C PRO B 1214 -72.49 17.41 24.20
N ALA B 1215 -73.70 17.55 24.74
CA ALA B 1215 -74.02 18.63 25.66
C ALA B 1215 -73.62 18.33 27.10
N HIS B 1216 -73.05 17.17 27.37
CA HIS B 1216 -72.70 16.78 28.74
C HIS B 1216 -71.20 16.87 29.01
N TRP B 1217 -70.40 17.33 28.05
CA TRP B 1217 -68.95 17.37 28.24
C TRP B 1217 -68.46 18.64 28.87
N LYS B 1218 -69.21 19.74 28.74
CA LYS B 1218 -68.90 21.04 29.36
C LYS B 1218 -67.47 21.51 29.03
N SER B 1219 -67.07 21.31 27.78
CA SER B 1219 -65.77 21.77 27.32
C SER B 1219 -65.87 22.10 25.83
N LEU B 1220 -64.92 22.91 25.37
CA LEU B 1220 -64.93 23.41 24.00
C LEU B 1220 -63.66 23.11 23.23
N ASN B 1221 -62.74 22.33 23.79
CA ASN B 1221 -61.47 22.04 23.14
C ASN B 1221 -61.26 20.54 22.97
N LEU B 1222 -62.30 19.82 22.56
CA LEU B 1222 -62.18 18.40 22.28
C LEU B 1222 -61.50 18.22 20.92
N ARG B 1223 -60.38 17.49 20.91
CA ARG B 1223 -59.65 17.26 19.66
C ARG B 1223 -59.57 15.78 19.29
N GLU B 1224 -59.19 14.92 20.24
CA GLU B 1224 -59.10 13.49 19.99
C GLU B 1224 -60.15 12.76 20.83
N LEU B 1225 -60.86 11.83 20.21
CA LEU B 1225 -61.84 11.00 20.90
C LEU B 1225 -61.82 9.63 20.24
N LEU B 1226 -61.16 8.67 20.89
CA LEU B 1226 -60.97 7.33 20.33
C LEU B 1226 -61.75 6.34 21.17
N PHE B 1227 -62.78 5.72 20.58
CA PHE B 1227 -63.64 4.76 21.25
C PHE B 1227 -63.67 3.43 20.53
N SER B 1228 -62.58 3.07 19.86
CA SER B 1228 -62.52 1.85 19.08
C SER B 1228 -62.55 0.60 19.96
N HIS B 1229 -62.80 -0.54 19.31
CA HIS B 1229 -62.80 -1.87 19.94
C HIS B 1229 -63.77 -1.97 21.11
N ASN B 1230 -64.92 -1.30 20.98
CA ASN B 1230 -65.92 -1.29 22.04
C ASN B 1230 -67.24 -1.88 21.55
N GLN B 1231 -68.25 -1.82 22.42
CA GLN B 1231 -69.62 -2.18 22.08
C GLN B 1231 -70.52 -0.98 22.39
N ILE B 1232 -70.63 -0.09 21.41
CA ILE B 1232 -71.42 1.13 21.52
C ILE B 1232 -72.67 0.97 20.67
N SER B 1233 -73.82 1.34 21.25
CA SER B 1233 -75.09 1.13 20.57
C SER B 1233 -75.39 2.23 19.57
N ILE B 1234 -75.36 3.49 20.01
CA ILE B 1234 -75.76 4.61 19.17
C ILE B 1234 -74.60 5.62 19.13
N LEU B 1235 -74.63 6.47 18.11
CA LEU B 1235 -73.63 7.51 17.91
C LEU B 1235 -74.29 8.87 18.08
N ASP B 1236 -75.11 9.00 19.12
CA ASP B 1236 -75.96 10.17 19.35
C ASP B 1236 -75.17 11.48 19.26
N LEU B 1237 -75.54 12.31 18.30
CA LEU B 1237 -74.99 13.64 18.16
C LEU B 1237 -76.06 14.69 17.87
N SER B 1238 -77.33 14.27 17.74
CA SER B 1238 -78.42 15.19 17.42
C SER B 1238 -78.71 16.19 18.53
N GLU B 1239 -78.16 16.00 19.74
CA GLU B 1239 -78.42 16.91 20.85
C GLU B 1239 -77.96 18.32 20.52
N LYS B 1240 -76.66 18.50 20.32
CA LYS B 1240 -76.12 19.82 19.97
C LYS B 1240 -74.79 19.61 19.27
N ALA B 1241 -74.76 19.82 17.95
CA ALA B 1241 -73.59 19.45 17.16
C ALA B 1241 -72.44 20.43 17.35
N TYR B 1242 -72.73 21.73 17.36
CA TYR B 1242 -71.65 22.73 17.28
C TYR B 1242 -70.76 22.75 18.51
N LEU B 1243 -71.15 22.07 19.60
CA LEU B 1243 -70.27 21.97 20.76
C LEU B 1243 -69.02 21.15 20.47
N TRP B 1244 -69.03 20.37 19.38
CA TRP B 1244 -67.88 19.55 19.00
C TRP B 1244 -67.23 20.05 17.72
N SER B 1245 -67.31 21.35 17.44
CA SER B 1245 -66.79 21.88 16.17
C SER B 1245 -65.28 21.72 16.03
N ARG B 1246 -64.58 21.43 17.13
CA ARG B 1246 -63.12 21.31 17.12
C ARG B 1246 -62.63 19.87 17.09
N VAL B 1247 -63.52 18.87 17.04
CA VAL B 1247 -63.06 17.48 17.09
C VAL B 1247 -62.40 17.12 15.77
N GLU B 1248 -61.26 16.43 15.86
CA GLU B 1248 -60.51 16.00 14.68
C GLU B 1248 -60.46 14.48 14.51
N LYS B 1249 -60.21 13.74 15.58
CA LYS B 1249 -60.07 12.29 15.50
C LYS B 1249 -61.29 11.62 16.11
N LEU B 1250 -61.79 10.59 15.44
CA LEU B 1250 -62.94 9.84 15.91
C LEU B 1250 -62.88 8.44 15.32
N HIS B 1251 -62.44 7.47 16.11
CA HIS B 1251 -62.36 6.08 15.69
C HIS B 1251 -63.43 5.27 16.40
N LEU B 1252 -64.24 4.56 15.62
CA LEU B 1252 -65.30 3.72 16.15
C LEU B 1252 -65.22 2.29 15.62
N SER B 1253 -64.01 1.79 15.37
CA SER B 1253 -63.86 0.45 14.81
C SER B 1253 -64.24 -0.62 15.82
N HIS B 1254 -64.53 -1.81 15.29
CA HIS B 1254 -64.84 -3.01 16.06
C HIS B 1254 -66.06 -2.83 16.96
N ASN B 1255 -67.01 -2.01 16.55
CA ASN B 1255 -68.23 -1.76 17.31
C ASN B 1255 -69.45 -2.23 16.55
N LYS B 1256 -70.62 -2.01 17.14
CA LYS B 1256 -71.91 -2.37 16.55
C LYS B 1256 -72.76 -1.10 16.40
N LEU B 1257 -72.55 -0.40 15.29
CA LEU B 1257 -73.33 0.77 14.95
C LEU B 1257 -74.29 0.44 13.81
N LYS B 1258 -75.46 1.08 13.85
CA LYS B 1258 -76.50 0.80 12.87
C LYS B 1258 -76.64 1.88 11.82
N GLU B 1259 -76.59 3.15 12.19
CA GLU B 1259 -76.70 4.22 11.21
C GLU B 1259 -75.88 5.41 11.67
N ILE B 1260 -75.43 6.20 10.69
CA ILE B 1260 -74.64 7.40 10.95
C ILE B 1260 -75.60 8.58 11.05
N PRO B 1261 -75.63 9.31 12.17
CA PRO B 1261 -76.55 10.43 12.29
C PRO B 1261 -76.17 11.55 11.32
N PRO B 1262 -77.15 12.30 10.80
CA PRO B 1262 -76.80 13.35 9.83
C PRO B 1262 -76.12 14.56 10.45
N GLU B 1263 -76.17 14.72 11.77
CA GLU B 1263 -75.63 15.94 12.36
C GLU B 1263 -74.11 15.96 12.33
N ILE B 1264 -73.49 14.83 11.98
CA ILE B 1264 -72.03 14.79 11.85
C ILE B 1264 -71.60 15.78 10.78
N GLY B 1265 -72.50 16.06 9.82
CA GLY B 1265 -72.18 17.00 8.76
C GLY B 1265 -71.88 18.40 9.27
N CYS B 1266 -72.31 18.72 10.50
CA CYS B 1266 -72.00 20.02 11.08
C CYS B 1266 -70.53 20.12 11.48
N LEU B 1267 -69.91 18.99 11.82
CA LEU B 1267 -68.53 18.98 12.33
C LEU B 1267 -67.56 19.25 11.19
N GLU B 1268 -67.12 20.50 11.05
CA GLU B 1268 -66.31 20.87 9.90
C GLU B 1268 -64.86 20.40 10.02
N ASN B 1269 -64.30 20.38 11.23
CA ASN B 1269 -62.88 20.15 11.43
C ASN B 1269 -62.53 18.69 11.68
N LEU B 1270 -63.34 17.75 11.19
CA LEU B 1270 -63.03 16.34 11.34
C LEU B 1270 -61.83 15.97 10.47
N THR B 1271 -60.79 15.43 11.11
CA THR B 1271 -59.56 15.06 10.43
C THR B 1271 -59.49 13.56 10.14
N SER B 1272 -60.02 12.72 11.02
CA SER B 1272 -60.01 11.28 10.81
C SER B 1272 -61.28 10.70 11.41
N LEU B 1273 -62.18 10.22 10.56
CA LEU B 1273 -63.40 9.54 10.97
C LEU B 1273 -63.31 8.07 10.60
N ASP B 1274 -63.70 7.21 11.53
CA ASP B 1274 -63.57 5.77 11.33
C ASP B 1274 -64.85 5.06 11.78
N VAL B 1275 -65.40 4.23 10.89
CA VAL B 1275 -66.56 3.41 11.20
C VAL B 1275 -66.32 1.98 10.75
N SER B 1276 -65.06 1.62 10.51
CA SER B 1276 -64.73 0.31 9.96
C SER B 1276 -65.02 -0.80 10.98
N TYR B 1277 -64.94 -2.04 10.50
CA TYR B 1277 -65.08 -3.25 11.33
C TYR B 1277 -66.41 -3.26 12.10
N ASN B 1278 -67.49 -2.86 11.44
CA ASN B 1278 -68.79 -2.84 12.10
C ASN B 1278 -69.81 -3.80 11.51
N LEU B 1279 -69.77 -4.06 10.20
CA LEU B 1279 -70.61 -5.01 9.49
C LEU B 1279 -72.11 -4.68 9.56
N GLU B 1280 -72.47 -3.50 10.07
CA GLU B 1280 -73.88 -3.22 10.31
C GLU B 1280 -74.33 -1.82 9.93
N LEU B 1281 -73.49 -1.02 9.28
CA LEU B 1281 -73.94 0.30 8.84
C LEU B 1281 -74.72 0.23 7.53
N ARG B 1282 -74.06 -0.24 6.47
CA ARG B 1282 -74.59 -0.47 5.12
C ARG B 1282 -74.97 0.82 4.39
N SER B 1283 -74.84 1.99 5.01
CA SER B 1283 -75.24 3.24 4.38
C SER B 1283 -74.55 4.41 5.05
N PHE B 1284 -74.33 5.47 4.28
CA PHE B 1284 -73.85 6.75 4.79
C PHE B 1284 -74.76 7.88 4.31
N PRO B 1285 -75.24 8.74 5.20
CA PRO B 1285 -76.04 9.89 4.76
C PRO B 1285 -75.18 10.89 4.02
N ASN B 1286 -75.83 11.66 3.14
CA ASN B 1286 -75.14 12.66 2.33
C ASN B 1286 -74.65 13.86 3.14
N GLU B 1287 -75.05 13.98 4.41
CA GLU B 1287 -74.80 15.20 5.16
C GLU B 1287 -73.31 15.42 5.38
N MET B 1288 -72.55 14.34 5.55
CA MET B 1288 -71.13 14.49 5.83
C MET B 1288 -70.36 15.00 4.62
N GLY B 1289 -71.04 15.32 3.50
CA GLY B 1289 -70.37 15.82 2.31
C GLY B 1289 -69.69 17.17 2.48
N LYS B 1290 -69.96 17.87 3.58
CA LYS B 1290 -69.31 19.14 3.87
C LYS B 1290 -68.04 18.98 4.69
N LEU B 1291 -67.58 17.75 4.89
CA LEU B 1291 -66.39 17.47 5.70
C LEU B 1291 -65.16 17.36 4.79
N SER B 1292 -64.76 18.53 4.27
CA SER B 1292 -63.66 18.59 3.32
C SER B 1292 -62.29 18.32 3.95
N LYS B 1293 -62.20 18.28 5.28
CA LYS B 1293 -60.92 18.16 5.96
C LYS B 1293 -60.52 16.72 6.21
N ILE B 1294 -61.31 15.75 5.75
CA ILE B 1294 -60.95 14.34 5.91
C ILE B 1294 -59.82 14.00 4.96
N TRP B 1295 -58.76 13.39 5.50
CA TRP B 1295 -57.67 12.87 4.68
C TRP B 1295 -57.50 11.37 4.77
N ASP B 1296 -58.19 10.70 5.69
CA ASP B 1296 -58.21 9.25 5.75
C ASP B 1296 -59.56 8.78 6.26
N LEU B 1297 -60.07 7.72 5.67
CA LEU B 1297 -61.37 7.14 6.04
C LEU B 1297 -61.33 5.67 5.67
N PRO B 1298 -61.05 4.79 6.63
CA PRO B 1298 -60.98 3.36 6.31
C PRO B 1298 -62.36 2.80 5.99
N LEU B 1299 -62.39 1.86 5.06
CA LEU B 1299 -63.60 1.15 4.63
C LEU B 1299 -63.35 -0.35 4.66
N ASP B 1300 -62.84 -0.85 5.78
CA ASP B 1300 -62.44 -2.25 5.89
C ASP B 1300 -63.65 -3.14 6.14
N GLU B 1301 -63.86 -4.10 5.23
CA GLU B 1301 -64.89 -5.15 5.27
C GLU B 1301 -66.24 -4.68 5.83
N LEU B 1302 -66.75 -3.59 5.27
CA LEU B 1302 -68.15 -3.24 5.43
C LEU B 1302 -68.73 -2.96 4.05
N HIS B 1303 -69.88 -3.55 3.76
CA HIS B 1303 -70.46 -3.53 2.42
C HIS B 1303 -71.29 -2.27 2.23
N LEU B 1304 -70.96 -1.50 1.20
CA LEU B 1304 -71.61 -0.24 0.88
C LEU B 1304 -72.45 -0.38 -0.38
N ASN B 1305 -72.98 0.75 -0.85
CA ASN B 1305 -73.90 0.78 -1.96
C ASN B 1305 -73.21 0.95 -3.31
N PHE B 1306 -71.88 0.96 -3.32
CA PHE B 1306 -71.12 1.28 -4.52
C PHE B 1306 -69.79 0.54 -4.50
N ASP B 1307 -69.32 0.15 -5.68
CA ASP B 1307 -68.01 -0.47 -5.84
C ASP B 1307 -66.93 0.60 -5.76
N PHE B 1308 -65.92 0.35 -4.93
CA PHE B 1308 -64.87 1.33 -4.68
C PHE B 1308 -63.51 0.63 -4.64
N LYS B 1309 -62.46 1.44 -4.47
CA LYS B 1309 -61.07 0.97 -4.32
C LYS B 1309 -60.62 0.13 -5.51
N HIS B 1310 -61.05 0.51 -6.72
CA HIS B 1310 -60.53 -0.12 -7.93
C HIS B 1310 -59.20 0.51 -8.34
N ILE B 1311 -59.22 1.80 -8.69
CA ILE B 1311 -58.01 2.55 -8.94
C ILE B 1311 -57.93 3.86 -8.16
N GLY B 1312 -59.04 4.39 -7.68
CA GLY B 1312 -59.03 5.58 -6.85
C GLY B 1312 -59.67 5.30 -5.50
N CYS B 1313 -60.71 6.09 -5.16
CA CYS B 1313 -61.44 5.96 -3.91
C CYS B 1313 -60.50 5.95 -2.71
N LYS B 1314 -59.60 6.94 -2.68
CA LYS B 1314 -58.54 7.04 -1.69
C LYS B 1314 -58.94 7.86 -0.47
N ALA B 1315 -60.24 7.86 -0.12
CA ALA B 1315 -60.86 8.44 1.06
C ALA B 1315 -60.95 9.96 1.00
N LYS B 1316 -60.61 10.57 -0.12
CA LYS B 1316 -60.83 12.00 -0.33
C LYS B 1316 -61.91 12.29 -1.36
N ASP B 1317 -61.91 11.57 -2.49
CA ASP B 1317 -62.97 11.76 -3.48
C ASP B 1317 -64.30 11.15 -3.07
N ILE B 1318 -64.33 10.30 -2.04
CA ILE B 1318 -65.59 9.78 -1.54
C ILE B 1318 -66.45 10.90 -0.97
N ILE B 1319 -65.80 11.87 -0.32
CA ILE B 1319 -66.49 13.09 0.09
C ILE B 1319 -66.97 13.87 -1.11
N ARG B 1320 -66.14 13.96 -2.16
CA ARG B 1320 -66.52 14.68 -3.37
C ARG B 1320 -67.80 14.10 -3.98
N PHE B 1321 -67.84 12.77 -4.11
CA PHE B 1321 -69.03 12.08 -4.62
C PHE B 1321 -70.25 12.28 -3.72
N LEU B 1322 -70.07 12.13 -2.41
CA LEU B 1322 -71.21 12.26 -1.51
C LEU B 1322 -71.74 13.69 -1.48
N GLN B 1323 -70.84 14.69 -1.48
CA GLN B 1323 -71.28 16.08 -1.57
C GLN B 1323 -71.95 16.36 -2.91
N GLN B 1324 -71.45 15.74 -3.98
CA GLN B 1324 -72.07 15.89 -5.30
C GLN B 1324 -73.51 15.40 -5.26
N ARG B 1325 -73.73 14.24 -4.63
CA ARG B 1325 -75.10 13.76 -4.50
C ARG B 1325 -75.89 14.63 -3.54
N LEU B 1326 -75.21 15.27 -2.58
CA LEU B 1326 -75.87 16.15 -1.62
C LEU B 1326 -76.43 17.40 -2.31
N LYS B 1327 -75.77 17.84 -3.39
CA LYS B 1327 -76.25 19.05 -4.09
C LYS B 1327 -77.64 18.84 -4.66
N LYS B 1328 -77.83 17.72 -5.39
CA LYS B 1328 -79.15 17.30 -5.94
C LYS B 1328 -79.17 15.78 -6.19
N ALA B 1329 -80.08 15.01 -5.56
CA ALA B 1329 -80.08 13.52 -5.63
C ALA B 1329 -81.18 13.02 -6.55
N VAL B 1330 -80.99 11.95 -7.33
CA VAL B 1330 -81.96 11.57 -8.34
C VAL B 1330 -81.93 10.05 -8.52
N PRO B 1331 -83.05 9.41 -8.84
CA PRO B 1331 -83.03 7.95 -9.02
C PRO B 1331 -82.24 7.56 -10.26
N TYR B 1332 -81.60 6.40 -10.18
CA TYR B 1332 -80.91 5.82 -11.32
C TYR B 1332 -81.42 4.41 -11.53
N ASN B 1333 -81.99 4.14 -12.70
CA ASN B 1333 -82.54 2.83 -13.04
C ASN B 1333 -81.94 2.42 -14.39
N ARG B 1334 -80.80 1.75 -14.33
CA ARG B 1334 -80.13 1.25 -15.53
C ARG B 1334 -79.16 0.15 -15.12
N MET B 1335 -79.34 -1.04 -15.65
CA MET B 1335 -78.44 -2.15 -15.41
C MET B 1335 -78.17 -2.86 -16.73
N LYS B 1336 -77.42 -3.95 -16.67
CA LYS B 1336 -77.04 -4.72 -17.84
C LYS B 1336 -77.76 -6.06 -17.82
N LEU B 1337 -78.21 -6.50 -19.00
CA LEU B 1337 -78.88 -7.80 -19.15
C LEU B 1337 -78.06 -8.57 -20.20
N MET B 1338 -77.08 -9.32 -19.74
CA MET B 1338 -76.18 -10.04 -20.63
C MET B 1338 -76.81 -11.36 -21.07
N ILE B 1339 -76.92 -11.55 -22.37
CA ILE B 1339 -77.47 -12.76 -22.96
C ILE B 1339 -76.32 -13.66 -23.36
N VAL B 1340 -76.41 -14.94 -22.99
CA VAL B 1340 -75.33 -15.90 -23.13
C VAL B 1340 -75.86 -17.19 -23.73
N GLY B 1341 -75.19 -17.70 -24.76
CA GLY B 1341 -75.51 -18.98 -25.35
C GLY B 1341 -74.27 -19.71 -25.83
N ASN B 1342 -74.41 -20.65 -26.76
CA ASN B 1342 -73.26 -21.37 -27.28
C ASN B 1342 -73.51 -21.83 -28.72
N THR B 1343 -72.84 -21.15 -29.67
CA THR B 1343 -72.71 -21.54 -31.08
C THR B 1343 -74.01 -21.98 -31.70
N GLY B 1344 -74.97 -21.06 -31.82
CA GLY B 1344 -76.23 -21.37 -32.46
C GLY B 1344 -77.28 -21.68 -31.41
N SER B 1345 -78.14 -20.71 -31.13
CA SER B 1345 -79.22 -20.85 -30.16
C SER B 1345 -80.14 -19.65 -30.32
N GLY B 1346 -81.14 -19.57 -29.45
CA GLY B 1346 -82.08 -18.47 -29.50
C GLY B 1346 -81.68 -17.26 -28.67
N LYS B 1347 -80.65 -16.53 -29.11
CA LYS B 1347 -80.24 -15.31 -28.43
C LYS B 1347 -80.74 -14.06 -29.14
N THR B 1348 -80.35 -13.87 -30.40
CA THR B 1348 -80.85 -12.74 -31.18
C THR B 1348 -82.27 -12.95 -31.67
N THR B 1349 -82.72 -14.20 -31.70
CA THR B 1349 -84.11 -14.50 -32.04
C THR B 1349 -85.04 -14.24 -30.88
N LEU B 1350 -84.57 -14.42 -29.64
CA LEU B 1350 -85.41 -14.18 -28.47
C LEU B 1350 -85.46 -12.71 -28.09
N LEU B 1351 -84.34 -12.00 -28.20
CA LEU B 1351 -84.29 -10.59 -27.82
C LEU B 1351 -85.22 -9.73 -28.67
N GLN B 1352 -85.24 -9.95 -29.98
CA GLN B 1352 -86.08 -9.13 -30.87
C GLN B 1352 -87.56 -9.25 -30.53
N GLN B 1353 -87.98 -10.39 -29.97
CA GLN B 1353 -89.35 -10.51 -29.48
C GLN B 1353 -89.49 -9.95 -28.06
N LEU B 1354 -88.46 -10.12 -27.23
CA LEU B 1354 -88.44 -9.45 -25.93
C LEU B 1354 -88.43 -7.94 -26.08
N MET B 1355 -87.60 -7.42 -27.00
CA MET B 1355 -87.62 -6.01 -27.34
C MET B 1355 -88.91 -5.63 -28.06
N LYS B 1356 -89.66 -6.62 -28.56
CA LYS B 1356 -90.83 -6.41 -29.41
C LYS B 1356 -90.48 -5.58 -30.64
N THR B 1357 -89.34 -5.90 -31.24
CA THR B 1357 -88.89 -5.23 -32.46
C THR B 1357 -89.81 -5.61 -33.61
N LYS B 1358 -90.67 -4.66 -34.01
CA LYS B 1358 -91.70 -4.96 -35.01
C LYS B 1358 -91.12 -5.13 -36.40
N LYS B 1359 -90.02 -4.44 -36.72
CA LYS B 1359 -89.51 -4.45 -38.10
C LYS B 1359 -88.92 -5.81 -38.45
N SER B 1360 -87.84 -6.21 -37.78
CA SER B 1360 -87.11 -7.45 -38.04
C SER B 1360 -86.85 -7.65 -39.53
N ASP B 1361 -86.27 -6.62 -40.16
CA ASP B 1361 -86.14 -6.57 -41.61
C ASP B 1361 -85.28 -7.71 -42.16
N LEU B 1362 -84.26 -8.12 -41.42
CA LEU B 1362 -83.39 -9.20 -41.89
C LEU B 1362 -84.13 -10.52 -41.82
N GLY B 1363 -84.44 -11.10 -42.98
CA GLY B 1363 -85.15 -12.38 -43.00
C GLY B 1363 -84.34 -13.52 -42.41
N MET B 1364 -83.03 -13.50 -42.61
CA MET B 1364 -82.12 -14.51 -42.06
C MET B 1364 -80.93 -13.79 -41.45
N GLN B 1365 -80.86 -13.78 -40.13
CA GLN B 1365 -79.75 -13.15 -39.43
C GLN B 1365 -78.59 -14.13 -39.30
N SER B 1366 -77.40 -13.68 -39.65
CA SER B 1366 -76.21 -14.52 -39.62
C SER B 1366 -75.69 -14.66 -38.19
N ALA B 1367 -74.61 -15.41 -38.04
CA ALA B 1367 -73.97 -15.55 -36.74
C ALA B 1367 -73.46 -14.19 -36.27
N THR B 1368 -73.74 -13.86 -35.01
CA THR B 1368 -73.34 -12.57 -34.47
C THR B 1368 -71.84 -12.53 -34.23
N VAL B 1369 -71.20 -11.44 -34.69
CA VAL B 1369 -69.78 -11.24 -34.54
C VAL B 1369 -69.57 -10.17 -33.47
N GLY B 1370 -68.69 -10.46 -32.51
CA GLY B 1370 -68.44 -9.54 -31.41
C GLY B 1370 -69.43 -9.77 -30.28
N ILE B 1371 -69.99 -8.67 -29.75
CA ILE B 1371 -71.01 -8.78 -28.71
C ILE B 1371 -72.29 -8.05 -29.04
N ASP B 1372 -72.28 -7.09 -29.98
CA ASP B 1372 -73.48 -6.45 -30.55
C ASP B 1372 -74.33 -5.79 -29.47
N VAL B 1373 -73.74 -4.73 -28.89
CA VAL B 1373 -74.40 -3.98 -27.82
C VAL B 1373 -75.71 -3.39 -28.34
N LYS B 1374 -76.78 -3.51 -27.55
CA LYS B 1374 -78.06 -2.89 -27.83
C LYS B 1374 -78.64 -2.40 -26.50
N ASP B 1375 -79.55 -1.44 -26.56
CA ASP B 1375 -80.22 -1.00 -25.34
C ASP B 1375 -81.69 -0.74 -25.65
N TRP B 1376 -82.55 -0.88 -24.63
CA TRP B 1376 -83.97 -0.77 -24.92
C TRP B 1376 -84.78 -0.49 -23.65
N PRO B 1377 -85.71 0.47 -23.72
CA PRO B 1377 -86.38 0.95 -22.50
C PRO B 1377 -87.71 0.30 -22.19
N ILE B 1378 -88.04 0.23 -20.90
CA ILE B 1378 -89.25 -0.41 -20.40
C ILE B 1378 -90.00 0.63 -19.58
N GLN B 1379 -91.27 0.82 -19.88
CA GLN B 1379 -92.16 1.67 -19.09
C GLN B 1379 -93.30 0.80 -18.57
N ILE B 1380 -93.16 0.30 -17.34
CA ILE B 1380 -94.19 -0.50 -16.70
C ILE B 1380 -95.06 0.42 -15.85
N ARG B 1381 -96.37 0.24 -15.95
CA ARG B 1381 -97.35 1.05 -15.22
C ARG B 1381 -98.16 0.25 -14.21
N ASP B 1382 -97.76 -0.99 -13.94
CA ASP B 1382 -98.49 -1.86 -13.02
C ASP B 1382 -98.50 -1.30 -11.61
N LYS B 1383 -97.33 -1.22 -10.98
CA LYS B 1383 -97.24 -0.67 -9.63
C LYS B 1383 -97.33 0.85 -9.65
N ARG B 1384 -96.62 1.48 -10.57
CA ARG B 1384 -96.55 2.93 -10.73
C ARG B 1384 -95.93 3.19 -12.10
N LYS B 1385 -95.59 4.44 -12.38
CA LYS B 1385 -94.93 4.81 -13.63
C LYS B 1385 -93.43 4.48 -13.60
N ARG B 1386 -93.14 3.20 -13.35
CA ARG B 1386 -91.75 2.75 -13.23
C ARG B 1386 -91.11 2.64 -14.61
N ASP B 1387 -90.14 3.53 -14.87
CA ASP B 1387 -89.39 3.58 -16.12
C ASP B 1387 -87.99 3.04 -15.85
N LEU B 1388 -87.72 1.83 -16.33
CA LEU B 1388 -86.39 1.23 -16.23
C LEU B 1388 -85.84 0.97 -17.63
N VAL B 1389 -84.61 1.39 -17.87
CA VAL B 1389 -83.92 1.12 -19.13
C VAL B 1389 -82.76 0.19 -18.86
N LEU B 1390 -82.49 -0.70 -19.83
CA LEU B 1390 -81.41 -1.66 -19.68
C LEU B 1390 -80.83 -2.03 -21.03
N ASN B 1391 -79.51 -2.22 -21.05
CA ASN B 1391 -78.78 -2.55 -22.27
C ASN B 1391 -78.42 -4.04 -22.24
N VAL B 1392 -78.49 -4.67 -23.41
CA VAL B 1392 -78.24 -6.09 -23.57
C VAL B 1392 -76.96 -6.26 -24.39
N TRP B 1393 -76.08 -7.14 -23.92
CA TRP B 1393 -74.85 -7.49 -24.63
C TRP B 1393 -74.92 -8.98 -24.90
N ASP B 1394 -75.55 -9.37 -26.01
CA ASP B 1394 -75.68 -10.78 -26.37
C ASP B 1394 -74.36 -11.26 -26.94
N PHE B 1395 -73.56 -11.91 -26.09
CA PHE B 1395 -72.24 -12.39 -26.49
C PHE B 1395 -72.35 -13.43 -27.60
N ALA B 1396 -71.36 -13.42 -28.50
CA ALA B 1396 -71.30 -14.41 -29.57
C ALA B 1396 -71.10 -15.80 -29.00
N GLY B 1397 -71.72 -16.79 -29.64
CA GLY B 1397 -71.65 -18.15 -29.16
C GLY B 1397 -70.52 -18.97 -29.72
N ARG B 1398 -69.99 -18.56 -30.89
CA ARG B 1398 -68.93 -19.31 -31.53
C ARG B 1398 -67.65 -19.26 -30.70
N GLU B 1399 -66.92 -20.38 -30.68
CA GLU B 1399 -65.74 -20.52 -29.83
C GLU B 1399 -64.57 -19.63 -30.27
N GLU B 1400 -64.64 -19.02 -31.46
CA GLU B 1400 -63.54 -18.20 -31.94
C GLU B 1400 -63.44 -16.85 -31.23
N PHE B 1401 -64.46 -16.44 -30.48
CA PHE B 1401 -64.45 -15.20 -29.73
C PHE B 1401 -64.18 -15.40 -28.24
N TYR B 1402 -63.67 -16.58 -27.85
CA TYR B 1402 -63.63 -16.97 -26.45
C TYR B 1402 -62.40 -16.43 -25.71
N SER B 1403 -61.74 -15.40 -26.23
CA SER B 1403 -60.56 -14.85 -25.59
C SER B 1403 -60.77 -13.44 -25.02
N THR B 1404 -61.94 -12.83 -25.23
CA THR B 1404 -62.17 -11.45 -24.83
C THR B 1404 -63.33 -11.24 -23.88
N HIS B 1405 -64.22 -12.24 -23.72
CA HIS B 1405 -65.45 -12.03 -22.97
C HIS B 1405 -65.28 -11.58 -21.51
N PRO B 1406 -64.36 -12.11 -20.70
CA PRO B 1406 -64.30 -11.70 -19.28
C PRO B 1406 -64.11 -10.20 -19.03
N HIS B 1407 -63.74 -9.42 -20.04
CA HIS B 1407 -63.71 -7.97 -19.88
C HIS B 1407 -65.10 -7.40 -19.66
N PHE B 1408 -66.12 -8.00 -20.27
CA PHE B 1408 -67.48 -7.49 -20.20
C PHE B 1408 -68.33 -8.16 -19.14
N MET B 1409 -67.88 -9.29 -18.59
CA MET B 1409 -68.62 -10.01 -17.56
C MET B 1409 -68.44 -9.28 -16.23
N THR B 1410 -69.25 -8.24 -16.03
CA THR B 1410 -69.22 -7.49 -14.79
C THR B 1410 -70.20 -8.11 -13.80
N GLN B 1411 -70.27 -7.53 -12.60
CA GLN B 1411 -71.06 -8.11 -11.51
C GLN B 1411 -72.50 -7.59 -11.51
N ARG B 1412 -72.67 -6.28 -11.50
CA ARG B 1412 -74.00 -5.67 -11.39
C ARG B 1412 -74.69 -5.83 -12.73
N ALA B 1413 -75.37 -6.96 -12.91
CA ALA B 1413 -76.06 -7.28 -14.16
C ALA B 1413 -76.93 -8.52 -13.93
N LEU B 1414 -77.83 -8.77 -14.88
CA LEU B 1414 -78.66 -9.95 -14.90
C LEU B 1414 -78.25 -10.79 -16.11
N TYR B 1415 -78.08 -12.10 -15.89
CA TYR B 1415 -77.53 -12.98 -16.90
C TYR B 1415 -78.59 -13.96 -17.38
N LEU B 1416 -78.56 -14.26 -18.67
CA LEU B 1416 -79.46 -15.22 -19.29
C LEU B 1416 -78.67 -16.45 -19.73
N ALA B 1417 -79.40 -17.43 -20.25
CA ALA B 1417 -78.80 -18.63 -20.83
C ALA B 1417 -79.83 -19.28 -21.75
N VAL B 1418 -79.33 -19.99 -22.75
CA VAL B 1418 -80.19 -20.59 -23.78
C VAL B 1418 -79.85 -22.07 -23.90
N TYR B 1419 -80.88 -22.91 -23.84
CA TYR B 1419 -80.68 -24.35 -23.91
C TYR B 1419 -80.36 -24.82 -25.32
N ASP B 1420 -81.05 -24.27 -26.32
CA ASP B 1420 -81.22 -24.89 -27.63
C ASP B 1420 -81.90 -26.26 -27.46
N LEU B 1421 -83.15 -26.21 -26.99
CA LEU B 1421 -83.91 -27.38 -26.56
C LEU B 1421 -84.17 -28.41 -27.66
N SER B 1422 -83.76 -28.12 -28.90
CA SER B 1422 -83.83 -29.12 -29.96
C SER B 1422 -82.97 -30.33 -29.64
N LYS B 1423 -81.77 -30.10 -29.12
CA LYS B 1423 -80.89 -31.16 -28.66
C LYS B 1423 -81.01 -31.33 -27.14
N GLY B 1424 -82.21 -31.73 -26.73
CA GLY B 1424 -82.49 -31.86 -25.31
C GLY B 1424 -81.64 -32.94 -24.64
N GLN B 1425 -81.32 -32.69 -23.37
CA GLN B 1425 -80.54 -33.55 -22.47
C GLN B 1425 -79.08 -33.68 -22.91
N ALA B 1426 -78.70 -33.07 -24.04
CA ALA B 1426 -77.31 -33.08 -24.50
C ALA B 1426 -76.64 -31.71 -24.34
N GLU B 1427 -77.32 -30.64 -24.75
CA GLU B 1427 -76.78 -29.29 -24.60
C GLU B 1427 -76.85 -28.77 -23.17
N VAL B 1428 -77.60 -29.45 -22.29
CA VAL B 1428 -77.74 -28.98 -20.91
C VAL B 1428 -76.40 -29.01 -20.19
N ASP B 1429 -75.63 -30.07 -20.37
CA ASP B 1429 -74.28 -30.13 -19.80
C ASP B 1429 -73.31 -29.24 -20.56
N ALA B 1430 -73.59 -28.98 -21.84
CA ALA B 1430 -72.72 -28.12 -22.64
C ALA B 1430 -72.68 -26.69 -22.13
N MET B 1431 -73.70 -26.25 -21.39
CA MET B 1431 -73.71 -24.92 -20.80
C MET B 1431 -72.88 -24.82 -19.54
N LYS B 1432 -72.39 -25.94 -19.01
CA LYS B 1432 -71.60 -25.90 -17.78
C LYS B 1432 -70.37 -25.00 -17.87
N PRO B 1433 -69.55 -24.99 -18.93
CA PRO B 1433 -68.48 -23.98 -19.00
C PRO B 1433 -68.98 -22.54 -18.91
N TRP B 1434 -70.13 -22.26 -19.51
CA TRP B 1434 -70.71 -20.92 -19.46
C TRP B 1434 -71.14 -20.55 -18.05
N LEU B 1435 -72.04 -21.34 -17.46
CA LEU B 1435 -72.50 -21.04 -16.11
C LEU B 1435 -71.35 -21.03 -15.12
N PHE B 1436 -70.35 -21.90 -15.34
CA PHE B 1436 -69.17 -21.92 -14.47
C PHE B 1436 -68.41 -20.61 -14.56
N ASN B 1437 -68.24 -20.07 -15.77
CA ASN B 1437 -67.61 -18.77 -15.91
C ASN B 1437 -68.45 -17.68 -15.26
N ILE B 1438 -69.77 -17.79 -15.38
CA ILE B 1438 -70.67 -16.83 -14.74
C ILE B 1438 -70.46 -16.82 -13.23
N LYS B 1439 -70.37 -18.00 -12.63
CA LYS B 1439 -70.03 -18.10 -11.21
C LYS B 1439 -68.63 -17.54 -10.94
N ALA B 1440 -67.69 -17.73 -11.87
CA ALA B 1440 -66.33 -17.26 -11.69
C ALA B 1440 -66.26 -15.75 -11.64
N ARG B 1441 -66.97 -15.07 -12.55
CA ARG B 1441 -66.87 -13.62 -12.63
C ARG B 1441 -67.77 -12.95 -11.59
N ALA B 1442 -69.06 -13.26 -11.62
CA ALA B 1442 -70.05 -12.61 -10.76
C ALA B 1442 -70.80 -13.68 -9.97
N SER B 1443 -70.30 -14.00 -8.77
CA SER B 1443 -70.94 -15.01 -7.93
C SER B 1443 -72.30 -14.55 -7.41
N SER B 1444 -72.53 -13.24 -7.33
CA SER B 1444 -73.77 -12.68 -6.80
C SER B 1444 -74.71 -12.21 -7.92
N SER B 1445 -74.74 -12.91 -9.05
CA SER B 1445 -75.56 -12.49 -10.18
C SER B 1445 -76.65 -13.52 -10.44
N PRO B 1446 -77.92 -13.12 -10.47
CA PRO B 1446 -78.98 -14.06 -10.82
C PRO B 1446 -78.88 -14.49 -12.28
N VAL B 1447 -79.37 -15.69 -12.55
CA VAL B 1447 -79.35 -16.27 -13.89
C VAL B 1447 -80.71 -16.89 -14.15
N ILE B 1448 -81.24 -16.65 -15.36
CA ILE B 1448 -82.55 -17.16 -15.76
C ILE B 1448 -82.34 -18.04 -16.99
N LEU B 1449 -82.63 -19.33 -16.84
CA LEU B 1449 -82.46 -20.28 -17.93
C LEU B 1449 -83.73 -20.35 -18.76
N VAL B 1450 -83.57 -20.53 -20.07
CA VAL B 1450 -84.71 -20.62 -20.98
C VAL B 1450 -84.32 -21.43 -22.21
N GLY B 1451 -85.16 -22.40 -22.57
CA GLY B 1451 -85.00 -23.09 -23.84
C GLY B 1451 -85.57 -22.30 -24.99
N THR B 1452 -85.14 -22.63 -26.21
CA THR B 1452 -85.54 -21.88 -27.38
C THR B 1452 -86.14 -22.74 -28.49
N HIS B 1453 -86.58 -23.96 -28.19
CA HIS B 1453 -87.16 -24.83 -29.22
C HIS B 1453 -88.36 -25.58 -28.65
N LEU B 1454 -89.55 -25.02 -28.86
CA LEU B 1454 -90.80 -25.75 -28.65
C LEU B 1454 -91.36 -26.33 -29.93
N ASP B 1455 -91.00 -25.76 -31.09
CA ASP B 1455 -91.45 -26.30 -32.37
C ASP B 1455 -90.90 -27.70 -32.61
N VAL B 1456 -89.64 -27.94 -32.26
CA VAL B 1456 -89.02 -29.24 -32.46
C VAL B 1456 -88.86 -29.91 -31.11
N SER B 1457 -89.84 -30.74 -30.74
CA SER B 1457 -89.85 -31.48 -29.47
C SER B 1457 -89.70 -30.57 -28.25
N LYS B 1463 -89.67 -34.55 -24.87
CA LYS B 1463 -88.24 -34.33 -24.65
C LYS B 1463 -87.99 -33.24 -23.63
N ALA B 1464 -89.07 -32.80 -22.98
CA ALA B 1464 -89.00 -31.75 -21.95
C ALA B 1464 -88.48 -32.25 -20.61
N CYS B 1465 -87.95 -33.49 -20.55
CA CYS B 1465 -87.46 -34.04 -19.29
C CYS B 1465 -86.10 -33.51 -18.88
N MET B 1466 -85.47 -32.67 -19.71
CA MET B 1466 -84.18 -32.09 -19.36
C MET B 1466 -84.27 -31.19 -18.14
N SER B 1467 -85.47 -30.71 -17.81
CA SER B 1467 -85.64 -29.89 -16.62
C SER B 1467 -85.29 -30.68 -15.37
N LYS B 1468 -85.38 -32.01 -15.45
CA LYS B 1468 -85.07 -32.86 -14.32
C LYS B 1468 -83.60 -32.70 -13.96
N ILE B 1469 -82.71 -32.76 -14.96
CA ILE B 1469 -81.30 -32.63 -14.63
C ILE B 1469 -81.01 -31.23 -14.12
N THR B 1470 -81.76 -30.22 -14.59
CA THR B 1470 -81.59 -28.87 -14.06
C THR B 1470 -81.92 -28.79 -12.58
N LYS B 1471 -82.87 -29.59 -12.10
CA LYS B 1471 -83.19 -29.68 -10.70
C LYS B 1471 -82.41 -30.77 -9.97
N GLU B 1472 -81.59 -31.54 -10.67
CA GLU B 1472 -80.84 -32.64 -10.06
C GLU B 1472 -79.40 -32.26 -9.75
N LEU B 1473 -78.65 -31.82 -10.76
CA LEU B 1473 -77.23 -31.48 -10.60
C LEU B 1473 -76.90 -30.04 -10.91
N LEU B 1474 -77.70 -29.35 -11.72
CA LEU B 1474 -77.38 -28.01 -12.18
C LEU B 1474 -77.93 -26.92 -11.25
N ASN B 1475 -78.62 -27.28 -10.18
CA ASN B 1475 -79.37 -26.28 -9.42
C ASN B 1475 -78.50 -25.56 -8.38
N LYS B 1476 -77.96 -26.31 -7.42
CA LYS B 1476 -77.32 -25.71 -6.25
C LYS B 1476 -76.00 -26.39 -5.94
N ARG B 1477 -75.19 -26.66 -6.95
CA ARG B 1477 -73.89 -27.33 -6.78
C ARG B 1477 -72.81 -26.48 -7.46
N GLY B 1478 -72.28 -25.52 -6.72
CA GLY B 1478 -71.15 -24.73 -7.19
C GLY B 1478 -71.44 -23.72 -8.29
N PHE B 1479 -72.56 -23.90 -8.98
CA PHE B 1479 -72.99 -23.06 -10.08
C PHE B 1479 -73.80 -21.88 -9.56
N PRO B 1480 -73.96 -20.80 -10.36
CA PRO B 1480 -74.66 -19.61 -9.85
C PRO B 1480 -76.09 -19.92 -9.44
N ALA B 1481 -76.58 -19.13 -8.48
CA ALA B 1481 -77.87 -19.42 -7.85
C ALA B 1481 -79.02 -19.15 -8.81
N ILE B 1482 -79.46 -20.20 -9.50
CA ILE B 1482 -80.58 -20.09 -10.44
C ILE B 1482 -81.82 -19.65 -9.69
N ARG B 1483 -82.54 -18.68 -10.27
CA ARG B 1483 -83.76 -18.17 -9.66
C ARG B 1483 -85.01 -18.76 -10.30
N ASP B 1484 -85.15 -18.66 -11.62
CA ASP B 1484 -86.29 -19.21 -12.33
C ASP B 1484 -85.81 -20.02 -13.52
N TYR B 1485 -86.74 -20.51 -14.34
CA TYR B 1485 -86.45 -21.22 -15.58
C TYR B 1485 -87.74 -21.39 -16.37
N HIS B 1486 -87.64 -21.24 -17.69
CA HIS B 1486 -88.80 -21.29 -18.57
C HIS B 1486 -88.45 -22.06 -19.83
N PHE B 1487 -89.45 -22.27 -20.69
CA PHE B 1487 -89.33 -23.10 -21.89
C PHE B 1487 -90.01 -22.42 -23.08
N VAL B 1488 -89.77 -21.12 -23.25
CA VAL B 1488 -90.44 -20.34 -24.28
C VAL B 1488 -90.00 -20.83 -25.67
N ASN B 1489 -90.93 -20.78 -26.63
CA ASN B 1489 -90.59 -21.14 -28.01
C ASN B 1489 -89.55 -20.19 -28.59
N ALA B 1490 -89.64 -18.89 -28.24
CA ALA B 1490 -88.65 -17.87 -28.59
C ALA B 1490 -88.52 -17.67 -30.11
N THR B 1491 -89.66 -17.70 -30.81
CA THR B 1491 -89.72 -17.26 -32.20
C THR B 1491 -90.79 -16.22 -32.47
N GLU B 1492 -91.84 -16.14 -31.65
CA GLU B 1492 -92.86 -15.11 -31.76
C GLU B 1492 -93.50 -14.94 -30.39
N GLU B 1493 -94.19 -13.82 -30.21
CA GLU B 1493 -94.78 -13.51 -28.91
C GLU B 1493 -95.87 -14.52 -28.56
N SER B 1494 -95.96 -14.86 -27.28
CA SER B 1494 -96.94 -15.81 -26.78
C SER B 1494 -97.11 -15.59 -25.28
N ASP B 1495 -97.96 -16.40 -24.67
CA ASP B 1495 -98.18 -16.32 -23.23
C ASP B 1495 -96.90 -16.66 -22.46
N ALA B 1496 -96.18 -17.69 -22.91
CA ALA B 1496 -94.91 -18.04 -22.29
C ALA B 1496 -93.88 -16.93 -22.45
N LEU B 1497 -93.83 -16.31 -23.64
CA LEU B 1497 -92.93 -15.18 -23.86
C LEU B 1497 -93.29 -14.01 -22.95
N ALA B 1498 -94.59 -13.72 -22.83
CA ALA B 1498 -95.04 -12.62 -21.97
C ALA B 1498 -94.68 -12.88 -20.51
N LYS B 1499 -94.91 -14.11 -20.03
CA LYS B 1499 -94.56 -14.42 -18.66
C LYS B 1499 -93.04 -14.43 -18.44
N LEU B 1500 -92.26 -14.78 -19.47
CA LEU B 1500 -90.81 -14.63 -19.37
C LEU B 1500 -90.41 -13.17 -19.25
N ARG B 1501 -91.09 -12.30 -20.01
CA ARG B 1501 -90.84 -10.87 -19.91
C ARG B 1501 -91.17 -10.36 -18.51
N LYS B 1502 -92.28 -10.81 -17.95
CA LYS B 1502 -92.62 -10.39 -16.59
C LYS B 1502 -91.65 -10.99 -15.58
N THR B 1503 -91.15 -12.20 -15.84
CA THR B 1503 -90.18 -12.83 -14.95
C THR B 1503 -88.91 -11.99 -14.89
N ILE B 1504 -88.46 -11.50 -16.06
CA ILE B 1504 -87.33 -10.59 -16.12
C ILE B 1504 -87.62 -9.30 -15.36
N ILE B 1505 -88.82 -8.74 -15.55
CA ILE B 1505 -89.19 -7.50 -14.86
C ILE B 1505 -89.19 -7.71 -13.34
N ASN B 1506 -89.74 -8.84 -12.89
CA ASN B 1506 -89.75 -9.20 -11.47
C ASN B 1506 -88.35 -9.37 -10.91
N GLU B 1507 -87.45 -10.03 -11.64
CA GLU B 1507 -86.07 -10.15 -11.18
C GLU B 1507 -85.30 -8.84 -11.29
N SER B 1508 -85.76 -7.91 -12.13
CA SER B 1508 -85.12 -6.60 -12.20
C SER B 1508 -85.24 -5.85 -10.89
N LEU B 1509 -86.40 -5.90 -10.26
CA LEU B 1509 -86.64 -5.14 -9.04
C LEU B 1509 -86.16 -5.86 -7.79
N ASN B 1510 -85.67 -7.10 -7.92
CA ASN B 1510 -85.23 -7.91 -6.79
C ASN B 1510 -83.79 -8.37 -7.00
N PHE B 1511 -82.96 -7.52 -7.59
CA PHE B 1511 -81.55 -7.85 -7.79
C PHE B 1511 -80.84 -8.07 -6.45
N LYS B 1512 -80.76 -7.02 -5.64
CA LYS B 1512 -80.53 -7.08 -4.20
C LYS B 1512 -79.22 -7.81 -3.85
N ILE B 1513 -78.11 -7.19 -4.24
CA ILE B 1513 -76.80 -7.60 -3.75
C ILE B 1513 -76.49 -6.80 -2.50
N ARG B 1514 -76.07 -7.51 -1.43
CA ARG B 1514 -75.83 -6.92 -0.11
C ARG B 1514 -77.06 -6.21 0.44
N ASP B 1515 -78.25 -6.68 0.04
CA ASP B 1515 -79.54 -6.10 0.42
C ASP B 1515 -79.60 -4.61 0.08
N GLN B 1516 -79.52 -4.31 -1.21
CA GLN B 1516 -79.45 -2.93 -1.67
C GLN B 1516 -80.46 -2.53 -2.73
N LEU B 1517 -80.98 -3.47 -3.53
CA LEU B 1517 -81.96 -3.20 -4.58
C LEU B 1517 -81.41 -2.18 -5.57
N VAL B 1518 -80.38 -2.63 -6.29
CA VAL B 1518 -79.55 -1.75 -7.12
C VAL B 1518 -80.38 -0.97 -8.13
N VAL B 1519 -81.43 -1.61 -8.68
CA VAL B 1519 -82.26 -0.99 -9.73
C VAL B 1519 -82.89 0.33 -9.29
N GLY B 1520 -82.99 0.58 -7.98
CA GLY B 1520 -83.60 1.80 -7.49
C GLY B 1520 -82.70 2.62 -6.60
N GLN B 1521 -81.41 2.71 -6.92
CA GLN B 1521 -80.49 3.48 -6.10
C GLN B 1521 -80.55 4.96 -6.49
N LEU B 1522 -79.89 5.78 -5.68
CA LEU B 1522 -79.89 7.23 -5.85
C LEU B 1522 -78.49 7.69 -6.18
N ILE B 1523 -78.36 8.52 -7.21
CA ILE B 1523 -77.06 9.00 -7.68
C ILE B 1523 -77.15 10.51 -7.88
N PRO B 1524 -76.00 11.21 -7.85
CA PRO B 1524 -76.01 12.65 -8.13
C PRO B 1524 -76.50 12.97 -9.53
N ASP B 1525 -77.20 14.10 -9.66
CA ASP B 1525 -77.82 14.49 -10.92
C ASP B 1525 -76.78 14.77 -12.00
N CYS B 1526 -75.55 15.15 -11.60
CA CYS B 1526 -74.51 15.44 -12.58
C CYS B 1526 -74.16 14.21 -13.39
N TYR B 1527 -74.20 13.03 -12.79
CA TYR B 1527 -73.95 11.79 -13.52
C TYR B 1527 -74.98 11.60 -14.62
N VAL B 1528 -76.25 11.82 -14.28
CA VAL B 1528 -77.35 11.68 -15.24
C VAL B 1528 -77.16 12.67 -16.38
N GLU B 1529 -76.83 13.92 -16.05
CA GLU B 1529 -76.61 14.93 -17.08
C GLU B 1529 -75.44 14.56 -17.99
N LEU B 1530 -74.34 14.03 -17.41
CA LEU B 1530 -73.23 13.61 -18.26
C LEU B 1530 -73.62 12.42 -19.12
N GLU B 1531 -74.49 11.55 -18.62
CA GLU B 1531 -75.02 10.47 -19.45
C GLU B 1531 -75.82 11.03 -20.61
N LYS B 1532 -76.63 12.05 -20.33
CA LYS B 1532 -77.48 12.63 -21.37
C LYS B 1532 -76.65 13.30 -22.45
N ILE B 1533 -75.63 14.07 -22.06
CA ILE B 1533 -74.80 14.74 -23.06
C ILE B 1533 -73.99 13.73 -23.88
N ILE B 1534 -73.48 12.67 -23.24
CA ILE B 1534 -72.78 11.62 -23.98
C ILE B 1534 -73.72 10.91 -24.96
N LEU B 1535 -74.95 10.61 -24.53
CA LEU B 1535 -75.94 10.04 -25.44
C LEU B 1535 -76.27 11.01 -26.57
N SER B 1536 -76.33 12.31 -26.28
CA SER B 1536 -76.62 13.29 -27.32
C SER B 1536 -75.49 13.31 -28.34
N GLU B 1537 -74.24 13.27 -27.87
CA GLU B 1537 -73.09 13.31 -28.78
C GLU B 1537 -72.95 12.02 -29.56
N ARG B 1538 -73.62 10.94 -29.12
CA ARG B 1538 -73.53 9.66 -29.83
C ARG B 1538 -73.99 9.78 -31.28
N LYS B 1539 -74.88 10.72 -31.57
CA LYS B 1539 -75.39 10.93 -32.92
C LYS B 1539 -74.59 11.94 -33.71
N ASN B 1540 -73.61 12.60 -33.10
CA ASN B 1540 -72.86 13.69 -33.73
C ASN B 1540 -71.36 13.44 -33.61
N VAL B 1541 -70.95 12.21 -33.94
CA VAL B 1541 -69.55 11.83 -33.91
C VAL B 1541 -69.28 11.06 -35.21
N PRO B 1542 -68.08 11.16 -35.80
CA PRO B 1542 -67.79 10.37 -37.00
C PRO B 1542 -67.92 8.88 -36.73
N ILE B 1543 -68.47 8.17 -37.72
CA ILE B 1543 -68.73 6.75 -37.56
C ILE B 1543 -67.43 5.95 -37.57
N GLU B 1544 -66.51 6.30 -38.49
CA GLU B 1544 -65.30 5.52 -38.68
C GLU B 1544 -64.35 5.62 -37.49
N PHE B 1545 -64.54 6.58 -36.59
CA PHE B 1545 -63.66 6.73 -35.44
C PHE B 1545 -64.38 7.47 -34.32
N PRO B 1546 -65.32 6.82 -33.61
CA PRO B 1546 -66.08 7.51 -32.56
C PRO B 1546 -65.26 7.93 -31.34
N VAL B 1547 -63.95 7.69 -31.33
CA VAL B 1547 -63.12 8.04 -30.18
C VAL B 1547 -63.19 9.53 -29.90
N ILE B 1548 -63.26 9.89 -28.62
CA ILE B 1548 -63.33 11.28 -28.16
C ILE B 1548 -62.08 11.57 -27.35
N ASP B 1549 -61.36 12.63 -27.71
CA ASP B 1549 -60.20 13.03 -26.93
C ASP B 1549 -60.64 13.65 -25.61
N ARG B 1550 -59.76 13.56 -24.60
CA ARG B 1550 -60.09 14.10 -23.28
C ARG B 1550 -60.34 15.60 -23.34
N LYS B 1551 -59.54 16.30 -24.16
CA LYS B 1551 -59.74 17.74 -24.33
C LYS B 1551 -61.12 18.05 -24.90
N ARG B 1552 -61.57 17.27 -25.89
CA ARG B 1552 -62.92 17.44 -26.43
C ARG B 1552 -63.98 17.20 -25.36
N LEU B 1553 -63.83 16.15 -24.54
CA LEU B 1553 -64.77 15.90 -23.46
C LEU B 1553 -64.80 17.07 -22.46
N LEU B 1554 -63.62 17.59 -22.12
CA LEU B 1554 -63.55 18.76 -21.26
C LEU B 1554 -64.21 19.97 -21.90
N GLN B 1555 -64.23 20.02 -23.24
CA GLN B 1555 -64.96 21.11 -23.87
C GLN B 1555 -66.46 20.84 -23.81
N LEU B 1556 -66.85 19.56 -23.86
CA LEU B 1556 -68.26 19.20 -23.81
C LEU B 1556 -68.88 19.63 -22.49
N VAL B 1557 -68.15 19.39 -21.38
CA VAL B 1557 -68.69 19.82 -20.08
C VAL B 1557 -68.74 21.34 -19.99
N ARG B 1558 -67.80 22.05 -20.63
CA ARG B 1558 -67.82 23.51 -20.63
C ARG B 1558 -68.95 24.07 -21.48
N GLU B 1559 -69.41 23.30 -22.47
CA GLU B 1559 -70.54 23.73 -23.29
C GLU B 1559 -71.81 23.90 -22.46
N ASN B 1560 -72.06 22.99 -21.54
CA ASN B 1560 -73.24 23.05 -20.70
C ASN B 1560 -72.86 23.62 -19.32
N GLN B 1561 -73.80 23.60 -18.39
CA GLN B 1561 -73.60 24.13 -17.05
C GLN B 1561 -73.13 23.07 -16.06
N LEU B 1562 -72.44 22.04 -16.54
CA LEU B 1562 -72.02 20.93 -15.70
C LEU B 1562 -71.04 21.41 -14.63
N GLN B 1563 -71.24 20.92 -13.41
CA GLN B 1563 -70.44 21.33 -12.26
C GLN B 1563 -69.19 20.47 -12.06
N LEU B 1564 -68.83 19.66 -13.06
CA LEU B 1564 -67.72 18.74 -12.91
C LEU B 1564 -66.40 19.43 -13.18
N ASP B 1565 -65.37 19.02 -12.43
CA ASP B 1565 -64.02 19.54 -12.56
C ASP B 1565 -63.08 18.40 -12.93
N GLU B 1566 -61.77 18.68 -12.93
CA GLU B 1566 -60.77 17.65 -13.17
C GLU B 1566 -60.83 16.56 -12.11
N ASN B 1567 -61.34 16.85 -10.92
CA ASN B 1567 -61.45 15.89 -9.83
C ASN B 1567 -62.75 15.09 -9.88
N GLU B 1568 -63.65 15.39 -10.81
CA GLU B 1568 -64.93 14.71 -10.91
C GLU B 1568 -64.94 13.61 -11.96
N LEU B 1569 -64.38 13.86 -13.14
CA LEU B 1569 -64.36 12.91 -14.25
C LEU B 1569 -63.81 11.52 -13.90
N PRO B 1570 -62.68 11.35 -13.18
CA PRO B 1570 -62.17 9.99 -12.92
C PRO B 1570 -63.15 9.07 -12.21
N HIS B 1571 -64.06 9.59 -11.38
CA HIS B 1571 -65.09 8.74 -10.82
C HIS B 1571 -66.40 8.81 -11.58
N ALA B 1572 -66.69 9.95 -12.23
CA ALA B 1572 -67.95 10.09 -12.95
C ALA B 1572 -67.99 9.17 -14.16
N VAL B 1573 -66.94 9.22 -14.99
CA VAL B 1573 -66.95 8.37 -16.17
C VAL B 1573 -66.84 6.92 -15.75
N HIS B 1574 -66.17 6.63 -14.64
CA HIS B 1574 -66.03 5.25 -14.19
C HIS B 1574 -67.40 4.68 -13.82
N PHE B 1575 -68.20 5.47 -13.08
CA PHE B 1575 -69.53 5.01 -12.71
C PHE B 1575 -70.42 4.86 -13.93
N LEU B 1576 -70.36 5.82 -14.86
CA LEU B 1576 -71.13 5.65 -16.10
C LEU B 1576 -70.63 4.46 -16.92
N ASN B 1577 -69.33 4.16 -16.83
CA ASN B 1577 -68.75 2.98 -17.48
C ASN B 1577 -69.34 1.71 -16.89
N GLU B 1578 -69.70 1.76 -15.60
CA GLU B 1578 -70.29 0.59 -14.97
C GLU B 1578 -71.72 0.35 -15.44
N SER B 1579 -72.33 1.31 -16.13
CA SER B 1579 -73.71 1.22 -16.58
C SER B 1579 -73.82 0.94 -18.08
N GLY B 1580 -72.72 0.57 -18.72
CA GLY B 1580 -72.72 0.21 -20.13
C GLY B 1580 -73.14 1.33 -21.07
N VAL B 1581 -72.60 2.53 -20.86
CA VAL B 1581 -72.84 3.66 -21.74
C VAL B 1581 -71.62 3.99 -22.59
N LEU B 1582 -70.43 3.92 -22.01
CA LEU B 1582 -69.20 4.13 -22.76
C LEU B 1582 -68.09 3.31 -22.10
N LEU B 1583 -67.13 2.88 -22.92
CA LEU B 1583 -66.01 2.10 -22.43
C LEU B 1583 -64.76 2.97 -22.30
N HIS B 1584 -64.03 2.78 -21.20
CA HIS B 1584 -62.83 3.54 -20.93
C HIS B 1584 -61.95 2.72 -20.00
N PHE B 1585 -60.68 3.10 -19.94
CA PHE B 1585 -59.69 2.32 -19.19
C PHE B 1585 -58.79 3.27 -18.40
N GLN B 1586 -58.61 2.98 -17.12
CA GLN B 1586 -57.86 3.85 -16.21
C GLN B 1586 -56.44 3.37 -15.96
N ASP B 1587 -56.04 2.24 -16.52
CA ASP B 1587 -54.72 1.67 -16.22
C ASP B 1587 -53.61 2.57 -16.76
N PRO B 1588 -52.72 3.09 -15.91
CA PRO B 1588 -51.61 3.90 -16.42
C PRO B 1588 -50.66 3.13 -17.33
N ALA B 1589 -50.47 1.83 -17.09
CA ALA B 1589 -49.59 1.04 -17.94
C ALA B 1589 -50.09 0.98 -19.38
N LEU B 1590 -51.39 0.79 -19.56
CA LEU B 1590 -52.00 0.79 -20.89
C LEU B 1590 -52.24 2.23 -21.29
N GLN B 1591 -51.35 2.76 -22.15
CA GLN B 1591 -51.34 4.18 -22.47
C GLN B 1591 -52.43 4.51 -23.49
N LEU B 1592 -53.67 4.49 -23.01
CA LEU B 1592 -54.79 4.97 -23.82
C LEU B 1592 -55.80 5.76 -22.98
N SER B 1593 -55.42 6.17 -21.77
CA SER B 1593 -56.34 6.90 -20.90
C SER B 1593 -56.77 8.24 -21.48
N ASP B 1594 -55.99 8.80 -22.41
CA ASP B 1594 -56.34 10.08 -23.01
C ASP B 1594 -57.57 9.98 -23.89
N LEU B 1595 -57.85 8.79 -24.43
CA LEU B 1595 -58.94 8.59 -25.37
C LEU B 1595 -60.12 7.92 -24.67
N TYR B 1596 -61.31 8.43 -24.90
CA TYR B 1596 -62.55 7.89 -24.35
C TYR B 1596 -63.36 7.28 -25.48
N PHE B 1597 -63.74 6.01 -25.33
CA PHE B 1597 -64.39 5.27 -26.41
C PHE B 1597 -65.90 5.29 -26.16
N VAL B 1598 -66.62 6.10 -26.92
CA VAL B 1598 -68.07 6.13 -26.85
C VAL B 1598 -68.62 5.12 -27.85
N GLU B 1599 -69.90 4.76 -27.67
CA GLU B 1599 -70.60 3.77 -28.49
C GLU B 1599 -69.88 2.43 -28.43
N PRO B 1600 -70.02 1.69 -27.32
CA PRO B 1600 -69.22 0.47 -27.13
C PRO B 1600 -69.40 -0.57 -28.22
N LYS B 1601 -70.56 -0.58 -28.90
CA LYS B 1601 -70.81 -1.52 -29.98
C LYS B 1601 -69.76 -1.42 -31.08
N TRP B 1602 -69.25 -0.21 -31.34
CA TRP B 1602 -68.23 -0.06 -32.38
C TRP B 1602 -66.89 -0.66 -31.94
N LEU B 1603 -66.46 -0.37 -30.71
CA LEU B 1603 -65.22 -0.94 -30.21
C LEU B 1603 -65.30 -2.47 -30.17
N CYS B 1604 -66.45 -3.00 -29.76
CA CYS B 1604 -66.59 -4.44 -29.65
C CYS B 1604 -66.71 -5.09 -31.01
N LYS B 1605 -67.24 -4.37 -32.01
CA LYS B 1605 -67.30 -4.94 -33.35
C LYS B 1605 -65.93 -4.88 -34.01
N ILE B 1606 -65.16 -3.83 -33.75
CA ILE B 1606 -63.84 -3.71 -34.35
C ILE B 1606 -62.89 -4.76 -33.78
N MET B 1607 -62.97 -5.01 -32.46
CA MET B 1607 -62.10 -6.01 -31.85
C MET B 1607 -62.28 -7.40 -32.44
N ALA B 1608 -63.49 -7.73 -32.87
CA ALA B 1608 -63.76 -9.07 -33.36
C ALA B 1608 -63.31 -9.27 -34.81
N GLN B 1609 -63.15 -8.18 -35.56
CA GLN B 1609 -62.79 -8.31 -36.97
C GLN B 1609 -61.43 -8.98 -37.12
N ILE B 1610 -60.46 -8.59 -36.30
CA ILE B 1610 -59.13 -9.20 -36.39
C ILE B 1610 -59.20 -10.67 -35.99
N LEU B 1611 -60.11 -11.02 -35.06
CA LEU B 1611 -60.27 -12.42 -34.70
C LEU B 1611 -61.02 -13.22 -35.76
N THR B 1612 -61.68 -12.57 -36.71
CA THR B 1612 -62.43 -13.28 -37.74
C THR B 1612 -61.69 -13.40 -39.06
N VAL B 1613 -60.46 -12.89 -39.15
CA VAL B 1613 -59.65 -13.00 -40.37
C VAL B 1613 -58.53 -14.01 -40.11
N LYS B 1614 -58.35 -14.93 -41.05
CA LYS B 1614 -57.32 -15.95 -40.92
C LYS B 1614 -56.30 -15.83 -42.05
N PRO B 1622 -45.82 -21.32 -37.83
CA PRO B 1622 -46.78 -22.16 -37.10
C PRO B 1622 -48.10 -21.45 -36.85
N LYS B 1623 -49.15 -22.23 -36.60
CA LYS B 1623 -50.47 -21.65 -36.32
C LYS B 1623 -50.45 -20.89 -34.99
N GLY B 1624 -50.98 -19.67 -35.02
CA GLY B 1624 -51.07 -18.83 -33.83
C GLY B 1624 -50.22 -17.58 -33.88
N ILE B 1625 -49.07 -17.65 -34.54
CA ILE B 1625 -48.16 -16.51 -34.63
C ILE B 1625 -48.48 -15.74 -35.90
N ILE B 1626 -48.28 -14.42 -35.85
CA ILE B 1626 -48.59 -13.53 -36.97
C ILE B 1626 -47.81 -12.24 -36.75
N SER B 1627 -47.67 -11.46 -37.82
CA SER B 1627 -46.91 -10.22 -37.80
C SER B 1627 -47.79 -9.07 -38.29
N ARG B 1628 -47.17 -7.91 -38.47
CA ARG B 1628 -47.88 -6.67 -38.78
C ARG B 1628 -48.26 -6.66 -40.25
N ARG B 1629 -49.50 -7.06 -40.54
CA ARG B 1629 -50.04 -7.00 -41.89
C ARG B 1629 -51.46 -6.45 -41.83
N ASP B 1630 -51.79 -5.61 -42.82
CA ASP B 1630 -53.11 -4.98 -42.86
C ASP B 1630 -54.20 -5.99 -43.22
N PRO B 1642 -58.31 3.63 -40.81
CA PRO B 1642 -57.13 3.48 -41.68
C PRO B 1642 -56.11 4.58 -41.50
N LYS B 1643 -56.55 5.84 -41.54
CA LYS B 1643 -55.65 6.98 -41.37
C LYS B 1643 -55.22 7.08 -39.92
N ASN B 1644 -54.03 6.53 -39.63
CA ASN B 1644 -53.40 6.42 -38.30
C ASN B 1644 -54.18 5.50 -37.35
N TYR B 1645 -55.32 4.95 -37.79
CA TYR B 1645 -56.08 4.05 -36.94
C TYR B 1645 -55.47 2.66 -36.91
N MET B 1646 -54.79 2.26 -38.00
CA MET B 1646 -54.09 0.99 -38.04
C MET B 1646 -53.03 0.90 -36.94
N THR B 1647 -52.35 2.01 -36.67
CA THR B 1647 -51.39 2.05 -35.57
C THR B 1647 -52.08 1.89 -34.22
N GLN B 1648 -53.26 2.47 -34.06
CA GLN B 1648 -53.98 2.39 -32.80
C GLN B 1648 -54.61 1.02 -32.56
N TYR B 1649 -54.84 0.25 -33.62
CA TYR B 1649 -55.50 -1.06 -33.46
C TYR B 1649 -54.64 -2.02 -32.66
N PHE B 1650 -53.40 -2.23 -33.08
CA PHE B 1650 -52.54 -3.15 -32.34
C PHE B 1650 -52.02 -2.53 -31.05
N LYS B 1651 -52.23 -1.23 -30.85
CA LYS B 1651 -51.93 -0.60 -29.57
C LYS B 1651 -52.98 -0.93 -28.52
N LEU B 1652 -54.03 -1.65 -28.91
CA LEU B 1652 -55.14 -2.02 -28.03
C LEU B 1652 -55.34 -3.51 -27.97
N LEU B 1653 -55.16 -4.21 -29.09
CA LEU B 1653 -55.34 -5.66 -29.08
C LEU B 1653 -54.33 -6.31 -28.13
N GLU B 1654 -53.08 -5.85 -28.14
CA GLU B 1654 -52.12 -6.38 -27.19
C GLU B 1654 -52.52 -6.04 -25.76
N LYS B 1655 -53.28 -4.96 -25.58
CA LYS B 1655 -53.73 -4.58 -24.25
C LYS B 1655 -54.78 -5.55 -23.72
N PHE B 1656 -55.60 -6.10 -24.62
CA PHE B 1656 -56.63 -7.06 -24.18
C PHE B 1656 -56.13 -8.50 -24.14
N GLN B 1657 -54.81 -8.70 -24.06
CA GLN B 1657 -54.17 -10.03 -24.09
C GLN B 1657 -54.41 -10.78 -25.39
N ILE B 1658 -54.80 -10.07 -26.45
CA ILE B 1658 -54.94 -10.70 -27.76
C ILE B 1658 -53.61 -10.71 -28.52
N ALA B 1659 -52.65 -9.89 -28.10
CA ALA B 1659 -51.34 -9.87 -28.74
C ALA B 1659 -50.23 -9.63 -27.72
N LEU B 1668 -48.47 -12.33 -31.77
CA LEU B 1668 -48.94 -13.56 -31.14
C LEU B 1668 -50.45 -13.54 -30.90
N VAL B 1669 -51.16 -14.44 -31.57
CA VAL B 1669 -52.60 -14.62 -31.38
C VAL B 1669 -52.79 -15.91 -30.57
N PRO B 1670 -53.15 -15.81 -29.28
CA PRO B 1670 -53.38 -17.04 -28.50
C PRO B 1670 -54.49 -17.92 -29.07
N SER B 1671 -55.49 -17.33 -29.71
CA SER B 1671 -56.54 -18.13 -30.34
C SER B 1671 -55.97 -18.90 -31.51
N SER B 1672 -56.38 -20.16 -31.64
CA SER B 1672 -55.92 -21.10 -32.67
C SER B 1672 -54.40 -21.18 -32.71
N LEU B 1673 -53.83 -21.62 -31.58
CA LEU B 1673 -52.38 -21.71 -31.41
C LEU B 1673 -52.06 -23.13 -30.96
N SER B 1674 -51.89 -24.03 -31.94
CA SER B 1674 -51.46 -25.41 -31.73
C SER B 1674 -52.28 -26.12 -30.66
N ASP B 1675 -53.55 -26.36 -31.00
CA ASP B 1675 -54.49 -27.00 -30.08
C ASP B 1675 -53.94 -28.32 -29.55
N HIS B 1676 -53.37 -29.13 -30.42
CA HIS B 1676 -52.71 -30.35 -29.96
C HIS B 1676 -51.38 -29.99 -29.32
N ARG B 1677 -51.09 -30.61 -28.17
CA ARG B 1677 -49.84 -30.29 -27.51
C ARG B 1677 -48.67 -30.98 -28.21
N PRO B 1678 -47.50 -30.35 -28.21
CA PRO B 1678 -46.31 -31.00 -28.78
C PRO B 1678 -45.63 -31.92 -27.79
N VAL B 1679 -45.07 -33.01 -28.31
CA VAL B 1679 -44.41 -34.00 -27.47
C VAL B 1679 -43.02 -33.50 -27.10
N ILE B 1680 -42.77 -33.37 -25.79
CA ILE B 1680 -41.50 -32.93 -25.25
C ILE B 1680 -41.05 -33.94 -24.21
N GLU B 1681 -39.79 -34.35 -24.29
CA GLU B 1681 -39.20 -35.32 -23.37
C GLU B 1681 -38.25 -34.54 -22.46
N LEU B 1682 -38.70 -34.30 -21.23
CA LEU B 1682 -37.92 -33.51 -20.27
C LEU B 1682 -36.63 -34.24 -19.88
N PRO B 1683 -35.58 -33.50 -19.53
CA PRO B 1683 -34.29 -34.16 -19.20
C PRO B 1683 -34.37 -35.08 -18.00
N HIS B 1684 -34.86 -34.58 -16.87
CA HIS B 1684 -34.93 -35.36 -15.63
C HIS B 1684 -36.38 -35.71 -15.37
N CYS B 1685 -36.68 -37.00 -15.33
CA CYS B 1685 -38.02 -37.48 -15.02
C CYS B 1685 -37.96 -38.69 -14.10
N GLU B 1686 -37.02 -38.68 -13.15
CA GLU B 1686 -36.79 -39.81 -12.26
C GLU B 1686 -37.60 -39.70 -10.97
N ASN B 1687 -38.71 -38.96 -10.97
CA ASN B 1687 -39.67 -38.85 -9.87
C ASN B 1687 -39.09 -38.23 -8.61
N SER B 1688 -37.86 -37.74 -8.65
CA SER B 1688 -37.24 -37.14 -7.47
C SER B 1688 -36.61 -35.77 -7.70
N GLU B 1689 -36.31 -35.41 -8.94
CA GLU B 1689 -35.72 -34.11 -9.26
C GLU B 1689 -36.74 -33.12 -9.79
N ILE B 1690 -38.03 -33.41 -9.68
CA ILE B 1690 -39.09 -32.60 -10.27
C ILE B 1690 -40.02 -32.13 -9.17
N ILE B 1691 -40.43 -30.86 -9.26
CA ILE B 1691 -41.43 -30.29 -8.36
C ILE B 1691 -42.70 -30.07 -9.16
N ILE B 1692 -43.81 -30.58 -8.64
CA ILE B 1692 -45.11 -30.56 -9.29
C ILE B 1692 -46.12 -29.94 -8.35
N ARG B 1693 -47.11 -29.24 -8.91
CA ARG B 1693 -48.16 -28.63 -8.11
C ARG B 1693 -49.42 -28.55 -8.99
N LEU B 1694 -50.35 -29.46 -8.77
CA LEU B 1694 -51.57 -29.47 -9.56
C LEU B 1694 -52.52 -28.38 -9.09
N TYR B 1695 -53.37 -27.92 -10.01
CA TYR B 1695 -54.39 -26.89 -9.80
C TYR B 1695 -55.76 -27.40 -10.24
N GLU B 1696 -56.13 -28.59 -9.77
CA GLU B 1696 -57.44 -29.19 -10.08
C GLU B 1696 -58.59 -28.23 -9.84
N MET B 1697 -59.26 -27.84 -10.93
CA MET B 1697 -60.45 -27.01 -10.94
C MET B 1697 -61.50 -27.63 -11.84
N PRO B 1698 -62.79 -27.44 -11.53
CA PRO B 1698 -63.84 -28.18 -12.25
C PRO B 1698 -63.83 -27.97 -13.76
N TYR B 1699 -63.56 -26.75 -14.21
CA TYR B 1699 -63.47 -26.44 -15.63
C TYR B 1699 -62.47 -25.32 -15.83
N PHE B 1700 -61.96 -25.21 -17.04
CA PHE B 1700 -61.07 -24.10 -17.37
C PHE B 1700 -61.89 -22.84 -17.64
N PRO B 1701 -61.74 -21.78 -16.85
CA PRO B 1701 -62.42 -20.52 -17.16
C PRO B 1701 -61.97 -19.97 -18.50
N MET B 1702 -62.90 -19.28 -19.18
CA MET B 1702 -62.70 -18.87 -20.57
C MET B 1702 -61.47 -18.01 -20.75
N GLY B 1703 -61.42 -16.86 -20.08
CA GLY B 1703 -60.31 -15.95 -20.21
C GLY B 1703 -59.18 -16.23 -19.26
N PHE B 1704 -58.78 -17.49 -19.14
CA PHE B 1704 -57.69 -17.88 -18.25
C PHE B 1704 -56.38 -18.09 -19.00
N TRP B 1705 -56.38 -18.99 -20.00
CA TRP B 1705 -55.14 -19.37 -20.66
C TRP B 1705 -54.53 -18.20 -21.43
N SER B 1706 -55.36 -17.43 -22.13
CA SER B 1706 -54.87 -16.28 -22.89
C SER B 1706 -54.37 -15.15 -22.00
N ARG B 1707 -54.64 -15.20 -20.70
CA ARG B 1707 -54.13 -14.20 -19.78
C ARG B 1707 -52.89 -14.73 -19.06
N LEU B 1708 -52.90 -16.01 -18.71
CA LEU B 1708 -51.76 -16.59 -18.00
C LEU B 1708 -50.54 -16.62 -18.91
N ILE B 1709 -50.73 -17.00 -20.19
CA ILE B 1709 -49.59 -17.06 -21.08
C ILE B 1709 -49.07 -15.66 -21.37
N ASN B 1710 -49.89 -14.63 -21.22
CA ASN B 1710 -49.42 -13.28 -21.49
C ASN B 1710 -48.89 -12.59 -20.24
N ARG B 1711 -49.11 -13.20 -19.07
CA ARG B 1711 -48.49 -12.73 -17.83
C ARG B 1711 -47.23 -13.50 -17.49
N LEU B 1712 -46.95 -14.60 -18.19
CA LEU B 1712 -45.72 -15.35 -17.95
C LEU B 1712 -44.74 -15.24 -19.11
N LEU B 1713 -45.19 -14.82 -20.29
CA LEU B 1713 -44.32 -14.70 -21.46
C LEU B 1713 -43.31 -13.57 -21.30
N GLU B 1714 -43.81 -12.34 -21.08
CA GLU B 1714 -42.98 -11.14 -21.09
C GLU B 1714 -42.00 -11.06 -19.93
N ILE B 1715 -42.12 -11.91 -18.92
CA ILE B 1715 -41.13 -11.90 -17.82
C ILE B 1715 -40.00 -12.84 -18.24
N SER B 1716 -39.09 -12.29 -19.03
CA SER B 1716 -37.89 -12.99 -19.47
C SER B 1716 -36.71 -12.92 -18.48
N PRO B 1717 -36.40 -11.77 -17.81
CA PRO B 1717 -35.19 -11.75 -16.96
C PRO B 1717 -35.35 -12.56 -15.67
N TYR B 1718 -35.63 -13.84 -15.79
CA TYR B 1718 -35.71 -14.70 -14.62
C TYR B 1718 -34.31 -15.00 -14.08
N MET B 1719 -34.26 -15.54 -12.86
CA MET B 1719 -33.03 -15.89 -12.15
C MET B 1719 -32.13 -14.67 -11.94
N LEU B 1720 -32.73 -13.50 -11.79
CA LEU B 1720 -31.97 -12.27 -11.62
C LEU B 1720 -31.60 -12.07 -10.16
N ALA B 1726 -30.58 -11.32 -17.88
CA ALA B 1726 -31.44 -10.93 -19.00
C ALA B 1726 -31.18 -11.84 -20.20
N LEU B 1727 -30.99 -13.13 -19.94
CA LEU B 1727 -30.75 -14.11 -20.98
C LEU B 1727 -32.06 -14.79 -21.33
N ARG B 1728 -32.60 -14.47 -22.50
CA ARG B 1728 -33.88 -15.03 -22.91
C ARG B 1728 -33.69 -16.50 -23.30
N PRO B 1729 -34.66 -17.36 -22.99
CA PRO B 1729 -34.58 -18.76 -23.41
C PRO B 1729 -35.26 -18.98 -24.76
N ASN B 1730 -34.98 -20.16 -25.33
CA ASN B 1730 -35.59 -20.58 -26.59
C ASN B 1730 -36.93 -21.22 -26.27
N ARG B 1731 -38.02 -20.46 -26.42
CA ARG B 1731 -39.33 -20.88 -26.00
C ARG B 1731 -40.22 -21.23 -27.19
N MET B 1732 -41.13 -22.18 -26.97
CA MET B 1732 -42.14 -22.52 -27.94
C MET B 1732 -43.39 -22.92 -27.18
N TYR B 1733 -44.52 -22.28 -27.50
CA TYR B 1733 -45.72 -22.35 -26.67
C TYR B 1733 -46.96 -22.60 -27.51
N TRP B 1734 -47.82 -23.49 -27.02
CA TRP B 1734 -49.09 -23.80 -27.63
C TRP B 1734 -50.23 -23.14 -26.85
N ARG B 1735 -51.47 -23.53 -27.19
CA ARG B 1735 -52.65 -22.96 -26.55
C ARG B 1735 -52.65 -23.19 -25.03
N GLN B 1736 -52.16 -24.34 -24.60
CA GLN B 1736 -52.22 -24.70 -23.18
C GLN B 1736 -50.85 -25.00 -22.61
N GLY B 1737 -49.87 -24.15 -22.90
CA GLY B 1737 -48.55 -24.33 -22.33
C GLY B 1737 -47.62 -23.21 -22.76
N ILE B 1738 -46.50 -23.13 -22.05
CA ILE B 1738 -45.47 -22.14 -22.36
C ILE B 1738 -44.16 -22.86 -22.65
N TYR B 1739 -43.66 -23.61 -21.66
CA TYR B 1739 -42.44 -24.41 -21.77
C TYR B 1739 -41.26 -23.57 -22.28
N LEU B 1740 -40.86 -22.60 -21.46
CA LEU B 1740 -39.64 -21.86 -21.70
C LEU B 1740 -38.50 -22.53 -20.94
N ASN B 1741 -37.39 -22.78 -21.63
CA ASN B 1741 -36.26 -23.50 -21.04
C ASN B 1741 -34.96 -22.80 -21.39
N TRP B 1742 -34.19 -22.44 -20.37
CA TRP B 1742 -32.83 -21.96 -20.60
C TRP B 1742 -31.86 -23.12 -20.75
N SER B 1743 -32.08 -24.22 -20.01
CA SER B 1743 -31.16 -25.34 -19.96
C SER B 1743 -31.83 -26.51 -19.25
N PRO B 1744 -31.27 -27.72 -19.27
CA PRO B 1744 -31.85 -28.81 -18.46
C PRO B 1744 -31.82 -28.51 -16.97
N GLU B 1745 -30.98 -27.59 -16.52
CA GLU B 1745 -30.94 -27.19 -15.13
C GLU B 1745 -31.81 -25.96 -14.86
N ALA B 1746 -32.44 -25.39 -15.89
CA ALA B 1746 -33.25 -24.19 -15.70
C ALA B 1746 -34.36 -24.18 -16.76
N TYR B 1747 -35.56 -24.58 -16.35
CA TYR B 1747 -36.72 -24.62 -17.23
C TYR B 1747 -37.97 -24.54 -16.37
N CYS B 1748 -39.12 -24.54 -17.04
CA CYS B 1748 -40.43 -24.49 -16.40
C CYS B 1748 -41.50 -24.87 -17.40
N LEU B 1749 -42.38 -25.82 -17.07
CA LEU B 1749 -43.42 -26.24 -17.99
C LEU B 1749 -44.77 -26.12 -17.31
N VAL B 1750 -45.66 -25.31 -17.89
CA VAL B 1750 -47.02 -25.16 -17.36
C VAL B 1750 -47.96 -25.89 -18.30
N GLY B 1751 -48.23 -27.16 -17.99
CA GLY B 1751 -49.03 -28.01 -18.85
C GLY B 1751 -50.47 -28.12 -18.39
N SER B 1752 -51.23 -28.93 -19.14
CA SER B 1752 -52.64 -29.21 -18.83
C SER B 1752 -52.90 -30.66 -19.21
N GLU B 1753 -52.77 -31.55 -18.24
CA GLU B 1753 -52.93 -32.99 -18.45
C GLU B 1753 -54.21 -33.46 -17.80
N VAL B 1754 -55.05 -34.16 -18.57
CA VAL B 1754 -56.32 -34.67 -18.08
C VAL B 1754 -56.10 -36.05 -17.47
N LEU B 1755 -56.52 -36.20 -16.21
CA LEU B 1755 -56.37 -37.46 -15.51
C LEU B 1755 -57.58 -38.35 -15.74
N ASP B 1756 -57.33 -39.65 -15.79
CA ASP B 1756 -58.39 -40.62 -16.05
C ASP B 1756 -59.39 -40.67 -14.89
N ASN B 1757 -60.64 -41.00 -15.23
CA ASN B 1757 -61.75 -41.10 -14.29
C ASN B 1757 -61.94 -39.78 -13.52
N HIS B 1758 -61.86 -38.67 -14.25
CA HIS B 1758 -62.04 -37.34 -13.68
C HIS B 1758 -62.61 -36.40 -14.72
N PRO B 1759 -63.84 -35.90 -14.52
CA PRO B 1759 -64.41 -34.93 -15.46
C PRO B 1759 -63.76 -33.55 -15.39
N GLU B 1760 -62.95 -33.29 -14.38
CA GLU B 1760 -62.32 -31.98 -14.22
C GLU B 1760 -61.16 -31.82 -15.20
N SER B 1761 -60.41 -30.73 -15.05
CA SER B 1761 -59.18 -30.51 -15.79
C SER B 1761 -58.10 -30.07 -14.82
N PHE B 1762 -56.86 -30.39 -15.15
CA PHE B 1762 -55.73 -30.15 -14.25
C PHE B 1762 -54.74 -29.21 -14.92
N LEU B 1763 -54.21 -28.28 -14.13
CA LEU B 1763 -53.20 -27.34 -14.60
C LEU B 1763 -51.89 -27.81 -14.00
N LYS B 1764 -51.22 -28.73 -14.69
CA LYS B 1764 -49.97 -29.30 -14.19
C LYS B 1764 -48.83 -28.32 -14.41
N ILE B 1765 -47.95 -28.24 -13.42
CA ILE B 1765 -46.73 -27.44 -13.49
C ILE B 1765 -45.55 -28.33 -13.10
N THR B 1766 -44.47 -28.25 -13.85
CA THR B 1766 -43.28 -29.05 -13.60
C THR B 1766 -42.07 -28.12 -13.61
N VAL B 1767 -41.24 -28.24 -12.57
CA VAL B 1767 -40.07 -27.38 -12.44
C VAL B 1767 -38.89 -28.18 -11.90
N PRO B 1768 -37.67 -27.98 -12.41
CA PRO B 1768 -36.50 -28.67 -11.86
C PRO B 1768 -36.28 -28.32 -10.39
N SER B 1769 -35.83 -29.30 -9.62
CA SER B 1769 -35.64 -29.16 -8.18
C SER B 1769 -34.34 -28.46 -7.80
N CYS B 1770 -33.68 -27.79 -8.75
CA CYS B 1770 -32.48 -27.05 -8.46
C CYS B 1770 -32.80 -25.78 -7.66
N ARG B 1771 -31.75 -25.05 -7.29
CA ARG B 1771 -31.94 -23.82 -6.54
C ARG B 1771 -32.67 -22.76 -7.38
N LYS B 1772 -32.26 -22.60 -8.64
CA LYS B 1772 -32.92 -21.65 -9.52
C LYS B 1772 -34.35 -22.06 -9.83
N GLY B 1773 -34.60 -23.36 -9.91
CA GLY B 1773 -35.95 -23.81 -10.19
C GLY B 1773 -36.92 -23.37 -9.11
N CYS B 1774 -36.51 -23.47 -7.84
CA CYS B 1774 -37.41 -23.07 -6.76
C CYS B 1774 -37.78 -21.59 -6.88
N ILE B 1775 -36.85 -20.77 -7.38
CA ILE B 1775 -37.13 -19.37 -7.68
C ILE B 1775 -38.18 -19.27 -8.77
N LEU B 1776 -38.03 -20.09 -9.81
CA LEU B 1776 -38.99 -20.07 -10.91
C LEU B 1776 -40.38 -20.47 -10.43
N LEU B 1777 -40.45 -21.50 -9.60
CA LEU B 1777 -41.73 -21.95 -9.07
C LEU B 1777 -42.39 -20.88 -8.21
N GLY B 1778 -41.61 -20.22 -7.36
CA GLY B 1778 -42.17 -19.17 -6.53
C GLY B 1778 -42.68 -18.01 -7.35
N GLN B 1779 -41.92 -17.62 -8.38
CA GLN B 1779 -42.27 -16.45 -9.16
C GLN B 1779 -43.29 -16.77 -10.25
N VAL B 1780 -43.69 -18.03 -10.37
CA VAL B 1780 -44.79 -18.39 -11.26
C VAL B 1780 -46.08 -18.58 -10.46
N VAL B 1781 -45.98 -19.26 -9.31
CA VAL B 1781 -47.14 -19.45 -8.44
C VAL B 1781 -47.67 -18.10 -7.96
N ASP B 1782 -46.76 -17.18 -7.61
CA ASP B 1782 -47.20 -15.84 -7.18
C ASP B 1782 -47.94 -15.11 -8.29
N HIS B 1783 -47.44 -15.16 -9.53
CA HIS B 1783 -48.15 -14.53 -10.63
C HIS B 1783 -49.50 -15.20 -10.89
N ILE B 1784 -49.55 -16.53 -10.86
CA ILE B 1784 -50.79 -17.22 -11.16
C ILE B 1784 -51.82 -17.01 -10.06
N ASP B 1785 -51.37 -16.62 -8.86
CA ASP B 1785 -52.33 -16.30 -7.82
C ASP B 1785 -52.76 -14.85 -7.93
N SER B 1786 -51.85 -13.96 -8.32
CA SER B 1786 -52.24 -12.57 -8.51
C SER B 1786 -53.30 -12.47 -9.61
N LEU B 1787 -53.10 -13.19 -10.72
CA LEU B 1787 -54.10 -13.29 -11.76
C LEU B 1787 -55.39 -13.92 -11.27
N MET B 1788 -55.29 -15.01 -10.50
CA MET B 1788 -56.49 -15.74 -10.12
C MET B 1788 -57.33 -14.93 -9.14
N GLU B 1789 -56.67 -14.19 -8.24
CA GLU B 1789 -57.39 -13.32 -7.32
C GLU B 1789 -57.99 -12.11 -8.04
N GLU B 1790 -57.18 -11.43 -8.87
CA GLU B 1790 -57.63 -10.19 -9.47
C GLU B 1790 -58.74 -10.41 -10.49
N TRP B 1791 -58.67 -11.49 -11.26
CA TRP B 1791 -59.61 -11.65 -12.37
C TRP B 1791 -60.75 -12.61 -12.09
N PHE B 1792 -60.57 -13.57 -11.19
CA PHE B 1792 -61.59 -14.57 -10.90
C PHE B 1792 -61.82 -14.65 -9.39
N PRO B 1793 -62.56 -13.69 -8.83
CA PRO B 1793 -62.85 -13.73 -7.39
C PRO B 1793 -63.96 -14.70 -7.03
N GLY B 1794 -64.69 -15.24 -8.01
CA GLY B 1794 -65.78 -16.15 -7.71
C GLY B 1794 -65.36 -17.57 -7.45
N LEU B 1795 -64.19 -17.97 -7.95
CA LEU B 1795 -63.75 -19.36 -7.83
C LEU B 1795 -63.26 -19.66 -6.41
N LEU B 1796 -62.23 -18.96 -5.97
CA LEU B 1796 -61.66 -19.20 -4.65
C LEU B 1796 -62.45 -18.44 -3.58
N GLU B 1797 -63.76 -18.69 -3.55
CA GLU B 1797 -64.66 -18.11 -2.57
C GLU B 1797 -65.07 -19.17 -1.57
N ILE B 1798 -64.92 -18.87 -0.28
CA ILE B 1798 -65.23 -19.83 0.78
C ILE B 1798 -66.73 -19.82 1.01
N ASP B 1799 -67.39 -20.92 0.64
CA ASP B 1799 -68.84 -21.05 0.81
C ASP B 1799 -69.13 -21.50 2.24
N ILE B 1800 -69.67 -20.58 3.05
CA ILE B 1800 -70.03 -20.91 4.42
C ILE B 1800 -71.12 -21.98 4.45
N CYS B 1801 -72.13 -21.83 3.60
CA CYS B 1801 -73.17 -22.84 3.48
C CYS B 1801 -72.61 -24.14 2.89
N GLY B 1802 -73.06 -25.27 3.44
CA GLY B 1802 -72.63 -26.56 2.94
C GLY B 1802 -71.33 -27.04 3.54
N GLU B 1803 -70.24 -26.97 2.77
CA GLU B 1803 -68.95 -27.45 3.21
C GLU B 1803 -67.87 -26.60 2.55
N GLY B 1804 -66.69 -26.57 3.16
CA GLY B 1804 -65.57 -25.82 2.63
C GLY B 1804 -64.89 -26.45 1.43
N GLU B 1805 -65.67 -26.81 0.41
CA GLU B 1805 -65.09 -27.38 -0.81
C GLU B 1805 -64.21 -26.36 -1.51
N THR B 1806 -64.61 -25.08 -1.50
CA THR B 1806 -63.88 -23.90 -1.97
C THR B 1806 -63.79 -23.87 -3.50
N LEU B 1807 -64.27 -24.91 -4.19
CA LEU B 1807 -64.39 -25.00 -5.66
C LEU B 1807 -63.04 -25.00 -6.35
N LEU B 1808 -61.93 -25.00 -5.61
CA LEU B 1808 -60.60 -24.89 -6.21
C LEU B 1808 -59.62 -25.53 -5.24
N LYS B 1809 -59.02 -26.64 -5.64
CA LYS B 1809 -58.10 -27.40 -4.79
C LYS B 1809 -56.75 -27.48 -5.49
N LYS B 1810 -55.74 -26.83 -4.90
CA LYS B 1810 -54.38 -26.84 -5.42
C LYS B 1810 -53.57 -27.90 -4.66
N TRP B 1811 -53.49 -29.09 -5.24
CA TRP B 1811 -52.75 -30.19 -4.64
C TRP B 1811 -51.24 -29.97 -4.77
N ALA B 1812 -50.49 -30.76 -4.01
CA ALA B 1812 -49.04 -30.83 -4.11
C ALA B 1812 -48.63 -32.29 -4.15
N LEU B 1813 -47.56 -32.58 -4.87
CA LEU B 1813 -47.14 -33.95 -5.12
C LEU B 1813 -45.85 -34.24 -4.36
N TYR B 1814 -45.83 -35.37 -3.65
CA TYR B 1814 -44.65 -35.76 -2.90
C TYR B 1814 -44.50 -37.28 -2.94
N SER B 1815 -43.26 -37.74 -2.78
CA SER B 1815 -42.95 -39.17 -2.83
C SER B 1815 -41.78 -39.45 -1.90
N PHE B 1816 -41.98 -40.35 -0.94
CA PHE B 1816 -40.88 -40.77 -0.08
C PHE B 1816 -39.78 -41.46 -0.87
N ASN B 1817 -40.14 -42.32 -1.81
CA ASN B 1817 -39.16 -43.06 -2.58
C ASN B 1817 -38.37 -42.13 -3.49
N ASP B 1818 -37.04 -42.22 -3.41
CA ASP B 1818 -36.15 -41.44 -4.28
C ASP B 1818 -36.13 -42.09 -5.66
N GLY B 1819 -37.24 -41.92 -6.37
CA GLY B 1819 -37.45 -42.55 -7.64
C GLY B 1819 -38.10 -43.93 -7.50
N GLU B 1820 -38.68 -44.38 -8.61
CA GLU B 1820 -39.36 -45.68 -8.70
C GLU B 1820 -40.46 -45.84 -7.65
N GLU B 1821 -41.14 -44.74 -7.31
CA GLU B 1821 -42.22 -44.76 -6.36
C GLU B 1821 -43.52 -45.34 -6.92
N HIS B 1822 -43.58 -45.55 -8.24
CA HIS B 1822 -44.72 -46.09 -8.99
C HIS B 1822 -45.92 -45.15 -9.02
N GLN B 1823 -45.87 -44.02 -8.32
CA GLN B 1823 -46.93 -43.02 -8.26
C GLN B 1823 -46.41 -41.86 -7.42
N LYS B 1824 -47.16 -40.77 -7.43
CA LYS B 1824 -46.87 -39.60 -6.62
C LYS B 1824 -48.05 -39.32 -5.70
N ILE B 1825 -47.78 -39.22 -4.40
CA ILE B 1825 -48.83 -39.04 -3.42
C ILE B 1825 -49.27 -37.58 -3.38
N LEU B 1826 -50.59 -37.36 -3.43
CA LEU B 1826 -51.16 -36.03 -3.37
C LEU B 1826 -51.19 -35.52 -1.93
N LEU B 1827 -51.33 -34.21 -1.80
CA LEU B 1827 -51.39 -33.57 -0.48
C LEU B 1827 -52.04 -32.21 -0.64
N ASP B 1828 -53.18 -32.00 0.02
CA ASP B 1828 -53.86 -30.72 -0.05
C ASP B 1828 -53.00 -29.65 0.62
N ASP B 1829 -52.89 -28.49 -0.03
CA ASP B 1829 -51.98 -27.46 0.46
C ASP B 1829 -52.49 -26.74 1.70
N LEU B 1830 -53.80 -26.81 1.99
CA LEU B 1830 -54.36 -26.05 3.10
C LEU B 1830 -53.81 -26.53 4.44
N MET B 1831 -53.89 -27.82 4.71
CA MET B 1831 -53.34 -28.30 5.97
C MET B 1831 -51.87 -28.66 5.86
N LYS B 1832 -51.36 -28.83 4.64
CA LYS B 1832 -49.92 -28.94 4.47
C LYS B 1832 -49.27 -27.64 4.95
N LYS B 1833 -49.84 -26.50 4.56
CA LYS B 1833 -49.43 -25.22 5.11
C LYS B 1833 -49.70 -25.17 6.62
N ALA B 1834 -50.84 -25.70 7.05
CA ALA B 1834 -51.08 -25.82 8.49
C ALA B 1834 -50.11 -26.79 9.17
N GLU B 1835 -49.52 -27.72 8.40
CA GLU B 1835 -48.45 -28.58 8.91
C GLU B 1835 -47.10 -27.87 8.83
N GLU B 1836 -47.03 -26.66 9.37
CA GLU B 1836 -45.78 -25.93 9.49
C GLU B 1836 -45.16 -26.05 10.88
N GLY B 1837 -45.85 -26.74 11.80
CA GLY B 1837 -45.29 -27.00 13.12
C GLY B 1837 -44.02 -27.81 13.11
N ASP B 1838 -43.77 -28.57 12.03
CA ASP B 1838 -42.52 -29.28 11.83
C ASP B 1838 -42.00 -28.98 10.43
N LEU B 1839 -40.67 -28.96 10.31
CA LEU B 1839 -40.03 -28.68 9.02
C LEU B 1839 -40.01 -29.91 8.11
N LEU B 1840 -40.44 -31.06 8.59
CA LEU B 1840 -40.40 -32.30 7.84
C LEU B 1840 -41.75 -32.99 7.92
N VAL B 1841 -42.08 -33.76 6.88
CA VAL B 1841 -43.32 -34.51 6.82
C VAL B 1841 -42.99 -36.00 6.71
N ASN B 1842 -43.80 -36.82 7.38
CA ASN B 1842 -43.58 -38.26 7.45
C ASN B 1842 -44.92 -38.96 7.29
N PRO B 1843 -44.91 -40.23 6.82
CA PRO B 1843 -46.17 -40.97 6.71
C PRO B 1843 -46.70 -41.44 8.05
N ASP B 1844 -47.78 -42.22 8.04
CA ASP B 1844 -48.35 -42.72 9.29
C ASP B 1844 -47.36 -43.60 10.05
N GLN B 1845 -46.44 -44.24 9.34
CA GLN B 1845 -45.38 -45.02 9.97
C GLN B 1845 -44.05 -44.32 9.70
N PRO B 1846 -43.45 -43.68 10.71
CA PRO B 1846 -42.57 -42.53 10.47
C PRO B 1846 -41.09 -42.79 10.22
N ARG B 1847 -40.70 -44.01 9.80
CA ARG B 1847 -39.27 -44.38 9.77
C ARG B 1847 -38.43 -43.44 8.92
N LEU B 1848 -39.01 -42.77 7.93
CA LEU B 1848 -38.29 -41.77 7.16
C LEU B 1848 -39.10 -40.48 7.11
N THR B 1849 -38.52 -39.45 6.49
CA THR B 1849 -39.20 -38.17 6.34
C THR B 1849 -38.62 -37.43 5.15
N ILE B 1850 -39.37 -36.45 4.67
CA ILE B 1850 -39.00 -35.65 3.51
C ILE B 1850 -39.00 -34.18 3.92
N PRO B 1851 -37.95 -33.42 3.60
CA PRO B 1851 -37.98 -31.98 3.90
C PRO B 1851 -39.05 -31.27 3.09
N ILE B 1852 -39.65 -30.25 3.72
CA ILE B 1852 -40.71 -29.48 3.08
C ILE B 1852 -40.18 -28.71 1.87
N SER B 1853 -38.95 -28.20 1.96
CA SER B 1853 -38.39 -27.36 0.90
C SER B 1853 -38.36 -28.06 -0.45
N GLN B 1854 -38.16 -29.39 -0.45
CA GLN B 1854 -38.09 -30.12 -1.72
C GLN B 1854 -39.45 -30.13 -2.42
N ILE B 1855 -40.54 -30.32 -1.67
CA ILE B 1855 -41.84 -30.52 -2.27
C ILE B 1855 -42.65 -29.23 -2.39
N ALA B 1856 -42.30 -28.17 -1.66
CA ALA B 1856 -43.04 -26.91 -1.73
C ALA B 1856 -42.17 -25.76 -1.23
N PRO B 1857 -41.22 -25.28 -2.03
CA PRO B 1857 -40.31 -24.23 -1.57
C PRO B 1857 -40.94 -22.85 -1.49
N ASP B 1858 -42.26 -22.77 -1.65
CA ASP B 1858 -42.97 -21.51 -1.51
C ASP B 1858 -43.53 -21.29 -0.10
N LEU B 1859 -44.02 -22.35 0.54
CA LEU B 1859 -44.53 -22.22 1.90
C LEU B 1859 -43.43 -21.82 2.87
N ILE B 1860 -42.33 -22.56 2.88
CA ILE B 1860 -41.12 -22.14 3.58
C ILE B 1860 -40.38 -21.14 2.72
N LEU B 1861 -39.84 -20.10 3.35
CA LEU B 1861 -39.18 -19.01 2.62
C LEU B 1861 -37.86 -19.55 2.10
N ALA B 1862 -37.94 -20.23 0.96
CA ALA B 1862 -36.78 -20.79 0.28
C ALA B 1862 -36.60 -20.33 -1.15
N ASP B 1863 -37.67 -19.91 -1.83
CA ASP B 1863 -37.56 -19.47 -3.22
C ASP B 1863 -36.82 -18.15 -3.36
N LEU B 1864 -36.73 -17.37 -2.29
CA LEU B 1864 -35.91 -16.17 -2.30
C LEU B 1864 -34.45 -16.53 -2.04
N PRO B 1865 -33.51 -15.62 -2.33
CA PRO B 1865 -32.08 -15.93 -2.10
C PRO B 1865 -31.80 -16.46 -0.69
N ARG B 1866 -30.81 -17.34 -0.59
CA ARG B 1866 -30.54 -18.12 0.61
C ARG B 1866 -30.05 -17.27 1.78
N ASN B 1867 -29.64 -16.02 1.56
CA ASN B 1867 -29.15 -15.19 2.64
C ASN B 1867 -30.22 -14.83 3.66
N ILE B 1868 -31.49 -15.09 3.38
CA ILE B 1868 -32.60 -14.62 4.20
C ILE B 1868 -33.29 -15.84 4.80
N MET B 1869 -32.51 -16.88 5.08
CA MET B 1869 -33.03 -18.03 5.81
C MET B 1869 -33.06 -17.69 7.29
N LEU B 1870 -34.07 -18.19 8.00
CA LEU B 1870 -34.35 -17.74 9.37
C LEU B 1870 -33.20 -18.09 10.31
N ASN B 1871 -32.75 -19.35 10.29
CA ASN B 1871 -31.75 -19.88 11.22
C ASN B 1871 -32.20 -19.69 12.67
N ASN B 1872 -33.31 -20.35 13.00
CA ASN B 1872 -33.98 -20.17 14.29
C ASN B 1872 -33.14 -20.66 15.47
N ASP B 1873 -32.09 -21.43 15.22
CA ASP B 1873 -31.29 -21.99 16.32
C ASP B 1873 -30.66 -20.90 17.17
N GLU B 1874 -30.24 -19.80 16.55
CA GLU B 1874 -29.51 -18.74 17.25
C GLU B 1874 -30.40 -17.58 17.68
N LEU B 1875 -31.50 -17.34 16.99
CA LEU B 1875 -32.34 -16.17 17.23
C LEU B 1875 -33.01 -16.30 18.60
N GLU B 1876 -32.52 -15.53 19.57
CA GLU B 1876 -33.11 -15.45 20.89
C GLU B 1876 -34.00 -14.21 20.95
N PHE B 1877 -35.28 -14.41 21.30
CA PHE B 1877 -36.25 -13.34 21.20
C PHE B 1877 -37.44 -13.70 22.09
N GLU B 1878 -37.98 -12.71 22.78
CA GLU B 1878 -39.07 -12.91 23.75
C GLU B 1878 -40.14 -11.86 23.44
N GLN B 1879 -41.19 -12.28 22.72
CA GLN B 1879 -42.20 -11.33 22.26
C GLN B 1879 -43.10 -10.87 23.40
N ALA B 1880 -43.50 -11.78 24.28
CA ALA B 1880 -44.50 -11.50 25.31
C ALA B 1880 -44.19 -10.28 26.20
N PRO B 1881 -42.98 -10.07 26.72
CA PRO B 1881 -42.74 -8.87 27.52
C PRO B 1881 -42.72 -7.62 26.67
N GLU B 1882 -42.85 -6.47 27.32
CA GLU B 1882 -42.81 -5.19 26.65
C GLU B 1882 -41.62 -4.31 27.02
N PHE B 1883 -40.81 -4.71 28.02
CA PHE B 1883 -39.60 -3.94 28.28
C PHE B 1883 -38.58 -4.07 27.16
N LEU B 1884 -38.72 -5.07 26.30
CA LEU B 1884 -37.94 -5.18 25.08
C LEU B 1884 -38.65 -4.56 23.88
N LEU B 1885 -39.82 -3.96 24.07
CA LEU B 1885 -40.54 -3.28 23.01
C LEU B 1885 -40.06 -1.85 22.82
N GLY B 1886 -39.05 -1.42 23.59
CA GLY B 1886 -38.55 -0.06 23.62
C GLY B 1886 -38.27 0.63 22.28
N ASP B 1887 -38.15 -0.17 21.21
CA ASP B 1887 -38.01 0.38 19.88
C ASP B 1887 -39.31 1.11 19.51
N GLY B 1888 -39.20 2.41 19.26
CA GLY B 1888 -40.39 3.19 18.93
C GLY B 1888 -41.28 3.39 20.14
N SER B 1889 -42.59 3.48 19.88
CA SER B 1889 -43.56 3.67 20.96
C SER B 1889 -44.89 3.04 20.52
N PHE B 1890 -45.16 1.84 21.03
CA PHE B 1890 -46.43 1.13 20.80
C PHE B 1890 -46.68 0.86 19.32
N GLY B 1891 -45.70 0.25 18.67
CA GLY B 1891 -45.86 -0.20 17.31
C GLY B 1891 -46.00 -1.70 17.20
N SER B 1892 -45.18 -2.33 16.34
CA SER B 1892 -45.12 -3.78 16.28
C SER B 1892 -43.70 -4.29 16.16
N VAL B 1893 -42.70 -3.44 16.34
CA VAL B 1893 -41.30 -3.83 16.26
C VAL B 1893 -40.76 -4.08 17.67
N TYR B 1894 -39.90 -5.08 17.80
CA TYR B 1894 -39.30 -5.45 19.07
C TYR B 1894 -37.78 -5.44 18.93
N ARG B 1895 -37.11 -5.83 20.01
CA ARG B 1895 -35.66 -5.91 20.09
C ARG B 1895 -35.23 -7.27 20.58
N ALA B 1896 -34.13 -7.78 20.02
CA ALA B 1896 -33.66 -9.12 20.34
C ALA B 1896 -32.19 -9.22 19.97
N ALA B 1897 -31.64 -10.43 20.12
CA ALA B 1897 -30.25 -10.71 19.80
C ALA B 1897 -30.17 -11.86 18.82
N TYR B 1898 -29.31 -11.70 17.81
CA TYR B 1898 -29.14 -12.72 16.79
C TYR B 1898 -27.68 -12.69 16.36
N GLU B 1899 -27.07 -13.88 16.26
CA GLU B 1899 -25.66 -14.01 15.88
C GLU B 1899 -24.74 -13.21 16.80
N GLY B 1900 -25.15 -13.03 18.05
CA GLY B 1900 -24.37 -12.28 19.01
C GLY B 1900 -24.48 -10.78 18.89
N GLU B 1901 -25.31 -10.27 17.97
CA GLU B 1901 -25.47 -8.83 17.77
C GLU B 1901 -26.91 -8.41 18.02
N GLU B 1902 -27.08 -7.16 18.42
CA GLU B 1902 -28.39 -6.59 18.68
C GLU B 1902 -29.13 -6.34 17.38
N VAL B 1903 -30.36 -6.87 17.28
CA VAL B 1903 -31.19 -6.75 16.08
C VAL B 1903 -32.60 -6.35 16.50
N ALA B 1904 -33.37 -5.83 15.54
CA ALA B 1904 -34.74 -5.43 15.76
C ALA B 1904 -35.63 -6.29 14.87
N VAL B 1905 -36.57 -7.00 15.47
CA VAL B 1905 -37.48 -7.85 14.70
C VAL B 1905 -38.83 -7.16 14.55
N LYS B 1906 -39.54 -7.49 13.49
CA LYS B 1906 -40.81 -6.82 13.16
C LYS B 1906 -41.88 -7.90 13.05
N ILE B 1907 -42.58 -8.14 14.16
CA ILE B 1907 -43.61 -9.17 14.18
C ILE B 1907 -44.80 -8.72 13.35
N PHE B 1908 -45.33 -9.63 12.53
CA PHE B 1908 -46.50 -9.36 11.71
C PHE B 1908 -47.75 -9.84 12.42
N ASN B 1909 -48.83 -9.09 12.28
CA ASN B 1909 -50.14 -9.51 12.77
C ASN B 1909 -50.84 -10.33 11.70
N LYS B 1910 -52.13 -10.61 11.91
CA LYS B 1910 -52.87 -11.44 10.97
C LYS B 1910 -53.21 -10.72 9.67
N HIS B 1911 -52.94 -9.40 9.59
CA HIS B 1911 -53.28 -8.63 8.40
C HIS B 1911 -52.54 -9.15 7.17
N THR B 1912 -51.24 -9.38 7.30
CA THR B 1912 -50.41 -9.76 6.17
C THR B 1912 -50.47 -11.28 5.97
N SER B 1913 -50.79 -11.71 4.77
CA SER B 1913 -50.76 -13.12 4.42
C SER B 1913 -49.34 -13.51 4.00
N LEU B 1914 -49.12 -14.83 3.94
CA LEU B 1914 -47.82 -15.35 3.53
C LEU B 1914 -47.50 -14.94 2.10
N ARG B 1915 -48.52 -14.93 1.23
CA ARG B 1915 -48.34 -14.49 -0.15
C ARG B 1915 -47.89 -13.04 -0.20
N LEU B 1916 -48.48 -12.18 0.63
CA LEU B 1916 -48.13 -10.75 0.62
C LEU B 1916 -46.70 -10.54 1.10
N LEU B 1917 -46.32 -11.19 2.20
CA LEU B 1917 -44.96 -11.07 2.73
C LEU B 1917 -43.95 -11.59 1.71
N ARG B 1918 -44.21 -12.76 1.12
CA ARG B 1918 -43.30 -13.27 0.10
C ARG B 1918 -43.26 -12.36 -1.13
N GLN B 1919 -44.37 -11.67 -1.43
CA GLN B 1919 -44.38 -10.70 -2.51
C GLN B 1919 -43.45 -9.53 -2.17
N GLU B 1920 -43.46 -9.09 -0.92
CA GLU B 1920 -42.61 -7.97 -0.53
C GLU B 1920 -41.14 -8.38 -0.54
N LEU B 1921 -40.85 -9.60 -0.10
CA LEU B 1921 -39.45 -10.00 0.11
C LEU B 1921 -38.67 -10.08 -1.18
N VAL B 1922 -39.30 -10.50 -2.29
CA VAL B 1922 -38.57 -10.72 -3.54
C VAL B 1922 -37.95 -9.41 -4.04
N VAL B 1923 -38.67 -8.31 -3.88
CA VAL B 1923 -38.13 -7.00 -4.27
C VAL B 1923 -37.37 -6.34 -3.13
N LEU B 1924 -37.59 -6.77 -1.89
CA LEU B 1924 -36.93 -6.15 -0.75
C LEU B 1924 -35.55 -6.73 -0.45
N CYS B 1925 -35.20 -7.87 -1.04
CA CYS B 1925 -34.01 -8.63 -0.65
C CYS B 1925 -32.78 -8.35 -1.50
N HIS B 1926 -32.86 -7.48 -2.49
CA HIS B 1926 -31.72 -7.21 -3.37
C HIS B 1926 -31.52 -5.71 -3.58
N LEU B 1927 -31.58 -4.95 -2.49
CA LEU B 1927 -31.21 -3.54 -2.54
C LEU B 1927 -29.74 -3.33 -2.18
N HIS B 1928 -29.38 -3.67 -0.94
CA HIS B 1928 -27.98 -3.79 -0.49
C HIS B 1928 -27.20 -2.48 -0.70
N HIS B 1929 -27.60 -1.47 0.05
CA HIS B 1929 -26.90 -0.19 0.05
C HIS B 1929 -26.53 0.21 1.48
N PRO B 1930 -25.40 0.89 1.65
CA PRO B 1930 -25.02 1.36 3.00
C PRO B 1930 -25.97 2.37 3.61
N SER B 1931 -26.85 3.00 2.83
CA SER B 1931 -27.85 3.89 3.38
C SER B 1931 -29.22 3.25 3.50
N LEU B 1932 -29.31 1.96 3.18
CA LEU B 1932 -30.56 1.21 3.23
C LEU B 1932 -30.46 0.13 4.29
N ILE B 1933 -31.48 0.02 5.14
CA ILE B 1933 -31.52 -1.02 6.17
C ILE B 1933 -31.56 -2.38 5.48
N SER B 1934 -30.49 -3.15 5.64
CA SER B 1934 -30.37 -4.43 4.95
C SER B 1934 -30.99 -5.54 5.79
N LEU B 1935 -31.80 -6.37 5.15
CA LEU B 1935 -32.45 -7.48 5.84
C LEU B 1935 -31.41 -8.52 6.27
N LEU B 1936 -31.70 -9.20 7.38
CA LEU B 1936 -30.82 -10.24 7.90
C LEU B 1936 -31.42 -11.63 7.80
N ALA B 1937 -32.68 -11.80 8.24
CA ALA B 1937 -33.34 -13.10 8.21
C ALA B 1937 -34.84 -12.89 8.25
N ALA B 1938 -35.57 -13.91 7.83
CA ALA B 1938 -37.02 -13.87 7.88
C ALA B 1938 -37.53 -15.30 7.86
N GLY B 1939 -38.54 -15.58 8.67
CA GLY B 1939 -39.02 -16.93 8.76
C GLY B 1939 -40.43 -17.07 9.30
N ILE B 1940 -40.71 -18.25 9.84
CA ILE B 1940 -42.02 -18.64 10.32
C ILE B 1940 -41.86 -18.94 11.82
N ARG B 1941 -42.97 -19.23 12.50
CA ARG B 1941 -43.12 -19.51 13.93
C ARG B 1941 -42.75 -18.29 14.77
N PRO B 1942 -43.47 -17.15 14.65
CA PRO B 1942 -44.49 -16.78 13.66
C PRO B 1942 -43.83 -16.09 12.48
N ARG B 1943 -44.56 -15.37 11.64
CA ARG B 1943 -43.94 -14.70 10.50
C ARG B 1943 -43.08 -13.54 10.97
N MET B 1944 -41.78 -13.80 11.15
CA MET B 1944 -40.87 -12.79 11.67
C MET B 1944 -39.88 -12.33 10.62
N LEU B 1945 -39.38 -11.10 10.83
CA LEU B 1945 -38.47 -10.42 9.93
C LEU B 1945 -37.46 -9.66 10.78
N VAL B 1946 -36.18 -9.77 10.44
CA VAL B 1946 -35.07 -9.25 11.24
C VAL B 1946 -34.39 -8.15 10.46
N MET B 1947 -34.17 -7.00 11.10
CA MET B 1947 -33.44 -5.89 10.50
C MET B 1947 -32.43 -5.34 11.50
N GLU B 1948 -31.37 -4.74 10.96
CA GLU B 1948 -30.31 -4.20 11.79
C GLU B 1948 -30.84 -3.13 12.73
N LEU B 1949 -30.38 -3.18 13.98
CA LEU B 1949 -30.93 -2.33 15.03
C LEU B 1949 -30.22 -0.99 15.04
N ALA B 1950 -31.00 0.08 15.05
CA ALA B 1950 -30.48 1.43 15.19
C ALA B 1950 -30.59 1.87 16.64
N SER B 1951 -29.45 2.21 17.23
CA SER B 1951 -29.40 2.50 18.66
C SER B 1951 -30.20 3.75 19.03
N LYS B 1952 -30.08 4.81 18.23
CA LYS B 1952 -30.56 6.12 18.63
C LYS B 1952 -32.00 6.42 18.22
N GLY B 1953 -32.69 5.48 17.58
CA GLY B 1953 -34.09 5.70 17.25
C GLY B 1953 -34.29 6.62 16.07
N SER B 1954 -35.56 6.92 15.82
CA SER B 1954 -35.95 7.73 14.67
C SER B 1954 -35.50 9.18 14.86
N LEU B 1955 -35.36 9.88 13.73
CA LEU B 1955 -34.87 11.25 13.77
C LEU B 1955 -35.86 12.20 14.44
N ASP B 1956 -37.16 11.94 14.30
CA ASP B 1956 -38.18 12.86 14.82
C ASP B 1956 -38.05 13.01 16.34
N ARG B 1957 -37.80 11.90 17.04
CA ARG B 1957 -37.62 11.97 18.48
C ARG B 1957 -36.38 12.77 18.80
N LEU B 1958 -35.30 12.57 18.04
CA LEU B 1958 -34.03 13.18 18.37
C LEU B 1958 -34.15 14.69 18.26
N LEU B 1959 -34.68 15.17 17.14
CA LEU B 1959 -34.86 16.61 16.96
C LEU B 1959 -35.98 17.18 17.81
N GLN B 1960 -36.85 16.34 18.39
CA GLN B 1960 -37.93 16.86 19.22
C GLN B 1960 -37.59 16.83 20.71
N GLN B 1961 -36.56 16.09 21.11
CA GLN B 1961 -36.22 15.93 22.52
C GLN B 1961 -34.76 16.22 22.84
N ASP B 1962 -33.85 16.14 21.88
CA ASP B 1962 -32.42 16.39 22.08
C ASP B 1962 -31.92 17.43 21.09
N LYS B 1963 -32.60 18.59 21.08
CA LYS B 1963 -32.36 19.62 20.07
C LYS B 1963 -30.93 20.14 20.07
N ALA B 1964 -30.20 19.99 21.18
CA ALA B 1964 -28.83 20.48 21.24
C ALA B 1964 -27.83 19.50 20.64
N SER B 1965 -28.26 18.31 20.22
CA SER B 1965 -27.32 17.31 19.73
C SER B 1965 -26.85 17.64 18.31
N LEU B 1966 -27.74 18.15 17.46
CA LEU B 1966 -27.38 18.46 16.08
C LEU B 1966 -26.57 19.75 16.04
N THR B 1967 -25.36 19.68 15.47
CA THR B 1967 -24.37 20.74 15.59
C THR B 1967 -23.71 21.04 14.24
N ARG B 1968 -24.52 21.18 13.18
CA ARG B 1968 -24.13 21.72 11.88
C ARG B 1968 -23.11 20.84 11.15
N THR B 1969 -22.72 19.71 11.72
CA THR B 1969 -21.90 18.72 11.03
C THR B 1969 -22.53 17.34 11.01
N LEU B 1970 -23.35 17.01 11.99
CA LEU B 1970 -24.16 15.79 11.91
C LEU B 1970 -25.33 15.96 10.95
N GLN B 1971 -25.90 17.17 10.90
CA GLN B 1971 -27.02 17.43 10.00
C GLN B 1971 -26.62 17.25 8.54
N HIS B 1972 -25.43 17.75 8.18
CA HIS B 1972 -24.95 17.59 6.80
C HIS B 1972 -24.75 16.12 6.47
N ARG B 1973 -24.24 15.34 7.43
CA ARG B 1973 -24.04 13.92 7.18
C ARG B 1973 -25.39 13.22 6.99
N ILE B 1974 -26.38 13.58 7.80
CA ILE B 1974 -27.70 12.96 7.69
C ILE B 1974 -28.31 13.27 6.33
N ALA B 1975 -28.21 14.54 5.90
CA ALA B 1975 -28.72 14.93 4.59
C ALA B 1975 -28.00 14.19 3.48
N LEU B 1976 -26.68 14.03 3.60
CA LEU B 1976 -25.91 13.32 2.58
C LEU B 1976 -26.35 11.87 2.48
N HIS B 1977 -26.44 11.18 3.62
CA HIS B 1977 -26.76 9.76 3.60
C HIS B 1977 -28.18 9.52 3.08
N VAL B 1978 -29.13 10.33 3.52
CA VAL B 1978 -30.50 10.21 3.02
C VAL B 1978 -30.55 10.48 1.51
N ALA B 1979 -29.81 11.49 1.04
CA ALA B 1979 -29.72 11.73 -0.39
C ALA B 1979 -29.12 10.54 -1.14
N ASP B 1980 -28.09 9.91 -0.57
CA ASP B 1980 -27.54 8.69 -1.17
C ASP B 1980 -28.57 7.57 -1.23
N GLY B 1981 -29.41 7.47 -0.21
CA GLY B 1981 -30.50 6.50 -0.24
C GLY B 1981 -31.48 6.79 -1.34
N LEU B 1982 -31.88 8.06 -1.47
CA LEU B 1982 -32.82 8.43 -2.50
C LEU B 1982 -32.23 8.19 -3.89
N ARG B 1983 -30.96 8.54 -4.08
CA ARG B 1983 -30.34 8.34 -5.38
C ARG B 1983 -30.11 6.87 -5.70
N TYR B 1984 -30.14 6.00 -4.68
CA TYR B 1984 -30.10 4.58 -4.97
C TYR B 1984 -31.47 4.04 -5.30
N LEU B 1985 -32.50 4.55 -4.63
CA LEU B 1985 -33.85 4.09 -4.93
C LEU B 1985 -34.25 4.57 -6.32
N HIS B 1986 -33.93 5.82 -6.64
CA HIS B 1986 -34.21 6.34 -7.98
C HIS B 1986 -33.39 5.60 -9.02
N SER B 1987 -32.13 5.25 -8.71
CA SER B 1987 -31.35 4.47 -9.65
C SER B 1987 -31.86 3.04 -9.79
N ALA B 1988 -32.70 2.58 -8.87
CA ALA B 1988 -33.36 1.29 -9.00
C ALA B 1988 -34.78 1.43 -9.55
N MET B 1989 -35.17 2.63 -9.98
CA MET B 1989 -36.47 2.92 -10.59
C MET B 1989 -37.63 2.59 -9.65
N ILE B 1990 -37.41 2.70 -8.35
CA ILE B 1990 -38.47 2.57 -7.34
C ILE B 1990 -38.43 3.81 -6.46
N ILE B 1991 -39.56 4.49 -6.32
CA ILE B 1991 -39.61 5.77 -5.63
C ILE B 1991 -40.36 5.61 -4.30
N TYR B 1992 -39.89 6.32 -3.29
CA TYR B 1992 -40.17 5.99 -1.90
C TYR B 1992 -41.61 6.33 -1.50
N ARG B 1993 -42.16 7.41 -2.04
CA ARG B 1993 -43.56 7.81 -1.96
C ARG B 1993 -43.99 8.35 -0.60
N ASP B 1994 -43.15 8.22 0.43
CA ASP B 1994 -43.51 8.75 1.75
C ASP B 1994 -42.21 8.89 2.56
N LEU B 1995 -41.68 10.12 2.61
CA LEU B 1995 -40.45 10.40 3.32
C LEU B 1995 -40.74 11.47 4.37
N LYS B 1996 -40.32 11.21 5.60
CA LYS B 1996 -40.58 12.09 6.73
C LYS B 1996 -39.53 11.83 7.79
N PRO B 1997 -39.32 12.78 8.72
CA PRO B 1997 -38.36 12.54 9.81
C PRO B 1997 -38.70 11.34 10.68
N HIS B 1998 -39.95 10.89 10.69
CA HIS B 1998 -40.32 9.71 11.45
C HIS B 1998 -39.78 8.42 10.83
N ASN B 1999 -39.29 8.48 9.59
CA ASN B 1999 -38.77 7.30 8.91
C ASN B 1999 -37.27 7.36 8.68
N VAL B 2000 -36.58 8.40 9.14
CA VAL B 2000 -35.13 8.46 9.08
C VAL B 2000 -34.59 7.86 10.36
N LEU B 2001 -33.73 6.83 10.23
CA LEU B 2001 -33.29 6.03 11.35
C LEU B 2001 -31.80 6.27 11.56
N LEU B 2002 -31.42 6.62 12.78
CA LEU B 2002 -30.06 7.02 13.09
C LEU B 2002 -29.34 5.92 13.86
N PHE B 2003 -28.05 5.74 13.57
CA PHE B 2003 -27.24 4.69 14.18
C PHE B 2003 -26.26 5.21 15.22
N THR B 2004 -25.69 6.39 15.01
CA THR B 2004 -24.71 6.94 15.92
C THR B 2004 -24.69 8.45 15.76
N LEU B 2005 -24.10 9.12 16.76
CA LEU B 2005 -23.99 10.57 16.75
C LEU B 2005 -22.57 11.05 16.62
N TYR B 2006 -21.61 10.15 16.46
CA TYR B 2006 -20.23 10.54 16.18
C TYR B 2006 -20.14 11.06 14.76
N PRO B 2007 -19.71 12.32 14.54
CA PRO B 2007 -19.76 12.92 13.20
C PRO B 2007 -18.98 12.16 12.13
N ASN B 2008 -17.69 11.97 12.35
CA ASN B 2008 -16.82 11.38 11.33
C ASN B 2008 -16.88 9.85 11.37
N ALA B 2009 -18.09 9.33 11.23
CA ALA B 2009 -18.32 7.89 11.20
C ALA B 2009 -18.48 7.41 9.76
N ALA B 2010 -18.78 6.12 9.62
CA ALA B 2010 -18.99 5.53 8.29
C ALA B 2010 -20.46 5.50 7.90
N ILE B 2011 -21.33 5.05 8.80
CA ILE B 2011 -22.76 5.02 8.58
C ILE B 2011 -23.44 5.81 9.71
N ILE B 2012 -24.33 6.72 9.32
CA ILE B 2012 -25.05 7.54 10.30
C ILE B 2012 -26.55 7.44 10.09
N ALA B 2013 -27.01 7.72 8.88
CA ALA B 2013 -28.43 7.78 8.56
C ALA B 2013 -28.81 6.65 7.63
N LYS B 2014 -29.95 6.02 7.91
CA LYS B 2014 -30.48 4.94 7.08
C LYS B 2014 -31.99 5.09 6.98
N ILE B 2015 -32.53 4.81 5.81
CA ILE B 2015 -33.96 4.98 5.56
C ILE B 2015 -34.65 3.64 5.71
N ALA B 2016 -35.82 3.65 6.36
CA ALA B 2016 -36.62 2.45 6.54
C ALA B 2016 -37.35 2.12 5.25
N ASP B 2017 -37.01 0.98 4.65
CA ASP B 2017 -37.50 0.62 3.32
C ASP B 2017 -38.67 -0.34 3.34
N TYR B 2018 -39.34 -0.51 4.49
CA TYR B 2018 -40.53 -1.35 4.50
C TYR B 2018 -41.71 -0.68 3.78
N GLY B 2019 -41.70 0.66 3.69
CA GLY B 2019 -42.79 1.35 3.04
C GLY B 2019 -42.93 1.03 1.56
N ILE B 2020 -41.80 0.96 0.85
CA ILE B 2020 -41.86 0.64 -0.57
C ILE B 2020 -42.39 -0.78 -0.77
N ALA B 2021 -42.04 -1.70 0.12
CA ALA B 2021 -42.59 -3.06 0.04
C ALA B 2021 -44.09 -3.04 0.27
N GLN B 2022 -44.54 -2.23 1.25
CA GLN B 2022 -45.97 -2.16 1.55
C GLN B 2022 -46.75 -1.60 0.38
N TYR B 2023 -46.24 -0.53 -0.24
CA TYR B 2023 -46.99 0.06 -1.34
C TYR B 2023 -46.91 -0.81 -2.59
N CYS B 2024 -45.76 -1.47 -2.81
CA CYS B 2024 -45.58 -2.33 -3.96
C CYS B 2024 -46.55 -3.51 -3.92
N CYS B 2025 -46.75 -4.08 -2.73
CA CYS B 2025 -47.64 -5.23 -2.65
C CYS B 2025 -49.10 -4.79 -2.58
N ARG B 2026 -49.41 -3.84 -1.71
CA ARG B 2026 -50.79 -3.37 -1.49
C ARG B 2026 -50.99 -2.09 -2.30
N MET B 2027 -51.62 -2.22 -3.47
CA MET B 2027 -51.90 -1.07 -4.31
C MET B 2027 -53.29 -1.18 -4.94
N THR B 2031 -51.14 4.29 1.80
CA THR B 2031 -50.24 5.39 2.13
C THR B 2031 -49.69 6.05 0.88
N SER B 2032 -50.38 5.83 -0.25
CA SER B 2032 -49.95 6.41 -1.51
C SER B 2032 -50.00 7.94 -1.47
N GLU B 2033 -51.06 8.50 -0.87
CA GLU B 2033 -51.20 9.94 -0.78
C GLU B 2033 -50.15 10.59 0.12
N GLY B 2034 -49.49 9.83 0.98
CA GLY B 2034 -48.48 10.37 1.86
C GLY B 2034 -49.08 11.15 3.02
N THR B 2035 -48.27 11.33 4.06
CA THR B 2035 -48.70 12.05 5.25
C THR B 2035 -48.97 13.51 4.89
N PRO B 2036 -50.10 14.08 5.33
CA PRO B 2036 -50.43 15.47 4.95
C PRO B 2036 -49.40 16.50 5.40
N GLY B 2037 -48.78 16.31 6.56
CA GLY B 2037 -47.81 17.28 7.04
C GLY B 2037 -46.59 17.39 6.14
N PHE B 2038 -46.17 16.27 5.56
CA PHE B 2038 -45.01 16.22 4.67
C PHE B 2038 -45.51 15.68 3.33
N ARG B 2039 -45.98 16.59 2.47
CA ARG B 2039 -46.71 16.19 1.28
C ARG B 2039 -46.46 17.18 0.16
N ALA B 2040 -46.40 16.67 -1.06
CA ALA B 2040 -46.24 17.52 -2.23
C ALA B 2040 -47.59 18.10 -2.65
N PRO B 2041 -47.60 19.27 -3.29
CA PRO B 2041 -48.89 19.79 -3.82
C PRO B 2041 -49.53 18.89 -4.85
N GLU B 2042 -48.71 18.23 -5.69
CA GLU B 2042 -49.25 17.39 -6.76
C GLU B 2042 -49.94 16.16 -6.19
N VAL B 2043 -49.34 15.51 -5.20
CA VAL B 2043 -49.94 14.29 -4.66
C VAL B 2043 -51.21 14.63 -3.88
N ALA B 2044 -51.18 15.72 -3.11
CA ALA B 2044 -52.36 16.10 -2.33
C ALA B 2044 -53.53 16.48 -3.24
N ARG B 2045 -53.25 17.18 -4.36
CA ARG B 2045 -54.31 17.41 -5.33
C ARG B 2045 -54.81 16.10 -5.93
N GLY B 2046 -53.88 15.20 -6.26
CA GLY B 2046 -54.22 13.86 -6.72
C GLY B 2046 -54.64 13.74 -8.16
N ASN B 2047 -54.81 14.85 -8.87
CA ASN B 2047 -55.28 14.83 -10.25
C ASN B 2047 -54.16 14.61 -11.27
N VAL B 2048 -52.90 14.53 -10.83
CA VAL B 2048 -51.77 14.17 -11.67
C VAL B 2048 -51.09 12.96 -11.05
N ILE B 2049 -50.65 12.03 -11.89
CA ILE B 2049 -49.88 10.89 -11.40
C ILE B 2049 -48.54 11.38 -10.85
N TYR B 2050 -47.90 10.52 -10.06
CA TYR B 2050 -46.71 10.92 -9.30
C TYR B 2050 -45.50 10.91 -10.22
N ASN B 2051 -44.32 11.07 -9.63
CA ASN B 2051 -43.05 11.09 -10.36
C ASN B 2051 -41.92 11.00 -9.33
N GLN B 2052 -40.69 10.91 -9.83
CA GLN B 2052 -39.51 10.98 -8.97
C GLN B 2052 -39.39 12.34 -8.29
N GLN B 2053 -39.94 13.40 -8.90
CA GLN B 2053 -39.84 14.74 -8.31
C GLN B 2053 -40.57 14.85 -6.98
N ALA B 2054 -41.58 14.01 -6.75
CA ALA B 2054 -42.29 14.05 -5.47
C ALA B 2054 -41.38 13.69 -4.31
N ASP B 2055 -40.54 12.66 -4.50
CA ASP B 2055 -39.60 12.27 -3.46
C ASP B 2055 -38.62 13.40 -3.18
N VAL B 2056 -38.10 14.05 -4.23
CA VAL B 2056 -37.16 15.14 -4.04
C VAL B 2056 -37.81 16.30 -3.30
N TYR B 2057 -39.08 16.58 -3.60
CA TYR B 2057 -39.82 17.61 -2.87
C TYR B 2057 -39.94 17.25 -1.39
N SER B 2058 -40.27 15.99 -1.09
CA SER B 2058 -40.35 15.59 0.31
C SER B 2058 -38.98 15.69 0.97
N PHE B 2059 -37.91 15.31 0.25
CA PHE B 2059 -36.56 15.50 0.76
C PHE B 2059 -36.29 16.96 1.06
N GLY B 2060 -36.90 17.85 0.28
CA GLY B 2060 -36.80 19.27 0.56
C GLY B 2060 -37.41 19.61 1.90
N LEU B 2061 -38.59 19.06 2.16
CA LEU B 2061 -39.25 19.30 3.45
C LEU B 2061 -38.44 18.72 4.60
N LEU B 2062 -37.87 17.52 4.39
CA LEU B 2062 -36.99 16.91 5.38
C LEU B 2062 -35.78 17.78 5.67
N LEU B 2063 -35.21 18.41 4.64
CA LEU B 2063 -34.07 19.30 4.85
C LEU B 2063 -34.52 20.59 5.52
N TYR B 2064 -35.78 20.99 5.30
CA TYR B 2064 -36.29 22.17 5.99
C TYR B 2064 -36.40 21.88 7.49
N ASP B 2065 -36.93 20.71 7.83
CA ASP B 2065 -37.05 20.35 9.24
C ASP B 2065 -35.69 20.22 9.90
N ILE B 2066 -34.72 19.61 9.18
CA ILE B 2066 -33.38 19.46 9.74
C ILE B 2066 -32.74 20.82 9.95
N LEU B 2067 -32.97 21.77 9.03
CA LEU B 2067 -32.39 23.10 9.16
C LEU B 2067 -33.04 23.88 10.28
N THR B 2068 -34.33 23.66 10.54
CA THR B 2068 -35.03 24.40 11.59
C THR B 2068 -35.10 23.66 12.91
N THR B 2069 -34.47 22.48 12.99
CA THR B 2069 -34.45 21.62 14.18
C THR B 2069 -35.87 21.36 14.70
N GLY B 2070 -36.75 20.96 13.79
CA GLY B 2070 -38.09 20.56 14.13
C GLY B 2070 -38.97 21.63 14.75
N GLY B 2071 -38.94 22.83 14.18
CA GLY B 2071 -39.80 23.90 14.65
C GLY B 2071 -41.17 23.88 14.00
N ARG B 2072 -41.18 23.50 12.72
CA ARG B 2072 -42.44 23.46 11.98
C ARG B 2072 -43.31 22.31 12.45
N ILE B 2073 -42.69 21.17 12.76
CA ILE B 2073 -43.48 19.98 13.10
C ILE B 2073 -44.19 20.21 14.42
N VAL B 2074 -43.43 20.67 15.43
CA VAL B 2074 -44.01 20.87 16.75
C VAL B 2074 -45.01 22.02 16.72
N GLU B 2075 -44.71 23.08 15.94
CA GLU B 2075 -45.67 24.18 15.87
C GLU B 2075 -46.96 23.74 15.21
N GLY B 2076 -46.89 22.93 14.15
CA GLY B 2076 -48.06 22.39 13.50
C GLY B 2076 -48.76 21.26 14.23
N LEU B 2077 -48.16 20.75 15.31
CA LEU B 2077 -48.81 19.69 16.07
C LEU B 2077 -50.11 20.13 16.71
N LYS B 2078 -50.31 21.43 16.93
CA LYS B 2078 -51.54 21.96 17.48
C LYS B 2078 -52.41 22.65 16.44
N PHE B 2079 -51.97 22.72 15.19
CA PHE B 2079 -52.77 23.22 14.08
C PHE B 2079 -52.68 22.27 12.90
N PRO B 2080 -53.34 21.10 12.98
CA PRO B 2080 -53.23 20.13 11.86
C PRO B 2080 -53.65 20.69 10.51
N ASN B 2081 -54.68 21.53 10.48
CA ASN B 2081 -55.14 22.10 9.22
C ASN B 2081 -54.07 23.02 8.62
N GLU B 2082 -53.45 23.86 9.46
CA GLU B 2082 -52.33 24.68 9.03
C GLU B 2082 -51.06 23.88 8.82
N PHE B 2083 -51.02 22.63 9.24
CA PHE B 2083 -49.85 21.79 9.00
C PHE B 2083 -49.78 21.26 7.57
N ASP B 2084 -50.86 21.41 6.80
CA ASP B 2084 -50.91 21.02 5.40
C ASP B 2084 -51.18 22.19 4.47
N GLU B 2085 -52.22 22.97 4.73
CA GLU B 2085 -52.66 24.00 3.79
C GLU B 2085 -51.71 25.20 3.75
N LEU B 2086 -50.99 25.47 4.84
CA LEU B 2086 -50.01 26.55 4.82
C LEU B 2086 -48.87 26.24 3.85
N GLU B 2087 -48.41 24.99 3.84
CA GLU B 2087 -47.32 24.56 2.98
C GLU B 2087 -47.79 23.98 1.64
N ILE B 2088 -49.10 23.84 1.41
CA ILE B 2088 -49.56 23.24 0.16
C ILE B 2088 -49.22 24.12 -1.03
N GLN B 2089 -49.03 25.43 -0.82
CA GLN B 2089 -48.48 26.32 -1.82
C GLN B 2089 -47.04 26.64 -1.45
N GLY B 2090 -46.27 27.08 -2.44
CA GLY B 2090 -44.88 27.43 -2.19
C GLY B 2090 -44.70 28.71 -1.41
N LYS B 2091 -45.29 28.79 -0.22
CA LYS B 2091 -45.28 30.01 0.58
C LYS B 2091 -44.84 29.73 2.02
N LEU B 2092 -43.97 28.75 2.22
CA LEU B 2092 -43.39 28.54 3.54
C LEU B 2092 -42.52 29.73 3.93
N PRO B 2093 -42.51 30.12 5.20
CA PRO B 2093 -41.77 31.32 5.59
C PRO B 2093 -40.27 31.07 5.66
N ASP B 2094 -39.54 32.17 5.81
CA ASP B 2094 -38.09 32.12 5.88
C ASP B 2094 -37.66 31.55 7.23
N PRO B 2095 -36.88 30.47 7.27
CA PRO B 2095 -36.49 29.87 8.56
C PRO B 2095 -35.75 30.82 9.50
N VAL B 2096 -35.03 31.81 8.97
CA VAL B 2096 -34.19 32.66 9.82
C VAL B 2096 -35.03 33.51 10.76
N LYS B 2097 -36.06 34.17 10.25
CA LYS B 2097 -36.88 35.02 11.11
C LYS B 2097 -37.80 34.19 12.01
N GLU B 2098 -38.47 33.19 11.43
CA GLU B 2098 -39.49 32.47 12.20
C GLU B 2098 -38.89 31.59 13.29
N TYR B 2099 -37.66 31.11 13.10
CA TYR B 2099 -37.04 30.20 14.04
C TYR B 2099 -35.60 30.64 14.31
N GLY B 2100 -35.19 30.58 15.56
CA GLY B 2100 -33.80 30.83 15.89
C GLY B 2100 -32.91 29.71 15.38
N CYS B 2101 -32.06 30.01 14.41
CA CYS B 2101 -31.18 29.01 13.82
C CYS B 2101 -30.02 29.71 13.13
N ALA B 2102 -28.96 28.95 12.91
CA ALA B 2102 -27.83 29.45 12.14
C ALA B 2102 -28.26 29.62 10.67
N PRO B 2103 -27.76 30.65 9.98
CA PRO B 2103 -28.14 30.85 8.57
C PRO B 2103 -27.82 29.67 7.68
N TRP B 2104 -26.54 29.32 7.55
CA TRP B 2104 -26.09 28.17 6.78
C TRP B 2104 -26.69 28.19 5.38
N PRO B 2105 -26.48 29.28 4.63
CA PRO B 2105 -27.47 29.71 3.62
C PRO B 2105 -27.37 29.10 2.23
N MET B 2106 -26.19 28.67 1.77
CA MET B 2106 -26.09 28.27 0.38
C MET B 2106 -26.78 26.94 0.09
N VAL B 2107 -27.27 26.24 1.11
CA VAL B 2107 -28.17 25.11 0.90
C VAL B 2107 -29.64 25.54 0.91
N GLU B 2108 -29.97 26.67 1.53
CA GLU B 2108 -31.32 27.21 1.42
C GLU B 2108 -31.69 27.55 -0.02
N LYS B 2109 -30.71 27.89 -0.85
CA LYS B 2109 -30.94 27.96 -2.28
C LYS B 2109 -31.44 26.63 -2.80
N LEU B 2110 -30.79 25.55 -2.37
CA LEU B 2110 -31.21 24.21 -2.75
C LEU B 2110 -32.61 23.94 -2.24
N ILE B 2111 -32.97 24.53 -1.10
CA ILE B 2111 -34.32 24.39 -0.58
C ILE B 2111 -35.33 24.98 -1.57
N LYS B 2112 -35.02 26.17 -2.11
CA LYS B 2112 -35.99 26.85 -2.99
C LYS B 2112 -36.25 26.04 -4.25
N GLN B 2113 -35.20 25.46 -4.83
CA GLN B 2113 -35.40 24.60 -6.00
C GLN B 2113 -36.21 23.38 -5.63
N CYS B 2114 -35.99 22.84 -4.43
CA CYS B 2114 -36.76 21.66 -4.02
C CYS B 2114 -38.14 22.04 -3.53
N LEU B 2115 -38.48 23.34 -3.48
CA LEU B 2115 -39.81 23.78 -3.07
C LEU B 2115 -40.51 24.59 -4.16
N LYS B 2116 -40.08 24.46 -5.41
CA LYS B 2116 -40.78 25.11 -6.51
C LYS B 2116 -42.04 24.33 -6.86
N GLU B 2117 -43.12 25.05 -7.15
CA GLU B 2117 -44.41 24.41 -7.38
C GLU B 2117 -44.41 23.54 -8.64
N ASN B 2118 -43.60 23.90 -9.63
CA ASN B 2118 -43.54 23.11 -10.86
C ASN B 2118 -42.91 21.75 -10.59
N PRO B 2119 -43.45 20.67 -11.16
CA PRO B 2119 -42.85 19.34 -10.95
C PRO B 2119 -41.49 19.19 -11.60
N GLN B 2120 -41.37 19.56 -12.87
CA GLN B 2120 -40.14 19.33 -13.63
C GLN B 2120 -39.04 20.32 -13.26
N GLU B 2121 -39.39 21.48 -12.69
CA GLU B 2121 -38.38 22.49 -12.38
C GLU B 2121 -37.45 22.05 -11.26
N ARG B 2122 -37.89 21.16 -10.39
CA ARG B 2122 -37.06 20.74 -9.26
C ARG B 2122 -35.89 19.89 -9.76
N PRO B 2123 -34.74 19.98 -9.10
CA PRO B 2123 -33.54 19.27 -9.58
C PRO B 2123 -33.67 17.77 -9.43
N THR B 2124 -32.89 17.05 -10.23
CA THR B 2124 -32.86 15.61 -10.13
C THR B 2124 -32.14 15.18 -8.86
N SER B 2125 -32.18 13.88 -8.57
CA SER B 2125 -31.51 13.36 -7.38
C SER B 2125 -29.99 13.29 -7.54
N ALA B 2126 -29.46 13.47 -8.74
CA ALA B 2126 -28.02 13.40 -8.96
C ALA B 2126 -27.35 14.71 -8.59
N VAL B 2128 -29.46 16.20 -6.78
CA VAL B 2128 -29.32 16.93 -5.52
C VAL B 2128 -28.16 16.37 -4.71
N PHE B 2129 -27.88 15.06 -4.85
CA PHE B 2129 -26.77 14.46 -4.11
C PHE B 2129 -25.42 15.06 -4.51
N ASP B 2130 -25.26 15.46 -5.78
CA ASP B 2130 -23.98 15.95 -6.25
C ASP B 2130 -23.61 17.28 -5.62
N ILE B 2131 -24.51 18.25 -5.65
CA ILE B 2131 -24.22 19.58 -5.10
C ILE B 2131 -24.20 19.59 -3.57
N LEU B 2132 -24.69 18.54 -2.94
CA LEU B 2132 -24.58 18.42 -1.48
C LEU B 2132 -23.24 17.85 -1.05
N ASN B 2133 -22.46 17.32 -1.98
CA ASN B 2133 -21.18 16.69 -1.64
C ASN B 2133 -20.07 17.71 -1.43
N SER B 2134 -20.22 18.91 -1.99
CA SER B 2134 -19.17 19.92 -1.92
C SER B 2134 -18.89 20.33 -0.48
N ALA B 2135 -17.61 20.32 -0.11
CA ALA B 2135 -17.18 20.67 1.24
C ALA B 2135 -17.43 22.13 1.58
N GLU B 2136 -17.73 22.98 0.58
CA GLU B 2136 -18.04 24.38 0.85
C GLU B 2136 -19.31 24.55 1.67
N LEU B 2137 -20.20 23.57 1.64
CA LEU B 2137 -21.47 23.68 2.37
C LEU B 2137 -21.26 23.64 3.88
N VAL B 2138 -20.48 22.67 4.36
CA VAL B 2138 -20.30 22.53 5.80
C VAL B 2138 -19.53 23.70 6.40
N CYS B 2139 -18.87 24.52 5.58
CA CYS B 2139 -18.04 25.61 6.08
C CYS B 2139 -18.64 27.00 5.87
N LEU B 2140 -19.40 27.21 4.81
CA LEU B 2140 -19.92 28.55 4.51
C LEU B 2140 -21.00 28.90 5.52
N THR B 2141 -20.63 29.68 6.54
CA THR B 2141 -21.54 29.92 7.65
C THR B 2141 -22.67 30.86 7.25
N ARG B 2142 -22.35 31.96 6.58
CA ARG B 2142 -23.36 32.96 6.23
C ARG B 2142 -22.83 33.89 5.15
N ARG B 2143 -23.68 34.19 4.18
CA ARG B 2143 -23.39 35.13 3.11
C ARG B 2143 -24.30 36.35 3.29
N ILE B 2144 -23.73 37.54 3.18
CA ILE B 2144 -24.48 38.78 3.31
C ILE B 2144 -24.18 39.67 2.10
N LEU B 2145 -25.24 40.27 1.55
CA LEU B 2145 -25.15 41.12 0.37
C LEU B 2145 -25.18 42.57 0.80
N LEU B 2146 -24.10 43.29 0.51
CA LEU B 2146 -24.01 44.71 0.83
C LEU B 2146 -24.93 45.52 -0.09
N PRO B 2147 -25.29 46.77 0.31
CA PRO B 2147 -26.14 47.62 -0.55
C PRO B 2147 -25.61 47.79 -1.97
N LYS B 2148 -26.50 48.16 -2.88
CA LYS B 2148 -26.17 48.20 -4.30
C LYS B 2148 -25.10 49.24 -4.60
N ASN B 2149 -24.12 48.83 -5.42
CA ASN B 2149 -23.07 49.71 -5.95
C ASN B 2149 -22.30 50.41 -4.83
N VAL B 2150 -21.81 49.62 -3.88
CA VAL B 2150 -20.96 50.11 -2.80
C VAL B 2150 -19.60 49.47 -2.96
N ILE B 2151 -18.56 50.30 -3.11
CA ILE B 2151 -17.19 49.83 -3.26
C ILE B 2151 -16.54 49.89 -1.88
N VAL B 2152 -16.16 48.72 -1.37
CA VAL B 2152 -15.50 48.60 -0.07
C VAL B 2152 -14.23 47.76 -0.25
N GLU B 2153 -13.12 48.25 0.31
CA GLU B 2153 -11.84 47.58 0.17
C GLU B 2153 -11.05 47.58 1.48
N CYS B 2154 -11.66 47.96 2.59
CA CYS B 2154 -10.96 47.99 3.88
C CYS B 2154 -11.95 47.70 4.99
N MET B 2155 -11.66 46.67 5.79
CA MET B 2155 -12.56 46.24 6.85
C MET B 2155 -11.77 45.57 7.95
N VAL B 2156 -12.37 45.54 9.14
CA VAL B 2156 -11.79 44.87 10.31
C VAL B 2156 -12.91 44.61 11.31
N ALA B 2157 -12.79 43.52 12.04
CA ALA B 2157 -13.85 43.12 12.96
C ALA B 2157 -13.46 43.39 14.41
N THR B 2158 -14.40 43.14 15.31
CA THR B 2158 -14.21 43.34 16.74
C THR B 2158 -14.25 41.98 17.45
N HIS B 2159 -13.26 41.73 18.29
CA HIS B 2159 -13.15 40.45 18.97
C HIS B 2159 -13.29 40.60 20.49
N ASN B 2161 -15.57 42.72 21.35
CA ASN B 2161 -16.47 41.92 22.16
C ASN B 2161 -16.65 40.54 21.54
N SER B 2162 -16.41 39.49 22.33
CA SER B 2162 -16.59 38.13 21.87
C SER B 2162 -18.01 37.61 22.06
N ARG B 2163 -18.79 38.23 22.95
CA ARG B 2163 -20.20 37.86 23.10
C ARG B 2163 -20.99 38.20 21.85
N ASN B 2164 -20.76 39.37 21.28
CA ASN B 2164 -21.34 39.75 20.01
C ASN B 2164 -20.36 40.64 19.27
N ALA B 2165 -20.30 40.48 17.94
CA ALA B 2165 -19.27 41.12 17.14
C ALA B 2165 -19.89 41.86 15.97
N SER B 2166 -19.21 42.93 15.56
CA SER B 2166 -19.62 43.71 14.40
C SER B 2166 -18.38 44.10 13.61
N ILE B 2167 -18.59 44.50 12.35
CA ILE B 2167 -17.50 44.77 11.44
C ILE B 2167 -17.50 46.24 10.99
N TRP B 2168 -16.30 46.81 10.96
CA TRP B 2168 -16.04 48.18 10.54
C TRP B 2168 -15.58 48.10 9.09
N LEU B 2169 -16.22 48.85 8.20
CA LEU B 2169 -15.89 48.88 6.79
C LEU B 2169 -15.64 50.31 6.34
N GLY B 2170 -14.97 50.46 5.20
CA GLY B 2170 -14.72 51.79 4.67
C GLY B 2170 -15.48 51.99 3.38
N CYS B 2171 -14.90 52.74 2.44
CA CYS B 2171 -15.58 52.98 1.17
C CYS B 2171 -14.55 53.18 0.07
N GLY B 2172 -15.00 52.93 -1.16
CA GLY B 2172 -14.15 53.17 -2.32
C GLY B 2172 -14.90 53.84 -3.47
N HIS B 2173 -16.22 53.94 -3.35
CA HIS B 2173 -17.03 54.44 -4.45
C HIS B 2173 -16.97 55.97 -4.59
N THR B 2174 -16.53 56.69 -3.56
CA THR B 2174 -16.40 58.13 -3.60
C THR B 2174 -14.99 58.52 -3.18
N ASP B 2175 -14.52 59.65 -3.71
CA ASP B 2175 -13.22 60.18 -3.30
C ASP B 2175 -13.24 60.56 -1.81
N ARG B 2176 -14.36 61.14 -1.36
CA ARG B 2176 -14.51 61.52 0.04
C ARG B 2176 -14.72 60.25 0.89
N GLY B 2177 -13.94 60.11 1.96
CA GLY B 2177 -14.01 58.91 2.77
C GLY B 2177 -15.32 58.79 3.53
N GLN B 2178 -15.74 57.54 3.74
CA GLN B 2178 -16.98 57.27 4.46
C GLN B 2178 -16.85 55.95 5.20
N LEU B 2179 -17.06 55.99 6.52
CA LEU B 2179 -17.03 54.83 7.39
C LEU B 2179 -18.40 54.15 7.47
N SER B 2180 -18.39 52.83 7.39
CA SER B 2180 -19.60 52.01 7.32
C SER B 2180 -19.60 50.99 8.45
N PHE B 2181 -20.57 51.09 9.35
CA PHE B 2181 -20.75 50.11 10.39
C PHE B 2181 -21.67 48.99 9.91
N LEU B 2182 -21.42 47.77 10.40
CA LEU B 2182 -22.30 46.68 9.98
C LEU B 2182 -22.32 45.61 11.05
N ASP B 2183 -23.52 45.19 11.45
CA ASP B 2183 -23.65 44.15 12.45
C ASP B 2183 -23.66 42.78 11.77
N LEU B 2184 -23.71 41.73 12.57
CA LEU B 2184 -23.68 40.36 12.07
C LEU B 2184 -24.95 39.58 12.36
N ASN B 2185 -25.54 39.74 13.54
CA ASN B 2185 -26.80 39.08 13.83
C ASN B 2185 -28.00 39.86 13.31
N THR B 2186 -27.89 41.18 13.20
CA THR B 2186 -28.97 41.99 12.69
C THR B 2186 -28.79 42.40 11.24
N GLU B 2187 -27.54 42.39 10.74
CA GLU B 2187 -27.21 42.74 9.36
C GLU B 2187 -27.72 44.14 8.99
N GLY B 2188 -27.51 45.10 9.88
CA GLY B 2188 -27.93 46.47 9.63
C GLY B 2188 -26.81 47.39 9.20
N TYR B 2189 -26.85 47.86 7.96
CA TYR B 2189 -25.80 48.71 7.42
C TYR B 2189 -25.99 50.15 7.91
N THR B 2190 -24.90 50.76 8.36
CA THR B 2190 -24.91 52.13 8.86
C THR B 2190 -23.81 52.90 8.12
N SER B 2191 -24.10 54.14 7.75
CA SER B 2191 -23.18 54.97 7.00
C SER B 2191 -22.93 56.29 7.74
N GLU B 2192 -21.68 56.73 7.76
CA GLU B 2192 -21.33 57.99 8.41
C GLU B 2192 -20.02 58.51 7.82
N GLU B 2193 -19.98 59.83 7.60
CA GLU B 2193 -18.79 60.47 7.05
C GLU B 2193 -17.83 60.82 8.18
N VAL B 2194 -16.55 60.50 7.98
CA VAL B 2194 -15.50 60.73 8.98
C VAL B 2194 -14.35 61.56 8.42
N ALA B 2195 -13.86 61.21 7.22
CA ALA B 2195 -12.68 61.85 6.65
C ALA B 2195 -12.98 62.34 5.25
N ASP B 2196 -12.39 63.48 4.89
CA ASP B 2196 -12.62 64.10 3.59
C ASP B 2196 -11.92 63.38 2.45
N SER B 2197 -11.02 62.44 2.74
CA SER B 2197 -10.27 61.73 1.71
C SER B 2197 -10.52 60.24 1.84
N ARG B 2198 -10.35 59.53 0.72
CA ARG B 2198 -10.64 58.10 0.67
C ARG B 2198 -9.78 57.33 1.67
N ILE B 2199 -10.41 56.42 2.39
CA ILE B 2199 -9.76 55.68 3.46
C ILE B 2199 -9.13 54.42 2.90
N LEU B 2200 -7.87 54.19 3.24
CA LEU B 2200 -7.14 53.03 2.77
C LEU B 2200 -7.32 51.83 3.68
N CYS B 2201 -7.13 52.01 5.00
CA CYS B 2201 -7.25 50.91 5.95
C CYS B 2201 -7.75 51.42 7.29
N LEU B 2202 -8.11 50.48 8.16
CA LEU B 2202 -8.53 50.79 9.52
C LEU B 2202 -7.92 49.75 10.45
N ALA B 2203 -7.83 50.10 11.74
CA ALA B 2203 -7.30 49.14 12.70
C ALA B 2203 -7.91 49.38 14.08
N LEU B 2204 -7.90 48.35 14.91
CA LEU B 2204 -8.52 48.42 16.23
C LEU B 2204 -7.48 48.30 17.32
N VAL B 2205 -7.50 49.24 18.26
CA VAL B 2205 -6.66 49.20 19.46
C VAL B 2205 -7.58 49.12 20.68
N HIS B 2206 -7.36 48.11 21.51
CA HIS B 2206 -8.23 47.85 22.66
C HIS B 2206 -7.44 48.02 23.95
N LEU B 2207 -8.07 48.65 24.93
CA LEU B 2207 -7.49 48.83 26.25
C LEU B 2207 -8.15 47.89 27.25
N PRO B 2208 -7.42 46.94 27.84
CA PRO B 2208 -8.03 46.06 28.84
C PRO B 2208 -8.60 46.82 30.03
N VAL B 2209 -8.00 47.94 30.39
CA VAL B 2209 -8.54 48.79 31.46
C VAL B 2209 -9.62 49.67 30.85
N GLU B 2210 -10.69 49.90 31.62
CA GLU B 2210 -11.85 50.73 31.29
C GLU B 2210 -12.73 50.12 30.19
N LYS B 2211 -12.33 48.99 29.60
CA LYS B 2211 -13.13 48.20 28.66
C LYS B 2211 -13.63 49.03 27.49
N GLU B 2212 -12.68 49.51 26.70
CA GLU B 2212 -13.00 50.22 25.47
C GLU B 2212 -12.02 49.81 24.36
N SER B 2213 -12.45 50.01 23.12
CA SER B 2213 -11.67 49.60 21.95
C SER B 2213 -11.84 50.69 20.89
N TRP B 2214 -10.83 51.55 20.78
CA TRP B 2214 -10.84 52.63 19.81
C TRP B 2214 -10.48 52.10 18.43
N ILE B 2215 -11.04 52.73 17.40
CA ILE B 2215 -10.78 52.33 16.02
C ILE B 2215 -10.07 53.50 15.35
N VAL B 2216 -9.10 53.18 14.50
CA VAL B 2216 -8.28 54.18 13.83
C VAL B 2216 -8.49 54.04 12.33
N SER B 2217 -8.32 55.15 11.62
CA SER B 2217 -8.53 55.20 10.18
C SER B 2217 -7.29 55.77 9.49
N GLY B 2218 -6.82 55.09 8.45
CA GLY B 2218 -5.70 55.52 7.65
C GLY B 2218 -6.15 55.79 6.23
N THR B 2219 -5.99 57.05 5.80
CA THR B 2219 -6.46 57.55 4.52
C THR B 2219 -5.28 58.00 3.65
N GLN B 2220 -5.62 58.50 2.46
CA GLN B 2220 -4.59 58.93 1.52
C GLN B 2220 -3.96 60.26 1.90
N SER B 2221 -4.70 61.15 2.58
CA SER B 2221 -4.14 62.44 2.96
C SER B 2221 -3.15 62.33 4.12
N GLY B 2222 -3.08 61.18 4.78
CA GLY B 2222 -2.23 61.00 5.94
C GLY B 2222 -2.89 61.35 7.25
N THR B 2223 -4.20 61.56 7.27
CA THR B 2223 -4.93 61.96 8.46
C THR B 2223 -5.35 60.70 9.22
N LEU B 2224 -4.86 60.56 10.45
CA LEU B 2224 -5.21 59.44 11.30
C LEU B 2224 -6.28 59.89 12.29
N LEU B 2225 -7.47 59.31 12.18
CA LEU B 2225 -8.59 59.63 13.04
C LEU B 2225 -8.88 58.46 13.95
N VAL B 2226 -9.01 58.74 15.26
CA VAL B 2226 -9.31 57.75 16.27
C VAL B 2226 -10.68 58.06 16.84
N ILE B 2227 -11.61 57.10 16.75
CA ILE B 2227 -12.94 57.31 17.29
C ILE B 2227 -13.31 56.08 18.12
N ASN B 2228 -14.19 56.28 19.10
CA ASN B 2228 -14.50 55.20 20.04
C ASN B 2228 -15.51 54.24 19.45
N THR B 2229 -15.50 53.02 19.97
CA THR B 2229 -16.52 52.03 19.61
C THR B 2229 -17.90 52.49 20.06
N GLU B 2230 -18.00 53.01 21.28
CA GLU B 2230 -19.29 53.46 21.81
C GLU B 2230 -19.61 54.88 21.32
N ASP B 2231 -18.74 55.84 21.62
CA ASP B 2231 -18.98 57.23 21.28
C ASP B 2231 -18.46 57.52 19.88
N GLY B 2232 -19.31 58.12 19.05
CA GLY B 2232 -18.92 58.51 17.71
C GLY B 2232 -18.57 59.99 17.62
N LYS B 2233 -18.28 60.62 18.76
CA LYS B 2233 -18.00 62.04 18.80
C LYS B 2233 -16.60 62.39 19.30
N LYS B 2234 -15.99 61.57 20.14
CA LYS B 2234 -14.67 61.89 20.70
C LYS B 2234 -13.59 61.58 19.66
N ARG B 2235 -13.41 62.53 18.73
CA ARG B 2235 -12.47 62.36 17.64
C ARG B 2235 -11.34 63.38 17.76
N HIS B 2236 -10.11 62.91 17.65
CA HIS B 2236 -8.93 63.76 17.73
C HIS B 2236 -7.96 63.33 16.64
N THR B 2237 -7.73 64.20 15.66
CA THR B 2237 -6.82 63.88 14.57
C THR B 2237 -5.39 63.77 15.10
N LEU B 2238 -4.64 62.81 14.55
CA LEU B 2238 -3.27 62.56 14.97
C LEU B 2238 -2.31 63.39 14.11
N GLU B 2239 -1.01 63.11 14.23
CA GLU B 2239 -0.01 63.80 13.43
C GLU B 2239 -0.20 63.45 11.96
N LYS B 2240 -0.50 64.45 11.14
CA LYS B 2240 -0.71 64.23 9.72
C LYS B 2240 0.55 63.72 9.05
N MET B 2241 0.39 62.69 8.22
CA MET B 2241 1.51 62.06 7.55
C MET B 2241 1.58 62.54 6.10
N THR B 2242 2.81 62.65 5.58
CA THR B 2242 3.03 63.27 4.27
C THR B 2242 2.37 62.48 3.15
N ASP B 2243 2.47 61.16 3.18
CA ASP B 2243 1.97 60.29 2.12
C ASP B 2243 0.72 59.55 2.60
N SER B 2244 0.26 58.62 1.76
CA SER B 2244 -0.92 57.82 2.09
C SER B 2244 -0.57 56.75 3.13
N VAL B 2245 -1.42 56.63 4.15
CA VAL B 2245 -1.26 55.57 5.14
C VAL B 2245 -1.71 54.26 4.52
N THR B 2246 -0.81 53.28 4.48
CA THR B 2246 -1.06 52.05 3.74
C THR B 2246 -1.35 50.84 4.61
N CYS B 2247 -0.72 50.71 5.77
CA CYS B 2247 -0.89 49.52 6.59
C CYS B 2247 -0.92 49.89 8.07
N LEU B 2248 -1.81 49.22 8.81
CA LEU B 2248 -1.88 49.38 10.25
C LEU B 2248 -2.07 48.00 10.87
N TYR B 2249 -1.59 47.86 12.11
CA TYR B 2249 -1.64 46.56 12.76
C TYR B 2249 -1.72 46.75 14.28
N CYS B 2250 -2.20 45.72 14.97
CA CYS B 2250 -2.26 45.69 16.43
C CYS B 2250 -1.40 44.53 16.91
N ASN B 2251 -0.32 44.84 17.61
CA ASN B 2251 0.71 43.88 17.94
C ASN B 2251 0.58 43.41 19.39
N SER B 2252 1.51 42.53 19.80
CA SER B 2252 1.57 42.03 21.18
C SER B 2252 3.01 42.17 21.66
N PHE B 2253 3.34 43.35 22.19
CA PHE B 2253 4.64 43.62 22.79
C PHE B 2253 4.48 44.01 24.25
N LYS B 2260 1.36 46.45 27.66
CA LYS B 2260 1.77 47.53 26.79
C LYS B 2260 1.78 47.07 25.33
N ASN B 2261 1.47 47.99 24.42
CA ASN B 2261 1.41 47.68 23.00
C ASN B 2261 1.70 48.94 22.20
N PHE B 2262 2.02 48.75 20.92
CA PHE B 2262 2.31 49.85 20.02
C PHE B 2262 1.37 49.83 18.82
N LEU B 2263 1.60 50.76 17.90
CA LEU B 2263 0.87 50.82 16.64
C LEU B 2263 1.85 51.20 15.54
N LEU B 2264 1.72 50.55 14.39
CA LEU B 2264 2.64 50.73 13.28
C LEU B 2264 1.87 51.22 12.06
N VAL B 2265 2.32 52.32 11.46
CA VAL B 2265 1.65 52.93 10.33
C VAL B 2265 2.41 52.60 9.06
N GLY B 2266 1.69 52.18 8.02
CA GLY B 2266 2.29 51.90 6.74
C GLY B 2266 2.43 53.14 5.88
N THR B 2267 3.65 53.59 5.68
CA THR B 2267 3.93 54.81 4.94
C THR B 2267 4.27 54.49 3.48
N ALA B 2268 3.76 55.32 2.56
CA ALA B 2268 4.05 55.18 1.14
C ALA B 2268 5.47 55.62 0.77
N ASP B 2269 6.34 55.94 1.74
CA ASP B 2269 7.74 56.20 1.46
C ASP B 2269 8.68 55.49 2.42
N GLY B 2270 8.16 54.69 3.34
CA GLY B 2270 8.99 53.92 4.26
C GLY B 2270 9.11 54.48 5.66
N LYS B 2271 8.45 55.59 5.97
CA LYS B 2271 8.54 56.22 7.29
C LYS B 2271 7.58 55.52 8.25
N LEU B 2272 8.05 54.41 8.82
CA LEU B 2272 7.25 53.67 9.78
C LEU B 2272 7.07 54.49 11.05
N ALA B 2273 5.81 54.73 11.42
CA ALA B 2273 5.48 55.54 12.59
C ALA B 2273 5.07 54.61 13.73
N ILE B 2274 5.79 54.69 14.83
CA ILE B 2274 5.51 53.88 16.02
C ILE B 2274 4.77 54.74 17.04
N PHE B 2275 3.82 54.12 17.73
CA PHE B 2275 3.04 54.79 18.74
C PHE B 2275 2.95 53.90 19.97
N GLU B 2276 2.06 54.22 20.90
CA GLU B 2276 1.82 53.39 22.07
C GLU B 2276 0.31 53.18 22.19
N ASP B 2277 -0.08 52.07 22.81
CA ASP B 2277 -1.49 51.69 22.85
C ASP B 2277 -2.33 52.71 23.60
N LYS B 2278 -1.82 53.22 24.72
CA LYS B 2278 -2.59 54.12 25.58
C LYS B 2278 -2.34 55.59 25.31
N THR B 2279 -1.45 55.94 24.39
CA THR B 2279 -1.20 57.35 24.08
C THR B 2279 -2.08 57.87 22.96
N VAL B 2280 -2.91 57.01 22.35
CA VAL B 2280 -3.80 57.45 21.29
C VAL B 2280 -4.87 58.42 21.78
N LYS B 2281 -5.09 58.49 23.11
CA LYS B 2281 -6.04 59.45 23.67
C LYS B 2281 -5.62 60.88 23.34
N LEU B 2282 -4.33 61.17 23.48
CA LEU B 2282 -3.84 62.54 23.27
C LEU B 2282 -3.90 62.91 21.79
N LYS B 2283 -4.25 64.15 21.52
CA LYS B 2283 -4.27 64.67 20.15
C LYS B 2283 -2.83 64.92 19.70
N GLY B 2284 -2.45 64.31 18.58
CA GLY B 2284 -1.09 64.42 18.07
C GLY B 2284 -0.07 63.74 18.96
N ALA B 2285 -0.14 62.41 19.03
CA ALA B 2285 0.76 61.65 19.88
C ALA B 2285 2.20 61.71 19.35
N ALA B 2286 3.13 61.37 20.23
CA ALA B 2286 4.55 61.45 19.90
C ALA B 2286 5.00 60.20 19.17
N PRO B 2287 5.49 60.31 17.93
CA PRO B 2287 6.06 59.14 17.25
C PRO B 2287 7.32 58.67 17.95
N LEU B 2288 7.31 57.41 18.39
CA LEU B 2288 8.42 56.88 19.19
C LEU B 2288 9.70 56.80 18.36
N LYS B 2289 9.67 56.07 17.25
CA LYS B 2289 10.86 55.87 16.41
C LYS B 2289 10.41 55.85 14.95
N ILE B 2290 10.49 57.01 14.29
CA ILE B 2290 10.20 57.08 12.87
C ILE B 2290 11.35 56.44 12.10
N LEU B 2291 11.14 55.22 11.62
CA LEU B 2291 12.18 54.44 10.96
C LEU B 2291 11.94 54.52 9.46
N ASN B 2292 12.50 55.54 8.82
CA ASN B 2292 12.42 55.68 7.37
C ASN B 2292 13.32 54.63 6.72
N ILE B 2293 12.70 53.62 6.11
CA ILE B 2293 13.46 52.49 5.56
C ILE B 2293 13.79 52.75 4.09
N GLY B 2294 12.76 52.90 3.27
CA GLY B 2294 12.92 53.16 1.85
C GLY B 2294 12.65 54.60 1.49
N ASN B 2295 12.22 54.81 0.24
CA ASN B 2295 11.88 56.14 -0.24
C ASN B 2295 10.51 56.16 -0.91
N VAL B 2296 10.16 57.28 -1.54
CA VAL B 2296 8.85 57.42 -2.19
C VAL B 2296 8.69 56.40 -3.30
N SER B 2297 9.76 56.10 -4.04
CA SER B 2297 9.71 55.09 -5.08
C SER B 2297 9.53 53.68 -4.55
N THR B 2298 9.67 53.46 -3.24
CA THR B 2298 9.48 52.15 -2.62
C THR B 2298 8.44 52.27 -1.51
N PRO B 2299 7.15 52.23 -1.85
CA PRO B 2299 6.12 52.38 -0.83
C PRO B 2299 5.83 51.07 -0.10
N LEU B 2300 5.63 51.17 1.21
CA LEU B 2300 5.24 50.01 1.99
C LEU B 2300 3.80 49.63 1.66
N MET B 2301 3.51 48.33 1.71
CA MET B 2301 2.19 47.86 1.32
C MET B 2301 1.50 47.03 2.40
N CYS B 2302 2.26 46.33 3.23
CA CYS B 2302 1.65 45.39 4.16
C CYS B 2302 2.57 45.18 5.36
N LEU B 2303 2.04 44.48 6.36
CA LEU B 2303 2.76 44.13 7.57
C LEU B 2303 2.13 42.89 8.17
N SER B 2304 2.95 42.04 8.77
CA SER B 2304 2.51 40.73 9.26
C SER B 2304 3.04 40.48 10.66
N GLU B 2305 2.95 39.24 11.15
CA GLU B 2305 3.46 38.91 12.47
C GLU B 2305 3.90 37.45 12.47
N SER B 2306 4.80 37.13 13.40
CA SER B 2306 5.38 35.80 13.49
C SER B 2306 4.31 34.75 13.82
N THR B 2307 4.50 33.55 13.27
CA THR B 2307 3.55 32.47 13.48
C THR B 2307 3.61 31.92 14.91
N ASN B 2308 4.71 32.11 15.62
CA ASN B 2308 4.83 31.69 17.01
C ASN B 2308 5.30 32.86 17.86
N SER B 2309 4.99 32.78 19.15
CA SER B 2309 5.43 33.77 20.12
C SER B 2309 6.73 33.37 20.83
N THR B 2310 7.32 32.23 20.45
CA THR B 2310 8.56 31.79 21.09
C THR B 2310 9.73 32.72 20.76
N GLU B 2311 9.73 33.34 19.59
CA GLU B 2311 10.78 34.26 19.19
C GLU B 2311 10.51 35.69 19.62
N ARG B 2312 9.62 35.89 20.60
CA ARG B 2312 9.26 37.21 21.13
C ARG B 2312 8.76 38.14 20.02
N ASN B 2313 7.95 37.58 19.11
CA ASN B 2313 7.22 38.32 18.07
C ASN B 2313 8.15 39.20 17.23
N VAL B 2314 9.08 38.55 16.54
CA VAL B 2314 9.95 39.26 15.60
C VAL B 2314 9.11 39.79 14.44
N MET B 2315 9.15 41.09 14.23
CA MET B 2315 8.28 41.74 13.26
C MET B 2315 8.90 41.67 11.88
N TRP B 2316 8.10 41.24 10.89
CA TRP B 2316 8.54 41.14 9.50
C TRP B 2316 7.59 41.93 8.61
N GLY B 2317 8.11 42.94 7.94
CA GLY B 2317 7.28 43.74 7.03
C GLY B 2317 8.01 44.08 5.74
N GLY B 2318 7.32 44.01 4.60
CA GLY B 2318 7.91 44.38 3.33
C GLY B 2318 7.57 45.81 2.96
N CYS B 2319 8.42 46.41 2.11
CA CYS B 2319 8.21 47.79 1.70
C CYS B 2319 8.81 47.98 0.31
N GLY B 2320 8.00 48.54 -0.60
CA GLY B 2320 8.46 48.66 -1.97
C GLY B 2320 8.65 47.29 -2.55
N THR B 2321 9.91 46.92 -2.70
CA THR B 2321 10.32 45.59 -3.12
C THR B 2321 11.16 44.89 -2.06
N LYS B 2322 11.85 45.64 -1.20
CA LYS B 2322 12.69 45.04 -0.17
C LYS B 2322 11.94 44.82 1.14
N ILE B 2323 12.01 43.60 1.64
CA ILE B 2323 11.40 43.28 2.92
C ILE B 2323 12.42 43.57 4.02
N PHE B 2324 11.92 43.91 5.20
CA PHE B 2324 12.74 44.20 6.36
C PHE B 2324 12.16 43.49 7.57
N SER B 2325 12.94 43.46 8.64
CA SER B 2325 12.46 42.86 9.89
C SER B 2325 13.14 43.57 11.04
N PHE B 2326 12.47 43.57 12.19
CA PHE B 2326 13.03 44.14 13.41
C PHE B 2326 12.41 43.44 14.61
N SER B 2327 12.69 43.98 15.79
CA SER B 2327 12.27 43.39 17.05
C SER B 2327 12.00 44.53 18.03
N ASN B 2328 11.99 44.22 19.32
CA ASN B 2328 11.76 45.25 20.34
C ASN B 2328 12.83 46.34 20.31
N ASP B 2329 14.02 46.04 19.77
CA ASP B 2329 15.04 47.07 19.59
C ASP B 2329 14.70 48.06 18.48
N PHE B 2330 13.71 47.73 17.63
CA PHE B 2330 13.28 48.58 16.52
C PHE B 2330 14.43 48.93 15.57
N THR B 2331 15.26 47.93 15.26
CA THR B 2331 16.37 48.10 14.33
C THR B 2331 16.34 46.98 13.31
N ILE B 2332 16.66 47.34 12.06
CA ILE B 2332 16.62 46.37 10.96
C ILE B 2332 17.64 45.26 11.22
N GLN B 2333 17.18 44.01 11.15
CA GLN B 2333 18.05 42.86 11.28
C GLN B 2333 18.25 42.09 9.97
N LYS B 2334 17.32 42.20 9.02
CA LYS B 2334 17.43 41.52 7.74
C LYS B 2334 16.80 42.40 6.67
N LEU B 2335 17.42 42.44 5.50
CA LEU B 2335 16.97 43.27 4.37
C LEU B 2335 16.96 42.45 3.09
N ILE B 2336 16.34 41.26 3.15
CA ILE B 2336 16.24 40.40 1.97
C ILE B 2336 15.58 41.14 0.82
N GLU B 2337 16.14 40.98 -0.38
CA GLU B 2337 15.65 41.63 -1.58
C GLU B 2337 15.26 40.58 -2.60
N THR B 2338 14.08 40.75 -3.22
CA THR B 2338 13.52 39.73 -4.11
C THR B 2338 13.84 39.94 -5.58
N ARG B 2339 14.21 41.15 -6.00
CA ARG B 2339 14.59 41.38 -7.39
C ARG B 2339 15.83 40.59 -7.76
N THR B 2340 16.79 40.49 -6.84
CA THR B 2340 18.03 39.74 -7.10
C THR B 2340 17.72 38.25 -6.96
N SER B 2341 17.40 37.63 -8.11
CA SER B 2341 17.16 36.20 -8.19
C SER B 2341 17.73 35.69 -9.50
N GLN B 2342 18.05 34.39 -9.51
CA GLN B 2342 18.64 33.76 -10.69
C GLN B 2342 17.65 32.93 -11.48
N LEU B 2343 16.37 32.92 -11.10
CA LEU B 2343 15.38 32.08 -11.74
C LEU B 2343 14.37 32.93 -12.53
N PHE B 2344 14.85 33.87 -13.34
CA PHE B 2344 13.94 34.67 -14.16
C PHE B 2344 13.29 33.79 -15.22
N SER B 2345 11.99 33.55 -15.06
CA SER B 2345 11.14 33.13 -16.16
C SER B 2345 10.45 34.33 -16.80
N TYR B 2346 10.05 35.29 -15.98
CA TYR B 2346 9.64 36.61 -16.44
C TYR B 2346 10.20 37.64 -15.45
N ALA B 2347 10.66 38.76 -15.98
CA ALA B 2347 11.41 39.72 -15.16
C ALA B 2347 10.51 40.49 -14.21
N ALA B 2348 9.41 41.05 -14.72
CA ALA B 2348 8.57 41.91 -13.91
C ALA B 2348 7.85 41.19 -12.78
N PHE B 2349 7.73 39.85 -12.84
CA PHE B 2349 7.09 39.12 -11.76
C PHE B 2349 7.88 39.25 -10.46
N SER B 2350 9.21 39.15 -10.54
CA SER B 2350 10.06 39.47 -9.40
C SER B 2350 10.38 40.95 -9.29
N ASP B 2351 10.32 41.69 -10.40
CA ASP B 2351 10.58 43.13 -10.39
C ASP B 2351 9.25 43.88 -10.34
N SER B 2352 8.63 43.84 -9.16
CA SER B 2352 7.35 44.50 -8.97
C SER B 2352 7.22 44.92 -7.51
N ASN B 2353 6.33 45.88 -7.27
CA ASN B 2353 6.06 46.34 -5.92
C ASN B 2353 5.38 45.23 -5.11
N ILE B 2354 5.73 45.15 -3.83
CA ILE B 2354 5.15 44.13 -2.96
C ILE B 2354 3.68 44.45 -2.68
N ILE B 2355 2.93 43.39 -2.36
CA ILE B 2355 1.54 43.50 -1.93
C ILE B 2355 1.37 43.00 -0.50
N THR B 2356 1.88 41.80 -0.22
CA THR B 2356 1.75 41.24 1.13
C THR B 2356 2.86 40.22 1.34
N VAL B 2357 3.06 39.88 2.61
CA VAL B 2357 4.04 38.88 3.03
C VAL B 2357 3.54 38.29 4.33
N VAL B 2358 3.81 37.01 4.55
CA VAL B 2358 3.41 36.35 5.79
C VAL B 2358 4.60 35.60 6.38
N VAL B 2359 4.52 35.36 7.69
CA VAL B 2359 5.61 34.76 8.44
C VAL B 2359 5.21 33.33 8.83
N ASP B 2360 6.03 32.38 8.44
CA ASP B 2360 5.87 30.97 8.79
C ASP B 2360 7.26 30.35 8.84
N THR B 2361 7.32 29.02 8.77
CA THR B 2361 8.62 28.34 8.69
C THR B 2361 9.41 28.81 7.47
N ALA B 2362 8.71 29.25 6.42
CA ALA B 2362 9.31 29.85 5.24
C ALA B 2362 8.75 31.27 5.12
N LEU B 2363 9.07 31.94 4.02
CA LEU B 2363 8.61 33.30 3.76
C LEU B 2363 7.78 33.31 2.49
N TYR B 2364 6.53 33.79 2.60
CA TYR B 2364 5.63 33.81 1.46
C TYR B 2364 5.35 35.26 1.11
N ILE B 2365 5.61 35.62 -0.15
CA ILE B 2365 5.58 37.00 -0.61
C ILE B 2365 4.73 37.08 -1.89
N ALA B 2366 3.96 38.16 -2.01
CA ALA B 2366 3.13 38.42 -3.18
C ALA B 2366 3.45 39.80 -3.75
N LYS B 2367 3.50 39.89 -5.08
CA LYS B 2367 3.84 41.12 -5.78
C LYS B 2367 2.63 41.66 -6.53
N GLN B 2368 2.80 42.85 -7.11
CA GLN B 2368 1.74 43.56 -7.80
C GLN B 2368 1.31 42.78 -9.05
N ASN B 2369 0.08 42.26 -9.02
CA ASN B 2369 -0.50 41.51 -10.14
C ASN B 2369 0.40 40.36 -10.58
N SER B 2370 1.00 39.69 -9.60
CA SER B 2370 1.88 38.57 -9.86
C SER B 2370 1.13 37.28 -9.67
N PRO B 2371 0.93 36.48 -10.71
CA PRO B 2371 0.20 35.21 -10.56
C PRO B 2371 0.98 34.14 -9.81
N VAL B 2372 2.15 34.48 -9.29
CA VAL B 2372 2.99 33.52 -8.57
C VAL B 2372 3.32 34.08 -7.20
N VAL B 2373 3.52 33.17 -6.24
CA VAL B 2373 3.91 33.51 -4.87
C VAL B 2373 5.36 33.05 -4.71
N GLU B 2374 6.13 33.84 -3.94
CA GLU B 2374 7.54 33.60 -3.71
C GLU B 2374 7.78 33.01 -2.33
N VAL B 2375 8.49 31.88 -2.29
CA VAL B 2375 8.79 31.15 -1.06
C VAL B 2375 10.29 31.26 -0.82
N TRP B 2376 10.65 32.15 0.10
CA TRP B 2376 12.03 32.34 0.55
C TRP B 2376 12.22 31.65 1.90
N ASP B 2377 13.40 31.84 2.47
CA ASP B 2377 13.72 31.32 3.79
C ASP B 2377 14.25 32.44 4.68
N LYS B 2378 13.99 32.33 5.99
CA LYS B 2378 14.41 33.36 6.92
C LYS B 2378 15.93 33.46 7.02
N LYS B 2379 16.61 32.31 7.08
CA LYS B 2379 18.05 32.26 7.28
C LYS B 2379 18.81 32.06 5.97
N THR B 2380 18.35 31.12 5.14
CA THR B 2380 19.02 30.84 3.88
C THR B 2380 18.93 32.03 2.91
N GLU B 2381 17.81 32.76 2.96
CA GLU B 2381 17.56 33.90 2.07
C GLU B 2381 17.67 33.49 0.60
N LYS B 2382 17.10 32.34 0.26
CA LYS B 2382 17.11 31.79 -1.08
C LYS B 2382 15.68 31.40 -1.45
N LEU B 2383 15.38 31.43 -2.75
CA LEU B 2383 14.05 31.08 -3.22
C LEU B 2383 13.82 29.58 -3.07
N CYS B 2384 13.15 29.21 -1.98
CA CYS B 2384 12.77 27.81 -1.79
C CYS B 2384 11.81 27.36 -2.88
N GLY B 2385 10.91 28.23 -3.30
CA GLY B 2385 10.00 27.86 -4.36
C GLY B 2385 9.26 29.04 -4.94
N LEU B 2386 8.56 28.78 -6.05
CA LEU B 2386 7.71 29.77 -6.68
C LEU B 2386 6.44 29.02 -7.09
N ILE B 2387 5.35 29.23 -6.35
CA ILE B 2387 4.09 28.54 -6.65
C ILE B 2387 3.22 29.46 -7.48
N ASP B 2388 2.91 29.03 -8.71
CA ASP B 2388 2.12 29.83 -9.63
C ASP B 2388 0.67 29.37 -9.61
N CYS B 2389 -0.25 30.34 -9.59
CA CYS B 2389 -1.68 30.03 -9.57
C CYS B 2389 -2.10 29.32 -10.85
N VAL B 2390 -1.56 29.74 -12.00
CA VAL B 2390 -1.95 29.16 -13.28
C VAL B 2390 -1.54 27.69 -13.37
N HIS B 2391 -0.63 27.24 -12.52
CA HIS B 2391 -0.24 25.84 -12.52
C HIS B 2391 -1.37 24.93 -12.04
N PHE B 2392 -2.40 25.50 -11.40
CA PHE B 2392 -3.55 24.72 -10.94
C PHE B 2392 -4.87 25.18 -11.55
N LEU B 2393 -5.11 26.48 -11.64
CA LEU B 2393 -6.39 27.00 -12.12
C LEU B 2393 -6.66 26.59 -13.56
N ARG B 2394 -5.61 26.38 -14.35
CA ARG B 2394 -5.78 25.98 -15.74
C ARG B 2394 -5.97 24.48 -15.91
N GLU B 2395 -5.89 23.72 -14.81
CA GLU B 2395 -6.10 22.28 -14.85
C GLU B 2395 -7.54 21.88 -14.54
N VAL B 2396 -8.41 22.83 -14.25
CA VAL B 2396 -9.80 22.52 -13.95
C VAL B 2396 -10.68 22.84 -15.14
N LYS B 2407 -9.44 33.76 -23.54
CA LYS B 2407 -9.03 34.79 -22.59
C LYS B 2407 -7.52 34.78 -22.38
N SER B 2409 -4.86 36.89 -23.27
CA SER B 2409 -4.92 37.81 -22.15
C SER B 2409 -5.53 37.14 -20.92
N TYR B 2410 -4.81 36.16 -20.38
CA TYR B 2410 -5.28 35.43 -19.22
C TYR B 2410 -5.32 36.33 -17.98
N SER B 2411 -6.25 36.04 -17.09
CA SER B 2411 -6.36 36.74 -15.81
C SER B 2411 -6.13 35.77 -14.67
N GLY B 2412 -6.13 36.31 -13.46
CA GLY B 2412 -5.93 35.50 -12.27
C GLY B 2412 -4.57 35.72 -11.65
N ARG B 2413 -4.50 36.53 -10.60
CA ARG B 2413 -3.25 36.85 -9.94
C ARG B 2413 -3.53 36.99 -8.45
N VAL B 2414 -2.47 36.83 -7.65
CA VAL B 2414 -2.62 36.91 -6.20
C VAL B 2414 -2.87 38.35 -5.78
N LYS B 2415 -3.95 38.56 -5.02
CA LYS B 2415 -4.32 39.87 -4.51
C LYS B 2415 -4.18 40.00 -3.00
N THR B 2416 -4.32 38.91 -2.26
CA THR B 2416 -4.23 39.02 -0.80
C THR B 2416 -3.90 37.66 -0.20
N LEU B 2417 -3.42 37.71 1.05
CA LEU B 2417 -3.03 36.52 1.79
C LEU B 2417 -3.51 36.61 3.22
N CYS B 2418 -3.75 35.44 3.81
CA CYS B 2418 -4.00 35.30 5.24
C CYS B 2418 -3.70 33.87 5.62
N LEU B 2419 -2.86 33.68 6.63
CA LEU B 2419 -2.31 32.37 6.94
C LEU B 2419 -3.09 31.70 8.06
N GLN B 2420 -3.29 30.39 7.95
CA GLN B 2420 -3.82 29.59 9.03
C GLN B 2420 -2.73 29.36 10.08
N LYS B 2421 -3.13 28.75 11.20
CA LYS B 2421 -2.21 28.52 12.31
C LYS B 2421 -1.04 27.62 11.90
N ASN B 2422 -1.33 26.36 11.58
CA ASN B 2422 -0.28 25.45 11.15
C ASN B 2422 -0.71 24.47 10.06
N THR B 2423 -1.93 24.57 9.53
CA THR B 2423 -2.43 23.57 8.60
C THR B 2423 -2.04 23.87 7.16
N ALA B 2424 -2.46 25.03 6.66
CA ALA B 2424 -2.28 25.35 5.24
C ALA B 2424 -2.27 26.86 5.09
N LEU B 2425 -2.35 27.31 3.83
CA LEU B 2425 -2.29 28.72 3.47
C LEU B 2425 -3.46 29.04 2.55
N TRP B 2426 -4.00 30.24 2.69
CA TRP B 2426 -5.12 30.69 1.89
C TRP B 2426 -4.65 31.80 0.96
N ILE B 2427 -5.21 31.84 -0.24
CA ILE B 2427 -4.81 32.84 -1.24
C ILE B 2427 -6.07 33.47 -1.80
N GLY B 2428 -6.09 34.81 -1.86
CA GLY B 2428 -7.16 35.56 -2.48
C GLY B 2428 -6.74 36.07 -3.85
N THR B 2429 -7.28 35.47 -4.90
CA THR B 2429 -6.94 35.71 -6.28
C THR B 2429 -7.62 36.98 -6.81
N GLY B 2430 -7.13 37.46 -7.96
CA GLY B 2430 -7.73 38.61 -8.61
C GLY B 2430 -9.09 38.34 -9.22
N GLY B 2431 -9.40 37.09 -9.52
CA GLY B 2431 -10.70 36.72 -10.03
C GLY B 2431 -11.61 36.18 -8.93
N GLY B 2432 -12.60 35.38 -9.35
CA GLY B 2432 -13.52 34.78 -8.43
C GLY B 2432 -13.02 33.43 -7.93
N HIS B 2433 -11.78 33.41 -7.46
CA HIS B 2433 -11.13 32.18 -7.04
C HIS B 2433 -10.45 32.39 -5.69
N ILE B 2434 -10.38 31.32 -4.91
CA ILE B 2434 -9.64 31.30 -3.65
C ILE B 2434 -8.89 29.97 -3.59
N LEU B 2435 -7.63 30.02 -3.15
CA LEU B 2435 -6.76 28.88 -3.25
C LEU B 2435 -6.34 28.38 -1.87
N LEU B 2436 -6.29 27.06 -1.72
CA LEU B 2436 -5.78 26.39 -0.53
C LEU B 2436 -4.47 25.69 -0.86
N LEU B 2437 -3.47 25.86 0.00
CA LEU B 2437 -2.15 25.26 -0.22
C LEU B 2437 -1.63 24.68 1.09
N ASP B 2438 -1.58 23.36 1.18
CA ASP B 2438 -0.97 22.71 2.34
C ASP B 2438 0.55 22.75 2.16
N LEU B 2439 1.22 23.44 3.08
CA LEU B 2439 2.66 23.66 2.95
C LEU B 2439 3.46 22.37 3.14
N SER B 2440 2.92 21.41 3.88
CA SER B 2440 3.71 20.27 4.32
C SER B 2440 3.80 19.15 3.29
N THR B 2441 2.65 18.63 2.85
CA THR B 2441 2.62 17.37 2.12
C THR B 2441 2.26 17.52 0.65
N ARG B 2442 1.11 18.12 0.35
CA ARG B 2442 0.64 18.30 -1.02
C ARG B 2442 0.19 19.73 -1.21
N ARG B 2443 0.54 20.32 -2.34
CA ARG B 2443 0.23 21.73 -2.55
C ARG B 2443 -1.25 21.93 -2.83
N LEU B 2444 -1.74 21.37 -3.93
CA LEU B 2444 -3.13 21.57 -4.32
C LEU B 2444 -4.06 20.81 -3.38
N ILE B 2445 -5.11 21.48 -2.91
CA ILE B 2445 -6.15 20.83 -2.11
C ILE B 2445 -7.48 20.96 -2.84
N ARG B 2446 -7.93 22.19 -3.05
CA ARG B 2446 -9.15 22.46 -3.80
C ARG B 2446 -9.15 23.93 -4.20
N VAL B 2447 -9.91 24.22 -5.26
CA VAL B 2447 -10.14 25.60 -5.71
C VAL B 2447 -11.63 25.88 -5.61
N ILE B 2448 -11.99 26.92 -4.86
CA ILE B 2448 -13.39 27.21 -4.59
C ILE B 2448 -13.78 28.47 -5.38
N TYR B 2449 -14.29 28.26 -6.59
CA TYR B 2449 -14.77 29.33 -7.45
C TYR B 2449 -16.30 29.37 -7.43
N ASN B 2450 -16.87 30.15 -8.37
CA ASN B 2450 -18.31 30.26 -8.64
C ASN B 2450 -19.10 30.68 -7.39
N PHE B 2451 -18.49 31.53 -6.56
CA PHE B 2451 -19.19 32.17 -5.46
C PHE B 2451 -19.10 33.68 -5.48
N CYS B 2452 -18.07 34.25 -6.10
CA CYS B 2452 -17.94 35.70 -6.24
C CYS B 2452 -17.24 35.98 -7.56
N ASN B 2453 -16.97 37.26 -7.82
CA ASN B 2453 -16.29 37.68 -9.03
C ASN B 2453 -14.89 38.20 -8.80
N SER B 2454 -14.66 38.97 -7.72
CA SER B 2454 -13.34 39.54 -7.45
C SER B 2454 -13.18 39.64 -5.94
N VAL B 2455 -12.53 38.65 -5.33
CA VAL B 2455 -12.21 38.71 -3.92
C VAL B 2455 -11.04 39.67 -3.70
N ARG B 2456 -11.19 40.57 -2.74
CA ARG B 2456 -10.21 41.62 -2.51
C ARG B 2456 -9.56 41.54 -1.14
N VAL B 2457 -10.35 41.50 -0.07
CA VAL B 2457 -9.84 41.50 1.30
C VAL B 2457 -10.38 40.27 2.02
N MET B 2458 -9.49 39.58 2.73
CA MET B 2458 -9.86 38.35 3.41
C MET B 2458 -8.99 38.22 4.67
N MET B 2459 -9.63 38.31 5.82
CA MET B 2459 -8.89 38.30 7.08
C MET B 2459 -9.68 37.55 8.15
N THR B 2460 -8.95 37.10 9.18
CA THR B 2460 -9.54 36.26 10.21
C THR B 2460 -10.16 37.12 11.31
N ALA B 2461 -11.08 36.51 12.05
CA ALA B 2461 -11.75 37.19 13.17
C ALA B 2461 -12.42 36.13 14.03
N GLN B 2462 -13.06 36.58 15.11
CA GLN B 2462 -13.76 35.67 16.01
C GLN B 2462 -15.13 36.23 16.31
N LEU B 2463 -16.16 35.39 16.22
CA LEU B 2463 -17.55 35.82 16.29
C LEU B 2463 -18.32 34.91 17.24
N GLY B 2464 -18.86 35.50 18.32
CA GLY B 2464 -19.88 34.86 19.14
C GLY B 2464 -19.54 33.49 19.69
N SER B 2465 -18.33 33.35 20.23
CA SER B 2465 -17.74 32.12 20.79
C SER B 2465 -17.46 31.06 19.72
N LEU B 2466 -17.83 31.31 18.47
CA LEU B 2466 -17.43 30.46 17.34
C LEU B 2466 -16.15 31.04 16.74
N LYS B 2467 -15.08 30.93 17.52
CA LYS B 2467 -13.82 31.59 17.22
C LYS B 2467 -13.20 31.07 15.93
N ASN B 2468 -12.26 31.86 15.40
CA ASN B 2468 -11.48 31.55 14.20
C ASN B 2468 -12.40 31.36 12.98
N VAL B 2469 -13.04 32.45 12.61
CA VAL B 2469 -13.74 32.57 11.34
C VAL B 2469 -12.84 33.30 10.35
N MET B 2470 -13.19 33.19 9.07
CA MET B 2470 -12.45 33.78 7.97
C MET B 2470 -13.44 34.63 7.19
N LEU B 2471 -13.19 35.93 7.08
CA LEU B 2471 -14.09 36.81 6.35
C LEU B 2471 -13.49 37.04 4.96
N VAL B 2472 -14.31 36.84 3.93
CA VAL B 2472 -13.92 37.07 2.54
C VAL B 2472 -14.86 38.10 1.93
N LEU B 2473 -14.29 39.21 1.49
CA LEU B 2473 -15.03 40.31 0.87
C LEU B 2473 -14.74 40.27 -0.63
N GLY B 2474 -15.76 39.92 -1.42
CA GLY B 2474 -15.62 39.78 -2.84
C GLY B 2474 -16.53 40.75 -3.58
N TYR B 2475 -16.49 40.66 -4.91
CA TYR B 2475 -17.26 41.53 -5.77
C TYR B 2475 -18.14 40.70 -6.69
N ASN B 2476 -19.08 41.39 -7.35
CA ASN B 2476 -19.96 40.77 -8.33
C ASN B 2476 -20.37 41.86 -9.32
N ARG B 2477 -19.73 41.87 -10.49
CA ARG B 2477 -19.95 42.89 -11.50
C ARG B 2477 -20.79 42.31 -12.64
N LYS B 2478 -21.88 42.99 -12.98
CA LYS B 2478 -22.75 42.53 -14.05
C LYS B 2478 -22.91 43.62 -15.12
N LYS B 2487 -19.98 49.78 -14.94
CA LYS B 2487 -20.25 48.45 -14.43
C LYS B 2487 -20.96 48.52 -13.08
N GLU B 2488 -21.81 47.53 -12.81
CA GLU B 2488 -22.58 47.45 -11.57
C GLU B 2488 -21.91 46.45 -10.64
N ILE B 2489 -21.04 46.95 -9.77
CA ILE B 2489 -20.30 46.10 -8.83
C ILE B 2489 -21.16 45.91 -7.59
N GLN B 2490 -21.44 44.64 -7.25
CA GLN B 2490 -22.20 44.30 -6.07
C GLN B 2490 -21.27 43.57 -5.09
N SER B 2491 -20.79 44.30 -4.09
CA SER B 2491 -19.90 43.72 -3.10
C SER B 2491 -20.61 42.68 -2.23
N CYS B 2492 -19.98 41.53 -2.09
CA CYS B 2492 -20.51 40.38 -1.37
C CYS B 2492 -19.60 40.06 -0.20
N LEU B 2493 -20.16 39.62 0.93
CA LEU B 2493 -19.35 39.21 2.07
C LEU B 2493 -19.73 37.79 2.45
N THR B 2494 -18.73 36.95 2.71
CA THR B 2494 -19.00 35.60 3.19
C THR B 2494 -18.15 35.29 4.41
N VAL B 2495 -18.73 34.52 5.33
CA VAL B 2495 -18.05 34.27 6.62
C VAL B 2495 -17.74 32.79 6.73
N TRP B 2496 -16.62 32.35 6.14
CA TRP B 2496 -16.27 30.90 6.12
C TRP B 2496 -15.78 30.40 7.48
N ASP B 2497 -15.92 29.09 7.74
CA ASP B 2497 -15.40 28.49 9.00
C ASP B 2497 -13.98 28.06 8.69
N ILE B 2498 -13.05 28.29 9.62
CA ILE B 2498 -11.65 28.08 9.25
C ILE B 2498 -11.30 26.61 9.13
N ASN B 2499 -12.19 25.71 9.53
CA ASN B 2499 -11.95 24.27 9.50
C ASN B 2499 -11.97 23.69 8.07
N LEU B 2500 -12.03 24.55 7.05
CA LEU B 2500 -12.12 24.09 5.65
C LEU B 2500 -11.00 23.15 5.23
N PRO B 2501 -9.70 23.42 5.51
CA PRO B 2501 -8.67 22.44 5.10
C PRO B 2501 -8.87 21.07 5.71
N HIS B 2502 -9.45 20.98 6.91
CA HIS B 2502 -9.79 19.69 7.47
C HIS B 2502 -10.97 19.06 6.73
N GLU B 2503 -11.98 19.88 6.40
CA GLU B 2503 -13.22 19.35 5.83
C GLU B 2503 -12.99 18.81 4.42
N VAL B 2504 -12.26 19.55 3.59
CA VAL B 2504 -12.07 19.18 2.18
C VAL B 2504 -11.37 17.82 2.08
N GLN B 2505 -10.38 17.57 2.94
CA GLN B 2505 -9.72 16.27 2.96
C GLN B 2505 -10.51 15.23 3.75
N ASN B 2506 -11.59 15.61 4.42
CA ASN B 2506 -12.38 14.66 5.19
C ASN B 2506 -13.45 14.00 4.34
N LEU B 2507 -14.30 14.81 3.69
CA LEU B 2507 -15.40 14.27 2.90
C LEU B 2507 -14.91 13.42 1.74
N GLU B 2508 -13.87 13.87 1.05
CA GLU B 2508 -13.30 13.07 -0.04
C GLU B 2508 -12.75 11.74 0.45
N LYS B 2509 -12.44 11.63 1.74
CA LYS B 2509 -12.16 10.32 2.32
C LYS B 2509 -13.42 9.62 2.80
N HIS B 2510 -14.35 10.38 3.38
CA HIS B 2510 -15.61 9.79 3.86
C HIS B 2510 -16.41 9.21 2.71
N ILE B 2511 -16.54 9.96 1.62
CA ILE B 2511 -17.27 9.45 0.47
C ILE B 2511 -16.55 8.24 -0.08
N GLU B 2512 -15.22 8.28 -0.06
CA GLU B 2512 -14.44 7.19 -0.62
C GLU B 2512 -14.73 5.91 0.14
N VAL B 2513 -14.91 6.00 1.46
CA VAL B 2513 -15.22 4.81 2.24
C VAL B 2513 -16.59 4.27 1.85
N ARG B 2514 -17.58 5.16 1.76
CA ARG B 2514 -18.95 4.71 1.50
C ARG B 2514 -19.09 4.09 0.12
N LYS B 2515 -18.47 4.70 -0.89
CA LYS B 2515 -18.53 4.12 -2.22
C LYS B 2515 -17.89 2.75 -2.26
N GLU B 2516 -16.81 2.55 -1.48
CA GLU B 2516 -16.23 1.22 -1.36
C GLU B 2516 -17.25 0.26 -0.76
N LEU B 2517 -17.97 0.69 0.27
CA LEU B 2517 -18.98 -0.15 0.86
C LEU B 2517 -20.08 -0.42 -0.15
N ALA B 2518 -20.42 0.61 -0.95
CA ALA B 2518 -21.45 0.45 -1.95
C ALA B 2518 -21.05 -0.61 -2.95
N GLU B 2519 -19.78 -0.61 -3.36
CA GLU B 2519 -19.33 -1.64 -4.29
C GLU B 2519 -19.27 -3.00 -3.62
N LYS B 2520 -18.91 -3.06 -2.34
CA LYS B 2520 -18.75 -4.35 -1.68
C LYS B 2520 -20.06 -5.12 -1.57
N MET B 2521 -21.10 -4.51 -1.02
CA MET B 2521 -22.34 -5.25 -0.80
C MET B 2521 -23.27 -5.29 -1.99
N ARG B 2522 -23.04 -4.48 -3.04
CA ARG B 2522 -23.86 -4.59 -4.25
C ARG B 2522 -23.67 -5.93 -4.91
N ARG B 2523 -22.47 -6.49 -4.85
CA ARG B 2523 -22.21 -7.77 -5.47
C ARG B 2523 -22.73 -8.93 -4.62
N THR B 2524 -23.21 -8.67 -3.40
CA THR B 2524 -23.79 -9.75 -2.60
C THR B 2524 -25.09 -10.30 -3.21
N SER B 2525 -25.71 -9.57 -4.13
CA SER B 2525 -26.92 -10.08 -4.79
C SER B 2525 -26.61 -11.31 -5.65
N VAL B 2526 -25.47 -11.31 -6.35
CA VAL B 2526 -25.12 -12.45 -7.20
C VAL B 2526 -24.35 -13.52 -6.45
N GLU B 2527 -24.05 -13.32 -5.17
CA GLU B 2527 -23.41 -14.35 -4.36
C GLU B 2527 -24.42 -15.02 -3.43
MG MG C . 87.89 6.97 -15.25
PG GNP D . 90.69 6.28 -14.42
O1G GNP D . 91.87 6.27 -15.35
O2G GNP D . 90.95 5.28 -13.33
O3G GNP D . 89.49 5.88 -15.22
N3B GNP D . 90.41 7.77 -13.85
PB GNP D . 89.78 8.75 -14.96
O1B GNP D . 90.51 8.52 -16.24
O2B GNP D . 88.30 8.62 -14.96
O3A GNP D . 90.04 10.26 -14.53
PA GNP D . 89.02 11.42 -14.11
O1A GNP D . 88.43 11.09 -12.78
O2A GNP D . 87.99 11.67 -15.15
O5' GNP D . 89.98 12.69 -13.98
C5' GNP D . 90.51 13.38 -15.15
C4' GNP D . 90.59 14.85 -14.85
O4' GNP D . 91.17 15.60 -15.94
C3' GNP D . 89.27 15.59 -14.65
O3' GNP D . 88.52 15.35 -15.83
C2' GNP D . 89.76 17.03 -14.68
O2' GNP D . 90.24 17.44 -13.42
C1' GNP D . 90.87 16.96 -15.73
N9 GNP D . 90.51 17.59 -16.99
C8 GNP D . 89.27 17.58 -17.56
N7 GNP D . 89.21 18.24 -18.69
C5 GNP D . 90.50 18.73 -18.86
C6 GNP D . 91.03 19.53 -19.89
O6 GNP D . 90.46 19.98 -20.89
N1 GNP D . 92.38 19.81 -19.67
C2 GNP D . 93.11 19.38 -18.59
N2 GNP D . 94.40 19.74 -18.56
N3 GNP D . 92.61 18.63 -17.61
C4 GNP D . 91.30 18.34 -17.81
PB GDP E . -74.81 -15.82 -32.18
O1B GDP E . -74.67 -17.19 -31.54
O2B GDP E . -74.46 -14.76 -31.15
O3B GDP E . -73.86 -15.71 -33.34
O3A GDP E . -76.31 -15.57 -32.70
PA GDP E . -77.42 -16.73 -32.67
O1A GDP E . -78.07 -16.76 -31.30
O2A GDP E . -76.84 -18.08 -33.02
O5' GDP E . -78.50 -16.31 -33.79
C5' GDP E . -79.79 -16.90 -33.76
C4' GDP E . -79.99 -17.81 -34.97
O4' GDP E . -80.45 -19.09 -34.52
C3' GDP E . -81.05 -17.25 -35.90
O3' GDP E . -80.48 -16.97 -37.18
C2' GDP E . -82.11 -18.33 -36.03
O2' GDP E . -82.29 -18.67 -37.41
C1' GDP E . -81.60 -19.52 -35.25
N9 GDP E . -82.63 -20.03 -34.32
C8 GDP E . -82.51 -20.10 -32.98
N7 GDP E . -83.63 -20.61 -32.40
C5 GDP E . -84.49 -20.89 -33.39
C6 GDP E . -85.87 -21.45 -33.48
O6 GDP E . -86.49 -21.80 -32.46
N1 GDP E . -86.42 -21.57 -34.70
C2 GDP E . -85.77 -21.21 -35.82
N2 GDP E . -86.39 -21.37 -37.01
N3 GDP E . -84.52 -20.69 -35.81
C4 GDP E . -83.83 -20.51 -34.66
PG ATP F . -46.86 0.74 12.67
O1G ATP F . -46.42 -0.50 11.96
O2G ATP F . -48.15 1.34 12.11
O3G ATP F . -47.00 0.56 14.18
PB ATP F . -45.12 2.79 11.37
O1B ATP F . -45.44 4.23 11.55
O2B ATP F . -45.51 2.19 10.02
O3B ATP F . -45.77 1.89 12.50
PA ATP F . -42.63 1.23 11.78
O1A ATP F . -41.70 1.07 10.64
O2A ATP F . -43.55 0.04 12.03
O3A ATP F . -43.56 2.51 11.57
O5' ATP F . -41.87 1.58 13.11
C5' ATP F . -42.51 2.32 14.16
C4' ATP F . -41.46 2.73 15.19
O4' ATP F . -40.44 1.72 15.27
C3' ATP F . -40.75 4.05 14.89
O3' ATP F . -40.51 4.79 16.07
C2' ATP F . -39.43 3.58 14.24
O2' ATP F . -38.38 4.51 14.46
C1' ATP F . -39.17 2.29 15.02
N9 ATP F . -38.36 1.32 14.29
C8 ATP F . -38.75 0.56 13.22
N7 ATP F . -37.81 -0.23 12.75
C5 ATP F . -36.73 0.03 13.59
C6 ATP F . -35.42 -0.50 13.62
N6 ATP F . -34.97 -1.42 12.77
N1 ATP F . -34.58 -0.02 14.58
C2 ATP F . -35.04 0.90 15.42
N3 ATP F . -36.25 1.47 15.48
C4 ATP F . -37.05 0.98 14.53
#